data_4X64
#
_entry.id   4X64
#
_cell.length_a   400.496
_cell.length_b   400.496
_cell.length_c   175.534
_cell.angle_alpha   90.00
_cell.angle_beta   90.00
_cell.angle_gamma   90.00
#
_symmetry.space_group_name_H-M   'P 41 21 2'
#
loop_
_entity.id
_entity.type
_entity.pdbx_description
1 polymer '16S rRNA'
2 polymer '30S ribosomal protein S2'
3 polymer '30S ribosomal protein S3'
4 polymer '30S ribosomal protein S4'
5 polymer '30S ribosomal protein S5'
6 polymer '30S ribosomal protein S6'
7 polymer '30S ribosomal protein S7'
8 polymer '30S ribosomal protein S8'
9 polymer '30S ribosomal protein S9'
10 polymer '30S ribosomal protein S10'
11 polymer '30S ribosomal protein S11'
12 polymer '30S ribosomal protein S12'
13 polymer '30S ribosomal protein S13'
14 polymer '30S ribosomal protein S14 type Z'
15 polymer '30S ribosomal protein S15'
16 polymer '30S ribosomal protein S16'
17 polymer '30S ribosomal protein S17'
18 polymer '30S ribosomal protein S18'
19 polymer '30S ribosomal protein S19'
20 polymer '30S ribosomal protein S20'
21 polymer '30S ribosomal protein Thx'
22 polymer "RNA (5'-D(*(MA6)P*AP*AP*UP*UP*U)-3')"
23 polymer "RNA (5'-D(P*GP*AP*CP*UP*(70U)P*UP*UP*(12A)P*AP*(PSU)P*C)-3')"
24 non-polymer PAROMOMYCIN
25 non-polymer 'MAGNESIUM ION'
26 non-polymer 'POTASSIUM ION'
27 non-polymer 'ZINC ION'
28 water water
#
loop_
_entity_poly.entity_id
_entity_poly.type
_entity_poly.pdbx_seq_one_letter_code
_entity_poly.pdbx_strand_id
1 'polyribonucleotide'
;UUUGUUGGAGAGUUUGAUCCUGGCUCAGGGUGAACGCUGGCGGCGUGCCUAAGACAUGCAAGUCGUGCGGGCCGCGGGGU
UUUACUCCGUGGUCAGCGGCGGACGGGUGAGUAACGCGUGGGUGACCUACCCGGAAGAGGGGGACAACCCGGGGAAACUC
GGGCUAAUCCCCCAUGUGGACCCGCCCCUUGGGGUGUGUCCAAAGGGCUUUGCCCGCUUCCGGAUGGGCCCGCGUCCCAU
CAGCUAGUUGGUGGGGUAAUGGCCCACCAAGGCGACGACGGGUAGCCGGUCUGAGAGGAUGGCCGGCCACAGGGGCACUG
AGACACGGGCCCCACUCCUACGGGAGGCAGCAGUUAGGAAUCUUCCGCAAUGGGCGCAAGCCUGACGGAGCGACGCCGCU
UGGAGGAAGAAGCCCUUCGGGGUGUAAACUCCUGAACCCGGGACGAAACCCCCGACGAGGGGACUGACGGUACCGGGGUA
AUAGCGCCGGCCAACUCCG(PSU)GCCAGCAGCC(7MG)CGGUAAUACGGAGGGCGCGAGCGUUACCCGGAUUCACUGGG
CGUAAAGGGCGUGUAGGCGGCCUGGGGCGUCCCAUGUGAAAGACCACGGCUCAACCGUGGGGGAGCGUGGGAUACGCUCA
GGCUAGACGGUGGGAGAGGGUGGUGGAAUUCCCGGAGUAGCGGUGAAAUGCGCAGAUACCGGGAGGAACGCCGAUGGCGA
AGGCAGCCACCUGGUCCACCCGUGACGCUGAGGCGCGAAAGCGUGGGGAGCAAACCGGAUUAGAUACCCGGGUAGUCCAC
GCCCUAAACGAUGCGCGCUAGGUCUCUGGGUCUCCUGGGGGCCGAAGCUAACGCGUUAAGCGCGCCGCCUGGGGAGUACG
GCCGCAAGGCUGAAACUCAAAGGAAUUGACGGGGGCCCGCACAAGCGGUGGAGCAUGUGGUUUAAUUCGAA(M2G)
(5MC)AACGCGAAGAACCUUACCAGGCCUUGACAUGCUAGGGAACCCGGGUGAAAGCCUGGGGUGCCCCGCGAGGGGAGC
CCUAGCACAGGUGCUGCAUGGCCGUCGUCAGCUCGUGCCGUGAGGUGUUGGGUUAAGUCCCGCAACGAGCGCAACCCCCG
CCGUUAGUUGCCAGCGGUUCGGCCGGGCACUCUAACGGGACUGCCCGCGAAAGCGGGAGGAAGGAGGGGACGACGUCUGG
UCAGCAUG(2MG)CCCUUACGGCCUGGGCGACACACGUGCUACAAUGCCCACUACAAAGCGAUGCCACCCGGCAACGGGG
AGCUAAUCGCAAAAAGGUGGGCCCAGUUCGGAUUGGGGUCUGCAACCCGACCCCAUGAAGCCGGAAUCGCUAGUAAUCGC
GGAUCAGCCAUGCCGCGGUGAAUACGUUCCCGGGCCUUGUACACAC(5MC)G(4OC)C(5MC)GU(5MC)ACGCCAUGGG
AGCGGGCUCUACCCGAAGUCGCCGGGAGCCUACGGGCAGGCGCCGAGGGUAGGGCCCGUGACUGGGGCGAAGUCG(UR3)
AACAAGGUAGCUGUACCGG(MA6)(MA6)GGUGCGGCUGGAUCCACUCC(PSU)(PSU)UCU
;
A
2 'polypeptide(L)'
;TVKELLEAGVHFGHERKRWNPKFARYIYAERNGIHIIDLQKTMEELERTFRFIEDLAMRGGTILFVGTKKQAQDIVRMEA
ERAGMPYVNQRWLGGMLTNFKTISQRVHRLEELEALFASPEIEERPKKEQVRLKHELERLQKYLSGFRLLKRLPDAIFVV
DPTKEAIAVREARKLFIPVIALADTDSDPDLVDYIIPGNDDAIRSIQLILSRAVDLIIQARGGVVEPSPSYALVQE
;
B
3 'polypeptide(L)'
;GNKIHPIGFRLGITRDWESRWYAGKKQYRHLLLEDQRIRGLLEKELYSAGLARVDIERAADNVAVTVHVAKPGVVIGRGG
ERIRVLREELAKLTGKNVALNVQEVQNPNLSAPLVAQRVAEQIERRFAVRRAIKQAVQRVMESGAKGAKVIVSGRIGGAE
QARTEWAAQGRVPLHTLRANIDYGFALARTTYGVLGVKAYIFLGEVI
;
C
4 'polypeptide(L)'
;GRYIGPVCRLCRREGVKLYLKGERCYSPKCAMERRPYPPGQHGQKRARRPSDYAVRLREKQKLRRIYGISERQFRNLFEE
ASKKKGVTGSVFLGLLESRLDNVVYRLGFAVSRRQARQLVRHGHITVNGRRVDLPSYRVRPGDEIAVAEKSRNLELIRQN
LEAMKGRKVGPWLSLDVEGMKGKFLRLPDREDLALPVNEQLVIEFYSR
;
D
5 'polypeptide(L)'
;DFEEKMILIRRTARMQAGGRRFRFGALVVVGDRQGRVGLGFGKAPEVPLAVQKAGYYARRNMVEVPLQNGTIPHEIEVEF
GASKIVLKPAAPGTGVIAGAVPRAILELAGVTDILTKELGSRNPINIAYATMEALRQLRTKADVERLRKGE
;
E
6 'polypeptide(L)'
;MRRYEVNIVLNPNLDQSQLALEKEIIQRALENYGARVEKVEELGLRRLAYPIAKDPQGYFLWYQVEMPEDRVNDLARELR
IRDNVRRVMVVKSQEPFLANA
;
F
7 'polypeptide(L)'
;ARRRRAEVRQLQPDLVYGDVLVTAFINKIMRDGKKNLAARIFYDACKIIQEKTGQEPLKVFKQAVENVKPRMEVRSRRVG
GANYQVPMEVSPRRQQSLALRWLVQAANQRPERRAAVRIAHELMDAAEGKGGAVKKKEDVERMAEANRAYAHYRW
;
G
8 'polypeptide(L)'
;MLTDPIADMLTRIRNATRVYKESTDVPASRFKEEILRILAREGFIKGYERVDVDGKPYLRVYLKYGPRRQGPDPRPEQVI
HHIRRISKPGRRVYVGVKEIPRVRRGLGIAILSTSKGVLTDREARKLGVGGELICEVW
;
H
9 'polypeptide(L)'
;EQYYGTGRRKEAVARVFLRPGNGKVTVNGQDFNEYFQGLVRAVAALEPLRAVDALGHFDAYITVRGGGKSGQIDAIKLGI
ARALVQYNPDYRAKLKPLGFLTRDARVVERKKYGKHKARRAPQYSKR
;
I
10 'polypeptide(L)'
;KIRIKLRGFDHKTLDASAQKIVEAARRSGAQVSGPIPLPTRVRRFTVIRGPFKHKDSREHFELRTHNRLVDIINPNRKTI
EQLMTLDLPTGVEIEIKTV
;
J
11 'polypeptide(L)'
;KRQVASGRAYIHASYNNTIVTITDPDGNPITWSSGGVIGYKGSRKGTPYAAQLAALDAAKKAMAYGMQSVDVIVRGTGAG
REQAIRALQASGLQVKSIVDDTPVPHNGCRPKKKFRKAS
;
K
12 'polypeptide(L)'
;PTINQLVRKGREKVRKKSKVPALKGAPFRRGVCTVVRTVTPKKPNSALRKVAKVRLTSGYEVTAYIPGEGHNLQEHSVVL
IRGGRVK(0TD)LPGVRYHIVRGVYDAAGVKDRKKSRSKYGTKKPKEAA
;
L
13 'polypeptide(L)'
;ARIAGVEIPRNKRVDVALTYIYGIGKARAKEALEKTGINPATRVKDLTEAEVVRLREYVENTWKLEGELRAEVAANIKRL
MDIGCYRGLRHRRGLPVRGQRTRTNARTRKGPRKTVAG
;
M
14 'polypeptide(L)' ARKALIEKAKRTPKFKVRAYTRCVRCGRARSVYRFFGLCRICLRELAHKGQLPGVRKASW N
15 'polypeptide(L)'
;PITKEEKQKVIQEFARFPGDTGSTEVQVALLTLRINRLSEHLKVHKKDHHSHRGLLMMVGQRRRLLRYLQREDPERYRAL
IEKLGIRG
;
O
16 'polypeptide(L)'
;MVKIRLARFGSKHNPHYRIVVTDARRKRDGKYIEKIGYYDPRKTTPDWLKVDVERARYWLSVGAQPTDTARRLLRQAGVF
RQEA
;
P
17 'polypeptide(L)'
;PKKVLTGVVVSDKMQKTVTVLVERQFPHPLYGKVIKRSKKYLAHDPEEKYKLGDVVEIIESRPISKRKRFRVLRLVESGR
MDLVEKYLIRRQNYESLSK
;
Q
18 'polypeptide(L)' PSRKAKVKATLGEFDLRDYRNVEVLKRFLSETGKILPRRRTGLSAKEQRILAKTIKRARILGLLPFTEKLVRK R
19 'polypeptide(L)'
;PRSLKKGVFVDDHLLEKVLELNAKGEKRLIKTWSRRSTIVPEMVGHTIAVYNGKQHVPVYITENMVGHKLGEFAPTRTYR
G
;
S
20 'polypeptide(L)'
;RNLSALKRHRQSLKRRLRNKAKKSAIKTLSKKAIQLAQEGKAEEALKIMRKAESLIDKAAKGSTLHKNAAARRKSRLMRK
VRQLLEAAGAPLIGGGLSA
;
T
21 'polypeptide(L)' GKGDRRTRRGKIWRGTYGKYRPRKK U
22 'polyribonucleotide' (6MD)AAUUU a
23 'polyribonucleotide' GACU(70U)UU(12A)A(PSU)C b
#
loop_
_chem_comp.id
_chem_comp.type
_chem_comp.name
_chem_comp.formula
12A RNA linking 2-METHYLTHIO-N6-(AMINOCARBONYL-L-THREONYL)-ADENOSINE-5'-MONOPHOSPHATE 'C16 H23 N6 O11 P S'
2MG RNA linking 2N-METHYLGUANOSINE-5'-MONOPHOSPHATE 'C11 H16 N5 O8 P'
4OC RNA linking 4N,O2'-METHYLCYTIDINE-5'-MONOPHOSPHATE 'C11 H18 N3 O8 P'
5MC RNA linking 5-METHYLCYTIDINE-5'-MONOPHOSPHATE 'C10 H16 N3 O8 P'
6MD non-polymer N-methyladenosine 'C11 H15 N5 O4'
70U RNA linking 5-(O-METHYLACETO)-2-THIO-2-DEOXY-URIDINE-5'-MONOPHOSPHATE 'C12 H17 N2 O10 P S'
7MG RNA linking 7N-METHYL-8-HYDROGUANOSINE-5'-MONOPHOSPHATE 'C11 H18 N5 O8 P'
A RNA linking ADENOSINE-5'-MONOPHOSPHATE 'C10 H14 N5 O7 P'
C RNA linking CYTIDINE-5'-MONOPHOSPHATE 'C9 H14 N3 O8 P'
G RNA linking GUANOSINE-5'-MONOPHOSPHATE 'C10 H14 N5 O8 P'
K non-polymer 'POTASSIUM ION' 'K 1'
M2G RNA linking N2-DIMETHYLGUANOSINE-5'-MONOPHOSPHATE 'C12 H18 N5 O8 P'
MA6 RNA linking 6N-DIMETHYLADENOSINE-5'-MONOPHOSHATE 'C12 H18 N5 O7 P'
MG non-polymer 'MAGNESIUM ION' 'Mg 2'
PAR non-polymer PAROMOMYCIN 'C23 H45 N5 O14'
PSU RNA linking PSEUDOURIDINE-5'-MONOPHOSPHATE 'C9 H13 N2 O9 P'
U RNA linking URIDINE-5'-MONOPHOSPHATE 'C9 H13 N2 O9 P'
UR3 RNA linking 3-METHYLURIDINE-5'-MONOPHOSHATE 'C10 H15 N2 O9 P'
ZN non-polymer 'ZINC ION' 'Zn 2'
#
# COMPACT_ATOMS: atom_id res chain seq x y z
N1 PSU A 500 -10.84 -33.38 -20.75
C2 PSU A 500 -10.32 -32.22 -20.41
N3 PSU A 500 -9.04 -32.14 -20.12
C4 PSU A 500 -8.23 -33.19 -20.18
C5 PSU A 500 -8.75 -34.43 -20.53
C6 PSU A 500 -10.10 -34.48 -20.83
O2 PSU A 500 -11.00 -31.24 -20.34
O4 PSU A 500 -7.08 -33.06 -19.92
C1' PSU A 500 -7.90 -35.69 -20.63
C2' PSU A 500 -7.34 -36.21 -19.30
O2' PSU A 500 -6.01 -36.70 -19.52
C3' PSU A 500 -8.28 -37.35 -18.98
C4' PSU A 500 -8.62 -37.90 -20.35
O3' PSU A 500 -7.70 -38.33 -18.14
O4' PSU A 500 -8.68 -36.73 -21.19
C5' PSU A 500 -9.94 -38.64 -20.45
O5' PSU A 500 -11.04 -37.77 -20.29
P PSU A 500 -12.49 -38.16 -20.83
OP1 PSU A 500 -12.78 -39.56 -20.33
OP2 PSU A 500 -13.44 -37.03 -20.51
P 7MG A 511 5.46 -16.76 -12.67
OP1 7MG A 511 4.53 -16.07 -11.72
OP2 7MG A 511 6.43 -17.77 -12.18
O5' 7MG A 511 4.60 -17.40 -13.83
C5' 7MG A 511 3.30 -17.95 -13.61
C4' 7MG A 511 2.70 -18.26 -14.94
O4' 7MG A 511 3.74 -18.70 -15.86
C3' 7MG A 511 1.66 -19.37 -15.01
O3' 7MG A 511 0.36 -18.93 -14.69
C2' 7MG A 511 1.78 -19.83 -16.46
O2' 7MG A 511 1.20 -18.87 -17.34
C1' 7MG A 511 3.29 -19.78 -16.62
N9 7MG A 511 3.89 -21.01 -16.10
C8 7MG A 511 4.48 -21.23 -14.90
N7 7MG A 511 4.87 -22.52 -14.85
C5 7MG A 511 4.51 -23.14 -16.06
C6 7MG A 511 4.62 -24.45 -16.64
O6 7MG A 511 5.16 -25.38 -16.03
N1 7MG A 511 4.13 -24.70 -17.91
C2 7MG A 511 3.54 -23.71 -18.61
N2 7MG A 511 3.02 -23.97 -19.92
N3 7MG A 511 3.42 -22.49 -18.11
C4 7MG A 511 3.90 -22.18 -16.82
CM7 7MG A 511 5.54 -23.12 -13.76
P M2G A 944 -17.59 -25.08 12.34
OP1 M2G A 944 -18.25 -23.84 11.89
OP2 M2G A 944 -16.19 -25.02 12.79
O5' M2G A 944 -18.43 -25.82 13.48
C5' M2G A 944 -17.89 -26.19 14.74
C4' M2G A 944 -17.70 -25.05 15.71
O4' M2G A 944 -16.37 -24.51 15.65
C3' M2G A 944 -18.57 -23.82 15.56
O3' M2G A 944 -19.92 -24.01 15.93
C2' M2G A 944 -17.84 -22.81 16.44
O2' M2G A 944 -18.20 -23.00 17.80
C1' M2G A 944 -16.37 -23.23 16.26
N9 M2G A 944 -15.62 -22.27 15.43
C8 M2G A 944 -15.22 -22.38 14.08
N7 M2G A 944 -14.56 -21.31 13.64
C5 M2G A 944 -14.50 -20.44 14.73
C6 M2G A 944 -13.90 -19.16 14.79
O6 M2G A 944 -13.30 -18.51 13.94
N1 M2G A 944 -14.05 -18.55 16.08
C2 M2G A 944 -14.71 -19.18 17.14
N2 M2G A 944 -14.73 -18.43 18.32
N3 M2G A 944 -15.28 -20.40 17.10
C4 M2G A 944 -15.16 -21.02 15.85
CM1 M2G A 944 -14.81 -19.10 19.63
CM2 M2G A 944 -14.68 -16.96 18.33
P 5MC A 945 -21.02 -22.89 15.61
OP1 5MC A 945 -22.32 -23.36 16.14
OP2 5MC A 945 -20.92 -22.54 14.16
O5' 5MC A 945 -20.56 -21.65 16.47
C5' 5MC A 945 -21.47 -20.93 17.30
C4' 5MC A 945 -20.76 -19.80 17.99
O4' 5MC A 945 -19.40 -19.79 17.54
C3' 5MC A 945 -21.26 -18.40 17.66
O3' 5MC A 945 -22.39 -18.02 18.45
C2' 5MC A 945 -20.05 -17.51 17.89
O2' 5MC A 945 -19.97 -17.11 19.25
C1' 5MC A 945 -18.88 -18.48 17.61
N1 5MC A 945 -18.20 -18.19 16.33
C2 5MC A 945 -17.45 -16.95 16.17
O2 5MC A 945 -17.39 -16.13 17.06
N3 5MC A 945 -16.80 -16.71 14.95
C4 5MC A 945 -16.88 -17.62 13.98
N4 5MC A 945 -16.21 -17.30 12.82
C5 5MC A 945 -17.60 -18.87 14.12
C6 5MC A 945 -18.24 -19.09 15.31
CM5 5MC A 945 -17.65 -19.87 12.97
P 2MG A 1189 -26.79 -26.93 -20.23
OP1 2MG A 1189 -26.62 -27.02 -21.69
OP2 2MG A 1189 -28.03 -27.43 -19.60
O5' 2MG A 1189 -25.55 -27.66 -19.53
C5' 2MG A 1189 -24.22 -27.38 -19.94
C4' 2MG A 1189 -23.22 -28.08 -19.05
O4' 2MG A 1189 -23.39 -27.61 -17.68
C3' 2MG A 1189 -23.36 -29.58 -18.95
O3' 2MG A 1189 -22.77 -30.27 -20.04
C2' 2MG A 1189 -22.72 -29.89 -17.59
O2' 2MG A 1189 -21.31 -29.90 -17.69
C1' 2MG A 1189 -23.15 -28.66 -16.78
N9 2MG A 1189 -24.37 -28.92 -15.99
C8 2MG A 1189 -25.68 -28.42 -16.20
N7 2MG A 1189 -26.55 -28.87 -15.29
C5 2MG A 1189 -25.78 -29.69 -14.45
C6 2MG A 1189 -26.23 -30.42 -13.32
O6 2MG A 1189 -27.35 -30.51 -12.79
N1 2MG A 1189 -25.20 -31.17 -12.68
C2 2MG A 1189 -23.87 -31.15 -13.16
N2 2MG A 1189 -22.96 -31.93 -12.46
CM2 2MG A 1189 -21.53 -31.97 -12.75
N3 2MG A 1189 -23.44 -30.47 -14.24
C4 2MG A 1189 -24.43 -29.73 -14.87
P 5MC A 1383 -3.39 -16.23 15.35
OP1 5MC A 1383 -4.65 -15.52 15.05
OP2 5MC A 1383 -3.12 -16.64 16.74
O5' 5MC A 1383 -3.31 -17.53 14.41
C5' 5MC A 1383 -2.05 -18.04 13.99
C4' 5MC A 1383 -2.22 -19.27 13.13
O4' 5MC A 1383 -3.37 -20.02 13.61
C3' 5MC A 1383 -2.48 -19.00 11.65
O3' 5MC A 1383 -1.89 -20.05 10.86
C2' 5MC A 1383 -4.00 -19.10 11.54
O2' 5MC A 1383 -4.46 -19.46 10.26
C1' 5MC A 1383 -4.30 -20.20 12.57
N1 5MC A 1383 -5.65 -20.14 13.15
C2 5MC A 1383 -6.65 -21.12 12.77
O2 5MC A 1383 -6.43 -21.98 11.95
N3 5MC A 1383 -7.92 -21.03 13.37
C4 5MC A 1383 -8.15 -20.07 14.26
N4 5MC A 1383 -9.42 -20.09 14.78
C5 5MC A 1383 -7.17 -19.11 14.67
C6 5MC A 1383 -5.94 -19.19 14.08
CM5 5MC A 1383 -7.52 -18.03 15.70
P 4OC A 1385 2.39 -18.52 5.93
OP1 4OC A 1385 2.32 -18.60 4.44
OP2 4OC A 1385 2.37 -19.76 6.73
O5' 4OC A 1385 3.68 -17.67 6.32
CM2 4OC A 1385 9.12 -14.24 7.38
C5' 4OC A 1385 4.34 -16.85 5.37
C4' 4OC A 1385 5.43 -16.05 6.01
O4' 4OC A 1385 5.11 -15.86 7.42
C3' 4OC A 1385 6.82 -16.66 6.07
C2' 4OC A 1385 7.47 -15.93 7.22
O2' 4OC A 1385 7.90 -14.63 6.81
C1' 4OC A 1385 6.29 -15.74 8.18
N1 4OC A 1385 6.29 -16.78 9.22
C2 4OC A 1385 7.17 -16.64 10.34
O2 4OC A 1385 7.85 -15.68 10.42
N3 4OC A 1385 7.19 -17.64 11.32
C4 4OC A 1385 6.40 -18.69 11.18
N4 4OC A 1385 6.43 -19.68 12.16
C5 4OC A 1385 5.50 -18.87 10.06
C6 4OC A 1385 5.50 -17.88 9.11
CM4 4OC A 1385 7.52 -19.75 13.13
O3' 4OC A 1385 7.53 -16.60 4.84
P 5MC A 1387 14.16 -19.61 5.95
OP1 5MC A 1387 15.07 -19.11 4.89
OP2 5MC A 1387 13.25 -20.75 5.69
O5' 5MC A 1387 15.08 -19.97 7.20
C5' 5MC A 1387 15.94 -18.99 7.75
C4' 5MC A 1387 16.61 -19.47 9.00
O4' 5MC A 1387 15.61 -19.64 10.04
C3' 5MC A 1387 17.28 -20.83 8.92
O3' 5MC A 1387 18.56 -20.76 8.35
C2' 5MC A 1387 17.28 -21.29 10.37
O2' 5MC A 1387 18.34 -20.65 11.07
C1' 5MC A 1387 15.96 -20.72 10.87
N1 5MC A 1387 14.87 -21.72 10.77
C2 5MC A 1387 14.67 -22.69 11.80
O2 5MC A 1387 15.38 -22.73 12.78
N3 5MC A 1387 13.62 -23.61 11.65
C4 5MC A 1387 12.86 -23.53 10.56
N4 5MC A 1387 11.85 -24.46 10.50
C5 5MC A 1387 13.03 -22.57 9.54
C6 5MC A 1387 14.05 -21.70 9.69
CM5 5MC A 1387 12.11 -22.56 8.34
P 5MC A 1390 23.22 -32.54 9.00
OP1 5MC A 1390 24.47 -33.32 8.90
OP2 5MC A 1390 22.74 -31.78 7.83
O5' 5MC A 1390 22.08 -33.54 9.49
C5' 5MC A 1390 22.34 -34.50 10.50
C4' 5MC A 1390 21.09 -35.23 10.90
O4' 5MC A 1390 20.05 -34.27 11.20
C3' 5MC A 1390 20.45 -36.10 9.82
O3' 5MC A 1390 21.11 -37.34 9.64
C2' 5MC A 1390 19.02 -36.20 10.30
O2' 5MC A 1390 18.89 -37.14 11.35
C1' 5MC A 1390 18.79 -34.80 10.87
N1 5MC A 1390 18.16 -33.92 9.86
C2 5MC A 1390 16.79 -34.11 9.52
O2 5MC A 1390 16.11 -34.97 10.06
N3 5MC A 1390 16.20 -33.29 8.55
C4 5MC A 1390 16.95 -32.36 7.99
N4 5MC A 1390 16.28 -31.60 7.05
C5 5MC A 1390 18.33 -32.14 8.29
C6 5MC A 1390 18.89 -32.96 9.25
CM5 5MC A 1390 19.12 -31.05 7.58
P UR3 A 1476 10.61 -25.07 21.52
OP1 UR3 A 1476 10.65 -24.60 22.92
OP2 UR3 A 1476 9.34 -25.52 20.93
O5' UR3 A 1476 11.17 -23.86 20.67
C5' UR3 A 1476 12.56 -23.60 20.62
C4' UR3 A 1476 12.83 -22.31 19.88
O4' UR3 A 1476 12.78 -22.56 18.45
C1' UR3 A 1476 11.76 -21.80 17.83
N1 UR3 A 1476 10.96 -22.74 17.02
C6 UR3 A 1476 10.68 -24.00 17.49
C2 UR3 A 1476 10.50 -22.33 15.72
O2 UR3 A 1476 10.73 -21.22 15.24
N3 UR3 A 1476 9.75 -23.27 14.97
C3U UR3 A 1476 9.29 -22.82 13.67
C4 UR3 A 1476 9.45 -24.56 15.44
O4 UR3 A 1476 8.78 -25.31 14.73
C5 UR3 A 1476 9.95 -24.89 16.75
C2' UR3 A 1476 10.95 -21.09 18.93
O2' UR3 A 1476 10.61 -19.78 18.56
C3' UR3 A 1476 11.82 -21.23 20.20
O3' UR3 A 1476 12.43 -20.03 20.70
C2 MA6 A 1496 16.83 -26.34 17.94
C4 MA6 A 1496 18.87 -27.24 17.70
C5 MA6 A 1496 19.03 -27.30 19.12
P MA6 A 1496 24.82 -28.81 18.23
OP1 MA6 A 1496 26.20 -28.67 17.72
OP2 MA6 A 1496 24.39 -28.12 19.48
O5' MA6 A 1496 23.80 -28.31 17.13
C5' MA6 A 1496 23.57 -29.07 15.95
C4' MA6 A 1496 22.50 -28.39 15.13
O4' MA6 A 1496 21.20 -28.92 15.50
C1' MA6 A 1496 20.29 -27.87 15.70
N9 MA6 A 1496 20.03 -27.75 17.14
N3 MA6 A 1496 17.77 -26.75 17.06
N1 MA6 A 1496 16.85 -26.33 19.31
C6 MA6 A 1496 17.96 -26.82 19.93
N6 MA6 A 1496 17.93 -26.81 21.31
C9 MA6 A 1496 16.74 -26.33 22.01
C10 MA6 A 1496 19.03 -27.31 22.18
N7 MA6 A 1496 20.29 -27.86 19.41
C8 MA6 A 1496 20.85 -28.12 18.22
C2' MA6 A 1496 20.93 -26.61 15.15
O2' MA6 A 1496 20.63 -26.55 13.77
C3' MA6 A 1496 22.40 -26.90 15.39
O3' MA6 A 1496 23.31 -26.17 14.58
C2 MA6 A 1497 15.81 -23.15 18.26
C4 MA6 A 1497 17.84 -23.33 17.32
C5 MA6 A 1497 18.45 -23.42 18.63
P MA6 A 1497 23.59 -24.62 14.88
OP1 MA6 A 1497 24.66 -24.16 13.96
OP2 MA6 A 1497 23.72 -24.45 16.34
O5' MA6 A 1497 22.22 -23.96 14.42
C5' MA6 A 1497 21.96 -22.57 14.41
C4' MA6 A 1497 20.56 -22.42 13.93
O4' MA6 A 1497 19.85 -23.64 14.30
C1' MA6 A 1497 18.65 -23.32 14.94
N9 MA6 A 1497 18.85 -23.42 16.40
N3 MA6 A 1497 16.49 -23.19 17.10
N1 MA6 A 1497 16.24 -23.23 19.56
C6 MA6 A 1497 17.58 -23.38 19.75
N6 MA6 A 1497 18.00 -23.42 21.07
C9 MA6 A 1497 17.13 -22.91 22.13
C10 MA6 A 1497 19.31 -23.90 21.49
N7 MA6 A 1497 19.86 -23.57 18.46
C8 MA6 A 1497 20.06 -23.55 17.14
C2' MA6 A 1497 18.33 -21.88 14.58
O2' MA6 A 1497 17.76 -21.88 13.28
C3' MA6 A 1497 19.74 -21.29 14.55
O3' MA6 A 1497 19.83 -20.09 13.82
N1 PSU A 1518 4.85 -17.75 32.52
C2 PSU A 1518 4.35 -18.97 32.67
N3 PSU A 1518 5.14 -20.02 32.57
C4 PSU A 1518 6.44 -19.90 32.32
C5 PSU A 1518 6.99 -18.63 32.15
C6 PSU A 1518 6.12 -17.54 32.26
O2 PSU A 1518 3.20 -19.11 32.90
O4 PSU A 1518 7.11 -20.87 32.23
C1' PSU A 1518 8.47 -18.44 31.86
C2' PSU A 1518 8.83 -18.81 30.42
O2' PSU A 1518 10.15 -19.31 30.41
C3' PSU A 1518 8.76 -17.45 29.74
C4' PSU A 1518 9.31 -16.52 30.81
O3' PSU A 1518 9.47 -17.39 28.53
O4' PSU A 1518 8.84 -17.08 32.06
C5' PSU A 1518 8.87 -15.08 30.71
O5' PSU A 1518 7.49 -14.96 30.99
P PSU A 1518 6.77 -13.52 31.01
OP1 PSU A 1518 7.41 -12.67 29.94
OP2 PSU A 1518 5.28 -13.77 30.99
N1 PSU A 1519 4.12 -16.36 28.81
C2 PSU A 1519 3.16 -16.37 29.71
N3 PSU A 1519 2.65 -17.53 30.12
C4 PSU A 1519 3.07 -18.68 29.64
C5 PSU A 1519 4.08 -18.70 28.68
C6 PSU A 1519 4.60 -17.48 28.29
O2 PSU A 1519 2.77 -15.36 30.17
O4 PSU A 1519 2.58 -19.69 30.02
C1' PSU A 1519 4.59 -20.02 28.12
C2' PSU A 1519 4.11 -20.28 26.69
O2' PSU A 1519 3.97 -21.67 26.50
C3' PSU A 1519 5.30 -19.76 25.88
C4' PSU A 1519 6.49 -20.15 26.73
O3' PSU A 1519 5.36 -20.28 24.56
O4' PSU A 1519 6.00 -20.03 28.10
C5' PSU A 1519 7.72 -19.29 26.58
O5' PSU A 1519 7.51 -17.97 27.05
P PSU A 1519 8.72 -16.94 27.19
OP1 PSU A 1519 9.61 -17.14 26.00
OP2 PSU A 1519 8.10 -15.59 27.48
N THR B 1 -4.91 60.11 -5.75
CA THR B 1 -3.76 60.03 -6.64
C THR B 1 -2.66 61.00 -6.22
N VAL B 2 -2.32 61.01 -4.93
CA VAL B 2 -1.31 61.93 -4.40
C VAL B 2 -0.16 61.19 -3.71
N LYS B 3 -0.43 60.66 -2.51
CA LYS B 3 0.56 59.97 -1.70
C LYS B 3 1.77 60.84 -1.33
N GLU B 4 2.96 60.38 -1.72
CA GLU B 4 4.26 61.00 -1.37
C GLU B 4 4.60 60.97 0.13
N LEU B 5 4.87 62.15 0.71
CA LEU B 5 5.25 62.26 2.12
C LEU B 5 4.06 62.01 3.05
N LEU B 6 2.88 61.81 2.45
CA LEU B 6 1.66 61.58 3.21
C LEU B 6 1.60 60.13 3.66
N GLU B 7 2.62 59.34 3.34
CA GLU B 7 2.71 57.99 3.83
C GLU B 7 3.34 57.98 5.21
N ALA B 8 2.54 57.60 6.21
CA ALA B 8 3.00 57.55 7.59
C ALA B 8 2.73 56.18 8.19
N GLY B 9 3.81 55.45 8.49
CA GLY B 9 3.70 54.12 9.07
C GLY B 9 4.06 52.99 8.11
N VAL B 10 4.14 53.32 6.83
CA VAL B 10 4.37 52.32 5.79
C VAL B 10 5.82 51.85 5.76
N HIS B 11 6.75 52.79 5.88
CA HIS B 11 8.18 52.51 5.77
C HIS B 11 8.64 51.53 6.87
N PHE B 12 7.87 51.43 7.95
CA PHE B 12 8.13 50.43 8.97
C PHE B 12 7.84 49.04 8.41
N GLY B 13 8.83 48.16 8.47
CA GLY B 13 8.63 46.79 8.03
C GLY B 13 8.58 45.82 9.20
N HIS B 14 8.76 44.53 8.91
CA HIS B 14 8.85 43.53 9.96
C HIS B 14 10.25 43.57 10.59
N GLU B 15 10.54 42.63 11.48
CA GLU B 15 11.79 42.63 12.22
C GLU B 15 12.99 42.24 11.36
N ARG B 16 14.16 42.13 12.00
CA ARG B 16 15.40 41.72 11.34
C ARG B 16 15.27 40.33 10.73
N LYS B 17 14.82 39.38 11.55
CA LYS B 17 14.48 38.05 11.07
C LYS B 17 13.13 38.08 10.35
N ARG B 18 12.60 36.90 10.03
CA ARG B 18 11.26 36.77 9.44
C ARG B 18 11.17 37.31 8.02
N TRP B 19 12.27 37.87 7.51
CA TRP B 19 12.26 38.49 6.20
C TRP B 19 12.59 37.53 5.07
N ASN B 20 12.45 38.04 3.85
CA ASN B 20 12.73 37.28 2.64
C ASN B 20 13.85 38.00 1.87
N PRO B 21 15.00 37.34 1.70
CA PRO B 21 16.12 37.94 0.98
C PRO B 21 15.74 38.48 -0.40
N LYS B 22 14.75 37.87 -1.04
CA LYS B 22 14.28 38.33 -2.34
C LYS B 22 13.71 39.76 -2.27
N PHE B 23 13.44 40.21 -1.05
CA PHE B 23 12.86 41.52 -0.82
C PHE B 23 13.94 42.59 -0.62
N ALA B 24 15.20 42.16 -0.64
CA ALA B 24 16.33 43.05 -0.31
C ALA B 24 16.39 44.34 -1.13
N ARG B 25 15.88 44.31 -2.35
CA ARG B 25 15.96 45.46 -3.23
C ARG B 25 15.05 46.58 -2.77
N TYR B 26 13.99 46.22 -2.04
CA TYR B 26 12.99 47.20 -1.63
C TYR B 26 13.26 47.75 -0.23
N ILE B 27 14.40 47.37 0.35
CA ILE B 27 14.76 47.85 1.67
C ILE B 27 15.76 49.00 1.59
N TYR B 28 15.54 50.00 2.43
CA TYR B 28 16.45 51.14 2.57
C TYR B 28 17.61 50.75 3.45
N ALA B 29 17.30 50.50 4.72
CA ALA B 29 18.29 50.08 5.70
C ALA B 29 17.62 49.41 6.88
N GLU B 30 18.41 48.98 7.85
CA GLU B 30 17.87 48.31 9.03
C GLU B 30 18.04 49.19 10.26
N ARG B 31 16.91 49.72 10.74
CA ARG B 31 16.92 50.60 11.91
C ARG B 31 16.32 49.89 13.13
N ASN B 32 17.06 49.86 14.22
CA ASN B 32 16.60 49.28 15.50
C ASN B 32 16.06 47.85 15.35
N GLY B 33 16.77 47.04 14.59
CA GLY B 33 16.35 45.66 14.36
C GLY B 33 15.08 45.53 13.56
N ILE B 34 14.83 46.52 12.70
CA ILE B 34 13.65 46.53 11.86
C ILE B 34 14.02 46.95 10.44
N HIS B 35 13.72 46.08 9.48
CA HIS B 35 13.87 46.44 8.08
C HIS B 35 12.93 47.59 7.75
N ILE B 36 13.48 48.67 7.18
CA ILE B 36 12.67 49.79 6.78
C ILE B 36 12.57 49.85 5.26
N ILE B 37 11.33 49.88 4.76
CA ILE B 37 11.05 49.86 3.33
C ILE B 37 11.66 51.09 2.67
N ASP B 38 12.17 50.93 1.45
CA ASP B 38 12.72 52.08 0.73
C ASP B 38 11.61 53.06 0.39
N LEU B 39 11.84 54.31 0.75
CA LEU B 39 10.85 55.36 0.60
C LEU B 39 10.43 55.54 -0.87
N GLN B 40 11.41 55.72 -1.75
CA GLN B 40 11.15 56.03 -3.17
C GLN B 40 10.63 54.85 -3.97
N LYS B 41 11.21 53.67 -3.78
CA LYS B 41 10.83 52.47 -4.54
C LYS B 41 9.36 52.15 -4.37
N THR B 42 8.81 52.50 -3.21
CA THR B 42 7.41 52.28 -2.93
C THR B 42 6.54 53.02 -3.94
N MET B 43 6.80 54.32 -4.11
CA MET B 43 6.08 55.12 -5.09
C MET B 43 6.40 54.67 -6.51
N GLU B 44 7.66 54.29 -6.72
CA GLU B 44 8.11 53.78 -8.01
C GLU B 44 7.18 52.67 -8.48
N GLU B 45 6.99 51.67 -7.62
CA GLU B 45 6.10 50.56 -7.96
C GLU B 45 4.65 51.00 -7.93
N LEU B 46 4.34 51.96 -7.07
CA LEU B 46 2.98 52.47 -6.95
C LEU B 46 2.44 52.98 -8.28
N GLU B 47 3.29 53.69 -9.02
CA GLU B 47 2.86 54.25 -10.31
C GLU B 47 2.37 53.15 -11.23
N ARG B 48 3.25 52.23 -11.58
CA ARG B 48 2.95 51.13 -12.47
C ARG B 48 1.73 50.33 -11.99
N THR B 49 1.71 50.08 -10.68
CA THR B 49 0.62 49.33 -10.07
C THR B 49 -0.72 50.01 -10.31
N PHE B 50 -0.83 51.25 -9.86
CA PHE B 50 -2.07 52.00 -9.93
C PHE B 50 -2.47 52.31 -11.36
N ARG B 51 -1.47 52.32 -12.25
CA ARG B 51 -1.73 52.50 -13.67
C ARG B 51 -2.46 51.26 -14.19
N PHE B 52 -1.92 50.10 -13.84
CA PHE B 52 -2.57 48.83 -14.17
C PHE B 52 -4.00 48.81 -13.63
N ILE B 53 -4.14 49.26 -12.38
CA ILE B 53 -5.43 49.29 -11.70
C ILE B 53 -6.43 50.17 -12.42
N GLU B 54 -6.00 51.36 -12.83
CA GLU B 54 -6.88 52.30 -13.51
C GLU B 54 -7.33 51.72 -14.85
N ASP B 55 -6.37 51.21 -15.62
CA ASP B 55 -6.68 50.54 -16.88
C ASP B 55 -7.76 49.48 -16.67
N LEU B 56 -7.44 48.49 -15.84
CA LEU B 56 -8.36 47.41 -15.52
C LEU B 56 -9.73 47.91 -15.07
N ALA B 57 -9.74 49.02 -14.33
CA ALA B 57 -10.97 49.56 -13.77
C ALA B 57 -11.86 50.13 -14.86
N MET B 58 -11.31 51.04 -15.66
CA MET B 58 -12.11 51.70 -16.68
C MET B 58 -12.52 50.75 -17.80
N ARG B 59 -11.84 49.62 -17.89
CA ARG B 59 -12.17 48.59 -18.88
C ARG B 59 -13.37 47.77 -18.44
N GLY B 60 -13.70 47.84 -17.16
CA GLY B 60 -14.86 47.15 -16.63
C GLY B 60 -14.54 45.87 -15.88
N GLY B 61 -13.25 45.62 -15.69
CA GLY B 61 -12.81 44.42 -15.00
C GLY B 61 -13.17 44.44 -13.53
N THR B 62 -13.16 43.26 -12.91
CA THR B 62 -13.44 43.15 -11.48
C THR B 62 -12.17 42.77 -10.72
N ILE B 63 -12.07 43.23 -9.48
CA ILE B 63 -10.94 42.92 -8.62
C ILE B 63 -11.41 42.24 -7.36
N LEU B 64 -10.78 41.14 -6.99
CA LEU B 64 -11.12 40.45 -5.75
C LEU B 64 -10.23 40.92 -4.61
N PHE B 65 -10.79 41.64 -3.67
CA PHE B 65 -10.03 42.14 -2.53
C PHE B 65 -9.94 41.06 -1.46
N VAL B 66 -8.72 40.74 -1.06
CA VAL B 66 -8.50 39.59 -0.19
C VAL B 66 -7.58 39.93 0.99
N GLY B 67 -8.09 39.71 2.20
CA GLY B 67 -7.22 39.49 3.35
C GLY B 67 -7.92 38.96 4.58
N THR B 68 -7.19 38.14 5.33
CA THR B 68 -7.68 37.52 6.56
C THR B 68 -7.10 38.20 7.81
N LYS B 69 -6.20 39.16 7.59
CA LYS B 69 -5.20 39.50 8.59
C LYS B 69 -5.75 40.04 9.92
N LYS B 70 -7.05 40.32 9.98
CA LYS B 70 -7.76 40.77 11.18
C LYS B 70 -7.38 42.21 11.52
N GLN B 71 -6.27 42.67 10.96
CA GLN B 71 -5.96 44.09 10.92
C GLN B 71 -6.69 44.66 9.73
N ALA B 72 -6.75 43.87 8.67
CA ALA B 72 -7.31 44.30 7.41
C ALA B 72 -8.77 43.89 7.19
N GLN B 73 -9.35 43.11 8.10
CA GLN B 73 -10.72 42.65 7.94
C GLN B 73 -11.74 43.76 7.76
N ASP B 74 -11.96 44.51 8.83
CA ASP B 74 -12.99 45.54 8.86
C ASP B 74 -12.79 46.62 7.81
N ILE B 75 -11.56 46.76 7.33
CA ILE B 75 -11.26 47.70 6.25
C ILE B 75 -11.78 47.14 4.94
N VAL B 76 -11.23 46.00 4.54
CA VAL B 76 -11.62 45.34 3.30
C VAL B 76 -13.13 45.19 3.17
N ARG B 77 -13.80 44.86 4.27
CA ARG B 77 -15.23 44.58 4.21
C ARG B 77 -16.01 45.77 3.65
N MET B 78 -15.55 46.98 3.91
CA MET B 78 -16.19 48.18 3.37
C MET B 78 -15.53 48.64 2.07
N GLU B 79 -14.22 48.88 2.11
CA GLU B 79 -13.49 49.33 0.92
C GLU B 79 -13.82 48.55 -0.36
N ALA B 80 -14.03 47.24 -0.22
CA ALA B 80 -14.47 46.45 -1.36
C ALA B 80 -15.97 46.59 -1.61
N GLU B 81 -16.74 46.88 -0.56
CA GLU B 81 -18.16 47.15 -0.72
C GLU B 81 -18.35 48.43 -1.54
N ARG B 82 -17.43 49.37 -1.34
CA ARG B 82 -17.33 50.52 -2.23
C ARG B 82 -16.88 50.01 -3.59
N ALA B 83 -17.13 50.82 -4.61
CA ALA B 83 -17.13 50.35 -5.99
C ALA B 83 -18.07 49.15 -6.10
N GLY B 84 -17.74 48.19 -6.95
CA GLY B 84 -18.56 47.00 -7.06
C GLY B 84 -17.90 45.73 -6.61
N MET B 85 -16.69 45.83 -6.07
CA MET B 85 -15.78 44.69 -6.04
C MET B 85 -16.09 43.65 -4.96
N PRO B 86 -15.92 42.36 -5.31
CA PRO B 86 -16.08 41.24 -4.39
C PRO B 86 -14.90 41.12 -3.44
N TYR B 87 -15.13 40.62 -2.24
CA TYR B 87 -14.03 40.45 -1.29
C TYR B 87 -14.07 39.13 -0.54
N VAL B 88 -12.90 38.73 -0.04
CA VAL B 88 -12.80 37.61 0.89
C VAL B 88 -12.33 38.16 2.23
N ASN B 89 -13.17 37.97 3.25
CA ASN B 89 -12.98 38.59 4.55
C ASN B 89 -12.54 37.59 5.61
N GLN B 90 -13.47 36.72 6.01
CA GLN B 90 -13.23 35.75 7.08
C GLN B 90 -12.08 34.79 6.83
N ARG B 91 -12.17 33.96 5.79
CA ARG B 91 -11.05 33.10 5.42
C ARG B 91 -11.11 32.70 3.95
N TRP B 92 -9.97 32.30 3.39
CA TRP B 92 -9.93 31.95 1.99
C TRP B 92 -10.12 30.45 1.80
N LEU B 93 -11.25 30.06 1.22
CA LEU B 93 -11.57 28.65 1.03
C LEU B 93 -10.86 28.08 -0.17
N GLY B 94 -10.07 27.03 0.04
CA GLY B 94 -9.28 26.46 -1.04
C GLY B 94 -10.11 26.01 -2.23
N GLY B 95 -9.80 26.60 -3.39
CA GLY B 95 -10.54 26.29 -4.59
C GLY B 95 -11.55 27.35 -5.02
N MET B 96 -11.62 28.44 -4.29
CA MET B 96 -12.51 29.54 -4.65
C MET B 96 -12.27 30.00 -6.09
N LEU B 97 -11.05 29.81 -6.56
CA LEU B 97 -10.71 30.15 -7.94
C LEU B 97 -10.67 28.89 -8.82
N THR B 98 -9.82 27.93 -8.47
CA THR B 98 -9.69 26.71 -9.28
C THR B 98 -10.93 25.81 -9.27
N ASN B 99 -11.58 25.71 -8.12
CA ASN B 99 -12.80 24.91 -7.96
C ASN B 99 -14.05 25.77 -8.13
N PHE B 100 -13.86 26.99 -8.64
CA PHE B 100 -14.86 28.06 -8.63
C PHE B 100 -16.29 27.67 -8.97
N LYS B 101 -16.47 26.75 -9.92
CA LYS B 101 -17.82 26.23 -10.19
C LYS B 101 -18.48 25.68 -8.91
N THR B 102 -17.77 24.74 -8.29
CA THR B 102 -18.26 24.06 -7.10
C THR B 102 -18.54 25.05 -5.98
N ILE B 103 -17.68 26.04 -5.86
CA ILE B 103 -17.84 27.05 -4.82
C ILE B 103 -19.06 27.91 -5.13
N SER B 104 -19.29 28.16 -6.42
CA SER B 104 -20.42 28.98 -6.86
C SER B 104 -21.73 28.28 -6.52
N GLN B 105 -21.72 26.95 -6.54
CA GLN B 105 -22.91 26.20 -6.12
C GLN B 105 -23.36 26.58 -4.71
N ARG B 106 -22.40 26.85 -3.84
CA ARG B 106 -22.70 27.28 -2.48
C ARG B 106 -23.36 28.66 -2.46
N VAL B 107 -23.00 29.52 -3.40
CA VAL B 107 -23.63 30.83 -3.52
C VAL B 107 -25.07 30.65 -3.98
N HIS B 108 -25.27 29.72 -4.92
CA HIS B 108 -26.62 29.41 -5.37
C HIS B 108 -27.49 28.88 -4.23
N ARG B 109 -26.90 28.07 -3.35
CA ARG B 109 -27.63 27.61 -2.17
C ARG B 109 -27.87 28.76 -1.19
N LEU B 110 -26.95 29.71 -1.16
CA LEU B 110 -27.09 30.89 -0.30
C LEU B 110 -28.31 31.71 -0.69
N GLU B 111 -28.39 32.12 -1.95
CA GLU B 111 -29.55 32.89 -2.40
C GLU B 111 -30.79 32.00 -2.44
N GLU B 112 -30.58 30.69 -2.51
CA GLU B 112 -31.65 29.71 -2.38
C GLU B 112 -32.36 29.84 -1.04
N LEU B 113 -31.56 29.86 0.03
CA LEU B 113 -32.09 29.92 1.39
C LEU B 113 -32.54 31.33 1.77
N GLU B 114 -31.87 32.35 1.25
CA GLU B 114 -32.36 33.72 1.41
C GLU B 114 -33.75 33.81 0.78
N ALA B 115 -33.92 33.13 -0.34
CA ALA B 115 -35.23 33.05 -1.00
C ALA B 115 -36.22 32.24 -0.16
N LEU B 116 -35.72 31.25 0.57
CA LEU B 116 -36.59 30.45 1.43
C LEU B 116 -37.11 31.30 2.59
N PHE B 117 -36.25 32.13 3.16
CA PHE B 117 -36.63 32.96 4.31
C PHE B 117 -37.37 34.21 3.85
N ALA B 118 -37.49 34.36 2.54
CA ALA B 118 -38.33 35.39 1.95
C ALA B 118 -39.79 34.94 1.97
N SER B 119 -40.05 33.80 1.30
CA SER B 119 -41.39 33.28 1.13
C SER B 119 -42.04 32.86 2.47
N PRO B 120 -43.32 32.46 2.44
CA PRO B 120 -44.00 31.90 3.62
C PRO B 120 -43.43 30.57 4.11
N GLU B 121 -42.55 29.95 3.33
CA GLU B 121 -42.17 28.55 3.51
C GLU B 121 -41.17 28.34 4.65
N ILE B 122 -40.79 29.42 5.33
CA ILE B 122 -39.94 29.34 6.52
C ILE B 122 -40.57 28.41 7.56
N GLU B 123 -41.85 28.62 7.84
CA GLU B 123 -42.57 27.90 8.88
C GLU B 123 -42.93 26.48 8.45
N GLU B 124 -43.08 26.26 7.16
CA GLU B 124 -43.39 24.94 6.63
C GLU B 124 -42.26 23.96 6.95
N ARG B 125 -42.65 22.72 7.26
CA ARG B 125 -41.76 21.66 7.73
C ARG B 125 -41.27 21.98 9.15
N PRO B 126 -40.93 20.94 9.94
CA PRO B 126 -40.66 21.11 11.38
C PRO B 126 -39.52 22.05 11.72
N LYS B 127 -39.48 22.49 12.98
CA LYS B 127 -38.45 23.40 13.47
C LYS B 127 -37.05 22.81 13.31
N LYS B 128 -36.99 21.49 13.11
CA LYS B 128 -35.74 20.80 12.84
C LYS B 128 -35.03 21.40 11.63
N GLU B 129 -35.81 21.76 10.61
CA GLU B 129 -35.27 22.41 9.42
C GLU B 129 -35.02 23.89 9.67
N GLN B 130 -35.90 24.53 10.44
CA GLN B 130 -35.82 25.96 10.66
C GLN B 130 -34.61 26.37 11.50
N VAL B 131 -34.15 25.48 12.37
CA VAL B 131 -32.96 25.72 13.19
C VAL B 131 -31.70 25.46 12.37
N ARG B 132 -31.76 24.46 11.49
CA ARG B 132 -30.61 24.08 10.68
C ARG B 132 -30.33 25.10 9.58
N LEU B 133 -31.29 25.23 8.67
CA LEU B 133 -31.14 26.11 7.51
C LEU B 133 -30.79 27.54 7.90
N LYS B 134 -31.21 27.95 9.10
CA LYS B 134 -30.87 29.27 9.62
C LYS B 134 -29.36 29.37 9.90
N HIS B 135 -28.79 28.30 10.43
CA HIS B 135 -27.36 28.25 10.69
C HIS B 135 -26.58 28.10 9.39
N GLU B 136 -27.19 27.41 8.43
CA GLU B 136 -26.60 27.27 7.12
C GLU B 136 -26.45 28.64 6.46
N LEU B 137 -27.54 29.42 6.49
CA LEU B 137 -27.49 30.80 6.06
C LEU B 137 -26.46 31.59 6.85
N GLU B 138 -26.43 31.36 8.15
CA GLU B 138 -25.50 32.03 9.06
C GLU B 138 -24.06 31.91 8.56
N ARG B 139 -23.61 30.68 8.35
CA ARG B 139 -22.23 30.46 7.94
C ARG B 139 -21.99 30.89 6.49
N LEU B 140 -22.97 30.64 5.63
CA LEU B 140 -22.87 31.03 4.21
C LEU B 140 -22.69 32.53 4.07
N GLN B 141 -23.35 33.29 4.92
CA GLN B 141 -23.24 34.74 4.94
C GLN B 141 -21.95 35.18 5.66
N LYS B 142 -21.47 34.35 6.58
CA LYS B 142 -20.23 34.64 7.28
C LYS B 142 -19.01 34.55 6.36
N TYR B 143 -18.99 33.54 5.49
CA TYR B 143 -17.83 33.27 4.61
C TYR B 143 -17.97 33.92 3.23
N LEU B 144 -19.04 33.55 2.53
CA LEU B 144 -19.23 33.91 1.12
C LEU B 144 -19.80 35.31 0.91
N SER B 145 -19.90 36.08 2.00
CA SER B 145 -20.46 37.43 1.96
C SER B 145 -20.00 38.27 0.75
N GLY B 146 -18.72 38.61 0.71
CA GLY B 146 -18.18 39.38 -0.39
C GLY B 146 -17.96 38.57 -1.66
N PHE B 147 -17.98 37.25 -1.54
CA PHE B 147 -17.73 36.36 -2.66
C PHE B 147 -18.96 36.18 -3.55
N ARG B 148 -20.12 36.60 -3.03
CA ARG B 148 -21.39 36.44 -3.73
C ARG B 148 -21.44 37.30 -4.99
N LEU B 149 -20.61 38.33 -5.02
CA LEU B 149 -20.61 39.29 -6.11
C LEU B 149 -19.87 38.77 -7.36
N LEU B 150 -19.24 37.60 -7.25
CA LEU B 150 -18.49 37.06 -8.38
C LEU B 150 -19.34 36.13 -9.23
N LYS B 151 -19.72 36.60 -10.42
CA LYS B 151 -20.49 35.79 -11.36
C LYS B 151 -19.56 34.96 -12.24
N ARG B 152 -18.29 35.36 -12.31
CA ARG B 152 -17.28 34.67 -13.10
C ARG B 152 -15.90 35.00 -12.55
N LEU B 153 -14.87 34.25 -12.96
CA LEU B 153 -13.52 34.48 -12.48
C LEU B 153 -13.12 35.94 -12.60
N PRO B 154 -12.39 36.45 -11.60
CA PRO B 154 -12.01 37.86 -11.54
C PRO B 154 -10.88 38.16 -12.52
N ASP B 155 -10.75 39.43 -12.91
CA ASP B 155 -9.75 39.83 -13.88
C ASP B 155 -8.45 40.22 -13.18
N ALA B 156 -8.49 40.17 -11.84
CA ALA B 156 -7.33 40.44 -10.98
C ALA B 156 -7.74 40.24 -9.53
N ILE B 157 -6.76 40.05 -8.65
CA ILE B 157 -7.04 40.00 -7.22
C ILE B 157 -6.12 40.97 -6.48
N PHE B 158 -6.62 41.48 -5.36
CA PHE B 158 -5.85 42.35 -4.50
C PHE B 158 -5.63 41.65 -3.18
N VAL B 159 -4.39 41.66 -2.69
CA VAL B 159 -4.05 40.91 -1.50
C VAL B 159 -3.35 41.80 -0.48
N VAL B 160 -3.70 41.64 0.78
CA VAL B 160 -3.09 42.44 1.84
C VAL B 160 -1.77 41.81 2.33
N ASP B 161 -1.81 40.59 2.87
CA ASP B 161 -0.55 39.90 3.17
C ASP B 161 -0.40 38.66 2.28
N PRO B 162 0.50 38.75 1.28
CA PRO B 162 0.66 37.71 0.26
C PRO B 162 1.25 36.41 0.80
N THR B 163 1.87 36.45 1.97
CA THR B 163 2.37 35.24 2.60
C THR B 163 1.25 34.53 3.34
N LYS B 164 0.39 35.31 3.99
CA LYS B 164 -0.74 34.78 4.74
C LYS B 164 -1.79 34.23 3.78
N GLU B 165 -1.99 34.96 2.69
CA GLU B 165 -3.00 34.63 1.69
C GLU B 165 -2.43 33.79 0.55
N ALA B 166 -1.20 33.32 0.74
CA ALA B 166 -0.40 32.71 -0.32
C ALA B 166 -1.07 31.57 -1.10
N ILE B 167 -2.14 31.00 -0.56
CA ILE B 167 -2.92 30.03 -1.33
C ILE B 167 -3.69 30.74 -2.44
N ALA B 168 -4.43 31.77 -2.06
CA ALA B 168 -5.13 32.62 -3.01
C ALA B 168 -4.16 33.08 -4.09
N VAL B 169 -3.02 33.60 -3.66
CA VAL B 169 -1.94 34.00 -4.55
C VAL B 169 -1.60 32.86 -5.49
N ARG B 170 -1.34 31.70 -4.92
CA ARG B 170 -0.87 30.55 -5.67
C ARG B 170 -1.81 30.16 -6.80
N GLU B 171 -3.10 30.05 -6.53
CA GLU B 171 -3.99 29.60 -7.58
C GLU B 171 -4.44 30.75 -8.48
N ALA B 172 -4.24 31.98 -8.02
CA ALA B 172 -4.36 33.11 -8.93
C ALA B 172 -3.27 33.01 -9.99
N ARG B 173 -2.04 32.73 -9.56
CA ARG B 173 -0.95 32.44 -10.48
C ARG B 173 -1.39 31.32 -11.41
N LYS B 174 -1.89 30.24 -10.82
CA LYS B 174 -2.25 29.04 -11.55
C LYS B 174 -3.26 29.31 -12.66
N LEU B 175 -4.18 30.24 -12.40
CA LEU B 175 -5.21 30.58 -13.37
C LEU B 175 -4.84 31.76 -14.28
N PHE B 176 -3.59 32.21 -14.16
CA PHE B 176 -3.06 33.33 -14.95
C PHE B 176 -3.76 34.64 -14.60
N ILE B 177 -4.31 34.70 -13.39
CA ILE B 177 -4.96 35.89 -12.89
C ILE B 177 -3.92 36.83 -12.31
N PRO B 178 -3.88 38.08 -12.79
CA PRO B 178 -2.94 39.09 -12.31
C PRO B 178 -3.03 39.31 -10.79
N VAL B 179 -1.88 39.27 -10.13
CA VAL B 179 -1.83 39.34 -8.67
C VAL B 179 -1.33 40.70 -8.20
N ILE B 180 -2.23 41.46 -7.60
CA ILE B 180 -1.86 42.70 -6.93
C ILE B 180 -1.71 42.41 -5.45
N ALA B 181 -0.73 43.02 -4.79
CA ALA B 181 -0.55 42.78 -3.37
C ALA B 181 0.15 43.94 -2.66
N LEU B 182 -0.05 43.98 -1.34
CA LEU B 182 0.70 44.87 -0.48
C LEU B 182 1.77 44.00 0.19
N ALA B 183 3.02 44.17 -0.19
CA ALA B 183 4.05 43.25 0.29
C ALA B 183 4.85 43.85 1.44
N ASP B 184 5.15 43.01 2.42
CA ASP B 184 6.05 43.41 3.50
C ASP B 184 7.33 42.59 3.36
N THR B 185 8.27 42.80 4.28
CA THR B 185 9.60 42.24 4.14
C THR B 185 9.61 40.71 4.25
N ASP B 186 8.49 40.13 4.66
CA ASP B 186 8.41 38.69 4.85
C ASP B 186 7.94 37.95 3.59
N SER B 187 7.73 38.70 2.52
CA SER B 187 7.00 38.18 1.37
C SER B 187 7.87 38.01 0.13
N ASP B 188 7.46 37.11 -0.75
CA ASP B 188 8.18 36.85 -1.99
C ASP B 188 7.67 37.77 -3.10
N PRO B 189 8.54 38.69 -3.55
CA PRO B 189 8.17 39.68 -4.57
C PRO B 189 7.88 39.04 -5.92
N ASP B 190 8.55 37.93 -6.20
CA ASP B 190 8.46 37.27 -7.50
C ASP B 190 7.06 36.79 -7.82
N LEU B 191 6.34 36.35 -6.80
CA LEU B 191 4.98 35.84 -7.00
C LEU B 191 3.98 36.95 -7.29
N VAL B 192 4.31 38.17 -6.86
CA VAL B 192 3.41 39.29 -7.04
C VAL B 192 3.67 39.98 -8.37
N ASP B 193 2.63 40.08 -9.19
CA ASP B 193 2.74 40.68 -10.51
C ASP B 193 2.88 42.20 -10.43
N TYR B 194 2.06 42.83 -9.60
CA TYR B 194 2.17 44.27 -9.35
C TYR B 194 2.26 44.51 -7.85
N ILE B 195 3.39 45.01 -7.39
CA ILE B 195 3.72 45.02 -5.96
C ILE B 195 3.51 46.37 -5.30
N ILE B 196 3.03 46.35 -4.06
CA ILE B 196 2.97 47.53 -3.22
C ILE B 196 3.75 47.27 -1.95
N PRO B 197 5.04 47.60 -1.95
CA PRO B 197 6.00 47.31 -0.89
C PRO B 197 5.81 48.19 0.36
N GLY B 198 4.93 47.76 1.27
CA GLY B 198 4.70 48.49 2.50
C GLY B 198 4.30 47.63 3.69
N ASN B 199 4.00 48.29 4.80
CA ASN B 199 3.64 47.57 6.02
C ASN B 199 2.24 46.99 5.91
N ASP B 200 2.12 45.67 6.06
CA ASP B 200 0.81 45.02 5.98
C ASP B 200 0.20 44.82 7.37
N ASP B 201 0.89 45.32 8.40
CA ASP B 201 0.46 45.16 9.78
C ASP B 201 -0.48 46.27 10.24
N ALA B 202 0.07 47.48 10.32
CA ALA B 202 -0.67 48.63 10.83
C ALA B 202 -1.91 48.93 10.02
N ILE B 203 -2.97 49.30 10.70
CA ILE B 203 -4.25 49.57 10.06
C ILE B 203 -4.12 50.82 9.22
N ARG B 204 -3.16 51.66 9.57
CA ARG B 204 -2.93 52.92 8.86
C ARG B 204 -2.51 52.70 7.41
N SER B 205 -1.54 51.83 7.20
CA SER B 205 -1.03 51.55 5.86
C SER B 205 -2.08 50.89 4.97
N ILE B 206 -2.77 49.90 5.53
CA ILE B 206 -3.86 49.22 4.83
C ILE B 206 -4.94 50.21 4.43
N GLN B 207 -5.37 51.02 5.40
CA GLN B 207 -6.41 52.02 5.17
C GLN B 207 -5.99 52.95 4.05
N LEU B 208 -4.81 53.53 4.18
CA LEU B 208 -4.29 54.47 3.18
C LEU B 208 -4.31 53.86 1.79
N ILE B 209 -3.65 52.70 1.64
CA ILE B 209 -3.47 52.08 0.34
C ILE B 209 -4.78 51.63 -0.30
N LEU B 210 -5.58 50.86 0.42
CA LEU B 210 -6.84 50.36 -0.13
C LEU B 210 -7.85 51.49 -0.40
N SER B 211 -7.91 52.48 0.48
CA SER B 211 -8.79 53.62 0.27
C SER B 211 -8.39 54.34 -1.00
N ARG B 212 -7.11 54.67 -1.12
CA ARG B 212 -6.63 55.34 -2.33
C ARG B 212 -6.94 54.51 -3.58
N ALA B 213 -6.80 53.19 -3.45
CA ALA B 213 -7.02 52.28 -4.57
C ALA B 213 -8.47 52.31 -5.05
N VAL B 214 -9.41 52.13 -4.13
CA VAL B 214 -10.83 52.17 -4.49
C VAL B 214 -11.18 53.55 -5.03
N ASP B 215 -10.55 54.58 -4.46
CA ASP B 215 -10.72 55.94 -4.94
C ASP B 215 -10.32 56.06 -6.42
N LEU B 216 -9.19 55.44 -6.76
CA LEU B 216 -8.74 55.41 -8.14
C LEU B 216 -9.73 54.68 -9.02
N ILE B 217 -10.27 53.56 -8.52
CA ILE B 217 -11.26 52.78 -9.26
C ILE B 217 -12.46 53.62 -9.64
N ILE B 218 -13.17 54.12 -8.62
CA ILE B 218 -14.35 54.93 -8.84
C ILE B 218 -14.01 56.18 -9.64
N GLN B 219 -12.78 56.67 -9.52
CA GLN B 219 -12.31 57.80 -10.31
C GLN B 219 -12.25 57.41 -11.78
N ALA B 220 -11.85 56.17 -12.04
CA ALA B 220 -11.70 55.69 -13.40
C ALA B 220 -13.05 55.45 -14.05
N ARG B 221 -14.01 54.97 -13.27
CA ARG B 221 -15.36 54.76 -13.80
C ARG B 221 -16.25 55.99 -13.58
N GLY B 222 -15.68 57.05 -13.02
CA GLY B 222 -16.39 58.29 -12.83
C GLY B 222 -17.36 58.29 -11.66
N GLY B 223 -17.86 59.47 -11.32
CA GLY B 223 -18.79 59.63 -10.21
C GLY B 223 -18.14 60.18 -8.95
N VAL B 224 -16.83 59.97 -8.85
CA VAL B 224 -15.99 60.56 -7.80
C VAL B 224 -16.64 60.50 -6.41
N VAL B 225 -16.70 59.30 -5.85
CA VAL B 225 -17.29 59.09 -4.54
C VAL B 225 -16.49 59.83 -3.46
N GLU B 226 -17.14 60.14 -2.35
CA GLU B 226 -16.53 60.88 -1.24
C GLU B 226 -15.38 60.09 -0.60
N PRO B 227 -14.52 60.77 0.18
CA PRO B 227 -13.44 60.08 0.90
C PRO B 227 -13.94 58.88 1.73
N SER B 228 -13.18 57.79 1.68
CA SER B 228 -13.57 56.53 2.31
C SER B 228 -13.89 56.65 3.80
N PRO B 229 -15.06 56.14 4.20
CA PRO B 229 -15.39 56.14 5.63
C PRO B 229 -14.85 54.92 6.36
N SER B 230 -13.59 54.57 6.13
CA SER B 230 -12.90 53.59 6.95
C SER B 230 -11.99 54.29 7.96
N TYR B 231 -11.96 55.62 7.88
CA TYR B 231 -11.04 56.43 8.67
C TYR B 231 -11.40 56.38 10.15
N ALA B 232 -12.64 56.02 10.46
CA ALA B 232 -13.08 55.92 11.85
C ALA B 232 -12.72 54.55 12.44
N LEU B 233 -12.19 53.67 11.59
CA LEU B 233 -11.80 52.33 12.01
C LEU B 233 -10.37 52.29 12.52
N VAL B 234 -9.75 53.46 12.62
CA VAL B 234 -8.46 53.59 13.28
C VAL B 234 -8.58 53.15 14.75
N GLN B 235 -9.75 53.38 15.33
CA GLN B 235 -10.14 52.83 16.64
C GLN B 235 -9.36 53.45 17.81
N GLU B 236 -8.29 54.17 17.51
N GLY C 1 -26.44 -11.14 3.26
CA GLY C 1 -27.85 -11.50 3.33
C GLY C 1 -28.70 -10.59 4.19
N ASN C 2 -29.04 -9.44 3.66
CA ASN C 2 -29.70 -8.37 4.41
C ASN C 2 -30.65 -7.63 3.45
N LYS C 3 -31.13 -6.46 3.85
CA LYS C 3 -31.95 -5.63 2.96
C LYS C 3 -33.29 -6.27 2.54
N ILE C 4 -34.29 -6.21 3.40
CA ILE C 4 -35.64 -6.68 3.05
C ILE C 4 -36.22 -5.95 1.83
N HIS C 5 -37.12 -6.64 1.16
CA HIS C 5 -37.82 -6.12 0.00
C HIS C 5 -38.44 -4.75 0.26
N PRO C 6 -38.06 -3.74 -0.52
CA PRO C 6 -38.52 -2.35 -0.35
C PRO C 6 -40.02 -2.18 -0.58
N ILE C 7 -40.55 -2.86 -1.58
CA ILE C 7 -42.00 -2.89 -1.80
C ILE C 7 -42.67 -3.46 -0.56
N GLY C 8 -42.26 -4.66 -0.18
CA GLY C 8 -42.78 -5.31 1.01
C GLY C 8 -42.54 -4.55 2.30
N PHE C 9 -41.54 -3.68 2.29
CA PHE C 9 -41.19 -2.86 3.44
C PHE C 9 -42.13 -1.68 3.57
N ARG C 10 -42.48 -1.10 2.42
CA ARG C 10 -43.30 0.11 2.37
C ARG C 10 -44.80 -0.14 2.15
N LEU C 11 -45.22 -1.41 2.14
CA LEU C 11 -46.59 -1.80 1.77
C LEU C 11 -47.69 -1.01 2.47
N GLY C 12 -47.42 -0.51 3.67
CA GLY C 12 -48.39 0.29 4.38
C GLY C 12 -48.47 1.73 3.90
N ILE C 13 -47.32 2.33 3.67
CA ILE C 13 -47.26 3.75 3.32
C ILE C 13 -46.40 3.96 2.07
N THR C 14 -46.93 4.74 1.13
CA THR C 14 -46.30 4.99 -0.17
C THR C 14 -46.08 3.72 -0.97
N ARG C 15 -46.87 2.70 -0.67
CA ARG C 15 -46.96 1.52 -1.52
C ARG C 15 -48.31 0.87 -1.27
N ASP C 16 -48.88 0.25 -2.30
CA ASP C 16 -50.19 -0.39 -2.15
C ASP C 16 -50.20 -1.79 -2.74
N TRP C 17 -51.09 -2.63 -2.21
CA TRP C 17 -51.20 -4.02 -2.63
C TRP C 17 -51.63 -4.14 -4.09
N GLU C 18 -51.09 -5.13 -4.76
CA GLU C 18 -51.44 -5.40 -6.14
C GLU C 18 -52.77 -6.14 -6.20
N SER C 19 -53.00 -7.02 -5.22
CA SER C 19 -54.30 -7.64 -5.04
C SER C 19 -55.02 -6.97 -3.88
N ARG C 20 -56.06 -6.19 -4.18
CA ARG C 20 -56.86 -5.59 -3.11
C ARG C 20 -58.30 -6.09 -3.11
N TRP C 21 -58.62 -6.95 -2.15
CA TRP C 21 -59.97 -7.42 -1.90
C TRP C 21 -60.04 -8.00 -0.50
N TYR C 22 -61.26 -8.18 0.00
CA TYR C 22 -61.46 -8.82 1.30
C TYR C 22 -62.08 -10.20 1.13
N ALA C 23 -61.73 -11.12 2.02
CA ALA C 23 -62.33 -12.43 2.03
C ALA C 23 -62.17 -13.08 3.41
N GLY C 24 -63.03 -14.05 3.71
CA GLY C 24 -62.97 -14.77 4.97
C GLY C 24 -61.85 -15.78 5.00
N LYS C 25 -61.80 -16.61 6.03
CA LYS C 25 -60.75 -17.62 6.16
C LYS C 25 -61.01 -18.83 5.26
N LYS C 26 -62.27 -19.05 4.93
CA LYS C 26 -62.69 -20.17 4.08
C LYS C 26 -62.65 -19.79 2.60
N GLN C 27 -62.55 -18.50 2.35
CA GLN C 27 -62.55 -17.93 1.01
C GLN C 27 -61.13 -17.66 0.52
N TYR C 28 -60.38 -16.93 1.34
CA TYR C 28 -59.10 -16.30 0.99
C TYR C 28 -58.20 -17.13 0.09
N ARG C 29 -57.74 -18.28 0.58
CA ARG C 29 -56.76 -19.08 -0.16
C ARG C 29 -57.18 -19.40 -1.61
N HIS C 30 -58.48 -19.55 -1.84
CA HIS C 30 -58.99 -19.86 -3.18
C HIS C 30 -58.89 -18.67 -4.13
N LEU C 31 -59.38 -17.51 -3.68
CA LEU C 31 -59.25 -16.27 -4.44
C LEU C 31 -57.80 -15.92 -4.69
N LEU C 32 -56.94 -16.25 -3.73
CA LEU C 32 -55.51 -16.01 -3.85
C LEU C 32 -54.90 -16.89 -4.93
N LEU C 33 -55.22 -18.18 -4.88
CA LEU C 33 -54.76 -19.12 -5.90
C LEU C 33 -55.19 -18.61 -7.27
N GLU C 34 -56.44 -18.17 -7.35
CA GLU C 34 -56.99 -17.64 -8.59
C GLU C 34 -56.17 -16.46 -9.09
N ASP C 35 -55.98 -15.48 -8.23
CA ASP C 35 -55.15 -14.31 -8.55
C ASP C 35 -53.81 -14.73 -9.10
N GLN C 36 -53.21 -15.72 -8.45
CA GLN C 36 -51.89 -16.19 -8.83
C GLN C 36 -51.91 -16.83 -10.22
N ARG C 37 -52.99 -17.53 -10.54
CA ARG C 37 -53.12 -18.14 -11.86
C ARG C 37 -53.35 -17.08 -12.93
N ILE C 38 -54.00 -16.00 -12.54
CA ILE C 38 -54.26 -14.88 -13.44
C ILE C 38 -52.96 -14.17 -13.78
N ARG C 39 -52.21 -13.80 -12.74
CA ARG C 39 -50.91 -13.18 -12.93
C ARG C 39 -50.01 -14.10 -13.73
N GLY C 40 -50.08 -15.39 -13.42
CA GLY C 40 -49.29 -16.38 -14.13
C GLY C 40 -49.56 -16.42 -15.62
N LEU C 41 -50.82 -16.61 -15.99
CA LEU C 41 -51.18 -16.67 -17.41
C LEU C 41 -50.90 -15.34 -18.12
N LEU C 42 -51.01 -14.24 -17.39
CA LEU C 42 -50.84 -12.92 -17.98
C LEU C 42 -49.37 -12.55 -18.20
N GLU C 43 -48.50 -13.07 -17.34
CA GLU C 43 -47.07 -12.83 -17.47
C GLU C 43 -46.48 -13.67 -18.61
N LYS C 44 -47.14 -14.79 -18.91
CA LYS C 44 -46.65 -15.72 -19.93
C LYS C 44 -47.19 -15.37 -21.30
N GLU C 45 -47.95 -14.28 -21.37
CA GLU C 45 -48.61 -13.85 -22.60
C GLU C 45 -48.19 -12.44 -22.98
N LEU C 46 -48.48 -11.50 -22.07
CA LEU C 46 -48.37 -10.07 -22.35
C LEU C 46 -46.95 -9.53 -22.19
N TYR C 47 -45.99 -10.39 -21.93
CA TYR C 47 -44.60 -9.98 -21.75
C TYR C 47 -44.10 -9.04 -22.84
N SER C 48 -44.43 -9.34 -24.09
CA SER C 48 -43.96 -8.57 -25.24
C SER C 48 -44.45 -7.12 -25.20
N ALA C 49 -45.53 -6.89 -24.46
CA ALA C 49 -46.09 -5.56 -24.30
C ALA C 49 -45.44 -4.82 -23.13
N GLY C 50 -44.63 -5.54 -22.36
CA GLY C 50 -43.93 -4.97 -21.23
C GLY C 50 -44.80 -4.57 -20.05
N LEU C 51 -45.52 -5.53 -19.48
CA LEU C 51 -46.37 -5.23 -18.33
C LEU C 51 -45.52 -4.94 -17.10
N ALA C 52 -45.71 -3.75 -16.53
CA ALA C 52 -44.96 -3.33 -15.36
C ALA C 52 -45.65 -3.75 -14.08
N ARG C 53 -46.92 -4.15 -14.19
CA ARG C 53 -47.73 -4.51 -13.02
C ARG C 53 -49.12 -5.01 -13.43
N VAL C 54 -49.72 -5.79 -12.53
CA VAL C 54 -51.07 -6.30 -12.71
C VAL C 54 -51.83 -6.15 -11.41
N ASP C 55 -52.87 -5.33 -11.41
CA ASP C 55 -53.68 -5.13 -10.21
C ASP C 55 -54.92 -5.99 -10.30
N ILE C 56 -55.35 -6.55 -9.17
CA ILE C 56 -56.52 -7.42 -9.16
C ILE C 56 -57.45 -7.04 -8.01
N GLU C 57 -58.70 -6.73 -8.34
CA GLU C 57 -59.69 -6.34 -7.34
C GLU C 57 -60.94 -7.19 -7.47
N ARG C 58 -61.67 -7.37 -6.38
CA ARG C 58 -62.90 -8.16 -6.41
C ARG C 58 -63.98 -7.52 -5.55
N ALA C 59 -65.24 -7.72 -5.94
CA ALA C 59 -66.37 -7.35 -5.10
C ALA C 59 -67.22 -8.57 -4.81
N ALA C 60 -68.03 -8.97 -5.78
CA ALA C 60 -68.75 -10.24 -5.69
C ALA C 60 -68.73 -10.93 -7.05
N ASP C 61 -68.08 -12.10 -7.11
CA ASP C 61 -68.00 -12.90 -8.34
C ASP C 61 -67.58 -12.07 -9.55
N ASN C 62 -66.77 -11.06 -9.31
CA ASN C 62 -66.31 -10.16 -10.37
C ASN C 62 -64.91 -9.67 -10.05
N VAL C 63 -64.08 -9.51 -11.06
CA VAL C 63 -62.67 -9.24 -10.87
C VAL C 63 -62.18 -8.13 -11.79
N ALA C 64 -61.56 -7.11 -11.20
CA ALA C 64 -61.04 -5.94 -11.93
C ALA C 64 -60.00 -6.31 -13.00
N VAL C 65 -58.84 -6.77 -12.56
CA VAL C 65 -57.72 -7.10 -13.45
C VAL C 65 -57.34 -5.89 -14.30
N THR C 66 -56.72 -4.91 -13.67
CA THR C 66 -56.18 -3.75 -14.37
C THR C 66 -54.71 -3.98 -14.72
N VAL C 67 -54.42 -4.12 -16.01
CA VAL C 67 -53.07 -4.46 -16.45
C VAL C 67 -52.32 -3.20 -16.89
N HIS C 68 -51.20 -2.93 -16.24
CA HIS C 68 -50.38 -1.77 -16.59
C HIS C 68 -49.26 -2.18 -17.56
N VAL C 69 -49.33 -1.65 -18.78
CA VAL C 69 -48.47 -2.10 -19.85
C VAL C 69 -47.79 -0.91 -20.54
N ALA C 70 -46.53 -1.08 -20.92
CA ALA C 70 -45.77 -0.05 -21.63
C ALA C 70 -46.34 0.24 -23.01
N LYS C 71 -46.68 -0.82 -23.74
CA LYS C 71 -47.20 -0.70 -25.10
C LYS C 71 -48.59 -1.34 -25.22
N PRO C 72 -49.64 -0.58 -24.90
CA PRO C 72 -51.02 -1.07 -24.94
C PRO C 72 -51.47 -1.50 -26.34
N GLY C 73 -50.78 -1.01 -27.36
CA GLY C 73 -51.06 -1.40 -28.73
C GLY C 73 -50.87 -2.88 -28.96
N VAL C 74 -50.06 -3.52 -28.12
CA VAL C 74 -49.81 -4.94 -28.21
C VAL C 74 -50.96 -5.74 -27.57
N VAL C 75 -51.42 -5.29 -26.40
CA VAL C 75 -52.44 -6.03 -25.66
C VAL C 75 -53.81 -5.82 -26.28
N ILE C 76 -54.02 -4.69 -26.94
CA ILE C 76 -55.29 -4.46 -27.61
C ILE C 76 -55.41 -5.38 -28.83
N GLY C 77 -54.41 -5.33 -29.71
CA GLY C 77 -54.43 -6.14 -30.92
C GLY C 77 -54.95 -5.37 -32.12
N ARG C 78 -55.26 -6.09 -33.19
CA ARG C 78 -55.81 -5.45 -34.39
C ARG C 78 -57.34 -5.43 -34.28
N GLY C 79 -57.89 -4.22 -34.19
CA GLY C 79 -59.32 -4.05 -33.98
C GLY C 79 -59.78 -4.36 -32.57
N GLY C 80 -58.87 -4.88 -31.75
CA GLY C 80 -59.19 -5.24 -30.38
C GLY C 80 -59.62 -6.69 -30.17
N GLU C 81 -59.19 -7.59 -31.05
CA GLU C 81 -59.55 -9.00 -30.94
C GLU C 81 -58.71 -9.73 -29.89
N ARG C 82 -57.47 -9.28 -29.71
CA ARG C 82 -56.55 -9.88 -28.74
C ARG C 82 -57.13 -9.84 -27.34
N ILE C 83 -57.65 -8.68 -26.95
CA ILE C 83 -58.20 -8.48 -25.62
C ILE C 83 -59.43 -9.38 -25.42
N ARG C 84 -60.16 -9.63 -26.50
CA ARG C 84 -61.29 -10.55 -26.47
C ARG C 84 -60.82 -11.98 -26.20
N VAL C 85 -59.76 -12.38 -26.89
CA VAL C 85 -59.20 -13.72 -26.71
C VAL C 85 -58.70 -13.88 -25.27
N LEU C 86 -58.14 -12.81 -24.72
CA LEU C 86 -57.58 -12.85 -23.37
C LEU C 86 -58.69 -12.91 -22.31
N ARG C 87 -59.76 -12.15 -22.51
CA ARG C 87 -60.91 -12.27 -21.62
C ARG C 87 -61.52 -13.67 -21.73
N GLU C 88 -61.41 -14.27 -22.91
CA GLU C 88 -61.89 -15.62 -23.15
C GLU C 88 -61.10 -16.65 -22.34
N GLU C 89 -59.77 -16.62 -22.46
CA GLU C 89 -58.89 -17.51 -21.70
C GLU C 89 -59.05 -17.29 -20.20
N LEU C 90 -59.28 -16.03 -19.83
CA LEU C 90 -59.54 -15.67 -18.45
C LEU C 90 -60.83 -16.32 -17.93
N ALA C 91 -61.87 -16.32 -18.76
CA ALA C 91 -63.14 -16.93 -18.39
C ALA C 91 -63.03 -18.45 -18.35
N LYS C 92 -62.17 -19.02 -19.20
CA LYS C 92 -61.95 -20.46 -19.21
C LYS C 92 -61.13 -20.91 -18.00
N LEU C 93 -60.28 -20.02 -17.51
CA LEU C 93 -59.48 -20.31 -16.33
C LEU C 93 -60.38 -20.28 -15.10
N THR C 94 -60.91 -19.10 -14.81
CA THR C 94 -61.86 -18.92 -13.72
C THR C 94 -63.23 -18.62 -14.30
N GLY C 95 -64.26 -19.33 -13.82
CA GLY C 95 -65.59 -19.18 -14.36
C GLY C 95 -66.32 -17.93 -13.89
N LYS C 96 -65.60 -17.03 -13.24
CA LYS C 96 -66.20 -15.85 -12.61
C LYS C 96 -66.74 -14.84 -13.64
N ASN C 97 -66.31 -14.98 -14.90
CA ASN C 97 -66.77 -14.11 -15.99
C ASN C 97 -66.53 -12.64 -15.65
N VAL C 98 -65.27 -12.23 -15.68
CA VAL C 98 -64.90 -10.90 -15.20
C VAL C 98 -64.28 -10.02 -16.27
N ALA C 99 -64.00 -8.78 -15.91
CA ALA C 99 -63.59 -7.77 -16.88
C ALA C 99 -62.07 -7.54 -16.86
N LEU C 100 -61.61 -6.67 -17.75
CA LEU C 100 -60.19 -6.38 -17.89
C LEU C 100 -59.98 -4.94 -18.37
N ASN C 101 -58.95 -4.28 -17.84
CA ASN C 101 -58.62 -2.92 -18.21
C ASN C 101 -57.16 -2.80 -18.61
N VAL C 102 -56.85 -1.82 -19.47
CA VAL C 102 -55.47 -1.59 -19.89
C VAL C 102 -55.04 -0.18 -19.55
N GLN C 103 -54.01 -0.07 -18.71
CA GLN C 103 -53.44 1.23 -18.35
C GLN C 103 -52.07 1.39 -18.99
N GLU C 104 -51.95 2.39 -19.86
CA GLU C 104 -50.66 2.67 -20.49
C GLU C 104 -49.73 3.28 -19.45
N VAL C 105 -48.50 2.79 -19.43
CA VAL C 105 -47.48 3.30 -18.52
C VAL C 105 -46.69 4.41 -19.20
N GLN C 106 -46.78 5.62 -18.64
CA GLN C 106 -46.04 6.75 -19.19
C GLN C 106 -44.57 6.63 -18.78
N ASN C 107 -43.68 6.83 -19.74
CA ASN C 107 -42.25 6.69 -19.51
C ASN C 107 -41.90 5.33 -18.90
N PRO C 108 -41.88 4.27 -19.73
CA PRO C 108 -41.58 2.90 -19.30
C PRO C 108 -40.26 2.80 -18.52
N ASN C 109 -39.39 3.78 -18.69
CA ASN C 109 -38.11 3.79 -18.00
C ASN C 109 -38.20 4.24 -16.54
N LEU C 110 -39.37 4.69 -16.10
CA LEU C 110 -39.54 5.08 -14.71
C LEU C 110 -40.16 3.99 -13.83
N SER C 111 -40.55 2.88 -14.43
CA SER C 111 -41.07 1.74 -13.67
C SER C 111 -40.03 0.64 -13.68
N ALA C 112 -39.50 0.37 -12.49
CA ALA C 112 -38.36 -0.54 -12.32
C ALA C 112 -38.50 -1.92 -13.00
N PRO C 113 -39.69 -2.55 -12.94
CA PRO C 113 -39.79 -3.85 -13.63
C PRO C 113 -39.44 -3.80 -15.11
N LEU C 114 -39.84 -2.73 -15.79
CA LEU C 114 -39.55 -2.58 -17.20
C LEU C 114 -38.06 -2.36 -17.42
N VAL C 115 -37.44 -1.62 -16.52
CA VAL C 115 -36.01 -1.32 -16.58
C VAL C 115 -35.23 -2.63 -16.47
N ALA C 116 -35.54 -3.38 -15.42
CA ALA C 116 -34.90 -4.66 -15.18
C ALA C 116 -35.11 -5.60 -16.36
N GLN C 117 -36.31 -5.56 -16.93
CA GLN C 117 -36.63 -6.41 -18.08
C GLN C 117 -35.76 -6.05 -19.29
N ARG C 118 -35.55 -4.75 -19.50
CA ARG C 118 -34.71 -4.31 -20.61
C ARG C 118 -33.26 -4.75 -20.39
N VAL C 119 -32.73 -4.52 -19.19
CA VAL C 119 -31.36 -4.91 -18.88
C VAL C 119 -31.17 -6.40 -19.05
N ALA C 120 -32.17 -7.16 -18.63
CA ALA C 120 -32.15 -8.61 -18.77
C ALA C 120 -32.16 -9.03 -20.24
N GLU C 121 -33.03 -8.42 -21.03
CA GLU C 121 -33.04 -8.69 -22.47
C GLU C 121 -31.64 -8.47 -23.05
N GLN C 122 -31.07 -7.31 -22.74
CA GLN C 122 -29.74 -6.98 -23.20
C GLN C 122 -28.73 -8.07 -22.83
N ILE C 123 -28.77 -8.52 -21.57
CA ILE C 123 -27.85 -9.55 -21.10
C ILE C 123 -28.05 -10.87 -21.85
N GLU C 124 -29.30 -11.20 -22.18
CA GLU C 124 -29.60 -12.43 -22.89
C GLU C 124 -29.18 -12.36 -24.35
N ARG C 125 -29.06 -11.14 -24.87
CA ARG C 125 -28.61 -10.95 -26.26
C ARG C 125 -27.09 -10.82 -26.32
N ARG C 126 -26.44 -11.02 -25.16
CA ARG C 126 -24.99 -10.88 -24.98
C ARG C 126 -24.51 -9.45 -25.17
N PHE C 127 -25.24 -8.50 -24.60
CA PHE C 127 -24.78 -7.12 -24.55
C PHE C 127 -23.68 -7.00 -23.50
N ALA C 128 -23.07 -5.83 -23.39
CA ALA C 128 -22.04 -5.61 -22.39
C ALA C 128 -22.69 -5.16 -21.10
N VAL C 129 -22.55 -5.97 -20.06
CA VAL C 129 -23.33 -5.79 -18.84
C VAL C 129 -23.01 -4.49 -18.12
N ARG C 130 -21.73 -4.17 -17.96
CA ARG C 130 -21.35 -2.92 -17.30
C ARG C 130 -21.97 -1.72 -18.02
N ARG C 131 -21.78 -1.66 -19.34
CA ARG C 131 -22.33 -0.58 -20.13
C ARG C 131 -23.87 -0.60 -20.13
N ALA C 132 -24.45 -1.80 -20.14
CA ALA C 132 -25.91 -1.93 -20.13
C ALA C 132 -26.49 -1.34 -18.85
N ILE C 133 -25.83 -1.59 -17.73
CA ILE C 133 -26.24 -1.07 -16.44
C ILE C 133 -26.10 0.44 -16.40
N LYS C 134 -24.89 0.92 -16.70
CA LYS C 134 -24.64 2.36 -16.67
C LYS C 134 -25.64 3.09 -17.58
N GLN C 135 -25.90 2.52 -18.75
CA GLN C 135 -26.87 3.06 -19.69
C GLN C 135 -28.27 3.09 -19.12
N ALA C 136 -28.69 1.97 -18.53
CA ALA C 136 -30.02 1.88 -17.95
C ALA C 136 -30.24 2.94 -16.87
N VAL C 137 -29.25 3.07 -15.99
CA VAL C 137 -29.32 4.08 -14.95
C VAL C 137 -29.38 5.45 -15.59
N GLN C 138 -28.67 5.63 -16.70
CA GLN C 138 -28.69 6.91 -17.38
C GLN C 138 -30.07 7.25 -17.89
N ARG C 139 -30.72 6.27 -18.54
CA ARG C 139 -32.04 6.46 -19.12
C ARG C 139 -33.08 6.73 -18.03
N VAL C 140 -32.91 6.06 -16.89
CA VAL C 140 -33.81 6.26 -15.77
C VAL C 140 -33.62 7.66 -15.18
N MET C 141 -32.37 8.07 -14.99
CA MET C 141 -32.07 9.37 -14.40
C MET C 141 -32.47 10.55 -15.27
N GLU C 142 -32.28 10.42 -16.58
CA GLU C 142 -32.47 11.54 -17.51
C GLU C 142 -33.92 11.99 -17.60
N SER C 143 -34.85 11.14 -17.16
CA SER C 143 -36.24 11.54 -17.05
C SER C 143 -36.72 11.51 -15.59
N GLY C 144 -36.90 12.67 -14.96
CA GLY C 144 -37.26 12.74 -13.56
C GLY C 144 -36.30 12.01 -12.62
N ALA C 145 -36.86 11.12 -11.79
CA ALA C 145 -36.07 10.12 -11.07
C ALA C 145 -34.97 10.69 -10.18
N LYS C 146 -35.33 11.20 -9.00
CA LYS C 146 -34.36 11.78 -8.08
C LYS C 146 -33.24 10.80 -7.66
N GLY C 147 -33.41 9.51 -7.96
CA GLY C 147 -32.34 8.53 -7.80
C GLY C 147 -32.56 7.22 -8.55
N ALA C 148 -31.49 6.49 -8.82
CA ALA C 148 -31.62 5.19 -9.51
C ALA C 148 -30.47 4.22 -9.22
N LYS C 149 -30.78 2.92 -9.22
CA LYS C 149 -29.79 1.87 -9.00
C LYS C 149 -30.13 0.62 -9.82
N VAL C 150 -29.12 -0.03 -10.36
CA VAL C 150 -29.34 -1.30 -11.06
C VAL C 150 -28.29 -2.29 -10.57
N ILE C 151 -28.66 -3.56 -10.39
CA ILE C 151 -27.71 -4.58 -9.90
C ILE C 151 -27.79 -5.85 -10.73
N VAL C 152 -26.64 -6.33 -11.20
CA VAL C 152 -26.61 -7.61 -11.89
C VAL C 152 -25.78 -8.61 -11.09
N SER C 153 -26.26 -9.86 -11.07
CA SER C 153 -25.69 -10.94 -10.27
C SER C 153 -24.57 -11.69 -10.97
N GLY C 154 -24.21 -12.84 -10.41
CA GLY C 154 -23.07 -13.62 -10.88
C GLY C 154 -23.03 -14.15 -12.30
N ARG C 155 -21.83 -14.59 -12.70
CA ARG C 155 -21.52 -15.09 -14.05
C ARG C 155 -21.65 -14.00 -15.10
N ILE C 156 -21.23 -12.79 -14.75
CA ILE C 156 -21.23 -11.70 -15.71
C ILE C 156 -20.26 -12.01 -16.83
N GLY C 157 -20.75 -11.93 -18.07
CA GLY C 157 -19.92 -12.21 -19.22
C GLY C 157 -19.67 -13.69 -19.42
N GLY C 158 -20.47 -14.53 -18.75
CA GLY C 158 -20.31 -15.97 -18.85
C GLY C 158 -19.12 -16.47 -18.07
N ALA C 159 -18.56 -15.59 -17.24
CA ALA C 159 -17.36 -15.90 -16.47
C ALA C 159 -17.55 -17.11 -15.58
N GLU C 160 -16.48 -17.87 -15.36
CA GLU C 160 -16.54 -19.06 -14.53
C GLU C 160 -16.80 -18.67 -13.08
N GLN C 161 -16.30 -17.50 -12.69
CA GLN C 161 -16.51 -16.97 -11.34
C GLN C 161 -17.67 -15.98 -11.32
N ALA C 162 -18.57 -16.14 -10.36
CA ALA C 162 -19.68 -15.21 -10.21
C ALA C 162 -19.22 -13.85 -9.71
N ARG C 163 -19.82 -12.79 -10.21
CA ARG C 163 -19.46 -11.42 -9.83
C ARG C 163 -20.71 -10.59 -9.60
N THR C 164 -20.53 -9.40 -9.04
CA THR C 164 -21.65 -8.46 -8.89
C THR C 164 -21.27 -7.10 -9.49
N GLU C 165 -22.09 -6.62 -10.42
CA GLU C 165 -21.81 -5.33 -11.06
C GLU C 165 -22.85 -4.31 -10.63
N TRP C 166 -22.35 -3.17 -10.15
CA TRP C 166 -23.10 -2.30 -9.27
C TRP C 166 -23.68 -1.08 -9.97
N ALA C 167 -22.86 -0.05 -10.21
CA ALA C 167 -23.27 1.07 -11.05
C ALA C 167 -24.64 1.72 -10.74
N ALA C 168 -24.70 2.52 -9.67
CA ALA C 168 -25.90 3.32 -9.39
C ALA C 168 -25.58 4.81 -9.28
N GLN C 169 -26.59 5.67 -9.37
CA GLN C 169 -26.37 7.10 -9.13
C GLN C 169 -27.65 7.81 -8.66
N GLY C 170 -27.55 9.10 -8.35
CA GLY C 170 -28.66 9.81 -7.72
C GLY C 170 -28.79 9.49 -6.25
N ARG C 171 -30.01 9.35 -5.76
CA ARG C 171 -30.25 8.95 -4.38
C ARG C 171 -31.17 7.74 -4.27
N VAL C 172 -30.75 6.71 -3.54
CA VAL C 172 -31.62 5.56 -3.29
C VAL C 172 -31.61 5.28 -1.80
N PRO C 173 -32.43 6.01 -1.04
CA PRO C 173 -32.48 5.93 0.42
C PRO C 173 -33.36 4.80 0.94
N LEU C 174 -32.85 3.57 0.90
CA LEU C 174 -33.67 2.40 1.17
C LEU C 174 -34.26 2.40 2.58
N HIS C 175 -33.56 3.03 3.52
CA HIS C 175 -34.00 3.00 4.92
C HIS C 175 -35.07 4.05 5.23
N THR C 176 -35.29 4.99 4.31
CA THR C 176 -36.31 6.02 4.50
C THR C 176 -37.67 5.45 4.16
N LEU C 177 -38.57 5.45 5.14
CA LEU C 177 -39.90 4.88 4.96
C LEU C 177 -40.74 5.66 3.96
N ARG C 178 -40.60 6.98 3.96
CA ARG C 178 -41.45 7.82 3.15
C ARG C 178 -40.97 7.88 1.69
N ALA C 179 -39.86 7.21 1.41
CA ALA C 179 -39.16 7.32 0.12
C ALA C 179 -40.01 7.18 -1.15
N ASN C 180 -40.82 6.12 -1.21
CA ASN C 180 -41.48 5.71 -2.46
C ASN C 180 -40.45 5.38 -3.54
N ILE C 181 -39.80 4.23 -3.37
CA ILE C 181 -38.92 3.69 -4.39
C ILE C 181 -39.64 2.57 -5.14
N ASP C 182 -39.51 2.55 -6.46
CA ASP C 182 -39.99 1.43 -7.24
C ASP C 182 -38.89 0.38 -7.29
N TYR C 183 -39.26 -0.87 -7.11
CA TYR C 183 -38.31 -1.97 -7.18
C TYR C 183 -38.78 -2.96 -8.21
N GLY C 184 -37.85 -3.57 -8.92
CA GLY C 184 -38.21 -4.55 -9.92
C GLY C 184 -37.14 -5.58 -10.11
N PHE C 185 -37.54 -6.75 -10.57
CA PHE C 185 -36.61 -7.86 -10.70
C PHE C 185 -36.82 -8.67 -11.96
N ALA C 186 -35.74 -8.88 -12.69
CA ALA C 186 -35.78 -9.67 -13.91
C ALA C 186 -34.73 -10.77 -13.86
N LEU C 187 -35.02 -11.90 -14.50
CA LEU C 187 -33.98 -12.91 -14.66
C LEU C 187 -33.33 -12.79 -16.02
N ALA C 188 -32.26 -13.56 -16.21
CA ALA C 188 -31.70 -13.76 -17.52
C ALA C 188 -31.35 -15.23 -17.64
N ARG C 189 -31.99 -15.92 -18.56
CA ARG C 189 -31.67 -17.30 -18.82
C ARG C 189 -30.67 -17.32 -19.96
N THR C 190 -29.43 -17.70 -19.65
CA THR C 190 -28.38 -17.73 -20.67
C THR C 190 -27.89 -19.16 -20.85
N THR C 191 -26.97 -19.35 -21.77
CA THR C 191 -26.44 -20.69 -22.04
C THR C 191 -25.60 -21.15 -20.87
N TYR C 192 -24.93 -20.20 -20.22
CA TYR C 192 -24.02 -20.52 -19.13
C TYR C 192 -24.72 -20.52 -17.78
N GLY C 193 -25.94 -20.02 -17.71
CA GLY C 193 -26.64 -19.97 -16.44
C GLY C 193 -27.63 -18.83 -16.28
N VAL C 194 -27.93 -18.50 -15.03
CA VAL C 194 -28.94 -17.50 -14.71
C VAL C 194 -28.31 -16.23 -14.13
N LEU C 195 -28.84 -15.07 -14.53
CA LEU C 195 -28.37 -13.80 -14.00
C LEU C 195 -29.52 -13.05 -13.34
N GLY C 196 -29.34 -12.64 -12.09
CA GLY C 196 -30.35 -11.83 -11.43
C GLY C 196 -30.20 -10.35 -11.72
N VAL C 197 -31.32 -9.64 -11.87
CA VAL C 197 -31.28 -8.21 -12.16
C VAL C 197 -32.26 -7.44 -11.28
N LYS C 198 -31.73 -6.51 -10.49
CA LYS C 198 -32.56 -5.68 -9.63
C LYS C 198 -32.55 -4.23 -10.08
N ALA C 199 -33.68 -3.56 -9.94
CA ALA C 199 -33.80 -2.16 -10.32
C ALA C 199 -34.51 -1.33 -9.26
N TYR C 200 -33.81 -0.32 -8.75
CA TYR C 200 -34.37 0.65 -7.81
C TYR C 200 -34.54 2.00 -8.49
N ILE C 201 -35.71 2.62 -8.32
CA ILE C 201 -35.92 3.97 -8.85
C ILE C 201 -36.58 4.84 -7.79
N PHE C 202 -35.87 5.87 -7.37
CA PHE C 202 -36.35 6.81 -6.35
C PHE C 202 -36.95 8.05 -6.99
N LEU C 203 -38.27 8.19 -6.85
CA LEU C 203 -39.00 9.30 -7.44
C LEU C 203 -39.83 10.02 -6.40
N GLY C 204 -39.49 11.27 -6.13
CA GLY C 204 -40.20 12.07 -5.15
C GLY C 204 -39.98 11.56 -3.74
N GLU C 205 -40.43 12.31 -2.73
CA GLU C 205 -40.23 11.84 -1.38
C GLU C 205 -41.54 11.68 -0.60
N VAL C 206 -42.11 12.77 -0.10
CA VAL C 206 -43.18 12.65 0.90
C VAL C 206 -44.44 12.06 0.29
N ILE C 207 -44.90 10.96 0.88
N GLY D 1 5.52 -19.95 -55.34
CA GLY D 1 4.50 -19.63 -54.34
C GLY D 1 3.41 -18.72 -54.86
N ARG D 2 3.61 -17.42 -54.69
CA ARG D 2 2.68 -16.35 -55.14
C ARG D 2 1.21 -16.67 -54.86
N TYR D 3 0.92 -17.02 -53.60
CA TYR D 3 -0.39 -17.51 -53.20
C TYR D 3 -0.80 -18.77 -53.99
N ILE D 4 -1.77 -18.61 -54.91
CA ILE D 4 -2.57 -19.72 -55.46
C ILE D 4 -3.53 -20.28 -54.41
N GLY D 5 -4.55 -19.49 -54.11
CA GLY D 5 -5.62 -19.89 -53.22
C GLY D 5 -6.84 -19.01 -53.37
N PRO D 6 -7.80 -19.12 -52.44
CA PRO D 6 -8.97 -18.23 -52.46
C PRO D 6 -8.55 -16.79 -52.27
N VAL D 7 -9.01 -15.92 -53.15
CA VAL D 7 -8.57 -14.53 -53.16
C VAL D 7 -9.56 -13.62 -52.44
N CYS D 8 -10.82 -13.58 -52.88
CA CYS D 8 -11.83 -12.69 -52.29
C CYS D 8 -11.95 -12.89 -50.77
N ARG D 9 -11.47 -14.03 -50.28
CA ARG D 9 -11.29 -14.22 -48.84
C ARG D 9 -10.35 -13.14 -48.27
N LEU D 10 -9.36 -12.71 -49.05
CA LEU D 10 -8.44 -11.66 -48.60
C LEU D 10 -9.10 -10.30 -48.71
N CYS D 11 -9.93 -10.12 -49.76
CA CYS D 11 -10.82 -8.97 -49.84
C CYS D 11 -11.45 -8.84 -48.45
N ARG D 12 -11.94 -9.96 -47.92
CA ARG D 12 -12.66 -9.97 -46.65
C ARG D 12 -11.80 -9.77 -45.39
N ARG D 13 -10.62 -10.38 -45.37
CA ARG D 13 -9.75 -10.24 -44.20
C ARG D 13 -9.18 -8.83 -44.08
N GLU D 14 -8.81 -8.22 -45.20
CA GLU D 14 -8.21 -6.89 -45.14
C GLU D 14 -9.26 -5.82 -44.90
N GLY D 15 -10.54 -6.20 -44.97
CA GLY D 15 -11.63 -5.27 -44.68
C GLY D 15 -11.86 -4.21 -45.74
N VAL D 16 -11.05 -4.25 -46.79
CA VAL D 16 -11.20 -3.34 -47.93
C VAL D 16 -11.36 -4.18 -49.17
N LYS D 17 -12.09 -3.65 -50.16
CA LYS D 17 -12.26 -4.37 -51.40
C LYS D 17 -10.97 -4.29 -52.23
N LEU D 18 -10.37 -5.44 -52.49
CA LEU D 18 -9.21 -5.54 -53.35
C LEU D 18 -9.68 -6.14 -54.66
N TYR D 19 -9.02 -5.80 -55.75
CA TYR D 19 -9.35 -6.50 -56.96
C TYR D 19 -8.18 -7.40 -57.30
N LEU D 20 -8.30 -8.68 -56.95
CA LEU D 20 -7.36 -9.70 -57.40
C LEU D 20 -7.98 -10.54 -58.51
N LYS D 21 -9.28 -10.34 -58.72
CA LYS D 21 -10.02 -11.16 -59.67
C LYS D 21 -10.28 -10.49 -61.01
N GLY D 22 -9.84 -9.26 -61.17
CA GLY D 22 -10.25 -8.53 -62.35
C GLY D 22 -11.73 -8.24 -62.28
N GLU D 23 -12.49 -8.76 -63.25
CA GLU D 23 -13.94 -8.54 -63.29
C GLU D 23 -14.59 -9.27 -62.11
N ARG D 24 -15.91 -9.14 -61.96
CA ARG D 24 -16.70 -9.78 -60.89
C ARG D 24 -16.36 -9.21 -59.50
N CYS D 25 -15.19 -8.59 -59.36
CA CYS D 25 -14.89 -7.84 -58.15
C CYS D 25 -15.60 -6.51 -58.37
N TYR D 26 -15.87 -6.20 -59.63
CA TYR D 26 -16.75 -5.09 -60.01
C TYR D 26 -18.23 -5.49 -59.95
N SER D 27 -18.54 -6.71 -60.36
CA SER D 27 -19.90 -7.24 -60.29
C SER D 27 -20.31 -7.40 -58.84
N PRO D 28 -21.62 -7.29 -58.55
CA PRO D 28 -21.97 -7.43 -57.14
C PRO D 28 -22.02 -8.89 -56.69
N LYS D 29 -21.03 -9.66 -57.11
CA LYS D 29 -20.78 -10.98 -56.54
C LYS D 29 -19.56 -11.03 -55.63
N CYS D 30 -18.84 -9.91 -55.45
CA CYS D 30 -17.47 -9.93 -54.90
C CYS D 30 -17.36 -10.59 -53.54
N ALA D 31 -18.51 -10.71 -52.87
CA ALA D 31 -18.65 -11.31 -51.54
C ALA D 31 -18.01 -10.43 -50.48
N MET D 32 -17.21 -9.47 -50.92
CA MET D 32 -16.81 -8.36 -50.07
C MET D 32 -18.01 -7.44 -50.05
N GLU D 33 -18.84 -7.59 -51.07
CA GLU D 33 -20.11 -6.90 -51.16
C GLU D 33 -21.11 -7.52 -50.18
N ARG D 34 -21.27 -8.84 -50.23
CA ARG D 34 -22.28 -9.50 -49.43
C ARG D 34 -21.84 -10.08 -48.07
N ARG D 35 -20.53 -10.17 -47.84
CA ARG D 35 -20.01 -10.65 -46.55
C ARG D 35 -18.76 -9.88 -46.13
N PRO D 36 -18.90 -8.57 -45.89
CA PRO D 36 -17.73 -7.69 -45.65
C PRO D 36 -16.90 -8.09 -44.42
N TYR D 37 -17.47 -8.92 -43.55
CA TYR D 37 -16.75 -9.40 -42.39
C TYR D 37 -15.69 -10.44 -42.76
N PRO D 38 -14.63 -10.56 -41.93
CA PRO D 38 -13.50 -11.46 -42.17
C PRO D 38 -13.87 -12.94 -42.35
N PRO D 39 -12.98 -13.73 -42.96
CA PRO D 39 -13.24 -15.16 -43.22
C PRO D 39 -13.13 -16.01 -41.97
N GLY D 40 -13.77 -17.17 -41.98
CA GLY D 40 -13.66 -18.10 -40.88
C GLY D 40 -14.85 -18.16 -39.94
N GLN D 41 -14.72 -19.01 -38.93
CA GLN D 41 -15.79 -19.26 -37.98
C GLN D 41 -16.14 -18.03 -37.15
N HIS D 42 -15.11 -17.28 -36.77
CA HIS D 42 -15.26 -16.17 -35.83
C HIS D 42 -15.38 -14.81 -36.50
N GLY D 43 -15.42 -14.81 -37.83
CA GLY D 43 -15.45 -13.58 -38.59
C GLY D 43 -16.51 -12.55 -38.23
N GLN D 44 -17.68 -13.02 -37.79
CA GLN D 44 -18.79 -12.12 -37.52
C GLN D 44 -18.80 -11.60 -36.09
N LYS D 45 -17.90 -12.11 -35.25
CA LYS D 45 -17.82 -11.66 -33.86
C LYS D 45 -17.10 -10.31 -33.74
N ARG D 46 -17.39 -9.58 -32.67
CA ARG D 46 -16.81 -8.26 -32.43
C ARG D 46 -15.29 -8.32 -32.33
N ALA D 47 -14.61 -7.53 -33.15
CA ALA D 47 -13.15 -7.53 -33.15
C ALA D 47 -12.63 -6.69 -32.00
N ARG D 48 -11.59 -7.20 -31.33
CA ARG D 48 -10.95 -6.47 -30.26
C ARG D 48 -10.03 -5.41 -30.86
N ARG D 49 -9.84 -4.32 -30.13
CA ARG D 49 -9.00 -3.22 -30.61
C ARG D 49 -7.60 -3.75 -30.89
N PRO D 50 -7.20 -3.70 -32.17
CA PRO D 50 -5.94 -4.30 -32.61
C PRO D 50 -4.71 -3.59 -32.06
N SER D 51 -3.64 -4.35 -31.87
CA SER D 51 -2.37 -3.79 -31.43
C SER D 51 -1.82 -2.90 -32.51
N ASP D 52 -0.92 -2.00 -32.16
CA ASP D 52 -0.23 -1.18 -33.15
C ASP D 52 0.40 -2.11 -34.17
N TYR D 53 1.09 -3.13 -33.66
CA TYR D 53 1.69 -4.15 -34.52
C TYR D 53 0.67 -4.78 -35.46
N ALA D 54 -0.52 -5.07 -34.93
CA ALA D 54 -1.57 -5.67 -35.74
C ALA D 54 -1.88 -4.77 -36.94
N VAL D 55 -2.07 -3.49 -36.66
CA VAL D 55 -2.40 -2.52 -37.69
C VAL D 55 -1.33 -2.47 -38.77
N ARG D 56 -0.07 -2.38 -38.34
CA ARG D 56 1.04 -2.33 -39.29
C ARG D 56 1.12 -3.60 -40.14
N LEU D 57 1.07 -4.74 -39.46
CA LEU D 57 1.10 -6.03 -40.12
C LEU D 57 0.03 -6.08 -41.19
N ARG D 58 -1.20 -5.74 -40.81
CA ARG D 58 -2.33 -5.87 -41.71
C ARG D 58 -2.23 -4.90 -42.88
N GLU D 59 -1.65 -3.73 -42.65
CA GLU D 59 -1.49 -2.74 -43.71
C GLU D 59 -0.48 -3.23 -44.74
N LYS D 60 0.65 -3.72 -44.26
CA LYS D 60 1.67 -4.27 -45.15
C LYS D 60 1.14 -5.48 -45.92
N GLN D 61 0.38 -6.33 -45.25
CA GLN D 61 -0.21 -7.49 -45.90
C GLN D 61 -1.17 -7.06 -47.00
N LYS D 62 -1.91 -6.00 -46.72
CA LYS D 62 -2.79 -5.40 -47.71
C LYS D 62 -1.99 -5.03 -48.96
N LEU D 63 -0.96 -4.21 -48.73
CA LEU D 63 -0.12 -3.68 -49.81
C LEU D 63 0.53 -4.80 -50.63
N ARG D 64 0.94 -5.87 -49.94
CA ARG D 64 1.62 -6.98 -50.59
C ARG D 64 0.65 -7.81 -51.42
N ARG D 65 -0.48 -8.14 -50.81
CA ARG D 65 -1.48 -8.99 -51.44
C ARG D 65 -2.11 -8.30 -52.63
N ILE D 66 -2.09 -6.96 -52.65
CA ILE D 66 -2.60 -6.23 -53.80
C ILE D 66 -1.81 -6.60 -55.05
N TYR D 67 -0.49 -6.68 -54.93
CA TYR D 67 0.38 -6.95 -56.07
C TYR D 67 0.68 -8.44 -56.24
N GLY D 68 0.21 -9.25 -55.29
CA GLY D 68 0.40 -10.69 -55.33
C GLY D 68 1.85 -11.12 -55.41
N ILE D 69 2.67 -10.54 -54.53
CA ILE D 69 4.10 -10.80 -54.53
C ILE D 69 4.49 -11.50 -53.25
N SER D 70 5.46 -12.41 -53.32
CA SER D 70 5.91 -13.13 -52.14
C SER D 70 6.58 -12.18 -51.17
N GLU D 71 6.53 -12.53 -49.89
CA GLU D 71 7.12 -11.68 -48.87
C GLU D 71 8.61 -11.47 -49.14
N ARG D 72 9.29 -12.48 -49.67
CA ARG D 72 10.72 -12.35 -49.95
C ARG D 72 10.99 -11.25 -50.95
N GLN D 73 10.37 -11.35 -52.13
CA GLN D 73 10.51 -10.33 -53.17
C GLN D 73 10.11 -8.95 -52.65
N PHE D 74 9.03 -8.94 -51.87
CA PHE D 74 8.50 -7.72 -51.29
C PHE D 74 9.53 -7.03 -50.38
N ARG D 75 10.09 -7.81 -49.46
CA ARG D 75 11.10 -7.35 -48.51
C ARG D 75 12.30 -6.82 -49.27
N ASN D 76 12.76 -7.59 -50.25
CA ASN D 76 13.91 -7.22 -51.06
C ASN D 76 13.68 -5.87 -51.74
N LEU D 77 12.49 -5.71 -52.32
CA LEU D 77 12.14 -4.47 -52.97
C LEU D 77 12.14 -3.31 -52.00
N PHE D 78 11.54 -3.52 -50.83
CA PHE D 78 11.47 -2.46 -49.84
C PHE D 78 12.87 -2.02 -49.38
N GLU D 79 13.74 -2.99 -49.09
CA GLU D 79 15.06 -2.65 -48.60
C GLU D 79 15.84 -1.94 -49.70
N GLU D 80 15.65 -2.42 -50.93
CA GLU D 80 16.26 -1.78 -52.08
C GLU D 80 15.85 -0.31 -52.16
N ALA D 81 14.57 -0.06 -52.02
CA ALA D 81 14.05 1.30 -52.07
C ALA D 81 14.53 2.13 -50.87
N SER D 82 14.80 1.46 -49.77
CA SER D 82 15.28 2.11 -48.57
C SER D 82 16.71 2.60 -48.77
N LYS D 83 17.54 1.78 -49.39
CA LYS D 83 18.93 2.17 -49.70
C LYS D 83 18.97 3.35 -50.68
N LYS D 84 17.93 3.47 -51.50
CA LYS D 84 17.88 4.46 -52.59
C LYS D 84 17.72 5.90 -52.11
N LYS D 85 18.06 6.84 -52.99
CA LYS D 85 17.77 8.25 -52.75
C LYS D 85 16.27 8.49 -52.88
N GLY D 86 15.79 9.56 -52.26
CA GLY D 86 14.38 9.91 -52.32
C GLY D 86 13.57 9.34 -51.17
N VAL D 87 12.30 9.73 -51.09
CA VAL D 87 11.43 9.24 -50.03
C VAL D 87 11.20 7.74 -50.20
N THR D 88 11.43 6.99 -49.13
CA THR D 88 11.35 5.53 -49.17
C THR D 88 9.98 4.99 -49.58
N GLY D 89 8.90 5.58 -49.06
CA GLY D 89 7.56 5.11 -49.37
C GLY D 89 7.19 5.23 -50.84
N SER D 90 7.33 6.44 -51.37
CA SER D 90 6.98 6.70 -52.76
C SER D 90 7.84 5.87 -53.71
N VAL D 91 9.13 5.76 -53.40
CA VAL D 91 10.04 4.99 -54.23
C VAL D 91 9.68 3.51 -54.19
N PHE D 92 9.28 3.03 -53.01
CA PHE D 92 8.77 1.66 -52.86
C PHE D 92 7.62 1.43 -53.82
N LEU D 93 6.58 2.28 -53.72
CA LEU D 93 5.41 2.15 -54.57
C LEU D 93 5.80 2.19 -56.05
N GLY D 94 6.71 3.10 -56.38
CA GLY D 94 7.20 3.24 -57.74
C GLY D 94 7.85 1.96 -58.25
N LEU D 95 8.61 1.32 -57.38
CA LEU D 95 9.30 0.07 -57.73
C LEU D 95 8.32 -1.07 -57.92
N LEU D 96 7.29 -1.08 -57.08
CA LEU D 96 6.21 -2.06 -57.22
C LEU D 96 5.45 -1.88 -58.52
N GLU D 97 5.24 -0.64 -58.91
CA GLU D 97 4.46 -0.32 -60.10
C GLU D 97 5.28 -0.52 -61.37
N SER D 98 6.57 -0.79 -61.20
CA SER D 98 7.47 -0.98 -62.33
C SER D 98 7.54 -2.44 -62.77
N ARG D 99 6.91 -3.32 -62.00
CA ARG D 99 6.93 -4.74 -62.33
C ARG D 99 6.19 -4.98 -63.62
N LEU D 100 6.73 -5.87 -64.45
CA LEU D 100 6.16 -6.13 -65.77
C LEU D 100 4.72 -6.62 -65.68
N ASP D 101 4.47 -7.56 -64.78
CA ASP D 101 3.13 -8.08 -64.58
C ASP D 101 2.16 -6.94 -64.27
N ASN D 102 2.56 -6.08 -63.33
CA ASN D 102 1.73 -4.96 -62.93
C ASN D 102 1.49 -4.01 -64.09
N VAL D 103 2.51 -3.81 -64.93
CA VAL D 103 2.38 -2.87 -66.04
C VAL D 103 1.40 -3.43 -67.06
N VAL D 104 1.52 -4.72 -67.32
CA VAL D 104 0.62 -5.42 -68.24
C VAL D 104 -0.80 -5.28 -67.75
N TYR D 105 -1.00 -5.41 -66.44
CA TYR D 105 -2.34 -5.24 -65.87
C TYR D 105 -2.83 -3.81 -66.01
N ARG D 106 -1.95 -2.85 -65.68
CA ARG D 106 -2.28 -1.43 -65.73
C ARG D 106 -2.68 -1.00 -67.14
N LEU D 107 -1.99 -1.53 -68.15
CA LEU D 107 -2.26 -1.20 -69.55
C LEU D 107 -3.53 -1.87 -70.04
N GLY D 108 -4.06 -2.79 -69.25
CA GLY D 108 -5.32 -3.43 -69.57
C GLY D 108 -5.22 -4.57 -70.58
N PHE D 109 -4.03 -5.16 -70.71
CA PHE D 109 -3.87 -6.36 -71.52
C PHE D 109 -4.50 -7.51 -70.76
N ALA D 110 -4.55 -7.35 -69.43
CA ALA D 110 -5.17 -8.33 -68.57
C ALA D 110 -6.16 -7.67 -67.62
N VAL D 111 -7.20 -8.40 -67.26
CA VAL D 111 -8.23 -7.86 -66.39
C VAL D 111 -7.78 -7.91 -64.94
N SER D 112 -6.93 -8.87 -64.60
CA SER D 112 -6.40 -9.00 -63.24
C SER D 112 -4.89 -9.07 -63.27
N ARG D 113 -4.26 -8.88 -62.11
CA ARG D 113 -2.81 -8.95 -62.04
C ARG D 113 -2.30 -10.37 -62.24
N ARG D 114 -3.02 -11.33 -61.69
CA ARG D 114 -2.64 -12.74 -61.79
C ARG D 114 -2.67 -13.20 -63.24
N GLN D 115 -3.75 -12.83 -63.93
CA GLN D 115 -3.89 -13.13 -65.35
C GLN D 115 -2.73 -12.52 -66.13
N ALA D 116 -2.33 -11.33 -65.72
CA ALA D 116 -1.20 -10.66 -66.35
C ALA D 116 0.07 -11.47 -66.14
N ARG D 117 0.26 -11.99 -64.92
CA ARG D 117 1.42 -12.80 -64.62
C ARG D 117 1.45 -14.02 -65.51
N GLN D 118 0.29 -14.62 -65.75
CA GLN D 118 0.23 -15.77 -66.64
C GLN D 118 0.64 -15.34 -68.05
N LEU D 119 0.10 -14.20 -68.49
CA LEU D 119 0.40 -13.66 -69.81
C LEU D 119 1.89 -13.41 -70.03
N VAL D 120 2.57 -12.99 -68.96
CA VAL D 120 4.00 -12.75 -69.05
C VAL D 120 4.75 -14.08 -69.11
N ARG D 121 4.46 -14.97 -68.16
CA ARG D 121 5.15 -16.26 -68.08
C ARG D 121 5.00 -17.11 -69.34
N HIS D 122 3.91 -16.90 -70.08
CA HIS D 122 3.63 -17.68 -71.27
C HIS D 122 4.09 -17.00 -72.56
N GLY D 123 4.76 -15.86 -72.42
CA GLY D 123 5.41 -15.23 -73.56
C GLY D 123 4.53 -14.44 -74.51
N HIS D 124 3.37 -14.02 -74.02
CA HIS D 124 2.46 -13.23 -74.83
C HIS D 124 2.83 -11.76 -74.81
N ILE D 125 3.85 -11.43 -74.01
CA ILE D 125 4.25 -10.04 -73.85
C ILE D 125 5.66 -9.80 -74.35
N THR D 126 5.85 -8.66 -75.01
CA THR D 126 7.17 -8.24 -75.45
C THR D 126 7.54 -6.91 -74.81
N VAL D 127 8.84 -6.71 -74.63
CA VAL D 127 9.36 -5.44 -74.16
C VAL D 127 10.33 -4.93 -75.21
N ASN D 128 9.99 -3.78 -75.81
CA ASN D 128 10.79 -3.19 -76.87
C ASN D 128 10.92 -4.15 -78.05
N GLY D 129 9.97 -5.05 -78.20
CA GLY D 129 9.98 -5.99 -79.30
C GLY D 129 10.56 -7.36 -78.98
N ARG D 130 11.34 -7.45 -77.90
CA ARG D 130 11.88 -8.72 -77.45
C ARG D 130 10.94 -9.34 -76.41
N ARG D 131 10.75 -10.66 -76.49
CA ARG D 131 9.87 -11.36 -75.55
C ARG D 131 10.46 -11.41 -74.15
N VAL D 132 9.64 -11.13 -73.13
CA VAL D 132 10.08 -11.23 -71.74
C VAL D 132 9.06 -12.02 -70.91
N ASP D 133 9.47 -13.19 -70.39
CA ASP D 133 8.57 -14.06 -69.64
C ASP D 133 8.67 -13.93 -68.12
N LEU D 134 9.49 -12.99 -67.64
CA LEU D 134 9.61 -12.74 -66.20
C LEU D 134 8.67 -11.64 -65.73
N PRO D 135 7.76 -11.98 -64.80
CA PRO D 135 6.79 -11.01 -64.30
C PRO D 135 7.46 -9.96 -63.44
N SER D 136 8.61 -10.32 -62.90
CA SER D 136 9.37 -9.44 -62.01
C SER D 136 10.25 -8.47 -62.77
N TYR D 137 10.24 -8.58 -64.11
CA TYR D 137 11.05 -7.71 -64.95
C TYR D 137 10.73 -6.25 -64.66
N ARG D 138 11.77 -5.46 -64.39
CA ARG D 138 11.59 -4.04 -64.11
C ARG D 138 11.52 -3.21 -65.37
N VAL D 139 10.40 -2.53 -65.56
CA VAL D 139 10.25 -1.68 -66.73
C VAL D 139 10.91 -0.34 -66.43
N ARG D 140 11.54 0.24 -67.45
CA ARG D 140 12.18 1.54 -67.32
C ARG D 140 11.40 2.53 -68.16
N PRO D 141 11.46 3.82 -67.80
CA PRO D 141 10.79 4.84 -68.60
C PRO D 141 11.34 4.90 -70.04
N GLY D 142 10.43 4.88 -71.01
CA GLY D 142 10.81 4.84 -72.41
C GLY D 142 10.57 3.49 -73.06
N ASP D 143 10.31 2.47 -72.24
CA ASP D 143 10.12 1.12 -72.74
C ASP D 143 8.72 0.93 -73.32
N GLU D 144 8.66 0.22 -74.45
CA GLU D 144 7.39 -0.10 -75.09
C GLU D 144 7.00 -1.54 -74.82
N ILE D 145 5.95 -1.70 -74.01
CA ILE D 145 5.40 -3.01 -73.67
C ILE D 145 4.30 -3.36 -74.64
N ALA D 146 4.55 -4.38 -75.46
CA ALA D 146 3.60 -4.76 -76.50
C ALA D 146 3.12 -6.19 -76.31
N VAL D 147 2.23 -6.62 -77.21
CA VAL D 147 1.72 -7.99 -77.20
C VAL D 147 2.42 -8.77 -78.31
N ALA D 148 2.69 -10.04 -78.05
CA ALA D 148 3.31 -10.90 -79.05
C ALA D 148 2.47 -10.97 -80.31
N GLU D 149 3.12 -10.79 -81.46
CA GLU D 149 2.42 -10.74 -82.74
C GLU D 149 1.64 -12.02 -82.97
N LYS D 150 2.17 -13.12 -82.46
CA LYS D 150 1.56 -14.43 -82.64
C LYS D 150 0.43 -14.63 -81.64
N SER D 151 0.44 -13.83 -80.58
CA SER D 151 -0.59 -13.91 -79.56
C SER D 151 -1.74 -12.94 -79.80
N ARG D 152 -1.58 -12.05 -80.77
CA ARG D 152 -2.57 -10.99 -81.00
C ARG D 152 -3.90 -11.53 -81.50
N ASN D 153 -3.89 -12.77 -82.00
CA ASN D 153 -5.10 -13.40 -82.50
C ASN D 153 -5.80 -14.22 -81.42
N LEU D 154 -5.26 -14.18 -80.20
CA LEU D 154 -5.84 -14.93 -79.08
C LEU D 154 -7.12 -14.29 -78.56
N GLU D 155 -8.10 -15.14 -78.25
CA GLU D 155 -9.44 -14.70 -77.87
C GLU D 155 -9.43 -13.80 -76.65
N LEU D 156 -8.64 -14.17 -75.64
CA LEU D 156 -8.56 -13.39 -74.41
C LEU D 156 -8.11 -11.96 -74.68
N ILE D 157 -7.08 -11.80 -75.49
CA ILE D 157 -6.51 -10.49 -75.76
C ILE D 157 -7.49 -9.68 -76.61
N ARG D 158 -8.20 -10.36 -77.50
CA ARG D 158 -9.30 -9.72 -78.22
C ARG D 158 -10.30 -9.11 -77.23
N GLN D 159 -10.81 -9.93 -76.30
CA GLN D 159 -11.79 -9.47 -75.31
C GLN D 159 -11.26 -8.29 -74.52
N ASN D 160 -10.05 -8.44 -74.01
CA ASN D 160 -9.46 -7.46 -73.10
C ASN D 160 -9.20 -6.13 -73.79
N LEU D 161 -8.69 -6.17 -75.01
CA LEU D 161 -8.36 -4.92 -75.69
C LEU D 161 -9.58 -4.28 -76.36
N GLU D 162 -10.60 -5.08 -76.65
CA GLU D 162 -11.83 -4.53 -77.19
C GLU D 162 -12.53 -3.74 -76.10
N ALA D 163 -12.39 -4.22 -74.87
CA ALA D 163 -12.93 -3.53 -73.71
C ALA D 163 -12.16 -2.24 -73.46
N MET D 164 -10.86 -2.25 -73.78
CA MET D 164 -9.99 -1.12 -73.50
C MET D 164 -10.23 0.07 -74.42
N LYS D 165 -11.02 -0.14 -75.46
CA LYS D 165 -11.38 0.96 -76.35
C LYS D 165 -12.35 1.89 -75.62
N GLY D 166 -11.95 3.15 -75.49
CA GLY D 166 -12.76 4.12 -74.77
C GLY D 166 -12.31 4.34 -73.34
N ARG D 167 -11.50 3.43 -72.82
CA ARG D 167 -10.99 3.54 -71.45
C ARG D 167 -9.68 4.32 -71.40
N LYS D 168 -9.54 5.11 -70.33
CA LYS D 168 -8.34 5.94 -70.15
C LYS D 168 -7.30 5.21 -69.30
N VAL D 169 -6.03 5.43 -69.62
CA VAL D 169 -4.94 4.75 -68.94
C VAL D 169 -4.18 5.75 -68.07
N GLY D 170 -3.59 5.26 -66.97
CA GLY D 170 -2.91 6.09 -66.00
C GLY D 170 -1.89 7.03 -66.61
N PRO D 171 -1.76 8.24 -66.02
CA PRO D 171 -0.95 9.35 -66.54
C PRO D 171 0.48 8.96 -66.92
N TRP D 172 1.06 7.99 -66.24
CA TRP D 172 2.44 7.58 -66.52
C TRP D 172 2.50 6.50 -67.59
N LEU D 173 1.35 6.15 -68.14
CA LEU D 173 1.27 5.15 -69.20
C LEU D 173 0.57 5.70 -70.44
N SER D 174 1.03 5.28 -71.60
CA SER D 174 0.33 5.59 -72.84
C SER D 174 -0.09 4.28 -73.49
N LEU D 175 -1.20 4.29 -74.21
CA LEU D 175 -1.69 3.07 -74.82
C LEU D 175 -2.16 3.25 -76.27
N ASP D 176 -1.55 2.48 -77.15
CA ASP D 176 -2.01 2.33 -78.52
C ASP D 176 -2.73 0.99 -78.64
N VAL D 177 -4.05 1.06 -78.76
CA VAL D 177 -4.88 -0.14 -78.68
C VAL D 177 -4.83 -0.94 -79.97
N GLU D 178 -4.87 -0.24 -81.10
CA GLU D 178 -4.93 -0.89 -82.40
C GLU D 178 -3.72 -1.79 -82.65
N GLY D 179 -2.54 -1.28 -82.35
CA GLY D 179 -1.31 -2.06 -82.48
C GLY D 179 -1.04 -2.96 -81.29
N MET D 180 -1.90 -2.83 -80.28
CA MET D 180 -1.80 -3.60 -79.04
C MET D 180 -0.46 -3.37 -78.34
N LYS D 181 -0.03 -2.12 -78.29
CA LYS D 181 1.22 -1.77 -77.63
C LYS D 181 1.02 -0.59 -76.70
N GLY D 182 1.93 -0.39 -75.75
CA GLY D 182 1.82 0.72 -74.83
C GLY D 182 3.19 1.18 -74.34
N LYS D 183 3.27 2.41 -73.85
CA LYS D 183 4.55 2.95 -73.42
C LYS D 183 4.53 3.28 -71.94
N PHE D 184 5.63 2.97 -71.26
CA PHE D 184 5.81 3.33 -69.87
C PHE D 184 6.56 4.65 -69.84
N LEU D 185 5.84 5.72 -69.51
CA LEU D 185 6.36 7.07 -69.71
C LEU D 185 7.28 7.52 -68.60
N ARG D 186 6.86 7.24 -67.37
CA ARG D 186 7.63 7.63 -66.20
C ARG D 186 7.20 6.81 -64.99
N LEU D 187 7.89 7.03 -63.87
CA LEU D 187 7.54 6.36 -62.64
C LEU D 187 6.40 7.13 -61.99
N PRO D 188 5.39 6.41 -61.50
CA PRO D 188 4.21 7.03 -60.88
C PRO D 188 4.49 7.75 -59.56
N ASP D 189 3.87 8.92 -59.39
CA ASP D 189 3.88 9.62 -58.10
C ASP D 189 2.93 8.95 -57.13
N ARG D 190 3.13 9.20 -55.84
CA ARG D 190 2.17 8.77 -54.82
C ARG D 190 0.79 9.29 -55.18
N GLU D 191 0.75 10.51 -55.72
CA GLU D 191 -0.49 11.16 -56.15
C GLU D 191 -1.24 10.35 -57.20
N ASP D 192 -0.49 9.65 -58.06
CA ASP D 192 -1.08 8.87 -59.14
C ASP D 192 -1.87 7.66 -58.64
N LEU D 193 -1.30 6.95 -57.68
CA LEU D 193 -1.86 5.68 -57.21
C LEU D 193 -3.10 5.84 -56.33
N ALA D 194 -4.09 4.99 -56.57
CA ALA D 194 -5.34 5.01 -55.82
C ALA D 194 -5.33 4.03 -54.64
N LEU D 195 -4.18 3.43 -54.38
CA LEU D 195 -4.02 2.38 -53.37
C LEU D 195 -4.59 2.74 -52.01
N PRO D 196 -5.38 1.83 -51.43
CA PRO D 196 -6.00 2.00 -50.11
C PRO D 196 -4.99 1.66 -49.03
N VAL D 197 -3.81 2.24 -49.12
CA VAL D 197 -2.70 1.82 -48.28
C VAL D 197 -1.97 3.03 -47.72
N ASN D 198 -1.68 2.98 -46.43
CA ASN D 198 -0.79 3.93 -45.83
C ASN D 198 0.60 3.31 -45.89
N GLU D 199 1.46 3.84 -46.76
CA GLU D 199 2.78 3.25 -46.95
C GLU D 199 3.65 3.45 -45.72
N GLN D 200 3.46 4.60 -45.06
CA GLN D 200 4.24 4.94 -43.87
C GLN D 200 4.05 3.92 -42.76
N LEU D 201 2.90 3.25 -42.76
CA LEU D 201 2.66 2.18 -41.79
C LEU D 201 3.50 0.96 -42.11
N VAL D 202 3.77 0.74 -43.39
CA VAL D 202 4.57 -0.39 -43.82
C VAL D 202 6.04 -0.10 -43.49
N ILE D 203 6.45 1.12 -43.78
CA ILE D 203 7.77 1.58 -43.41
C ILE D 203 7.94 1.39 -41.92
N GLU D 204 6.88 1.69 -41.16
CA GLU D 204 6.89 1.51 -39.71
C GLU D 204 6.90 0.04 -39.33
N PHE D 205 6.38 -0.82 -40.20
CA PHE D 205 6.34 -2.25 -39.92
C PHE D 205 7.70 -2.89 -40.07
N TYR D 206 8.48 -2.45 -41.05
CA TYR D 206 9.85 -2.95 -41.16
C TYR D 206 10.79 -2.14 -40.28
N SER D 207 10.31 -1.00 -39.80
CA SER D 207 11.05 -0.17 -38.87
C SER D 207 11.30 -0.88 -37.55
N ARG D 208 10.42 -1.84 -37.23
CA ARG D 208 10.46 -2.54 -35.96
C ARG D 208 11.80 -3.24 -35.74
N ASP E 1 -11.69 17.56 -34.97
CA ASP E 1 -10.82 18.63 -34.50
C ASP E 1 -9.67 18.10 -33.65
N PHE E 2 -10.01 17.38 -32.59
CA PHE E 2 -9.02 16.90 -31.64
C PHE E 2 -8.96 15.37 -31.63
N GLU E 3 -7.84 14.83 -32.10
CA GLU E 3 -7.66 13.39 -32.15
C GLU E 3 -7.01 12.94 -30.86
N GLU E 4 -7.54 11.89 -30.24
CA GLU E 4 -6.96 11.42 -28.98
C GLU E 4 -6.79 9.90 -28.95
N LYS E 5 -5.64 9.47 -28.42
CA LYS E 5 -5.34 8.06 -28.26
C LYS E 5 -4.83 7.78 -26.86
N MET E 6 -5.30 6.71 -26.23
CA MET E 6 -4.79 6.32 -24.92
C MET E 6 -3.48 5.57 -25.05
N ILE E 7 -2.61 5.71 -24.05
CA ILE E 7 -1.32 5.06 -24.06
C ILE E 7 -1.39 3.72 -23.34
N LEU E 8 -1.53 3.78 -22.01
CA LEU E 8 -1.75 2.57 -21.22
C LEU E 8 -2.94 2.74 -20.30
N ILE E 9 -3.80 1.73 -20.26
CA ILE E 9 -4.78 1.64 -19.21
C ILE E 9 -4.20 0.68 -18.22
N ARG E 10 -4.27 1.00 -16.94
CA ARG E 10 -3.82 0.08 -15.91
C ARG E 10 -4.78 0.02 -14.73
N ARG E 11 -4.79 -1.12 -14.04
CA ARG E 11 -5.61 -1.29 -12.85
C ARG E 11 -4.75 -1.46 -11.61
N THR E 12 -4.92 -0.56 -10.65
CA THR E 12 -4.18 -0.60 -9.41
C THR E 12 -5.06 -1.12 -8.28
N ALA E 13 -4.44 -1.34 -7.12
CA ALA E 13 -5.14 -1.91 -5.97
C ALA E 13 -4.67 -1.32 -4.65
N ARG E 14 -5.63 -0.92 -3.81
CA ARG E 14 -5.32 -0.62 -2.43
C ARG E 14 -5.84 -1.79 -1.60
N MET E 15 -5.57 -1.76 -0.30
CA MET E 15 -5.99 -2.85 0.55
C MET E 15 -6.83 -2.32 1.69
N GLN E 16 -8.06 -2.81 1.78
CA GLN E 16 -8.92 -2.44 2.88
C GLN E 16 -9.23 -3.74 3.60
N ALA E 17 -9.64 -3.66 4.86
CA ALA E 17 -9.93 -4.86 5.64
C ALA E 17 -10.89 -5.73 4.85
N GLY E 18 -10.54 -7.01 4.73
CA GLY E 18 -11.33 -7.91 3.91
C GLY E 18 -11.37 -7.54 2.44
N GLY E 19 -10.24 -7.20 1.85
CA GLY E 19 -10.16 -7.15 0.40
C GLY E 19 -9.19 -6.20 -0.28
N ARG E 20 -9.16 -6.31 -1.59
CA ARG E 20 -8.46 -5.35 -2.43
C ARG E 20 -9.49 -4.42 -3.03
N ARG E 21 -9.12 -3.17 -3.25
CA ARG E 21 -10.01 -2.24 -3.92
C ARG E 21 -9.32 -1.69 -5.15
N PHE E 22 -9.96 -1.89 -6.29
CA PHE E 22 -9.32 -1.57 -7.57
C PHE E 22 -9.63 -0.16 -8.06
N ARG E 23 -8.61 0.51 -8.58
CA ARG E 23 -8.79 1.79 -9.25
C ARG E 23 -8.18 1.67 -10.64
N PHE E 24 -8.52 2.59 -11.54
CA PHE E 24 -8.01 2.52 -12.91
C PHE E 24 -7.37 3.81 -13.36
N GLY E 25 -6.09 3.74 -13.74
CA GLY E 25 -5.41 4.84 -14.38
C GLY E 25 -5.43 4.76 -15.90
N ALA E 26 -5.45 5.92 -16.56
CA ALA E 26 -5.48 5.99 -18.01
C ALA E 26 -4.61 7.15 -18.52
N LEU E 27 -3.70 6.83 -19.44
CA LEU E 27 -2.85 7.86 -20.05
C LEU E 27 -3.36 8.19 -21.42
N VAL E 28 -3.89 9.38 -21.58
CA VAL E 28 -4.44 9.78 -22.87
C VAL E 28 -3.67 10.95 -23.45
N VAL E 29 -3.32 10.83 -24.72
CA VAL E 29 -2.72 11.91 -25.46
C VAL E 29 -3.77 12.48 -26.40
N VAL E 30 -3.82 13.80 -26.48
CA VAL E 30 -4.69 14.48 -27.41
C VAL E 30 -3.83 15.41 -28.27
N GLY E 31 -4.21 15.58 -29.53
CA GLY E 31 -3.49 16.46 -30.44
C GLY E 31 -4.23 16.67 -31.74
N ASP E 32 -3.95 17.80 -32.39
CA ASP E 32 -4.58 18.14 -33.66
C ASP E 32 -3.73 17.78 -34.87
N ARG E 33 -2.51 17.32 -34.60
CA ARG E 33 -1.47 17.11 -35.61
C ARG E 33 -1.13 18.41 -36.35
N GLN E 34 -1.48 19.54 -35.75
CA GLN E 34 -1.08 20.85 -36.26
C GLN E 34 0.10 21.41 -35.47
N GLY E 35 0.60 20.64 -34.51
CA GLY E 35 1.65 21.12 -33.63
C GLY E 35 1.23 21.43 -32.21
N ARG E 36 0.00 21.08 -31.85
CA ARG E 36 -0.45 21.21 -30.48
C ARG E 36 -0.74 19.84 -29.88
N VAL E 37 -0.06 19.50 -28.79
CA VAL E 37 -0.34 18.24 -28.09
C VAL E 37 -0.82 18.49 -26.69
N GLY E 38 -1.13 17.40 -26.01
CA GLY E 38 -1.53 17.44 -24.62
C GLY E 38 -1.58 16.04 -24.09
N LEU E 39 -1.37 15.91 -22.79
CA LEU E 39 -1.19 14.60 -22.20
C LEU E 39 -1.83 14.61 -20.83
N GLY E 40 -2.57 13.56 -20.49
CA GLY E 40 -3.16 13.51 -19.18
C GLY E 40 -3.35 12.13 -18.62
N PHE E 41 -3.36 12.05 -17.29
CA PHE E 41 -3.49 10.79 -16.59
C PHE E 41 -4.72 10.86 -15.71
N GLY E 42 -5.79 10.18 -16.10
CA GLY E 42 -7.01 10.16 -15.32
C GLY E 42 -7.10 8.95 -14.42
N LYS E 43 -7.78 9.07 -13.30
CA LYS E 43 -7.89 7.94 -12.39
C LYS E 43 -9.31 7.85 -11.86
N ALA E 44 -9.94 6.70 -12.07
CA ALA E 44 -11.36 6.55 -11.74
C ALA E 44 -11.67 5.12 -11.32
N PRO E 45 -12.80 4.92 -10.61
CA PRO E 45 -13.19 3.56 -10.20
C PRO E 45 -13.38 2.61 -11.36
N GLU E 46 -13.77 3.12 -12.53
CA GLU E 46 -13.97 2.28 -13.71
C GLU E 46 -13.23 2.83 -14.92
N VAL E 47 -12.99 1.96 -15.90
CA VAL E 47 -12.13 2.29 -17.05
C VAL E 47 -12.65 3.44 -17.93
N PRO E 48 -13.91 3.39 -18.37
CA PRO E 48 -14.37 4.48 -19.24
C PRO E 48 -14.27 5.85 -18.59
N LEU E 49 -14.70 5.96 -17.34
CA LEU E 49 -14.68 7.24 -16.63
C LEU E 49 -13.25 7.76 -16.53
N ALA E 50 -12.31 6.84 -16.31
CA ALA E 50 -10.91 7.18 -16.21
C ALA E 50 -10.39 7.70 -17.53
N VAL E 51 -10.81 7.06 -18.62
CA VAL E 51 -10.34 7.46 -19.94
C VAL E 51 -10.87 8.85 -20.28
N GLN E 52 -12.16 9.04 -20.10
CA GLN E 52 -12.82 10.32 -20.35
C GLN E 52 -12.18 11.45 -19.55
N LYS E 53 -11.99 11.20 -18.25
CA LYS E 53 -11.39 12.16 -17.35
C LYS E 53 -9.96 12.48 -17.78
N ALA E 54 -9.24 11.45 -18.19
CA ALA E 54 -7.89 11.61 -18.70
C ALA E 54 -7.88 12.53 -19.91
N GLY E 55 -8.86 12.35 -20.79
CA GLY E 55 -9.03 13.20 -21.95
C GLY E 55 -9.21 14.65 -21.53
N TYR E 56 -10.10 14.87 -20.55
CA TYR E 56 -10.33 16.19 -19.99
C TYR E 56 -9.04 16.86 -19.52
N TYR E 57 -8.26 16.11 -18.75
CA TYR E 57 -7.00 16.64 -18.24
C TYR E 57 -6.04 16.94 -19.38
N ALA E 58 -5.98 16.04 -20.35
CA ALA E 58 -5.03 16.19 -21.44
C ALA E 58 -5.37 17.42 -22.27
N ARG E 59 -6.65 17.74 -22.38
CA ARG E 59 -7.05 18.94 -23.10
C ARG E 59 -6.80 20.17 -22.24
N ARG E 60 -6.75 19.97 -20.92
CA ARG E 60 -6.42 21.09 -20.05
C ARG E 60 -4.96 21.48 -20.25
N ASN E 61 -4.06 20.51 -20.14
CA ASN E 61 -2.62 20.75 -20.29
C ASN E 61 -2.16 20.57 -21.74
N MET E 62 -1.70 21.66 -22.36
CA MET E 62 -1.28 21.60 -23.76
C MET E 62 0.16 22.06 -23.96
N VAL E 63 0.72 21.68 -25.10
CA VAL E 63 2.09 22.04 -25.47
C VAL E 63 2.12 22.42 -26.95
N GLU E 64 2.72 23.58 -27.22
CA GLU E 64 2.85 24.09 -28.58
C GLU E 64 4.17 23.63 -29.18
N VAL E 65 4.10 22.77 -30.19
CA VAL E 65 5.30 22.22 -30.81
C VAL E 65 5.66 22.98 -32.07
N PRO E 66 6.89 23.50 -32.13
CA PRO E 66 7.40 24.27 -33.27
C PRO E 66 7.94 23.38 -34.38
N LEU E 67 7.06 22.89 -35.25
CA LEU E 67 7.46 21.99 -36.33
C LEU E 67 8.19 22.67 -37.49
N GLN E 68 9.26 22.05 -37.95
CA GLN E 68 9.94 22.47 -39.16
C GLN E 68 9.94 21.33 -40.18
N ASN E 69 9.17 21.49 -41.25
CA ASN E 69 8.99 20.45 -42.26
C ASN E 69 8.71 19.07 -41.64
N GLY E 70 7.75 19.02 -40.73
CA GLY E 70 7.35 17.77 -40.12
C GLY E 70 8.28 17.22 -39.04
N THR E 71 9.43 17.85 -38.86
CA THR E 71 10.33 17.39 -37.83
C THR E 71 10.63 18.47 -36.80
N ILE E 72 11.46 18.10 -35.84
CA ILE E 72 11.85 18.94 -34.74
C ILE E 72 12.95 19.91 -35.19
N PRO E 73 13.02 21.11 -34.58
CA PRO E 73 14.07 22.08 -34.89
C PRO E 73 15.48 21.67 -34.46
N HIS E 74 15.61 21.00 -33.32
CA HIS E 74 16.92 20.59 -32.78
C HIS E 74 16.81 19.47 -31.76
N GLU E 75 17.90 18.74 -31.53
CA GLU E 75 17.90 17.61 -30.61
C GLU E 75 17.74 18.00 -29.13
N ILE E 76 17.07 17.15 -28.35
CA ILE E 76 17.04 17.32 -26.90
C ILE E 76 17.15 16.00 -26.17
N GLU E 77 17.93 16.00 -25.09
CA GLU E 77 17.84 14.97 -24.08
C GLU E 77 16.98 15.54 -22.95
N VAL E 78 16.12 14.73 -22.36
CA VAL E 78 15.36 15.17 -21.20
C VAL E 78 15.27 14.06 -20.17
N GLU E 79 15.61 14.38 -18.93
CA GLU E 79 15.47 13.41 -17.86
C GLU E 79 14.25 13.75 -17.02
N PHE E 80 13.27 12.87 -17.02
CA PHE E 80 12.18 12.95 -16.05
C PHE E 80 12.27 11.76 -15.12
N GLY E 81 12.60 12.03 -13.86
CA GLY E 81 12.89 10.98 -12.92
C GLY E 81 14.08 10.21 -13.43
N ALA E 82 13.99 8.89 -13.42
CA ALA E 82 15.07 8.07 -13.95
C ALA E 82 14.90 7.85 -15.44
N SER E 83 13.78 8.31 -15.98
CA SER E 83 13.49 8.14 -17.39
C SER E 83 14.21 9.20 -18.20
N LYS E 84 14.62 8.84 -19.41
CA LYS E 84 15.35 9.76 -20.25
C LYS E 84 14.90 9.61 -21.69
N ILE E 85 14.63 10.73 -22.34
CA ILE E 85 14.19 10.68 -23.72
C ILE E 85 15.20 11.42 -24.56
N VAL E 86 15.52 10.84 -25.71
CA VAL E 86 16.42 11.49 -26.65
C VAL E 86 15.69 11.71 -27.94
N LEU E 87 15.39 12.96 -28.27
CA LEU E 87 14.77 13.29 -29.54
C LEU E 87 15.77 13.96 -30.46
N LYS E 88 15.77 13.53 -31.71
CA LYS E 88 16.67 14.04 -32.73
C LYS E 88 15.90 14.24 -34.03
N PRO E 89 16.14 15.37 -34.70
CA PRO E 89 15.45 15.68 -35.96
C PRO E 89 15.89 14.79 -37.12
N ALA E 90 15.02 14.62 -38.12
CA ALA E 90 15.33 13.74 -39.25
C ALA E 90 14.84 14.28 -40.61
N ALA E 91 15.51 13.84 -41.67
CA ALA E 91 15.10 14.17 -43.03
C ALA E 91 13.76 13.53 -43.35
N PRO E 92 12.96 14.19 -44.20
CA PRO E 92 11.66 13.68 -44.65
C PRO E 92 11.73 12.28 -45.26
N GLY E 93 10.68 11.49 -45.04
CA GLY E 93 10.63 10.13 -45.55
C GLY E 93 11.06 9.11 -44.53
N THR E 94 11.71 9.59 -43.48
CA THR E 94 12.23 8.73 -42.41
C THR E 94 11.10 8.05 -41.66
N GLY E 95 10.06 8.82 -41.35
CA GLY E 95 8.98 8.34 -40.52
C GLY E 95 9.35 8.51 -39.06
N VAL E 96 8.37 8.38 -38.17
CA VAL E 96 8.64 8.48 -36.76
C VAL E 96 9.22 7.18 -36.27
N ILE E 97 10.42 7.23 -35.73
CA ILE E 97 11.03 6.04 -35.15
C ILE E 97 11.10 6.21 -33.64
N ALA E 98 10.22 5.52 -32.93
CA ALA E 98 10.15 5.66 -31.49
C ALA E 98 9.37 4.51 -30.85
N GLY E 99 9.36 4.49 -29.52
CA GLY E 99 8.59 3.49 -28.80
C GLY E 99 7.13 3.89 -28.87
N ALA E 100 6.27 3.05 -28.31
CA ALA E 100 4.83 3.30 -28.38
C ALA E 100 4.46 4.68 -27.85
N VAL E 101 4.93 4.96 -26.64
CA VAL E 101 4.59 6.19 -25.94
C VAL E 101 4.99 7.45 -26.74
N PRO E 102 6.31 7.64 -26.98
CA PRO E 102 6.62 8.89 -27.67
C PRO E 102 6.12 8.87 -29.10
N ARG E 103 5.96 7.69 -29.72
CA ARG E 103 5.36 7.64 -31.05
C ARG E 103 4.02 8.33 -31.01
N ALA E 104 3.10 7.81 -30.19
CA ALA E 104 1.78 8.40 -30.07
C ALA E 104 1.82 9.91 -29.81
N ILE E 105 2.61 10.33 -28.81
CA ILE E 105 2.67 11.75 -28.49
C ILE E 105 3.14 12.60 -29.69
N LEU E 106 4.23 12.19 -30.32
CA LEU E 106 4.80 12.91 -31.46
C LEU E 106 3.83 12.95 -32.63
N GLU E 107 3.29 11.78 -32.97
CA GLU E 107 2.36 11.65 -34.09
C GLU E 107 1.16 12.56 -33.93
N LEU E 108 0.70 12.73 -32.69
CA LEU E 108 -0.44 13.61 -32.47
C LEU E 108 -0.02 15.08 -32.43
N ALA E 109 1.28 15.35 -32.33
CA ALA E 109 1.78 16.71 -32.42
C ALA E 109 2.01 17.07 -33.88
N GLY E 110 1.77 16.11 -34.76
CA GLY E 110 1.98 16.31 -36.18
C GLY E 110 3.43 16.18 -36.60
N VAL E 111 4.16 15.26 -35.99
CA VAL E 111 5.53 14.97 -36.42
C VAL E 111 5.54 13.84 -37.44
N THR E 112 6.18 14.11 -38.58
CA THR E 112 6.27 13.15 -39.67
C THR E 112 7.48 12.25 -39.51
N ASP E 113 8.67 12.85 -39.51
CA ASP E 113 9.92 12.12 -39.38
C ASP E 113 10.71 12.56 -38.15
N ILE E 114 11.12 11.60 -37.34
CA ILE E 114 11.93 11.88 -36.15
C ILE E 114 12.71 10.63 -35.71
N LEU E 115 13.79 10.85 -34.97
CA LEU E 115 14.59 9.75 -34.41
C LEU E 115 14.63 9.84 -32.90
N THR E 116 14.25 8.79 -32.19
CA THR E 116 14.26 8.88 -30.73
C THR E 116 14.95 7.70 -30.08
N LYS E 117 15.23 7.83 -28.79
CA LYS E 117 15.66 6.70 -28.00
C LYS E 117 15.21 6.85 -26.55
N GLU E 118 14.76 5.75 -25.95
CA GLU E 118 14.41 5.76 -24.54
C GLU E 118 15.57 5.19 -23.72
N LEU E 119 16.00 5.96 -22.73
CA LEU E 119 17.11 5.55 -21.89
C LEU E 119 16.69 5.58 -20.43
N GLY E 120 17.42 4.86 -19.59
CA GLY E 120 17.06 4.75 -18.19
C GLY E 120 15.81 3.93 -17.96
N SER E 121 14.92 4.43 -17.10
CA SER E 121 13.67 3.76 -16.84
C SER E 121 12.72 3.86 -18.03
N ARG E 122 12.12 2.74 -18.40
CA ARG E 122 11.20 2.72 -19.53
C ARG E 122 9.75 2.95 -19.12
N ASN E 123 9.53 3.21 -17.83
CA ASN E 123 8.19 3.32 -17.29
C ASN E 123 7.37 4.33 -18.06
N PRO E 124 6.28 3.87 -18.71
CA PRO E 124 5.55 4.60 -19.73
C PRO E 124 5.13 5.97 -19.25
N ILE E 125 4.71 6.08 -17.99
CA ILE E 125 4.24 7.36 -17.48
C ILE E 125 5.36 8.39 -17.56
N ASN E 126 6.48 8.07 -16.92
CA ASN E 126 7.58 9.03 -16.86
C ASN E 126 8.20 9.29 -18.23
N ILE E 127 8.09 8.33 -19.13
CA ILE E 127 8.58 8.52 -20.48
C ILE E 127 7.69 9.55 -21.18
N ALA E 128 6.38 9.38 -21.01
CA ALA E 128 5.42 10.31 -21.57
C ALA E 128 5.71 11.71 -21.07
N TYR E 129 5.80 11.85 -19.75
CA TYR E 129 6.11 13.14 -19.15
C TYR E 129 7.41 13.71 -19.71
N ALA E 130 8.40 12.85 -19.87
CA ALA E 130 9.70 13.26 -20.39
C ALA E 130 9.56 13.83 -21.78
N THR E 131 8.76 13.15 -22.61
CA THR E 131 8.53 13.56 -23.98
C THR E 131 7.84 14.91 -24.04
N MET E 132 6.76 15.05 -23.27
CA MET E 132 6.06 16.32 -23.18
C MET E 132 7.02 17.43 -22.79
N GLU E 133 7.89 17.12 -21.84
CA GLU E 133 8.86 18.12 -21.39
C GLU E 133 9.83 18.50 -22.48
N ALA E 134 10.26 17.50 -23.24
CA ALA E 134 11.15 17.72 -24.37
C ALA E 134 10.51 18.69 -25.34
N LEU E 135 9.29 18.38 -25.73
CA LEU E 135 8.55 19.23 -26.65
C LEU E 135 8.36 20.62 -26.07
N ARG E 136 8.26 20.68 -24.76
CA ARG E 136 8.02 21.93 -24.06
C ARG E 136 9.30 22.77 -24.04
N GLN E 137 10.44 22.12 -24.22
CA GLN E 137 11.72 22.83 -24.21
C GLN E 137 12.25 23.25 -25.57
N LEU E 138 11.63 22.79 -26.66
CA LEU E 138 12.13 23.10 -28.00
C LEU E 138 12.04 24.57 -28.33
N ARG E 139 13.05 25.08 -29.05
CA ARG E 139 13.06 26.46 -29.48
C ARG E 139 13.32 26.57 -30.97
N THR E 140 13.00 27.73 -31.53
CA THR E 140 13.21 27.99 -32.93
C THR E 140 14.29 29.05 -33.01
N LYS E 141 14.98 29.12 -34.15
CA LYS E 141 15.98 30.15 -34.36
C LYS E 141 15.37 31.50 -34.00
N ALA E 142 14.11 31.68 -34.40
CA ALA E 142 13.33 32.87 -34.09
C ALA E 142 13.34 33.18 -32.59
N ASP E 143 12.97 32.19 -31.78
CA ASP E 143 12.90 32.35 -30.34
C ASP E 143 14.30 32.66 -29.78
N VAL E 144 15.28 31.94 -30.31
CA VAL E 144 16.65 32.09 -29.87
C VAL E 144 17.12 33.53 -30.01
N GLU E 145 16.99 34.06 -31.22
CA GLU E 145 17.45 35.43 -31.48
C GLU E 145 16.49 36.42 -30.82
N ARG E 146 15.31 35.95 -30.45
CA ARG E 146 14.38 36.76 -29.67
C ARG E 146 14.98 36.97 -28.29
N LEU E 147 15.67 35.96 -27.79
CA LEU E 147 16.27 36.02 -26.46
C LEU E 147 17.55 36.84 -26.42
N ARG E 148 18.34 36.78 -27.50
CA ARG E 148 19.67 37.36 -27.50
C ARG E 148 19.77 38.78 -28.06
N LYS E 149 18.63 39.40 -28.35
CA LYS E 149 18.60 40.77 -28.87
C LYS E 149 19.50 41.72 -28.07
N GLY E 150 19.09 42.02 -26.83
CA GLY E 150 19.92 42.81 -25.93
C GLY E 150 20.29 44.20 -26.39
N GLU E 151 19.29 45.02 -26.69
N MET F 1 63.00 28.45 33.76
CA MET F 1 62.58 29.26 34.89
C MET F 1 61.12 29.69 34.75
N ARG F 2 60.24 29.05 35.51
CA ARG F 2 58.83 29.41 35.50
C ARG F 2 58.36 29.77 36.90
N ARG F 3 57.21 30.43 36.97
CA ARG F 3 56.66 30.88 38.24
C ARG F 3 55.59 29.90 38.73
N TYR F 4 55.82 29.33 39.91
CA TYR F 4 54.86 28.39 40.49
C TYR F 4 54.35 28.86 41.85
N GLU F 5 53.43 28.08 42.41
CA GLU F 5 52.88 28.28 43.73
C GLU F 5 52.90 26.94 44.47
N VAL F 6 53.66 26.91 45.56
CA VAL F 6 53.76 25.74 46.41
C VAL F 6 52.73 25.82 47.54
N ASN F 7 51.93 24.78 47.66
CA ASN F 7 50.97 24.65 48.74
C ASN F 7 51.41 23.53 49.66
N ILE F 8 51.56 23.83 50.94
CA ILE F 8 52.01 22.81 51.89
C ILE F 8 51.09 22.77 53.10
N VAL F 9 50.52 21.59 53.36
CA VAL F 9 49.64 21.42 54.51
C VAL F 9 50.30 20.48 55.49
N LEU F 10 50.70 21.00 56.65
CA LEU F 10 51.33 20.16 57.67
C LEU F 10 50.51 20.04 58.96
N ASN F 11 51.04 19.23 59.87
CA ASN F 11 50.38 18.88 61.13
C ASN F 11 50.08 20.12 61.97
N PRO F 12 48.80 20.34 62.29
CA PRO F 12 48.38 21.44 63.17
C PRO F 12 48.85 21.29 64.62
N ASN F 13 49.26 20.08 65.02
CA ASN F 13 49.64 19.81 66.41
C ASN F 13 51.09 20.21 66.72
N LEU F 14 51.78 20.77 65.74
CA LEU F 14 53.19 21.13 65.91
C LEU F 14 53.39 22.33 66.82
N ASP F 15 54.18 22.14 67.88
CA ASP F 15 54.61 23.24 68.72
C ASP F 15 55.65 24.05 67.96
N GLN F 16 55.91 25.27 68.44
CA GLN F 16 56.73 26.25 67.71
C GLN F 16 58.08 25.71 67.25
N SER F 17 58.64 24.77 68.01
CA SER F 17 59.96 24.23 67.74
C SER F 17 59.94 23.31 66.52
N GLN F 18 59.17 22.23 66.62
CA GLN F 18 58.98 21.28 65.52
C GLN F 18 58.54 21.97 64.23
N LEU F 19 57.63 22.94 64.37
CA LEU F 19 57.18 23.74 63.24
C LEU F 19 58.35 24.51 62.62
N ALA F 20 59.14 25.15 63.47
CA ALA F 20 60.32 25.88 63.02
C ALA F 20 61.24 24.97 62.21
N LEU F 21 61.44 23.76 62.72
CA LEU F 21 62.30 22.79 62.05
C LEU F 21 61.74 22.40 60.68
N GLU F 22 60.42 22.17 60.62
CA GLU F 22 59.77 21.81 59.37
C GLU F 22 59.92 22.90 58.32
N LYS F 23 59.70 24.15 58.74
CA LYS F 23 59.81 25.27 57.83
C LYS F 23 61.25 25.48 57.37
N GLU F 24 62.21 25.39 58.29
CA GLU F 24 63.61 25.57 57.91
C GLU F 24 64.04 24.46 56.95
N ILE F 25 63.43 23.28 57.11
CA ILE F 25 63.70 22.16 56.21
C ILE F 25 63.12 22.47 54.84
N ILE F 26 61.98 23.14 54.81
CA ILE F 26 61.36 23.56 53.55
C ILE F 26 62.25 24.57 52.83
N GLN F 27 62.73 25.58 53.56
CA GLN F 27 63.67 26.56 53.01
C GLN F 27 64.87 25.85 52.42
N ARG F 28 65.44 24.95 53.22
CA ARG F 28 66.56 24.10 52.81
C ARG F 28 66.30 23.47 51.45
N ALA F 29 65.24 22.64 51.38
CA ALA F 29 64.87 21.95 50.15
C ALA F 29 64.70 22.90 48.97
N LEU F 30 64.03 24.03 49.19
CA LEU F 30 63.80 25.00 48.12
C LEU F 30 65.11 25.56 47.57
N GLU F 31 66.01 25.90 48.49
CA GLU F 31 67.31 26.43 48.10
C GLU F 31 68.09 25.38 47.33
N ASN F 32 67.91 24.11 47.71
CA ASN F 32 68.61 23.01 47.06
C ASN F 32 68.21 22.86 45.59
N TYR F 33 66.92 23.04 45.32
CA TYR F 33 66.41 22.85 43.96
C TYR F 33 66.30 24.16 43.18
N GLY F 34 66.80 25.24 43.76
CA GLY F 34 66.98 26.49 43.05
C GLY F 34 65.72 27.30 42.78
N ALA F 35 64.83 27.37 43.76
CA ALA F 35 63.63 28.17 43.64
C ALA F 35 63.77 29.49 44.40
N ARG F 36 63.76 30.59 43.65
CA ARG F 36 63.75 31.92 44.27
C ARG F 36 62.36 32.19 44.81
N VAL F 37 62.27 32.78 45.99
CA VAL F 37 60.97 32.97 46.64
C VAL F 37 60.48 34.40 46.52
N GLU F 38 59.44 34.60 45.71
CA GLU F 38 58.88 35.93 45.47
C GLU F 38 58.08 36.43 46.68
N LYS F 39 57.14 35.62 47.15
CA LYS F 39 56.39 35.97 48.35
C LYS F 39 55.87 34.73 49.06
N VAL F 40 55.24 34.95 50.21
CA VAL F 40 54.80 33.86 51.07
C VAL F 40 53.55 34.25 51.85
N GLU F 41 52.62 33.31 52.00
CA GLU F 41 51.46 33.51 52.85
C GLU F 41 51.31 32.35 53.83
N GLU F 42 51.48 32.65 55.12
CA GLU F 42 51.30 31.64 56.15
C GLU F 42 49.93 31.84 56.79
N LEU F 43 49.01 30.94 56.48
CA LEU F 43 47.62 31.07 56.88
C LEU F 43 47.32 30.38 58.20
N GLY F 44 48.31 29.67 58.73
CA GLY F 44 48.15 28.96 59.98
C GLY F 44 47.14 27.84 59.91
N LEU F 45 46.56 27.50 61.05
CA LEU F 45 45.64 26.37 61.10
C LEU F 45 44.24 26.76 60.60
N ARG F 46 43.67 25.89 59.77
CA ARG F 46 42.33 26.06 59.26
C ARG F 46 41.58 24.73 59.30
N ARG F 47 40.26 24.83 59.38
CA ARG F 47 39.40 23.66 59.53
C ARG F 47 39.19 23.00 58.18
N LEU F 48 39.58 21.73 58.08
CA LEU F 48 39.47 20.99 56.83
C LEU F 48 38.04 20.55 56.57
N ALA F 49 37.70 20.31 55.31
CA ALA F 49 36.36 19.86 54.93
C ALA F 49 36.20 18.37 55.16
N TYR F 50 37.32 17.68 55.22
CA TYR F 50 37.35 16.27 55.56
C TYR F 50 38.63 16.00 56.31
N PRO F 51 38.61 15.03 57.26
CA PRO F 51 39.82 14.69 58.00
C PRO F 51 41.00 14.26 57.11
N ILE F 52 42.15 14.89 57.33
CA ILE F 52 43.38 14.53 56.66
C ILE F 52 44.34 13.99 57.70
N ALA F 53 44.81 12.76 57.50
CA ALA F 53 45.66 12.07 58.46
C ALA F 53 44.96 11.99 59.82
N LYS F 54 43.64 11.84 59.79
CA LYS F 54 42.79 11.65 60.98
C LYS F 54 42.62 12.92 61.80
N ASP F 55 43.27 14.00 61.38
CA ASP F 55 43.14 15.28 62.07
C ASP F 55 42.17 16.20 61.33
N PRO F 56 41.20 16.78 62.06
CA PRO F 56 40.13 17.64 61.52
C PRO F 56 40.62 18.97 60.96
N GLN F 57 41.84 19.38 61.30
CA GLN F 57 42.38 20.64 60.81
C GLN F 57 43.74 20.48 60.13
N GLY F 58 44.27 21.58 59.60
CA GLY F 58 45.60 21.56 59.01
C GLY F 58 46.29 22.90 58.99
N TYR F 59 47.62 22.89 58.99
CA TYR F 59 48.38 24.12 59.01
C TYR F 59 48.84 24.44 57.59
N PHE F 60 48.52 25.65 57.13
CA PHE F 60 48.70 26.00 55.72
C PHE F 60 49.85 26.94 55.44
N LEU F 61 50.67 26.55 54.48
CA LEU F 61 51.79 27.35 53.98
C LEU F 61 51.64 27.54 52.47
N TRP F 62 51.92 28.75 52.00
CA TRP F 62 51.84 29.05 50.58
C TRP F 62 53.03 29.88 50.13
N TYR F 63 53.77 29.36 49.17
CA TYR F 63 54.93 30.06 48.63
C TYR F 63 54.67 30.37 47.16
N GLN F 64 55.14 31.51 46.68
CA GLN F 64 55.13 31.77 45.25
C GLN F 64 56.58 31.87 44.76
N VAL F 65 57.01 30.90 43.96
CA VAL F 65 58.42 30.84 43.60
C VAL F 65 58.68 30.98 42.11
N GLU F 66 59.96 31.03 41.77
CA GLU F 66 60.43 30.98 40.40
C GLU F 66 61.55 29.97 40.36
N MET F 67 61.34 28.89 39.61
CA MET F 67 62.30 27.80 39.61
C MET F 67 62.43 27.14 38.25
N PRO F 68 63.56 26.47 37.98
CA PRO F 68 63.69 25.71 36.74
C PRO F 68 62.64 24.62 36.67
N GLU F 69 61.93 24.57 35.55
CA GLU F 69 60.79 23.68 35.36
C GLU F 69 61.18 22.22 35.59
N ASP F 70 62.29 21.82 34.97
CA ASP F 70 62.76 20.44 34.97
C ASP F 70 62.77 19.80 36.35
N ARG F 71 63.14 20.57 37.37
CA ARG F 71 63.30 20.02 38.71
C ARG F 71 62.07 20.13 39.62
N VAL F 72 61.01 20.78 39.15
CA VAL F 72 59.81 21.00 39.98
C VAL F 72 59.29 19.69 40.56
N ASN F 73 59.03 18.74 39.67
CA ASN F 73 58.60 17.41 40.09
C ASN F 73 59.58 16.88 41.14
N ASP F 74 60.86 16.86 40.78
CA ASP F 74 61.89 16.28 41.64
C ASP F 74 61.92 16.98 43.00
N LEU F 75 61.44 18.21 43.04
CA LEU F 75 61.39 18.96 44.29
C LEU F 75 60.30 18.42 45.21
N ALA F 76 59.09 18.27 44.67
CA ALA F 76 57.93 17.94 45.50
C ALA F 76 58.15 16.64 46.24
N ARG F 77 58.80 15.69 45.57
CA ARG F 77 59.21 14.44 46.19
C ARG F 77 59.85 14.71 47.55
N GLU F 78 60.96 15.47 47.53
CA GLU F 78 61.67 15.84 48.74
C GLU F 78 60.74 16.50 49.77
N LEU F 79 59.89 17.39 49.28
CA LEU F 79 58.97 18.11 50.16
C LEU F 79 57.99 17.18 50.86
N ARG F 80 57.72 16.02 50.27
CA ARG F 80 56.81 15.05 50.85
C ARG F 80 57.50 14.09 51.80
N ILE F 81 58.84 14.12 51.83
CA ILE F 81 59.58 13.16 52.64
C ILE F 81 59.20 13.32 54.11
N ARG F 82 59.10 14.57 54.55
CA ARG F 82 58.77 14.88 55.94
C ARG F 82 57.42 14.27 56.36
N ASP F 83 57.45 13.57 57.48
CA ASP F 83 56.25 12.91 57.99
C ASP F 83 55.17 13.93 58.32
N ASN F 84 55.59 15.06 58.88
CA ASN F 84 54.67 16.09 59.33
C ASN F 84 54.02 16.85 58.19
N VAL F 85 54.44 16.60 56.96
CA VAL F 85 53.86 17.30 55.82
C VAL F 85 52.82 16.41 55.16
N ARG F 86 51.56 16.77 55.35
CA ARG F 86 50.45 15.91 54.92
C ARG F 86 49.90 16.22 53.54
N ARG F 87 50.28 17.37 52.97
CA ARG F 87 49.94 17.70 51.58
C ARG F 87 50.98 18.59 50.93
N VAL F 88 51.23 18.33 49.65
CA VAL F 88 52.02 19.24 48.82
C VAL F 88 51.33 19.35 47.47
N MET F 89 51.02 20.58 47.05
CA MET F 89 50.48 20.79 45.72
C MET F 89 51.18 21.96 45.04
N VAL F 90 51.86 21.69 43.93
CA VAL F 90 52.63 22.71 43.25
C VAL F 90 51.96 23.05 41.92
N VAL F 91 51.61 24.32 41.73
CA VAL F 91 50.82 24.71 40.56
C VAL F 91 51.49 25.82 39.74
N LYS F 92 51.48 25.71 38.42
CA LYS F 92 51.95 26.81 37.58
C LYS F 92 51.06 28.03 37.83
N SER F 93 51.68 29.15 38.15
CA SER F 93 50.93 30.38 38.41
C SER F 93 50.15 30.79 37.17
N GLN F 94 48.99 31.39 37.39
CA GLN F 94 48.16 31.89 36.28
C GLN F 94 47.61 33.26 36.61
N GLU F 95 47.44 34.10 35.59
CA GLU F 95 46.83 35.40 35.78
C GLU F 95 45.39 35.20 36.26
N PRO F 96 44.92 36.10 37.13
CA PRO F 96 43.56 35.97 37.65
C PRO F 96 42.52 36.08 36.55
N PHE F 97 41.57 35.15 36.54
CA PHE F 97 40.45 35.22 35.61
C PHE F 97 39.19 35.62 36.41
N LEU F 98 38.76 36.85 36.24
CA LEU F 98 37.72 37.41 37.10
C LEU F 98 36.33 37.23 36.51
N ALA F 99 35.37 36.96 37.37
CA ALA F 99 33.99 36.78 36.92
C ALA F 99 33.12 37.92 37.42
N ASN F 100 32.07 38.23 36.66
CA ASN F 100 31.10 39.25 37.05
C ASN F 100 31.77 40.60 37.29
N ALA F 101 32.52 41.07 36.30
CA ALA F 101 33.26 42.32 36.42
C ALA F 101 32.55 43.48 35.74
N ALA G 1 -20.73 -1.22 34.48
CA ALA G 1 -20.89 0.20 34.15
C ALA G 1 -19.60 0.77 33.57
N ARG G 2 -19.44 0.69 32.26
CA ARG G 2 -18.26 1.24 31.63
C ARG G 2 -18.38 2.74 31.42
N ARG G 3 -19.56 3.19 30.99
CA ARG G 3 -19.74 4.60 30.63
C ARG G 3 -20.13 5.48 31.81
N ARG G 4 -21.32 5.25 32.36
CA ARG G 4 -21.86 6.11 33.43
C ARG G 4 -21.28 5.77 34.80
N ARG G 5 -21.80 6.43 35.84
CA ARG G 5 -21.38 6.16 37.20
C ARG G 5 -22.31 5.18 37.91
N ALA G 6 -23.35 4.75 37.21
CA ALA G 6 -24.29 3.75 37.74
C ALA G 6 -24.95 4.19 39.04
N GLU G 7 -25.86 5.14 38.95
CA GLU G 7 -26.53 5.70 40.13
C GLU G 7 -27.30 4.63 40.91
N VAL G 8 -27.42 4.87 42.22
CA VAL G 8 -28.07 3.94 43.15
C VAL G 8 -29.58 3.95 43.00
N ARG G 9 -30.19 2.78 43.18
CA ARG G 9 -31.65 2.66 43.16
C ARG G 9 -32.29 3.15 44.46
N GLN G 10 -33.27 4.04 44.33
CA GLN G 10 -34.02 4.49 45.49
C GLN G 10 -35.19 3.53 45.74
N LEU G 11 -35.18 2.90 46.90
CA LEU G 11 -36.22 1.93 47.23
C LEU G 11 -37.35 2.63 47.97
N GLN G 12 -38.58 2.19 47.70
CA GLN G 12 -39.75 2.72 48.38
C GLN G 12 -39.65 2.50 49.89
N PRO G 13 -40.18 3.42 50.69
CA PRO G 13 -40.14 3.29 52.15
C PRO G 13 -40.93 2.06 52.64
N ASP G 14 -40.67 1.65 53.88
CA ASP G 14 -41.40 0.54 54.46
C ASP G 14 -42.87 0.91 54.68
N LEU G 15 -43.76 -0.05 54.47
CA LEU G 15 -45.19 0.16 54.66
C LEU G 15 -45.53 0.29 56.14
N VAL G 16 -44.65 -0.21 56.99
CA VAL G 16 -44.89 -0.23 58.43
C VAL G 16 -44.02 0.77 59.17
N TYR G 17 -42.71 0.57 59.11
CA TYR G 17 -41.77 1.41 59.85
C TYR G 17 -41.26 2.59 59.01
N GLY G 18 -41.65 2.64 57.75
CA GLY G 18 -41.24 3.71 56.86
C GLY G 18 -39.76 3.75 56.56
N ASP G 19 -39.05 2.69 56.95
CA ASP G 19 -37.61 2.62 56.76
C ASP G 19 -37.25 1.89 55.46
N VAL G 20 -36.40 2.50 54.66
CA VAL G 20 -36.00 1.93 53.38
C VAL G 20 -35.06 0.75 53.57
N LEU G 21 -34.38 0.74 54.72
CA LEU G 21 -33.49 -0.36 55.07
C LEU G 21 -34.29 -1.64 55.29
N VAL G 22 -35.43 -1.49 55.98
CA VAL G 22 -36.36 -2.58 56.13
C VAL G 22 -36.73 -3.14 54.77
N THR G 23 -37.11 -2.26 53.86
CA THR G 23 -37.51 -2.65 52.51
C THR G 23 -36.40 -3.44 51.82
N ALA G 24 -35.18 -2.93 51.92
CA ALA G 24 -34.03 -3.62 51.36
C ALA G 24 -33.92 -5.04 51.90
N PHE G 25 -34.10 -5.18 53.21
CA PHE G 25 -34.05 -6.50 53.82
C PHE G 25 -35.18 -7.39 53.28
N ILE G 26 -36.35 -6.79 53.12
CA ILE G 26 -37.51 -7.49 52.58
C ILE G 26 -37.20 -8.06 51.22
N ASN G 27 -36.50 -7.26 50.41
CA ASN G 27 -36.12 -7.68 49.08
C ASN G 27 -35.11 -8.81 49.11
N LYS G 28 -34.11 -8.73 49.99
CA LYS G 28 -33.11 -9.79 50.07
C LYS G 28 -33.72 -11.09 50.59
N ILE G 29 -34.79 -10.96 51.38
CA ILE G 29 -35.54 -12.13 51.83
C ILE G 29 -36.29 -12.75 50.65
N MET G 30 -36.82 -11.88 49.79
CA MET G 30 -37.68 -12.28 48.68
C MET G 30 -37.07 -13.33 47.78
N ARG G 31 -37.91 -14.23 47.28
CA ARG G 31 -37.49 -15.38 46.50
C ARG G 31 -38.47 -15.57 45.35
N ASP G 32 -37.96 -15.76 44.15
CA ASP G 32 -38.79 -15.97 42.96
C ASP G 32 -39.80 -14.85 42.75
N GLY G 33 -39.47 -13.65 43.22
CA GLY G 33 -40.35 -12.51 43.08
C GLY G 33 -41.66 -12.62 43.86
N LYS G 34 -41.62 -13.28 45.01
CA LYS G 34 -42.77 -13.27 45.89
C LYS G 34 -42.51 -12.28 47.01
N LYS G 35 -43.12 -11.10 46.91
CA LYS G 35 -42.86 -10.04 47.87
C LYS G 35 -43.72 -10.24 49.10
N ASN G 36 -44.94 -10.71 48.86
CA ASN G 36 -45.93 -10.83 49.91
C ASN G 36 -45.44 -11.78 50.98
N LEU G 37 -45.01 -12.96 50.55
CA LEU G 37 -44.46 -13.96 51.45
C LEU G 37 -43.27 -13.42 52.23
N ALA G 38 -42.45 -12.58 51.60
CA ALA G 38 -41.27 -12.02 52.25
C ALA G 38 -41.67 -11.04 53.35
N ALA G 39 -42.64 -10.18 53.03
CA ALA G 39 -43.16 -9.23 54.01
C ALA G 39 -43.76 -9.98 55.20
N ARG G 40 -44.53 -11.02 54.89
CA ARG G 40 -45.04 -11.95 55.90
C ARG G 40 -43.92 -12.40 56.80
N ILE G 41 -42.90 -13.02 56.22
CA ILE G 41 -41.76 -13.53 56.96
C ILE G 41 -41.19 -12.48 57.90
N PHE G 42 -40.80 -11.34 57.35
CA PHE G 42 -40.11 -10.32 58.16
C PHE G 42 -41.00 -9.77 59.28
N TYR G 43 -42.23 -9.41 58.96
CA TYR G 43 -43.10 -8.82 59.95
C TYR G 43 -43.42 -9.82 61.06
N ASP G 44 -43.62 -11.08 60.66
CA ASP G 44 -43.81 -12.15 61.63
C ASP G 44 -42.58 -12.21 62.54
N ALA G 45 -41.42 -12.02 61.93
CA ALA G 45 -40.18 -12.03 62.67
C ALA G 45 -40.15 -10.90 63.68
N CYS G 46 -40.64 -9.72 63.30
CA CYS G 46 -40.70 -8.59 64.20
C CYS G 46 -41.62 -8.88 65.37
N LYS G 47 -42.71 -9.59 65.07
CA LYS G 47 -43.64 -9.98 66.11
C LYS G 47 -42.96 -10.99 67.05
N ILE G 48 -41.98 -11.72 66.53
CA ILE G 48 -41.21 -12.65 67.35
C ILE G 48 -40.12 -11.91 68.16
N ILE G 49 -39.68 -10.75 67.68
CA ILE G 49 -38.62 -10.01 68.38
C ILE G 49 -39.15 -9.49 69.71
N GLN G 50 -40.44 -9.19 69.77
CA GLN G 50 -41.04 -8.89 71.07
C GLN G 50 -41.42 -10.19 71.76
N GLU G 51 -41.84 -10.09 73.02
CA GLU G 51 -42.08 -11.23 73.91
C GLU G 51 -40.84 -12.12 73.99
N LYS G 52 -39.71 -11.56 73.56
CA LYS G 52 -38.39 -12.16 73.69
C LYS G 52 -37.50 -11.03 74.20
N THR G 53 -37.35 -10.01 73.35
CA THR G 53 -36.80 -8.73 73.74
C THR G 53 -37.94 -7.72 73.84
N GLY G 54 -38.09 -7.10 75.01
CA GLY G 54 -39.17 -6.15 75.21
C GLY G 54 -39.09 -4.91 74.33
N GLN G 55 -37.93 -4.72 73.69
CA GLN G 55 -37.68 -3.53 72.88
C GLN G 55 -38.38 -3.58 71.52
N GLU G 56 -38.23 -2.50 70.75
CA GLU G 56 -38.84 -2.42 69.43
C GLU G 56 -37.96 -3.08 68.39
N PRO G 57 -38.54 -3.97 67.59
CA PRO G 57 -37.80 -4.80 66.62
C PRO G 57 -36.98 -3.96 65.66
N LEU G 58 -37.42 -2.74 65.37
CA LEU G 58 -36.68 -1.85 64.48
C LEU G 58 -35.27 -1.59 65.00
N LYS G 59 -35.17 -1.25 66.29
CA LYS G 59 -33.89 -0.96 66.93
C LYS G 59 -32.95 -2.16 66.85
N VAL G 60 -33.48 -3.33 67.23
CA VAL G 60 -32.75 -4.58 67.18
C VAL G 60 -32.20 -4.84 65.79
N PHE G 61 -33.10 -4.74 64.80
CA PHE G 61 -32.75 -4.95 63.40
C PHE G 61 -31.62 -4.04 62.97
N LYS G 62 -31.83 -2.74 63.14
CA LYS G 62 -30.84 -1.75 62.73
C LYS G 62 -29.49 -1.97 63.40
N GLN G 63 -29.48 -2.34 64.68
CA GLN G 63 -28.21 -2.56 65.36
C GLN G 63 -27.53 -3.84 64.89
N ALA G 64 -28.33 -4.86 64.56
CA ALA G 64 -27.79 -6.09 64.01
C ALA G 64 -27.07 -5.78 62.70
N VAL G 65 -27.79 -5.15 61.78
CA VAL G 65 -27.22 -4.71 60.52
C VAL G 65 -25.93 -3.94 60.79
N GLU G 66 -25.97 -3.07 61.80
CA GLU G 66 -24.81 -2.26 62.15
C GLU G 66 -23.62 -3.14 62.55
N ASN G 67 -23.89 -4.23 63.24
CA ASN G 67 -22.82 -5.10 63.70
C ASN G 67 -22.28 -6.03 62.62
N VAL G 68 -23.09 -6.30 61.60
CA VAL G 68 -22.65 -7.19 60.53
C VAL G 68 -21.79 -6.43 59.50
N LYS G 69 -21.88 -5.10 59.50
CA LYS G 69 -21.14 -4.29 58.53
C LYS G 69 -19.62 -4.43 58.68
N PRO G 70 -18.96 -4.98 57.63
CA PRO G 70 -17.50 -5.07 57.54
C PRO G 70 -16.80 -3.74 57.28
N ARG G 71 -15.74 -3.45 58.02
CA ARG G 71 -14.95 -2.24 57.80
C ARG G 71 -13.97 -2.45 56.65
N MET G 72 -13.31 -3.61 56.65
CA MET G 72 -12.34 -3.96 55.63
C MET G 72 -12.73 -5.26 54.96
N GLU G 73 -12.18 -5.49 53.77
CA GLU G 73 -12.40 -6.75 53.08
C GLU G 73 -11.21 -6.99 52.16
N VAL G 74 -11.10 -8.20 51.63
CA VAL G 74 -9.99 -8.52 50.75
C VAL G 74 -10.48 -8.69 49.32
N ARG G 75 -9.63 -8.34 48.35
CA ARG G 75 -9.95 -8.44 46.93
C ARG G 75 -8.71 -8.82 46.12
N SER G 76 -8.86 -9.69 45.12
CA SER G 76 -7.72 -10.19 44.36
C SER G 76 -7.12 -9.16 43.39
N ARG G 77 -5.82 -9.27 43.16
CA ARG G 77 -5.15 -8.44 42.16
C ARG G 77 -3.98 -9.20 41.54
N ARG G 78 -3.78 -9.02 40.24
CA ARG G 78 -2.67 -9.65 39.54
C ARG G 78 -1.47 -8.72 39.49
N VAL G 79 -0.39 -9.11 40.18
CA VAL G 79 0.80 -8.28 40.25
C VAL G 79 2.07 -9.07 39.90
N GLY G 80 2.70 -8.69 38.80
CA GLY G 80 4.00 -9.22 38.41
C GLY G 80 4.15 -10.72 38.36
N GLY G 81 3.12 -11.42 37.91
CA GLY G 81 3.17 -12.86 37.77
C GLY G 81 2.62 -13.67 38.94
N ALA G 82 1.79 -13.03 39.76
CA ALA G 82 1.12 -13.72 40.85
C ALA G 82 -0.26 -13.10 41.12
N ASN G 83 -1.00 -13.70 42.05
CA ASN G 83 -2.32 -13.19 42.41
C ASN G 83 -2.41 -13.01 43.93
N TYR G 84 -2.52 -11.75 44.35
CA TYR G 84 -2.50 -11.43 45.77
C TYR G 84 -3.88 -11.09 46.29
N GLN G 85 -4.11 -11.42 47.56
CA GLN G 85 -5.30 -11.00 48.26
C GLN G 85 -5.00 -9.67 48.94
N VAL G 86 -5.62 -8.61 48.45
CA VAL G 86 -5.30 -7.27 48.91
C VAL G 86 -6.39 -6.71 49.81
N PRO G 87 -5.99 -6.29 51.02
CA PRO G 87 -6.94 -5.69 51.96
C PRO G 87 -7.30 -4.27 51.58
N MET G 88 -8.53 -3.85 51.86
CA MET G 88 -8.96 -2.46 51.63
C MET G 88 -10.37 -2.21 52.14
N GLU G 89 -10.68 -0.92 52.25
CA GLU G 89 -11.91 -0.47 52.91
C GLU G 89 -13.14 -0.84 52.13
N VAL G 90 -14.28 -0.85 52.82
CA VAL G 90 -15.56 -1.15 52.20
C VAL G 90 -16.44 0.09 52.16
N SER G 91 -16.85 0.49 50.96
CA SER G 91 -17.77 1.62 50.81
C SER G 91 -19.05 1.34 51.58
N PRO G 92 -19.67 2.40 52.15
CA PRO G 92 -20.86 2.24 52.99
C PRO G 92 -22.00 1.45 52.33
N ARG G 93 -22.21 1.68 51.04
CA ARG G 93 -23.25 0.95 50.31
C ARG G 93 -22.95 -0.54 50.34
N ARG G 94 -21.71 -0.90 50.00
CA ARG G 94 -21.31 -2.30 50.00
C ARG G 94 -21.41 -2.87 51.42
N GLN G 95 -21.11 -2.04 52.41
CA GLN G 95 -21.25 -2.45 53.81
C GLN G 95 -22.68 -2.91 54.07
N GLN G 96 -23.62 -2.08 53.63
CA GLN G 96 -25.04 -2.38 53.81
C GLN G 96 -25.48 -3.64 53.06
N SER G 97 -25.06 -3.73 51.80
CA SER G 97 -25.42 -4.86 50.94
C SER G 97 -24.94 -6.16 51.56
N LEU G 98 -23.64 -6.20 51.85
CA LEU G 98 -23.03 -7.36 52.47
C LEU G 98 -23.66 -7.72 53.81
N ALA G 99 -23.93 -6.71 54.63
CA ALA G 99 -24.54 -6.94 55.93
C ALA G 99 -25.90 -7.63 55.79
N LEU G 100 -26.77 -7.06 54.97
CA LEU G 100 -28.09 -7.64 54.75
C LEU G 100 -28.02 -9.06 54.16
N ARG G 101 -27.29 -9.19 53.04
CA ARG G 101 -27.12 -10.48 52.39
C ARG G 101 -26.66 -11.55 53.38
N TRP G 102 -25.61 -11.22 54.12
CA TRP G 102 -25.09 -12.13 55.14
C TRP G 102 -26.15 -12.48 56.17
N LEU G 103 -26.91 -11.49 56.60
CA LEU G 103 -28.00 -11.73 57.55
C LEU G 103 -28.95 -12.79 57.04
N VAL G 104 -29.43 -12.61 55.81
CA VAL G 104 -30.38 -13.56 55.23
C VAL G 104 -29.79 -14.95 55.07
N GLN G 105 -28.60 -15.03 54.47
CA GLN G 105 -27.91 -16.30 54.30
C GLN G 105 -27.79 -17.06 55.62
N ALA G 106 -27.11 -16.42 56.58
CA ALA G 106 -26.95 -16.98 57.92
C ALA G 106 -28.27 -17.41 58.53
N ALA G 107 -29.31 -16.61 58.30
CA ALA G 107 -30.63 -16.93 58.84
C ALA G 107 -31.13 -18.25 58.25
N ASN G 108 -30.91 -18.45 56.95
CA ASN G 108 -31.41 -19.66 56.31
C ASN G 108 -30.46 -20.83 56.46
N GLN G 109 -29.33 -20.59 57.13
CA GLN G 109 -28.45 -21.67 57.53
C GLN G 109 -28.88 -22.26 58.87
N ARG G 110 -29.80 -21.56 59.53
CA ARG G 110 -30.20 -21.90 60.89
C ARG G 110 -31.03 -23.18 61.01
N PRO G 111 -30.99 -23.82 62.19
CA PRO G 111 -31.74 -25.05 62.50
C PRO G 111 -33.25 -24.85 62.59
N GLU G 112 -33.66 -23.63 62.95
CA GLU G 112 -35.06 -23.34 63.21
C GLU G 112 -35.93 -23.71 62.01
N ARG G 113 -37.11 -24.26 62.31
CA ARG G 113 -37.93 -24.92 61.30
C ARG G 113 -38.56 -23.96 60.29
N ARG G 114 -39.16 -22.87 60.74
CA ARG G 114 -39.86 -21.99 59.82
C ARG G 114 -39.17 -20.61 59.73
N ALA G 115 -39.40 -19.95 58.61
CA ALA G 115 -38.66 -18.76 58.19
C ALA G 115 -38.56 -17.65 59.24
N ALA G 116 -39.71 -17.08 59.60
CA ALA G 116 -39.76 -15.94 60.49
C ALA G 116 -38.97 -16.18 61.78
N VAL G 117 -39.01 -17.42 62.26
CA VAL G 117 -38.25 -17.80 63.45
C VAL G 117 -36.77 -17.69 63.20
N ARG G 118 -36.33 -18.21 62.06
CA ARG G 118 -34.92 -18.15 61.70
C ARG G 118 -34.44 -16.71 61.59
N ILE G 119 -35.24 -15.87 60.93
CA ILE G 119 -34.85 -14.47 60.71
C ILE G 119 -34.81 -13.73 62.04
N ALA G 120 -35.81 -13.96 62.87
CA ALA G 120 -35.88 -13.33 64.19
C ALA G 120 -34.68 -13.71 65.04
N HIS G 121 -34.37 -15.00 65.07
CA HIS G 121 -33.27 -15.48 65.91
C HIS G 121 -31.92 -15.01 65.40
N GLU G 122 -31.70 -15.08 64.09
CA GLU G 122 -30.44 -14.62 63.52
C GLU G 122 -30.28 -13.14 63.78
N LEU G 123 -31.36 -12.39 63.63
CA LEU G 123 -31.36 -10.95 63.88
C LEU G 123 -31.00 -10.64 65.33
N MET G 124 -31.64 -11.33 66.26
CA MET G 124 -31.37 -11.12 67.69
C MET G 124 -29.94 -11.47 68.05
N ASP G 125 -29.47 -12.62 67.56
CA ASP G 125 -28.12 -13.08 67.81
C ASP G 125 -27.11 -12.05 67.31
N ALA G 126 -27.29 -11.63 66.06
CA ALA G 126 -26.41 -10.65 65.44
C ALA G 126 -26.44 -9.35 66.25
N ALA G 127 -27.62 -9.01 66.75
CA ALA G 127 -27.76 -7.81 67.56
C ALA G 127 -26.89 -7.92 68.82
N GLU G 128 -26.88 -9.09 69.45
CA GLU G 128 -26.06 -9.24 70.65
C GLU G 128 -24.63 -9.70 70.35
N GLY G 129 -24.31 -9.81 69.07
CA GLY G 129 -22.93 -10.00 68.65
C GLY G 129 -22.45 -11.42 68.37
N LYS G 130 -23.39 -12.35 68.19
CA LYS G 130 -23.06 -13.74 67.87
C LYS G 130 -23.88 -14.22 66.67
N GLY G 131 -23.54 -15.37 66.12
CA GLY G 131 -24.27 -15.91 65.00
C GLY G 131 -23.53 -15.82 63.67
N GLY G 132 -23.98 -16.62 62.70
CA GLY G 132 -23.28 -16.80 61.44
C GLY G 132 -22.88 -15.55 60.67
N ALA G 133 -23.72 -14.52 60.74
CA ALA G 133 -23.45 -13.27 60.06
C ALA G 133 -22.22 -12.60 60.66
N VAL G 134 -22.22 -12.48 61.99
CA VAL G 134 -21.10 -11.90 62.70
C VAL G 134 -19.85 -12.75 62.48
N LYS G 135 -20.04 -14.05 62.33
CA LYS G 135 -18.92 -14.94 62.04
C LYS G 135 -18.32 -14.60 60.68
N LYS G 136 -19.19 -14.30 59.71
CA LYS G 136 -18.72 -13.90 58.39
C LYS G 136 -17.94 -12.59 58.49
N LYS G 137 -18.54 -11.59 59.13
CA LYS G 137 -17.92 -10.28 59.28
C LYS G 137 -16.55 -10.38 59.95
N GLU G 138 -16.49 -11.21 60.99
CA GLU G 138 -15.23 -11.42 61.71
C GLU G 138 -14.21 -12.13 60.82
N ASP G 139 -14.69 -13.08 60.01
CA ASP G 139 -13.84 -13.85 59.11
C ASP G 139 -13.21 -12.96 58.07
N VAL G 140 -14.00 -12.07 57.50
CA VAL G 140 -13.55 -11.15 56.48
C VAL G 140 -12.59 -10.12 57.06
N GLU G 141 -13.02 -9.45 58.13
CA GLU G 141 -12.15 -8.48 58.79
C GLU G 141 -10.87 -9.13 59.29
N ARG G 142 -10.89 -10.45 59.47
CA ARG G 142 -9.68 -11.20 59.80
C ARG G 142 -8.82 -11.43 58.56
N MET G 143 -9.47 -11.75 57.44
CA MET G 143 -8.78 -12.00 56.18
C MET G 143 -7.99 -10.78 55.76
N ALA G 144 -8.71 -9.66 55.60
CA ALA G 144 -8.04 -8.37 55.53
C ALA G 144 -7.31 -8.21 56.84
N GLU G 145 -6.18 -7.52 56.82
CA GLU G 145 -5.34 -7.31 58.00
C GLU G 145 -4.57 -8.60 58.37
N ALA G 146 -4.97 -9.74 57.84
CA ALA G 146 -4.08 -10.90 57.84
C ALA G 146 -3.11 -10.69 56.69
N ASN G 147 -3.59 -9.95 55.70
CA ASN G 147 -2.86 -9.64 54.48
C ASN G 147 -2.19 -8.26 54.49
N ARG G 148 -2.07 -7.64 55.67
CA ARG G 148 -1.59 -6.26 55.82
C ARG G 148 -0.41 -5.92 54.92
N ALA G 149 0.51 -6.86 54.76
CA ALA G 149 1.68 -6.66 53.93
C ALA G 149 1.32 -6.20 52.50
N TYR G 150 0.14 -6.57 52.02
CA TYR G 150 -0.23 -6.26 50.65
C TYR G 150 -1.04 -4.97 50.54
N ALA G 151 -1.20 -4.28 51.65
CA ALA G 151 -2.02 -3.06 51.66
C ALA G 151 -1.44 -1.95 50.80
N HIS G 152 -0.22 -2.11 50.31
CA HIS G 152 0.39 -1.11 49.45
C HIS G 152 0.02 -1.33 47.99
N TYR G 153 -0.78 -2.36 47.74
CA TYR G 153 -1.32 -2.64 46.41
C TYR G 153 -2.68 -1.96 46.22
N ARG G 154 -3.01 -1.08 47.17
CA ARG G 154 -4.35 -0.54 47.37
C ARG G 154 -5.13 -0.18 46.09
N TRP G 155 -4.66 0.81 45.35
CA TRP G 155 -5.27 1.21 44.07
C TRP G 155 -6.69 1.74 44.22
N MET H 1 44.13 25.06 -5.05
CA MET H 1 43.88 26.05 -6.10
C MET H 1 42.76 25.56 -7.03
N LEU H 2 42.44 26.38 -8.02
CA LEU H 2 41.54 25.96 -9.08
C LEU H 2 42.30 25.06 -10.03
N THR H 3 41.76 23.89 -10.33
CA THR H 3 42.39 23.00 -11.31
C THR H 3 42.04 23.44 -12.73
N ASP H 4 40.79 23.82 -12.96
CA ASP H 4 40.40 24.33 -14.26
C ASP H 4 39.73 25.68 -14.14
N PRO H 5 40.51 26.75 -14.30
CA PRO H 5 40.02 28.13 -14.31
C PRO H 5 38.83 28.36 -15.25
N ILE H 6 38.88 27.82 -16.46
CA ILE H 6 37.83 28.09 -17.44
C ILE H 6 36.53 27.36 -17.07
N ALA H 7 36.65 26.07 -16.77
CA ALA H 7 35.50 25.30 -16.32
C ALA H 7 34.88 26.00 -15.11
N ASP H 8 35.75 26.52 -14.25
CA ASP H 8 35.29 27.24 -13.09
C ASP H 8 34.50 28.48 -13.46
N MET H 9 34.97 29.22 -14.47
CA MET H 9 34.23 30.40 -14.88
C MET H 9 32.85 30.02 -15.39
N LEU H 10 32.82 29.03 -16.29
CA LEU H 10 31.55 28.56 -16.84
C LEU H 10 30.57 28.19 -15.73
N THR H 11 31.10 27.50 -14.73
CA THR H 11 30.29 27.07 -13.60
C THR H 11 29.80 28.28 -12.81
N ARG H 12 30.68 29.25 -12.57
CA ARG H 12 30.31 30.47 -11.87
C ARG H 12 29.11 31.10 -12.55
N ILE H 13 29.18 31.16 -13.88
CA ILE H 13 28.13 31.75 -14.68
C ILE H 13 26.83 30.95 -14.56
N ARG H 14 26.95 29.63 -14.62
CA ARG H 14 25.76 28.78 -14.49
C ARG H 14 25.07 29.03 -13.14
N ASN H 15 25.82 28.82 -12.07
CA ASN H 15 25.33 29.00 -10.71
C ASN H 15 24.74 30.39 -10.51
N ALA H 16 25.39 31.40 -11.08
CA ALA H 16 24.93 32.77 -10.95
C ALA H 16 23.60 32.96 -11.64
N THR H 17 23.46 32.39 -12.82
CA THR H 17 22.24 32.61 -13.59
C THR H 17 21.05 31.87 -12.98
N ARG H 18 21.27 30.69 -12.41
CA ARG H 18 20.14 29.91 -11.91
C ARG H 18 19.42 30.60 -10.75
N VAL H 19 20.12 31.49 -10.06
CA VAL H 19 19.52 32.28 -9.01
C VAL H 19 19.17 33.68 -9.53
N TYR H 20 19.43 33.89 -10.81
CA TYR H 20 19.15 35.15 -11.49
C TYR H 20 19.92 36.32 -10.89
N LYS H 21 21.22 36.11 -10.67
CA LYS H 21 22.11 37.16 -10.22
C LYS H 21 22.20 38.28 -11.27
N GLU H 22 22.41 39.51 -10.83
CA GLU H 22 22.55 40.64 -11.75
C GLU H 22 23.86 40.54 -12.51
N SER H 23 24.93 40.26 -11.78
CA SER H 23 26.24 40.03 -12.37
C SER H 23 26.99 39.02 -11.51
N THR H 24 28.18 38.64 -11.96
CA THR H 24 29.04 37.80 -11.15
C THR H 24 30.52 38.05 -11.46
N ASP H 25 31.34 38.05 -10.42
CA ASP H 25 32.77 38.25 -10.60
C ASP H 25 33.47 36.91 -10.82
N VAL H 26 34.44 36.90 -11.71
CA VAL H 26 35.28 35.72 -11.85
C VAL H 26 36.73 36.18 -11.94
N PRO H 27 37.65 35.47 -11.27
CA PRO H 27 39.06 35.85 -11.27
C PRO H 27 39.58 36.04 -12.68
N ALA H 28 40.29 37.14 -12.91
CA ALA H 28 40.57 37.61 -14.27
C ALA H 28 41.74 36.89 -14.93
N SER H 29 41.55 36.55 -16.21
CA SER H 29 42.63 36.04 -17.05
C SER H 29 42.34 36.45 -18.49
N ARG H 30 43.39 36.58 -19.30
CA ARG H 30 43.22 37.02 -20.67
C ARG H 30 42.40 36.02 -21.46
N PHE H 31 42.61 34.74 -21.16
CA PHE H 31 41.87 33.68 -21.83
C PHE H 31 40.39 33.79 -21.50
N LYS H 32 40.08 33.93 -20.22
CA LYS H 32 38.70 34.08 -19.78
C LYS H 32 38.09 35.27 -20.51
N GLU H 33 38.86 36.34 -20.59
CA GLU H 33 38.42 37.55 -21.25
C GLU H 33 38.05 37.26 -22.69
N GLU H 34 38.92 36.51 -23.36
CA GLU H 34 38.74 36.16 -24.76
C GLU H 34 37.47 35.34 -24.97
N ILE H 35 37.17 34.48 -24.01
CA ILE H 35 35.96 33.67 -24.06
C ILE H 35 34.73 34.57 -23.91
N LEU H 36 34.77 35.40 -22.86
CA LEU H 36 33.69 36.34 -22.57
C LEU H 36 33.35 37.23 -23.75
N ARG H 37 34.36 37.64 -24.51
CA ARG H 37 34.12 38.42 -25.72
C ARG H 37 33.16 37.67 -26.64
N ILE H 38 33.48 36.40 -26.90
CA ILE H 38 32.67 35.57 -27.77
C ILE H 38 31.27 35.47 -27.19
N LEU H 39 31.20 35.29 -25.87
CA LEU H 39 29.92 35.17 -25.21
C LEU H 39 29.04 36.40 -25.47
N ALA H 40 29.63 37.57 -25.30
CA ALA H 40 28.92 38.83 -25.46
C ALA H 40 28.49 39.02 -26.90
N ARG H 41 29.40 38.76 -27.83
CA ARG H 41 29.12 38.91 -29.25
C ARG H 41 27.96 38.02 -29.66
N GLU H 42 27.99 36.78 -29.20
CA GLU H 42 26.96 35.81 -29.56
C GLU H 42 25.66 36.11 -28.82
N GLY H 43 25.74 36.99 -27.82
CA GLY H 43 24.55 37.51 -27.16
C GLY H 43 24.09 36.80 -25.89
N PHE H 44 24.97 36.01 -25.29
CA PHE H 44 24.61 35.27 -24.08
C PHE H 44 24.71 36.10 -22.80
N ILE H 45 25.53 37.13 -22.82
CA ILE H 45 25.66 38.00 -21.66
C ILE H 45 25.47 39.45 -22.08
N LYS H 46 24.98 40.28 -21.17
CA LYS H 46 24.85 41.70 -21.45
C LYS H 46 26.23 42.30 -21.77
N GLY H 47 27.25 41.75 -21.13
CA GLY H 47 28.61 42.19 -21.34
C GLY H 47 29.49 41.89 -20.15
N TYR H 48 30.77 42.20 -20.26
CA TYR H 48 31.68 42.00 -19.15
C TYR H 48 32.55 43.22 -18.98
N GLU H 49 33.09 43.43 -17.79
CA GLU H 49 34.06 44.50 -17.62
C GLU H 49 35.04 44.21 -16.50
N ARG H 50 36.27 44.70 -16.65
CA ARG H 50 37.31 44.50 -15.64
C ARG H 50 37.06 45.37 -14.43
N VAL H 51 37.13 44.75 -13.25
CA VAL H 51 36.99 45.48 -12.02
C VAL H 51 38.09 45.06 -11.07
N ASP H 52 38.09 45.66 -9.89
CA ASP H 52 39.04 45.27 -8.86
C ASP H 52 38.31 44.94 -7.57
N VAL H 53 38.40 43.68 -7.17
CA VAL H 53 37.91 43.28 -5.86
C VAL H 53 39.13 43.12 -4.96
N ASP H 54 39.08 43.79 -3.81
CA ASP H 54 40.27 44.03 -3.00
C ASP H 54 41.32 44.68 -3.90
N GLY H 55 42.53 44.15 -3.88
CA GLY H 55 43.60 44.63 -4.74
C GLY H 55 43.82 43.69 -5.90
N LYS H 56 42.83 42.87 -6.22
CA LYS H 56 43.00 41.85 -7.25
C LYS H 56 41.98 41.99 -8.38
N PRO H 57 42.43 41.76 -9.62
CA PRO H 57 41.62 41.97 -10.82
C PRO H 57 40.56 40.90 -11.03
N TYR H 58 39.38 41.32 -11.45
CA TYR H 58 38.28 40.41 -11.67
C TYR H 58 37.51 40.82 -12.92
N LEU H 59 36.65 39.92 -13.39
CA LEU H 59 35.78 40.22 -14.50
C LEU H 59 34.33 40.14 -14.04
N ARG H 60 33.62 41.26 -14.15
CA ARG H 60 32.19 41.26 -13.88
C ARG H 60 31.46 40.85 -15.13
N VAL H 61 30.73 39.74 -15.02
CA VAL H 61 29.92 39.26 -16.10
C VAL H 61 28.50 39.68 -15.78
N TYR H 62 27.97 40.60 -16.58
CA TYR H 62 26.59 41.02 -16.42
C TYR H 62 25.69 40.07 -17.21
N LEU H 63 24.80 39.39 -16.49
CA LEU H 63 24.03 38.32 -17.09
C LEU H 63 22.78 38.83 -17.77
N LYS H 64 22.09 37.91 -18.42
CA LYS H 64 21.02 38.25 -19.34
C LYS H 64 19.92 37.19 -19.24
N TYR H 65 18.67 37.63 -19.15
CA TYR H 65 17.57 36.69 -19.04
C TYR H 65 16.41 37.07 -19.95
N GLY H 66 15.37 36.25 -19.93
CA GLY H 66 14.17 36.53 -20.69
C GLY H 66 13.24 37.45 -19.93
N PRO H 67 12.02 37.65 -20.47
CA PRO H 67 10.98 38.40 -19.79
C PRO H 67 10.31 37.58 -18.70
N ARG H 68 9.68 38.25 -17.75
CA ARG H 68 8.92 37.58 -16.70
C ARG H 68 7.81 36.76 -17.33
N ARG H 69 7.46 35.62 -16.75
CA ARG H 69 6.52 34.72 -17.39
C ARG H 69 5.19 34.67 -16.66
N GLN H 70 4.24 33.92 -17.22
CA GLN H 70 2.90 33.84 -16.63
C GLN H 70 2.74 32.55 -15.85
N GLY H 71 1.54 32.32 -15.33
CA GLY H 71 1.25 31.13 -14.55
C GLY H 71 2.11 31.03 -13.31
N PRO H 72 2.21 29.83 -12.72
CA PRO H 72 3.15 29.64 -11.62
C PRO H 72 4.58 29.75 -12.12
N ASP H 73 5.54 29.96 -11.23
CA ASP H 73 6.94 30.14 -11.61
C ASP H 73 7.14 31.23 -12.68
N PRO H 74 7.03 32.50 -12.27
CA PRO H 74 7.22 33.65 -13.16
C PRO H 74 8.66 33.76 -13.63
N ARG H 75 9.57 33.03 -12.98
CA ARG H 75 10.99 33.16 -13.23
C ARG H 75 11.30 33.05 -14.71
N PRO H 76 11.94 34.08 -15.26
CA PRO H 76 12.15 34.28 -16.69
C PRO H 76 12.96 33.14 -17.33
N GLU H 77 12.88 33.05 -18.65
CA GLU H 77 13.65 32.07 -19.39
C GLU H 77 15.13 32.43 -19.38
N GLN H 78 15.98 31.46 -19.16
CA GLN H 78 17.42 31.67 -19.20
C GLN H 78 17.87 31.92 -20.63
N VAL H 79 18.74 32.89 -20.83
CA VAL H 79 19.34 33.10 -22.14
C VAL H 79 20.39 32.02 -22.32
N ILE H 80 21.07 31.68 -21.22
CA ILE H 80 21.97 30.54 -21.23
C ILE H 80 21.28 29.37 -20.58
N HIS H 81 20.82 28.44 -21.41
CA HIS H 81 20.11 27.28 -20.90
C HIS H 81 21.17 26.31 -20.46
N HIS H 82 22.18 26.20 -21.30
CA HIS H 82 23.19 25.16 -21.17
C HIS H 82 24.58 25.69 -21.47
N ILE H 83 25.48 25.56 -20.52
CA ILE H 83 26.86 25.93 -20.76
C ILE H 83 27.75 24.84 -20.18
N ARG H 84 28.52 24.18 -21.03
CA ARG H 84 29.21 22.98 -20.60
C ARG H 84 30.62 22.84 -21.15
N ARG H 85 31.54 22.51 -20.26
CA ARG H 85 32.95 22.41 -20.59
C ARG H 85 33.28 21.07 -21.25
N ILE H 86 34.00 21.14 -22.36
CA ILE H 86 34.29 19.94 -23.14
C ILE H 86 35.72 19.46 -22.88
N SER H 87 36.72 20.18 -23.37
CA SER H 87 38.09 19.79 -23.10
C SER H 87 38.42 20.14 -21.65
N LYS H 88 38.90 19.17 -20.89
CA LYS H 88 39.23 19.38 -19.49
C LYS H 88 40.71 19.09 -19.25
N PRO H 89 41.26 19.55 -18.13
CA PRO H 89 42.58 19.00 -17.79
C PRO H 89 42.46 17.51 -17.61
N GLY H 90 43.37 16.72 -18.15
CA GLY H 90 43.30 15.31 -17.89
C GLY H 90 42.49 14.52 -18.89
N ARG H 91 41.56 15.17 -19.58
CA ARG H 91 41.23 14.74 -20.93
C ARG H 91 40.99 15.93 -21.85
N ARG H 92 41.84 16.08 -22.86
CA ARG H 92 41.77 17.25 -23.70
C ARG H 92 41.22 16.88 -25.08
N VAL H 93 40.31 17.71 -25.55
CA VAL H 93 39.59 17.44 -26.79
C VAL H 93 40.05 18.37 -27.88
N TYR H 94 40.70 17.81 -28.89
CA TYR H 94 41.10 18.59 -30.07
C TYR H 94 40.33 18.10 -31.28
N VAL H 95 39.82 19.02 -32.08
CA VAL H 95 39.11 18.63 -33.29
C VAL H 95 39.78 19.24 -34.50
N GLY H 96 39.70 18.53 -35.63
CA GLY H 96 40.09 19.08 -36.90
C GLY H 96 38.98 20.01 -37.35
N VAL H 97 39.09 20.57 -38.54
CA VAL H 97 38.08 21.51 -39.00
C VAL H 97 36.83 20.76 -39.47
N LYS H 98 37.01 19.54 -39.97
CA LYS H 98 35.88 18.72 -40.34
C LYS H 98 35.24 18.08 -39.11
N GLU H 99 35.97 18.11 -38.00
CA GLU H 99 35.50 17.48 -36.76
C GLU H 99 34.80 18.49 -35.85
N ILE H 100 34.69 19.74 -36.31
CA ILE H 100 34.03 20.78 -35.52
C ILE H 100 32.53 20.53 -35.44
N PRO H 101 31.98 20.50 -34.21
CA PRO H 101 30.57 20.14 -34.06
C PRO H 101 29.62 21.26 -34.46
N ARG H 102 28.34 20.95 -34.43
CA ARG H 102 27.27 21.89 -34.71
C ARG H 102 26.26 21.80 -33.58
N VAL H 103 26.15 22.87 -32.82
CA VAL H 103 25.44 22.83 -31.57
C VAL H 103 23.97 23.19 -31.74
N ARG H 104 23.11 22.22 -31.42
CA ARG H 104 21.66 22.38 -31.56
C ARG H 104 21.30 22.79 -32.97
N ARG H 105 21.93 22.13 -33.94
CA ARG H 105 21.77 22.45 -35.36
C ARG H 105 21.87 23.95 -35.59
N GLY H 106 22.83 24.58 -34.95
CA GLY H 106 23.10 25.99 -35.19
C GLY H 106 22.54 26.94 -34.14
N LEU H 107 21.61 26.46 -33.33
CA LEU H 107 20.98 27.35 -32.36
C LEU H 107 21.90 27.62 -31.17
N GLY H 108 22.93 26.80 -31.01
CA GLY H 108 23.95 27.04 -30.01
C GLY H 108 25.28 27.46 -30.61
N ILE H 109 26.32 27.46 -29.80
CA ILE H 109 27.67 27.68 -30.30
C ILE H 109 28.61 26.68 -29.65
N ALA H 110 29.82 26.61 -30.18
CA ALA H 110 30.92 25.93 -29.50
C ALA H 110 32.14 26.82 -29.61
N ILE H 111 32.86 26.98 -28.50
CA ILE H 111 34.01 27.85 -28.51
C ILE H 111 35.26 27.02 -28.71
N LEU H 112 35.97 27.30 -29.80
CA LEU H 112 37.25 26.66 -30.07
C LEU H 112 38.40 27.59 -29.76
N SER H 113 39.50 27.03 -29.29
CA SER H 113 40.76 27.76 -29.27
C SER H 113 41.61 27.30 -30.44
N THR H 114 41.95 28.23 -31.33
CA THR H 114 42.73 27.88 -32.51
C THR H 114 44.02 28.69 -32.58
N SER H 115 44.86 28.37 -33.54
CA SER H 115 46.09 29.13 -33.76
C SER H 115 45.74 30.49 -34.34
N LYS H 116 44.58 30.57 -34.94
CA LYS H 116 44.06 31.82 -35.45
C LYS H 116 43.26 32.53 -34.37
N GLY H 117 43.29 31.97 -33.17
CA GLY H 117 42.67 32.58 -32.01
C GLY H 117 41.40 31.90 -31.54
N VAL H 118 40.77 32.49 -30.51
CA VAL H 118 39.56 31.91 -29.93
C VAL H 118 38.36 32.27 -30.82
N LEU H 119 37.71 31.24 -31.34
CA LEU H 119 36.64 31.41 -32.33
C LEU H 119 35.40 30.61 -32.00
N THR H 120 34.30 30.88 -32.70
CA THR H 120 33.13 30.02 -32.59
C THR H 120 33.19 28.95 -33.68
N ASP H 121 32.20 28.05 -33.69
CA ASP H 121 32.15 27.00 -34.70
C ASP H 121 32.04 27.61 -36.09
N ARG H 122 31.06 28.48 -36.28
CA ARG H 122 30.90 29.19 -37.54
C ARG H 122 32.19 29.93 -37.90
N GLU H 123 32.76 30.66 -36.94
CA GLU H 123 33.94 31.49 -37.16
C GLU H 123 35.14 30.70 -37.63
N ALA H 124 35.38 29.56 -36.98
CA ALA H 124 36.56 28.75 -37.28
C ALA H 124 36.37 27.96 -38.56
N ARG H 125 35.17 27.42 -38.72
CA ARG H 125 34.81 26.69 -39.92
C ARG H 125 35.00 27.60 -41.13
N LYS H 126 34.63 28.87 -40.96
CA LYS H 126 34.78 29.88 -42.00
C LYS H 126 36.27 30.20 -42.21
N LEU H 127 37.00 30.35 -41.11
CA LEU H 127 38.44 30.60 -41.19
C LEU H 127 39.21 29.34 -41.59
N GLY H 128 38.53 28.19 -41.51
CA GLY H 128 39.08 26.93 -41.97
C GLY H 128 40.09 26.27 -41.06
N VAL H 129 39.97 26.51 -39.76
CA VAL H 129 40.90 25.94 -38.79
C VAL H 129 40.18 25.18 -37.69
N GLY H 130 40.80 24.10 -37.23
CA GLY H 130 40.32 23.38 -36.07
C GLY H 130 41.04 23.88 -34.83
N GLY H 131 40.87 23.17 -33.71
CA GLY H 131 41.57 23.54 -32.48
C GLY H 131 41.14 22.73 -31.28
N GLU H 132 41.40 23.28 -30.10
CA GLU H 132 40.95 22.68 -28.85
C GLU H 132 39.48 23.06 -28.65
N LEU H 133 38.65 22.08 -28.29
CA LEU H 133 37.23 22.34 -28.13
C LEU H 133 37.00 22.73 -26.67
N ILE H 134 36.75 24.00 -26.42
CA ILE H 134 36.70 24.53 -25.06
C ILE H 134 35.38 24.23 -24.38
N CYS H 135 34.28 24.52 -25.06
CA CYS H 135 32.96 24.29 -24.49
C CYS H 135 31.84 24.40 -25.51
N GLU H 136 30.63 24.07 -25.06
CA GLU H 136 29.45 24.25 -25.89
C GLU H 136 28.43 25.06 -25.09
N VAL H 137 27.81 26.02 -25.76
CA VAL H 137 26.83 26.90 -25.12
C VAL H 137 25.60 27.00 -25.98
N TRP H 138 24.42 26.78 -25.39
CA TRP H 138 23.18 26.99 -26.12
C TRP H 138 22.01 27.35 -25.21
N GLU I 1 -69.74 17.80 45.73
CA GLU I 1 -70.54 16.64 46.12
C GLU I 1 -69.80 15.34 45.79
N GLN I 2 -69.21 15.28 44.62
CA GLN I 2 -68.47 14.08 44.19
C GLN I 2 -67.27 14.48 43.34
N TYR I 3 -66.13 13.82 43.55
CA TYR I 3 -64.92 14.17 42.82
C TYR I 3 -64.23 12.96 42.21
N TYR I 4 -64.00 12.99 40.90
CA TYR I 4 -63.58 11.80 40.18
C TYR I 4 -62.12 11.80 39.71
N GLY I 5 -61.52 10.62 39.67
CA GLY I 5 -60.21 10.44 39.10
C GLY I 5 -60.06 9.04 38.53
N THR I 6 -59.10 8.85 37.62
CA THR I 6 -58.92 7.54 36.99
C THR I 6 -57.66 6.82 37.45
N GLY I 7 -56.52 7.18 36.89
CA GLY I 7 -55.27 6.53 37.26
C GLY I 7 -55.14 5.18 36.58
N ARG I 8 -53.91 4.80 36.26
CA ARG I 8 -53.68 3.56 35.54
C ARG I 8 -52.31 2.99 35.88
N ARG I 9 -52.24 1.68 36.08
CA ARG I 9 -50.96 1.03 36.26
C ARG I 9 -50.90 -0.34 35.59
N LYS I 10 -49.96 -0.49 34.67
CA LYS I 10 -49.60 -1.82 34.17
C LYS I 10 -50.82 -2.60 33.67
N GLU I 11 -51.57 -2.01 32.75
CA GLU I 11 -52.77 -2.63 32.21
C GLU I 11 -53.83 -2.87 33.29
N ALA I 12 -54.06 -1.86 34.13
CA ALA I 12 -55.13 -1.91 35.12
C ALA I 12 -55.78 -0.53 35.29
N VAL I 13 -57.10 -0.48 35.27
CA VAL I 13 -57.81 0.80 35.44
C VAL I 13 -58.68 0.77 36.70
N ALA I 14 -58.77 1.92 37.34
CA ALA I 14 -59.64 2.06 38.50
C ALA I 14 -60.42 3.38 38.45
N ARG I 15 -61.74 3.29 38.52
CA ARG I 15 -62.55 4.48 38.71
C ARG I 15 -62.49 4.85 40.18
N VAL I 16 -62.17 6.11 40.47
CA VAL I 16 -62.14 6.59 41.84
C VAL I 16 -63.13 7.72 42.04
N PHE I 17 -64.13 7.47 42.89
CA PHE I 17 -65.15 8.47 43.20
C PHE I 17 -65.08 8.89 44.66
N LEU I 18 -64.68 10.13 44.91
CA LEU I 18 -64.56 10.64 46.28
C LEU I 18 -65.84 11.35 46.70
N ARG I 19 -66.53 10.75 47.67
CA ARG I 19 -67.73 11.34 48.25
C ARG I 19 -67.55 11.56 49.75
N PRO I 20 -67.52 12.83 50.20
CA PRO I 20 -67.21 13.16 51.59
C PRO I 20 -68.03 12.33 52.60
N GLY I 21 -67.39 11.91 53.69
CA GLY I 21 -68.03 10.98 54.61
C GLY I 21 -67.16 10.41 55.71
N ASN I 22 -67.54 9.22 56.19
CA ASN I 22 -66.90 8.61 57.36
C ASN I 22 -65.45 8.18 57.10
N GLY I 23 -65.10 7.93 55.84
CA GLY I 23 -63.76 7.45 55.51
C GLY I 23 -63.66 5.98 55.14
N LYS I 24 -64.81 5.32 55.01
CA LYS I 24 -64.83 3.92 54.58
C LYS I 24 -64.76 3.79 53.05
N VAL I 25 -64.08 2.76 52.59
CA VAL I 25 -63.78 2.60 51.17
C VAL I 25 -64.43 1.36 50.58
N THR I 26 -65.02 1.51 49.40
CA THR I 26 -65.65 0.39 48.70
C THR I 26 -64.89 0.07 47.42
N VAL I 27 -64.59 -1.21 47.23
CA VAL I 27 -63.95 -1.67 46.01
C VAL I 27 -64.77 -2.78 45.37
N ASN I 28 -65.33 -2.49 44.20
CA ASN I 28 -66.12 -3.45 43.44
C ASN I 28 -67.28 -4.02 44.25
N GLY I 29 -67.79 -3.24 45.19
CA GLY I 29 -68.89 -3.67 46.05
C GLY I 29 -68.41 -4.38 47.30
N GLN I 30 -67.19 -4.91 47.25
CA GLN I 30 -66.54 -5.46 48.42
C GLN I 30 -65.92 -4.35 49.25
N ASP I 31 -65.72 -4.61 50.54
CA ASP I 31 -65.00 -3.68 51.39
C ASP I 31 -63.56 -3.59 50.90
N PHE I 32 -62.88 -2.49 51.21
CA PHE I 32 -61.50 -2.28 50.75
C PHE I 32 -60.58 -3.40 51.21
N ASN I 33 -60.73 -3.80 52.46
CA ASN I 33 -59.85 -4.77 53.07
C ASN I 33 -60.31 -6.19 52.80
N GLU I 34 -61.49 -6.35 52.21
CA GLU I 34 -61.95 -7.68 51.81
C GLU I 34 -61.38 -8.07 50.45
N TYR I 35 -61.05 -7.08 49.65
CA TYR I 35 -60.41 -7.28 48.34
C TYR I 35 -58.93 -7.57 48.51
N PHE I 36 -58.29 -6.73 49.32
CA PHE I 36 -56.90 -6.77 49.73
C PHE I 36 -56.74 -7.53 51.06
N GLN I 37 -55.69 -7.23 51.84
CA GLN I 37 -55.54 -7.84 53.16
C GLN I 37 -55.22 -9.33 53.10
N GLY I 38 -53.93 -9.59 53.10
CA GLY I 38 -53.32 -10.78 52.56
C GLY I 38 -52.47 -10.20 51.45
N LEU I 39 -52.67 -8.91 51.24
CA LEU I 39 -51.77 -8.10 50.43
C LEU I 39 -51.22 -6.98 51.30
N VAL I 40 -49.92 -7.02 51.58
CA VAL I 40 -49.34 -6.11 52.53
C VAL I 40 -49.21 -4.70 51.95
N ARG I 41 -48.99 -4.62 50.64
CA ARG I 41 -48.83 -3.33 49.97
C ARG I 41 -50.12 -2.52 49.91
N ALA I 42 -51.23 -3.15 50.29
CA ALA I 42 -52.58 -2.60 50.09
C ALA I 42 -52.74 -1.16 50.56
N VAL I 43 -52.23 -0.88 51.75
CA VAL I 43 -52.45 0.41 52.39
C VAL I 43 -51.80 1.54 51.59
N ALA I 44 -50.83 1.20 50.76
CA ALA I 44 -50.17 2.18 49.90
C ALA I 44 -51.17 2.82 48.96
N ALA I 45 -52.21 2.08 48.58
CA ALA I 45 -53.26 2.61 47.72
C ALA I 45 -53.91 3.83 48.35
N LEU I 46 -53.91 3.88 49.67
CA LEU I 46 -54.55 4.98 50.40
C LEU I 46 -53.57 6.08 50.75
N GLU I 47 -52.33 5.94 50.30
CA GLU I 47 -51.27 6.90 50.62
C GLU I 47 -51.57 8.37 50.29
N PRO I 48 -52.25 8.67 49.16
CA PRO I 48 -52.52 10.09 48.90
C PRO I 48 -53.29 10.80 50.02
N LEU I 49 -54.35 10.16 50.51
CA LEU I 49 -55.15 10.75 51.58
C LEU I 49 -54.28 11.06 52.79
N ARG I 50 -53.57 10.05 53.27
CA ARG I 50 -52.65 10.21 54.39
C ARG I 50 -51.63 11.32 54.16
N ALA I 51 -51.38 11.63 52.89
CA ALA I 51 -50.40 12.64 52.54
C ALA I 51 -50.97 14.05 52.72
N VAL I 52 -52.26 14.22 52.41
CA VAL I 52 -52.91 15.52 52.57
C VAL I 52 -53.66 15.62 53.90
N ASP I 53 -53.53 14.57 54.71
CA ASP I 53 -54.24 14.45 55.99
C ASP I 53 -55.75 14.47 55.74
N ALA I 54 -56.16 13.78 54.69
CA ALA I 54 -57.58 13.65 54.35
C ALA I 54 -58.20 12.50 55.12
N LEU I 55 -57.89 11.27 54.71
CA LEU I 55 -58.35 10.09 55.42
C LEU I 55 -59.86 10.07 55.61
N GLY I 56 -60.29 10.19 56.87
CA GLY I 56 -61.69 10.08 57.23
C GLY I 56 -62.58 11.21 56.77
N HIS I 57 -62.07 12.09 55.92
CA HIS I 57 -62.87 13.13 55.29
C HIS I 57 -63.76 12.55 54.18
N PHE I 58 -63.14 11.98 53.16
CA PHE I 58 -63.87 11.38 52.05
C PHE I 58 -64.08 9.88 52.22
N ASP I 59 -65.23 9.40 51.78
CA ASP I 59 -65.37 8.00 51.45
C ASP I 59 -64.99 7.86 49.97
N ALA I 60 -64.88 6.62 49.51
CA ALA I 60 -64.46 6.38 48.13
C ALA I 60 -65.14 5.17 47.51
N TYR I 61 -65.72 5.36 46.33
CA TYR I 61 -66.30 4.25 45.57
C TYR I 61 -65.39 3.96 44.39
N ILE I 62 -64.84 2.75 44.37
CA ILE I 62 -63.81 2.39 43.40
C ILE I 62 -64.24 1.22 42.53
N THR I 63 -63.90 1.29 41.25
CA THR I 63 -64.14 0.14 40.36
C THR I 63 -62.88 -0.24 39.62
N VAL I 64 -62.35 -1.42 39.90
CA VAL I 64 -61.05 -1.81 39.36
C VAL I 64 -61.16 -3.00 38.42
N ARG I 65 -60.57 -2.87 37.23
CA ARG I 65 -60.50 -4.00 36.30
C ARG I 65 -59.24 -3.91 35.44
N GLY I 66 -58.66 -5.07 35.16
CA GLY I 66 -57.37 -5.14 34.49
C GLY I 66 -56.23 -5.43 35.45
N GLY I 67 -55.20 -6.12 34.95
CA GLY I 67 -54.03 -6.48 35.73
C GLY I 67 -54.19 -7.46 36.87
N GLY I 68 -53.24 -7.44 37.79
CA GLY I 68 -53.35 -8.17 39.04
C GLY I 68 -53.61 -7.16 40.14
N LYS I 69 -53.73 -7.63 41.37
CA LYS I 69 -54.23 -6.75 42.42
C LYS I 69 -53.22 -5.69 42.86
N SER I 70 -51.94 -5.92 42.60
CA SER I 70 -50.91 -4.94 42.97
C SER I 70 -50.97 -3.72 42.04
N GLY I 71 -50.99 -3.98 40.74
CA GLY I 71 -51.17 -2.92 39.77
C GLY I 71 -52.47 -2.19 40.01
N GLN I 72 -53.47 -2.93 40.48
CA GLN I 72 -54.74 -2.33 40.84
C GLN I 72 -54.54 -1.37 42.02
N ILE I 73 -53.74 -1.79 42.98
CA ILE I 73 -53.40 -0.96 44.13
C ILE I 73 -52.80 0.36 43.67
N ASP I 74 -51.86 0.28 42.73
CA ASP I 74 -51.21 1.49 42.23
C ASP I 74 -52.16 2.38 41.43
N ALA I 75 -53.01 1.77 40.61
CA ALA I 75 -53.96 2.53 39.80
C ALA I 75 -54.96 3.27 40.68
N ILE I 76 -55.33 2.62 41.79
CA ILE I 76 -56.15 3.24 42.80
C ILE I 76 -55.38 4.40 43.42
N LYS I 77 -54.10 4.17 43.69
CA LYS I 77 -53.24 5.19 44.28
C LYS I 77 -53.19 6.46 43.42
N LEU I 78 -53.17 6.28 42.11
CA LEU I 78 -53.19 7.43 41.20
C LEU I 78 -54.58 8.06 41.19
N GLY I 79 -55.60 7.25 40.99
CA GLY I 79 -56.96 7.73 40.90
C GLY I 79 -57.40 8.59 42.07
N ILE I 80 -57.01 8.18 43.27
CA ILE I 80 -57.34 8.92 44.47
C ILE I 80 -56.66 10.28 44.44
N ALA I 81 -55.43 10.31 43.95
CA ALA I 81 -54.67 11.56 43.87
C ALA I 81 -55.29 12.51 42.85
N ARG I 82 -55.75 11.97 41.73
CA ARG I 82 -56.40 12.77 40.70
C ARG I 82 -57.71 13.36 41.20
N ALA I 83 -58.55 12.51 41.79
CA ALA I 83 -59.82 12.98 42.35
C ALA I 83 -59.55 14.04 43.41
N LEU I 84 -58.50 13.81 44.19
CA LEU I 84 -58.08 14.74 45.23
C LEU I 84 -57.67 16.08 44.63
N VAL I 85 -57.10 16.04 43.43
CA VAL I 85 -56.69 17.26 42.74
C VAL I 85 -57.91 18.00 42.17
N GLN I 86 -58.87 17.24 41.66
CA GLN I 86 -60.11 17.82 41.17
C GLN I 86 -60.85 18.52 42.30
N TYR I 87 -60.80 17.93 43.50
CA TYR I 87 -61.37 18.56 44.68
C TYR I 87 -60.73 19.93 44.94
N ASN I 88 -59.48 19.92 45.37
CA ASN I 88 -58.71 21.15 45.53
C ASN I 88 -57.50 21.13 44.62
N PRO I 89 -57.44 22.03 43.63
CA PRO I 89 -56.28 22.08 42.74
C PRO I 89 -54.98 22.43 43.47
N ASP I 90 -55.09 23.20 44.56
CA ASP I 90 -53.91 23.58 45.34
C ASP I 90 -53.19 22.34 45.86
N TYR I 91 -53.94 21.27 46.07
CA TYR I 91 -53.37 19.99 46.51
C TYR I 91 -52.23 19.50 45.63
N ARG I 92 -52.27 19.87 44.34
CA ARG I 92 -51.20 19.50 43.42
C ARG I 92 -49.85 19.89 44.00
N ALA I 93 -49.77 21.12 44.51
CA ALA I 93 -48.54 21.67 45.08
C ALA I 93 -48.00 20.78 46.19
N LYS I 94 -48.90 20.16 46.94
CA LYS I 94 -48.50 19.23 48.00
C LYS I 94 -48.16 17.87 47.43
N LEU I 95 -48.95 17.44 46.46
CA LEU I 95 -48.93 16.04 46.01
C LEU I 95 -47.82 15.72 45.03
N LYS I 96 -47.29 16.75 44.36
CA LYS I 96 -46.29 16.53 43.31
C LYS I 96 -44.92 16.03 43.80
N PRO I 97 -44.36 16.60 44.89
CA PRO I 97 -43.06 16.10 45.35
C PRO I 97 -43.01 14.59 45.61
N LEU I 98 -44.14 14.02 46.02
CA LEU I 98 -44.26 12.58 46.23
C LEU I 98 -44.48 11.86 44.89
N GLY I 99 -45.01 12.60 43.91
CA GLY I 99 -45.19 12.08 42.57
C GLY I 99 -46.34 11.10 42.43
N PHE I 100 -47.34 11.23 43.28
CA PHE I 100 -48.49 10.33 43.23
C PHE I 100 -49.25 10.47 41.91
N LEU I 101 -49.15 11.64 41.30
CA LEU I 101 -49.89 11.91 40.07
C LEU I 101 -49.06 11.50 38.85
N THR I 102 -47.90 10.90 39.10
CA THR I 102 -47.08 10.34 38.03
C THR I 102 -47.63 8.99 37.60
N ARG I 103 -47.90 8.83 36.31
CA ARG I 103 -48.35 7.54 35.78
C ARG I 103 -47.12 6.68 35.54
N ASP I 104 -47.18 5.40 35.92
CA ASP I 104 -46.01 4.56 35.80
C ASP I 104 -46.01 3.84 34.46
N ALA I 105 -45.08 4.25 33.61
CA ALA I 105 -45.13 3.90 32.19
C ALA I 105 -44.56 2.52 31.94
N ARG I 106 -44.09 1.88 33.01
CA ARG I 106 -43.50 0.56 32.90
C ARG I 106 -44.55 -0.51 32.60
N VAL I 107 -44.28 -1.29 31.56
CA VAL I 107 -45.17 -2.36 31.14
C VAL I 107 -44.34 -3.58 30.75
N VAL I 108 -45.01 -4.71 30.61
CA VAL I 108 -44.36 -5.95 30.19
C VAL I 108 -43.66 -5.75 28.86
N GLU I 109 -42.37 -6.07 28.83
CA GLU I 109 -41.62 -5.98 27.60
C GLU I 109 -42.02 -7.14 26.70
N ARG I 110 -42.36 -6.82 25.46
CA ARG I 110 -42.75 -7.80 24.47
C ARG I 110 -41.66 -8.85 24.25
N LYS I 111 -42.05 -10.13 24.28
CA LYS I 111 -41.12 -11.21 23.98
C LYS I 111 -40.60 -11.13 22.54
N LYS I 112 -39.35 -11.50 22.35
CA LYS I 112 -38.70 -11.36 21.04
C LYS I 112 -38.18 -12.69 20.52
N TYR I 113 -38.23 -12.85 19.19
CA TYR I 113 -37.81 -14.10 18.57
C TYR I 113 -36.31 -14.34 18.74
N GLY I 114 -35.94 -15.61 18.86
CA GLY I 114 -34.56 -15.99 19.05
C GLY I 114 -34.17 -16.06 20.51
N LYS I 115 -34.94 -15.36 21.34
CA LYS I 115 -34.70 -15.36 22.77
C LYS I 115 -35.69 -16.28 23.46
N HIS I 116 -35.58 -16.40 24.78
CA HIS I 116 -36.56 -17.15 25.53
C HIS I 116 -37.66 -16.20 25.97
N LYS I 117 -37.35 -15.27 26.87
CA LYS I 117 -38.26 -14.17 27.11
C LYS I 117 -37.61 -12.79 26.96
N ALA I 118 -37.81 -12.14 25.82
CA ALA I 118 -37.59 -10.70 25.63
C ALA I 118 -36.18 -10.19 25.93
N ARG I 119 -35.46 -10.93 26.76
CA ARG I 119 -34.07 -10.64 27.12
C ARG I 119 -33.30 -11.94 27.11
N ARG I 120 -33.77 -12.87 27.95
CA ARG I 120 -33.07 -14.09 28.28
C ARG I 120 -32.69 -14.86 27.02
N ALA I 121 -31.39 -15.07 26.86
CA ALA I 121 -30.83 -15.70 25.66
C ALA I 121 -30.63 -17.18 25.89
N PRO I 122 -30.92 -18.00 24.87
CA PRO I 122 -30.67 -19.43 24.99
C PRO I 122 -29.19 -19.70 25.21
N GLN I 123 -28.86 -20.51 26.20
CA GLN I 123 -27.48 -20.70 26.60
C GLN I 123 -26.76 -21.54 25.54
N TYR I 124 -25.44 -21.45 25.52
CA TYR I 124 -24.65 -22.21 24.56
C TYR I 124 -23.41 -22.82 25.21
N SER I 125 -22.77 -23.72 24.45
CA SER I 125 -21.64 -24.48 24.95
C SER I 125 -20.34 -24.07 24.29
N LYS I 126 -20.30 -24.24 22.97
CA LYS I 126 -19.13 -24.02 22.12
C LYS I 126 -18.16 -25.20 22.28
N ARG I 127 -18.37 -25.97 23.35
CA ARG I 127 -17.62 -27.18 23.66
C ARG I 127 -18.17 -27.81 24.93
N LYS J 1 -83.84 -0.26 13.10
CA LYS J 1 -83.55 -1.64 13.50
C LYS J 1 -83.04 -2.47 12.33
N ILE J 2 -81.96 -2.00 11.70
CA ILE J 2 -81.33 -2.73 10.60
C ILE J 2 -79.85 -2.97 10.90
N ARG J 3 -79.48 -4.24 11.08
CA ARG J 3 -78.11 -4.58 11.48
C ARG J 3 -77.14 -4.47 10.31
N ILE J 4 -76.04 -3.75 10.53
CA ILE J 4 -75.02 -3.60 9.50
C ILE J 4 -73.63 -3.89 10.07
N LYS J 5 -72.84 -4.68 9.36
CA LYS J 5 -71.47 -4.93 9.81
C LYS J 5 -70.48 -4.76 8.66
N LEU J 6 -69.63 -3.75 8.78
CA LEU J 6 -68.64 -3.46 7.76
C LEU J 6 -67.30 -4.06 8.16
N ARG J 7 -66.69 -4.83 7.26
CA ARG J 7 -65.42 -5.47 7.56
C ARG J 7 -64.42 -5.28 6.41
N GLY J 8 -63.18 -4.96 6.76
CA GLY J 8 -62.16 -4.72 5.75
C GLY J 8 -60.74 -4.72 6.30
N PHE J 9 -59.78 -4.92 5.40
CA PHE J 9 -58.37 -4.94 5.79
C PHE J 9 -57.80 -3.53 5.81
N ASP J 10 -58.53 -2.59 5.21
CA ASP J 10 -58.12 -1.19 5.21
C ASP J 10 -59.12 -0.36 5.98
N HIS J 11 -58.64 0.32 7.02
CA HIS J 11 -59.52 1.11 7.89
C HIS J 11 -59.95 2.42 7.26
N LYS J 12 -59.15 2.93 6.33
CA LYS J 12 -59.48 4.17 5.63
C LYS J 12 -60.77 4.02 4.82
N THR J 13 -60.80 2.99 3.99
CA THR J 13 -61.96 2.70 3.16
C THR J 13 -63.20 2.38 4.00
N LEU J 14 -63.00 1.63 5.08
CA LEU J 14 -64.07 1.37 6.04
C LEU J 14 -64.67 2.67 6.57
N ASP J 15 -63.85 3.47 7.25
CA ASP J 15 -64.31 4.75 7.81
C ASP J 15 -65.02 5.61 6.78
N ALA J 16 -64.39 5.77 5.62
CA ALA J 16 -64.96 6.60 4.56
C ALA J 16 -66.33 6.10 4.11
N SER J 17 -66.43 4.79 3.85
CA SER J 17 -67.69 4.21 3.40
C SER J 17 -68.78 4.29 4.47
N ALA J 18 -68.39 4.07 5.72
CA ALA J 18 -69.33 4.13 6.84
C ALA J 18 -69.92 5.52 6.99
N GLN J 19 -69.06 6.54 7.05
CA GLN J 19 -69.53 7.91 7.16
C GLN J 19 -70.32 8.32 5.93
N LYS J 20 -70.00 7.73 4.78
CA LYS J 20 -70.77 7.96 3.57
C LYS J 20 -72.20 7.42 3.74
N ILE J 21 -72.31 6.21 4.26
CA ILE J 21 -73.61 5.59 4.54
C ILE J 21 -74.38 6.46 5.54
N VAL J 22 -73.67 6.98 6.54
CA VAL J 22 -74.26 7.82 7.56
C VAL J 22 -74.84 9.11 6.96
N GLU J 23 -74.06 9.79 6.13
CA GLU J 23 -74.54 11.00 5.48
C GLU J 23 -75.70 10.69 4.55
N ALA J 24 -75.69 9.51 3.95
CA ALA J 24 -76.79 9.08 3.09
C ALA J 24 -78.07 8.89 3.90
N ALA J 25 -77.93 8.39 5.12
CA ALA J 25 -79.10 8.08 5.94
C ALA J 25 -79.53 9.24 6.85
N ARG J 26 -78.74 10.29 6.91
CA ARG J 26 -79.05 11.44 7.76
C ARG J 26 -80.15 12.30 7.15
N ARG J 27 -80.05 12.53 5.85
CA ARG J 27 -80.99 13.40 5.16
C ARG J 27 -82.34 12.72 4.98
N SER J 28 -82.31 11.41 4.76
CA SER J 28 -83.50 10.63 4.43
C SER J 28 -84.15 9.94 5.63
N GLY J 29 -83.61 10.18 6.83
CA GLY J 29 -83.95 9.37 7.99
C GLY J 29 -83.51 9.92 9.34
N ALA J 30 -83.46 9.04 10.33
CA ALA J 30 -83.23 9.42 11.73
C ALA J 30 -81.81 9.92 11.98
N GLN J 31 -81.51 10.15 13.25
CA GLN J 31 -80.25 10.76 13.67
C GLN J 31 -79.01 9.94 13.29
N VAL J 32 -79.20 8.67 12.92
CA VAL J 32 -78.09 7.82 12.48
C VAL J 32 -77.02 7.70 13.55
N SER J 33 -77.25 6.83 14.53
CA SER J 33 -76.38 6.66 15.69
C SER J 33 -74.88 6.57 15.34
N GLY J 34 -74.56 6.15 14.12
CA GLY J 34 -73.21 6.31 13.63
C GLY J 34 -72.30 5.16 14.00
N PRO J 35 -71.18 5.02 13.25
CA PRO J 35 -70.31 3.84 13.34
C PRO J 35 -69.66 3.65 14.71
N ILE J 36 -69.82 2.46 15.26
CA ILE J 36 -69.17 2.08 16.51
C ILE J 36 -68.00 1.18 16.14
N PRO J 37 -66.80 1.53 16.61
CA PRO J 37 -65.54 0.91 16.18
C PRO J 37 -65.47 -0.62 16.21
N LEU J 38 -65.84 -1.27 17.32
CA LEU J 38 -65.69 -2.73 17.45
C LEU J 38 -64.21 -3.12 17.43
N PRO J 39 -63.86 -4.24 18.06
CA PRO J 39 -62.43 -4.58 18.10
C PRO J 39 -61.92 -5.15 16.78
N THR J 40 -60.62 -5.03 16.57
CA THR J 40 -59.97 -5.59 15.39
C THR J 40 -59.67 -7.07 15.60
N ARG J 41 -59.76 -7.88 14.54
CA ARG J 41 -59.32 -9.26 14.62
C ARG J 41 -57.97 -9.42 13.94
N VAL J 42 -56.93 -9.64 14.74
CA VAL J 42 -55.56 -9.63 14.23
C VAL J 42 -54.97 -11.03 14.18
N ARG J 43 -54.62 -11.48 12.99
CA ARG J 43 -54.06 -12.82 12.81
C ARG J 43 -52.58 -12.75 12.43
N ARG J 44 -51.70 -13.38 13.21
CA ARG J 44 -50.26 -13.29 12.95
C ARG J 44 -49.69 -14.56 12.34
N PHE J 45 -48.67 -14.38 11.50
CA PHE J 45 -47.93 -15.48 10.91
C PHE J 45 -46.45 -15.28 11.14
N THR J 46 -45.82 -16.14 11.95
CA THR J 46 -44.37 -16.07 12.13
C THR J 46 -43.70 -17.09 11.24
N VAL J 47 -42.73 -16.63 10.46
CA VAL J 47 -42.10 -17.46 9.45
C VAL J 47 -40.61 -17.18 9.43
N ILE J 48 -39.79 -18.24 9.40
CA ILE J 48 -38.34 -18.10 9.26
C ILE J 48 -38.00 -17.33 7.99
N ARG J 49 -37.02 -16.44 8.08
CA ARG J 49 -36.58 -15.67 6.93
C ARG J 49 -35.99 -16.54 5.83
N GLY J 50 -34.97 -17.31 6.17
CA GLY J 50 -34.26 -18.10 5.18
C GLY J 50 -34.92 -19.40 4.78
N PRO J 51 -34.59 -19.90 3.58
CA PRO J 51 -35.08 -21.19 3.10
C PRO J 51 -34.48 -22.39 3.83
N PHE J 52 -33.36 -22.19 4.51
CA PHE J 52 -32.68 -23.30 5.18
C PHE J 52 -32.10 -22.93 6.54
N LYS J 53 -32.38 -23.77 7.52
CA LYS J 53 -32.00 -23.59 8.93
C LYS J 53 -32.20 -22.14 9.38
N HIS J 54 -31.21 -21.59 10.10
CA HIS J 54 -31.28 -20.22 10.62
C HIS J 54 -32.57 -19.97 11.37
N LYS J 55 -32.76 -20.67 12.48
CA LYS J 55 -34.05 -20.67 13.16
C LYS J 55 -34.35 -19.34 13.85
N ASP J 56 -33.33 -18.53 14.08
CA ASP J 56 -33.47 -17.33 14.89
C ASP J 56 -33.75 -16.02 14.12
N SER J 57 -34.01 -16.14 12.82
CA SER J 57 -34.32 -14.97 11.98
C SER J 57 -35.80 -14.50 12.04
N ARG J 58 -36.74 -15.36 11.66
CA ARG J 58 -38.19 -15.02 11.70
C ARG J 58 -38.61 -13.81 10.85
N GLU J 59 -39.03 -12.69 11.47
CA GLU J 59 -39.85 -11.63 10.81
C GLU J 59 -41.28 -12.04 10.48
N HIS J 60 -42.14 -12.02 11.48
CA HIS J 60 -43.57 -12.27 11.28
C HIS J 60 -44.38 -11.13 10.63
N PHE J 61 -45.54 -11.51 10.10
CA PHE J 61 -46.50 -10.59 9.48
C PHE J 61 -47.81 -10.63 10.25
N GLU J 62 -48.62 -9.59 10.08
CA GLU J 62 -49.97 -9.58 10.63
C GLU J 62 -51.00 -9.25 9.57
N LEU J 63 -52.20 -9.79 9.74
CA LEU J 63 -53.34 -9.49 8.88
C LEU J 63 -54.52 -9.10 9.77
N ARG J 64 -54.96 -7.85 9.67
CA ARG J 64 -55.93 -7.31 10.60
C ARG J 64 -57.28 -7.04 9.94
N THR J 65 -58.35 -7.51 10.57
CA THR J 65 -59.71 -7.24 10.11
C THR J 65 -60.39 -6.18 10.98
N HIS J 66 -60.57 -5.00 10.41
CA HIS J 66 -61.24 -3.91 11.10
C HIS J 66 -62.75 -4.03 10.94
N ASN J 67 -63.50 -3.59 11.96
CA ASN J 67 -64.96 -3.70 11.89
C ASN J 67 -65.66 -2.36 12.12
N ARG J 68 -66.90 -2.24 11.67
CA ARG J 68 -67.71 -1.04 11.85
C ARG J 68 -69.17 -1.42 12.15
N LEU J 69 -69.97 -0.44 12.57
CA LEU J 69 -71.28 -0.74 13.15
C LEU J 69 -72.51 -0.20 12.41
N VAL J 70 -72.59 1.12 12.21
CA VAL J 70 -73.79 1.76 11.63
C VAL J 70 -75.03 1.56 12.50
N ASP J 71 -76.00 0.76 12.04
CA ASP J 71 -77.29 0.58 12.74
C ASP J 71 -78.15 1.86 12.85
N ILE J 72 -78.77 2.25 11.74
CA ILE J 72 -79.70 3.37 11.69
C ILE J 72 -81.06 3.06 12.32
N ILE J 73 -81.49 3.91 13.24
CA ILE J 73 -82.85 3.88 13.78
C ILE J 73 -83.81 4.48 12.77
N ASN J 74 -85.11 4.18 12.90
CA ASN J 74 -86.15 4.62 11.96
C ASN J 74 -85.89 4.15 10.53
N PRO J 75 -86.07 2.83 10.28
CA PRO J 75 -85.83 2.27 8.95
C PRO J 75 -86.82 2.79 7.90
N ASN J 76 -86.71 4.08 7.57
CA ASN J 76 -87.57 4.67 6.56
C ASN J 76 -87.29 4.06 5.19
N ARG J 77 -88.33 3.97 4.38
CA ARG J 77 -88.18 3.50 3.01
C ARG J 77 -87.51 4.58 2.17
N LYS J 78 -87.59 5.81 2.64
CA LYS J 78 -86.96 6.95 1.98
C LYS J 78 -85.43 6.85 2.11
N THR J 79 -84.98 6.13 3.12
CA THR J 79 -83.55 6.00 3.41
C THR J 79 -82.85 5.09 2.42
N ILE J 80 -83.51 4.00 2.04
CA ILE J 80 -82.96 3.00 1.14
C ILE J 80 -82.74 3.59 -0.27
N GLU J 81 -83.19 4.82 -0.48
CA GLU J 81 -82.96 5.53 -1.74
C GLU J 81 -81.48 5.92 -1.86
N GLN J 82 -81.03 6.79 -0.97
CA GLN J 82 -79.62 7.17 -0.91
C GLN J 82 -78.77 5.96 -0.51
N LEU J 83 -79.40 5.05 0.22
CA LEU J 83 -78.84 3.72 0.51
C LEU J 83 -79.07 2.81 -0.68
N MET J 84 -79.03 1.50 -0.45
CA MET J 84 -78.89 0.49 -1.50
C MET J 84 -77.50 0.68 -2.09
N THR J 85 -77.36 0.73 -3.41
CA THR J 85 -76.01 0.78 -3.95
C THR J 85 -75.60 2.16 -4.48
N LEU J 86 -74.82 2.86 -3.67
CA LEU J 86 -73.85 3.84 -4.14
C LEU J 86 -72.62 3.69 -3.26
N ASP J 87 -71.49 3.24 -3.81
CA ASP J 87 -70.25 3.23 -3.02
C ASP J 87 -68.98 3.26 -3.86
N LEU J 88 -67.97 3.95 -3.35
CA LEU J 88 -66.60 3.85 -3.84
C LEU J 88 -65.85 2.54 -3.49
N PRO J 89 -65.82 2.12 -2.21
CA PRO J 89 -64.82 1.13 -1.79
C PRO J 89 -64.98 -0.29 -2.32
N THR J 90 -63.85 -0.91 -2.62
CA THR J 90 -63.78 -2.26 -3.18
C THR J 90 -63.60 -3.33 -2.11
N GLY J 91 -62.51 -3.24 -1.36
CA GLY J 91 -62.17 -4.24 -0.36
C GLY J 91 -62.93 -4.12 0.94
N VAL J 92 -64.03 -3.38 0.91
CA VAL J 92 -64.95 -3.31 2.03
C VAL J 92 -66.09 -4.31 1.82
N GLU J 93 -66.35 -5.14 2.81
CA GLU J 93 -67.45 -6.08 2.74
C GLU J 93 -68.57 -5.70 3.70
N ILE J 94 -69.80 -5.77 3.21
CA ILE J 94 -70.98 -5.34 3.95
C ILE J 94 -71.84 -6.53 4.39
N GLU J 95 -72.27 -6.49 5.65
CA GLU J 95 -73.20 -7.47 6.20
C GLU J 95 -74.49 -6.77 6.58
N ILE J 96 -75.62 -7.40 6.26
CA ILE J 96 -76.92 -6.81 6.54
C ILE J 96 -77.88 -7.83 7.14
N LYS J 97 -78.49 -7.48 8.26
CA LYS J 97 -79.59 -8.24 8.83
C LYS J 97 -80.73 -7.29 9.21
N THR J 98 -81.84 -7.85 9.69
CA THR J 98 -82.97 -7.02 10.09
C THR J 98 -83.04 -6.92 11.61
N VAL J 99 -84.01 -6.15 12.10
N LYS K 1 22.32 -3.80 79.37
CA LYS K 1 21.83 -2.70 80.20
C LYS K 1 22.86 -1.57 80.28
N ARG K 2 22.49 -0.42 79.72
CA ARG K 2 23.36 0.75 79.63
C ARG K 2 22.67 1.98 80.21
N GLN K 3 21.46 2.25 79.71
CA GLN K 3 20.78 3.55 79.83
C GLN K 3 21.50 4.61 79.01
N VAL K 4 21.36 4.46 77.70
CA VAL K 4 21.89 5.37 76.70
C VAL K 4 21.07 6.66 76.62
N ALA K 5 19.79 6.51 76.30
CA ALA K 5 18.77 7.58 76.34
C ALA K 5 18.83 8.52 75.14
N SER K 6 19.92 8.46 74.38
CA SER K 6 20.02 9.16 73.10
C SER K 6 20.96 8.38 72.19
N GLY K 7 20.65 8.32 70.90
CA GLY K 7 21.49 7.55 70.00
C GLY K 7 21.17 7.68 68.52
N ARG K 8 21.72 6.76 67.73
CA ARG K 8 21.51 6.73 66.28
C ARG K 8 20.58 5.59 65.87
N ALA K 9 19.80 5.80 64.82
CA ALA K 9 19.08 4.69 64.19
C ALA K 9 19.39 4.65 62.70
N TYR K 10 20.09 3.60 62.29
CA TYR K 10 20.43 3.39 60.89
C TYR K 10 19.37 2.55 60.21
N ILE K 11 18.86 3.04 59.09
CA ILE K 11 17.86 2.31 58.33
C ILE K 11 18.45 1.88 57.01
N HIS K 12 18.68 0.58 56.87
CA HIS K 12 19.24 0.04 55.64
C HIS K 12 18.13 -0.62 54.84
N ALA K 13 17.75 0.00 53.73
CA ALA K 13 16.61 -0.47 52.96
C ALA K 13 17.00 -0.88 51.56
N SER K 14 16.56 -2.07 51.15
CA SER K 14 16.76 -2.56 49.81
C SER K 14 15.44 -3.12 49.29
N TYR K 15 15.37 -3.37 47.99
CA TYR K 15 14.14 -3.86 47.39
C TYR K 15 13.79 -5.25 47.91
N ASN K 16 14.76 -5.89 48.56
CA ASN K 16 14.57 -7.22 49.11
C ASN K 16 14.15 -7.21 50.58
N ASN K 17 14.96 -6.60 51.44
CA ASN K 17 14.65 -6.56 52.85
C ASN K 17 15.04 -5.23 53.48
N THR K 18 14.27 -4.80 54.48
CA THR K 18 14.59 -3.59 55.24
C THR K 18 15.09 -3.97 56.64
N ILE K 19 16.12 -3.28 57.12
CA ILE K 19 16.72 -3.65 58.40
C ILE K 19 17.21 -2.44 59.21
N VAL K 20 16.88 -2.44 60.50
CA VAL K 20 17.07 -1.28 61.36
C VAL K 20 18.08 -1.54 62.47
N THR K 21 19.18 -0.79 62.48
CA THR K 21 20.17 -0.97 63.55
C THR K 21 20.28 0.28 64.42
N ILE K 22 19.93 0.16 65.69
CA ILE K 22 19.97 1.28 66.62
C ILE K 22 21.21 1.21 67.52
N THR K 23 21.99 2.30 67.53
CA THR K 23 23.30 2.34 68.17
C THR K 23 23.40 3.48 69.18
N ASP K 24 24.44 3.45 70.00
CA ASP K 24 24.74 4.57 70.89
C ASP K 24 25.25 5.74 70.04
N PRO K 25 25.47 6.92 70.65
CA PRO K 25 25.96 8.04 69.84
C PRO K 25 27.31 7.81 69.17
N ASP K 26 28.05 6.79 69.59
CA ASP K 26 29.34 6.49 68.99
C ASP K 26 29.23 5.60 67.75
N GLY K 27 28.06 4.98 67.57
CA GLY K 27 27.87 4.09 66.44
C GLY K 27 27.87 2.61 66.80
N ASN K 28 28.29 2.30 68.04
CA ASN K 28 28.20 0.95 68.57
C ASN K 28 26.76 0.57 68.81
N PRO K 29 26.30 -0.54 68.21
CA PRO K 29 24.89 -0.89 68.29
C PRO K 29 24.44 -1.41 69.65
N ILE K 30 23.15 -1.27 69.88
CA ILE K 30 22.48 -1.73 71.09
C ILE K 30 21.63 -2.93 70.73
N THR K 31 20.66 -2.67 69.86
CA THR K 31 19.80 -3.70 69.31
C THR K 31 19.63 -3.50 67.82
N TRP K 32 18.92 -4.42 67.18
CA TRP K 32 18.65 -4.31 65.75
C TRP K 32 17.44 -5.15 65.42
N SER K 33 16.89 -4.92 64.23
CA SER K 33 15.75 -5.69 63.76
C SER K 33 15.70 -5.69 62.24
N SER K 34 14.72 -6.39 61.67
CA SER K 34 14.61 -6.54 60.22
C SER K 34 13.39 -7.37 59.86
N GLY K 35 13.16 -7.50 58.56
CA GLY K 35 12.03 -8.27 58.06
C GLY K 35 12.06 -9.73 58.47
N GLY K 36 13.26 -10.28 58.55
CA GLY K 36 13.42 -11.67 58.92
C GLY K 36 13.27 -11.88 60.41
N VAL K 37 13.57 -10.84 61.18
CA VAL K 37 13.46 -10.90 62.64
C VAL K 37 12.01 -11.14 63.02
N ILE K 38 11.11 -10.36 62.42
CA ILE K 38 9.69 -10.65 62.48
C ILE K 38 9.43 -11.85 61.57
N GLY K 39 8.29 -12.49 61.74
CA GLY K 39 8.05 -13.79 61.12
C GLY K 39 8.21 -13.89 59.62
N TYR K 40 8.30 -12.75 58.93
CA TYR K 40 8.39 -12.71 57.48
C TYR K 40 9.64 -13.41 56.96
N LYS K 41 9.49 -14.10 55.83
CA LYS K 41 10.48 -15.07 55.39
C LYS K 41 10.97 -14.75 53.98
N GLY K 42 10.05 -14.75 53.04
CA GLY K 42 10.34 -14.52 51.64
C GLY K 42 10.41 -13.06 51.24
N SER K 43 9.94 -12.76 50.02
CA SER K 43 9.87 -11.40 49.51
C SER K 43 9.13 -10.43 50.44
N ARG K 44 8.28 -10.96 51.32
CA ARG K 44 7.49 -10.14 52.24
C ARG K 44 8.33 -9.26 53.16
N LYS K 45 9.64 -9.50 53.22
CA LYS K 45 10.52 -8.67 54.05
C LYS K 45 10.73 -7.30 53.41
N GLY K 46 10.54 -7.22 52.09
CA GLY K 46 10.72 -5.97 51.38
C GLY K 46 9.48 -5.11 51.45
N THR K 47 8.43 -5.69 52.03
CA THR K 47 7.18 -4.99 52.27
C THR K 47 7.38 -3.76 53.14
N PRO K 48 6.69 -2.66 52.81
CA PRO K 48 6.68 -1.50 53.71
C PRO K 48 6.11 -1.86 55.08
N TYR K 49 5.12 -2.75 55.14
CA TYR K 49 4.58 -3.17 56.42
C TYR K 49 5.66 -3.85 57.23
N ALA K 50 6.40 -4.73 56.57
CA ALA K 50 7.51 -5.43 57.19
C ALA K 50 8.49 -4.42 57.75
N ALA K 51 8.84 -3.42 56.94
CA ALA K 51 9.74 -2.37 57.36
C ALA K 51 9.24 -1.71 58.64
N GLN K 52 7.97 -1.32 58.61
CA GLN K 52 7.34 -0.68 59.76
C GLN K 52 7.49 -1.53 61.02
N LEU K 53 7.08 -2.78 60.92
CA LEU K 53 7.20 -3.73 62.02
C LEU K 53 8.62 -3.78 62.56
N ALA K 54 9.59 -3.80 61.64
CA ALA K 54 11.00 -3.88 61.99
C ALA K 54 11.43 -2.67 62.80
N ALA K 55 11.11 -1.48 62.28
CA ALA K 55 11.48 -0.24 62.95
C ALA K 55 10.86 -0.18 64.34
N LEU K 56 9.60 -0.61 64.45
CA LEU K 56 8.92 -0.60 65.73
C LEU K 56 9.55 -1.58 66.71
N ASP K 57 9.92 -2.76 66.22
CA ASP K 57 10.55 -3.76 67.07
C ASP K 57 11.86 -3.24 67.60
N ALA K 58 12.63 -2.60 66.71
CA ALA K 58 13.90 -1.99 67.09
C ALA K 58 13.68 -0.89 68.13
N ALA K 59 12.60 -0.14 67.97
CA ALA K 59 12.27 0.89 68.93
C ALA K 59 11.95 0.30 70.30
N LYS K 60 11.05 -0.70 70.34
CA LYS K 60 10.64 -1.30 71.60
C LYS K 60 11.81 -2.00 72.28
N LYS K 61 12.71 -2.54 71.48
CA LYS K 61 13.91 -3.16 72.03
C LYS K 61 14.83 -2.07 72.59
N ALA K 62 14.77 -0.89 72.00
CA ALA K 62 15.60 0.22 72.46
C ALA K 62 15.02 0.96 73.66
N MET K 63 13.71 0.79 73.89
CA MET K 63 13.05 1.39 75.04
C MET K 63 13.53 0.66 76.28
N ALA K 64 13.90 -0.59 76.10
CA ALA K 64 14.36 -1.44 77.18
C ALA K 64 15.66 -0.90 77.77
N TYR K 65 16.46 -0.27 76.93
CA TYR K 65 17.69 0.39 77.38
C TYR K 65 17.40 1.82 77.75
N GLY K 66 16.12 2.18 77.71
CA GLY K 66 15.67 3.48 78.17
C GLY K 66 16.06 4.64 77.25
N MET K 67 16.02 4.39 75.94
CA MET K 67 16.37 5.42 74.98
C MET K 67 15.14 6.26 74.62
N GLN K 68 15.36 7.55 74.40
CA GLN K 68 14.28 8.50 74.17
C GLN K 68 14.42 9.21 72.82
N SER K 69 15.51 9.96 72.66
CA SER K 69 15.75 10.68 71.41
C SER K 69 16.71 9.95 70.49
N VAL K 70 16.44 10.01 69.18
CA VAL K 70 17.26 9.33 68.17
C VAL K 70 17.60 10.25 67.01
N ASP K 71 18.78 10.05 66.44
CA ASP K 71 19.12 10.61 65.13
C ASP K 71 18.97 9.50 64.10
N VAL K 72 18.28 9.79 63.00
CA VAL K 72 18.07 8.77 61.98
C VAL K 72 19.04 8.94 60.81
N ILE K 73 19.58 7.81 60.35
CA ILE K 73 20.43 7.80 59.18
C ILE K 73 19.89 6.77 58.20
N VAL K 74 19.59 7.21 56.99
CA VAL K 74 18.96 6.36 56.01
C VAL K 74 19.92 5.96 54.91
N ARG K 75 19.98 4.67 54.61
CA ARG K 75 20.81 4.19 53.53
C ARG K 75 20.04 3.25 52.61
N GLY K 76 20.30 3.36 51.32
CA GLY K 76 19.68 2.50 50.35
C GLY K 76 18.39 3.06 49.80
N THR K 77 18.09 2.68 48.57
CA THR K 77 16.82 3.03 47.95
C THR K 77 15.97 1.77 47.85
N GLY K 78 14.85 1.77 48.55
CA GLY K 78 13.97 0.62 48.53
C GLY K 78 12.59 0.92 49.06
N ALA K 79 11.67 0.01 48.81
CA ALA K 79 10.33 0.12 49.36
C ALA K 79 10.43 0.08 50.87
N GLY K 80 9.49 0.72 51.54
CA GLY K 80 9.48 0.73 52.99
C GLY K 80 10.70 1.39 53.61
N ARG K 81 11.17 2.46 53.00
CA ARG K 81 12.19 3.28 53.63
C ARG K 81 11.46 4.32 54.47
N GLU K 82 10.69 5.16 53.78
CA GLU K 82 9.93 6.21 54.45
C GLU K 82 8.89 5.64 55.41
N GLN K 83 8.52 4.38 55.22
CA GLN K 83 7.55 3.75 56.13
C GLN K 83 8.24 3.40 57.44
N ALA K 84 9.51 3.01 57.35
CA ALA K 84 10.31 2.76 58.55
C ALA K 84 10.56 4.07 59.26
N ILE K 85 10.87 5.10 58.48
CA ILE K 85 10.98 6.46 59.00
C ILE K 85 9.75 6.81 59.81
N ARG K 86 8.60 6.80 59.15
CA ARG K 86 7.34 7.16 59.82
C ARG K 86 7.08 6.27 61.02
N ALA K 87 7.52 5.02 60.94
CA ALA K 87 7.35 4.09 62.06
C ALA K 87 8.11 4.60 63.28
N LEU K 88 9.39 4.94 63.11
CA LEU K 88 10.19 5.50 64.20
C LEU K 88 9.74 6.88 64.61
N GLN K 89 9.05 7.58 63.72
CA GLN K 89 8.71 8.98 63.96
C GLN K 89 7.72 9.08 65.12
N ALA K 90 6.64 8.32 65.08
CA ALA K 90 6.03 8.02 66.36
C ALA K 90 6.18 6.53 66.62
N SER K 91 7.26 6.19 67.32
CA SER K 91 7.40 4.94 68.04
C SER K 91 7.33 5.24 69.51
N GLY K 92 7.28 6.53 69.82
CA GLY K 92 7.55 6.98 71.17
C GLY K 92 9.00 7.47 71.29
N LEU K 93 9.78 7.21 70.25
CA LEU K 93 11.12 7.76 70.16
C LEU K 93 11.03 9.14 69.53
N GLN K 94 11.72 10.11 70.12
CA GLN K 94 11.81 11.42 69.53
C GLN K 94 12.87 11.40 68.45
N VAL K 95 12.48 11.71 67.22
CA VAL K 95 13.43 11.71 66.12
C VAL K 95 14.03 13.11 66.01
N LYS K 96 15.31 13.23 66.34
CA LYS K 96 15.97 14.52 66.42
C LYS K 96 16.32 15.05 65.04
N SER K 97 16.49 14.13 64.08
CA SER K 97 16.94 14.49 62.73
C SER K 97 16.97 13.29 61.81
N ILE K 98 16.98 13.56 60.51
CA ILE K 98 17.02 12.50 59.51
C ILE K 98 18.06 12.85 58.46
N VAL K 99 18.76 11.84 57.95
CA VAL K 99 19.83 12.04 57.00
C VAL K 99 19.88 10.87 56.02
N ASP K 100 20.15 11.14 54.75
CA ASP K 100 20.39 10.05 53.81
C ASP K 100 21.89 9.92 53.56
N ASP K 101 22.48 8.84 54.06
CA ASP K 101 23.90 8.57 53.91
C ASP K 101 24.21 7.61 52.76
N THR K 102 23.21 7.27 51.95
CA THR K 102 23.38 6.18 50.97
C THR K 102 24.65 6.34 50.15
N PRO K 103 25.55 5.34 50.23
CA PRO K 103 26.83 5.39 49.52
C PRO K 103 26.70 5.36 47.99
N VAL K 104 27.28 6.35 47.35
CA VAL K 104 27.42 6.37 45.92
C VAL K 104 28.91 6.40 45.61
N PRO K 105 29.41 5.39 44.90
CA PRO K 105 30.80 5.47 44.47
C PRO K 105 31.01 6.54 43.41
N HIS K 106 32.27 6.92 43.28
CA HIS K 106 32.77 7.89 42.30
C HIS K 106 33.13 7.13 41.01
N ASN K 107 32.47 5.98 40.87
CA ASN K 107 32.68 4.91 39.88
C ASN K 107 33.95 4.11 40.05
N GLY K 108 34.04 3.41 41.17
CA GLY K 108 35.12 2.46 41.38
C GLY K 108 34.97 1.08 40.78
N CYS K 109 33.83 0.44 41.04
CA CYS K 109 33.70 -1.00 40.79
C CYS K 109 32.68 -1.31 39.71
N ARG K 110 33.01 -2.30 38.87
CA ARG K 110 32.08 -2.70 37.81
C ARG K 110 30.92 -3.46 38.42
N PRO K 111 29.70 -3.04 38.12
CA PRO K 111 28.50 -3.64 38.69
C PRO K 111 28.20 -5.01 38.12
N LYS K 112 27.34 -5.77 38.80
CA LYS K 112 26.82 -7.02 38.27
C LYS K 112 26.00 -6.70 37.02
N LYS K 113 25.83 -7.68 36.14
CA LYS K 113 25.07 -7.49 34.91
C LYS K 113 23.71 -6.89 35.22
N LYS K 114 23.19 -7.20 36.41
CA LYS K 114 21.88 -6.72 36.84
C LYS K 114 21.82 -5.20 36.86
N PHE K 115 22.86 -4.60 37.45
CA PHE K 115 22.88 -3.15 37.67
C PHE K 115 23.60 -2.40 36.57
N ARG K 116 24.02 -3.11 35.53
CA ARG K 116 24.86 -2.54 34.50
C ARG K 116 24.08 -1.61 33.58
N LYS K 117 24.74 -1.23 32.48
CA LYS K 117 24.41 -0.03 31.70
C LYS K 117 24.72 1.18 32.59
N ALA K 118 25.77 1.02 33.39
CA ALA K 118 26.29 2.05 34.28
C ALA K 118 27.69 1.63 34.77
N SER K 119 28.30 2.43 35.63
CA SER K 119 29.61 2.10 36.21
C SER K 119 29.80 2.74 37.59
N PRO L 1 34.84 6.08 -12.79
CA PRO L 1 36.31 6.06 -12.85
C PRO L 1 36.86 7.21 -13.69
N THR L 2 37.90 7.87 -13.20
CA THR L 2 38.50 8.99 -13.92
C THR L 2 39.05 8.48 -15.25
N ILE L 3 39.22 9.38 -16.22
CA ILE L 3 39.78 8.95 -17.50
C ILE L 3 41.12 8.25 -17.28
N ASN L 4 41.96 8.86 -16.43
CA ASN L 4 43.26 8.32 -16.10
C ASN L 4 43.13 6.90 -15.54
N GLN L 5 42.08 6.67 -14.76
CA GLN L 5 41.82 5.33 -14.25
C GLN L 5 41.56 4.35 -15.39
N LEU L 6 40.85 4.80 -16.42
CA LEU L 6 40.50 3.92 -17.55
C LEU L 6 41.74 3.64 -18.38
N VAL L 7 42.61 4.63 -18.46
CA VAL L 7 43.86 4.43 -19.18
C VAL L 7 44.71 3.43 -18.41
N ARG L 8 44.64 3.48 -17.08
CA ARG L 8 45.46 2.61 -16.24
C ARG L 8 44.93 1.19 -16.11
N LYS L 9 43.62 1.04 -16.22
CA LYS L 9 42.96 -0.24 -15.96
C LYS L 9 42.04 -0.62 -17.11
N GLY L 10 41.04 0.20 -17.37
CA GLY L 10 40.19 0.01 -18.53
C GLY L 10 38.99 -0.86 -18.24
N ARG L 11 38.09 -0.93 -19.22
CA ARG L 11 36.88 -1.74 -19.07
C ARG L 11 37.17 -3.20 -19.33
N GLU L 12 36.56 -4.06 -18.51
CA GLU L 12 36.73 -5.49 -18.62
C GLU L 12 35.60 -6.10 -19.44
N LYS L 13 35.95 -6.75 -20.55
CA LYS L 13 34.95 -7.37 -21.43
C LYS L 13 34.42 -8.65 -20.80
N VAL L 14 33.10 -8.77 -20.73
CA VAL L 14 32.49 -9.90 -20.01
C VAL L 14 32.23 -11.09 -20.94
N ARG L 15 32.74 -12.25 -20.54
CA ARG L 15 32.55 -13.48 -21.29
C ARG L 15 31.35 -14.24 -20.75
N LYS L 16 30.61 -14.90 -21.63
CA LYS L 16 29.43 -15.65 -21.24
C LYS L 16 29.72 -17.15 -21.30
N LYS L 17 29.29 -17.86 -20.27
CA LYS L 17 29.48 -19.31 -20.21
C LYS L 17 28.33 -20.04 -20.88
N SER L 18 28.65 -21.13 -21.56
CA SER L 18 27.65 -21.90 -22.28
C SER L 18 26.71 -22.63 -21.33
N LYS L 19 25.42 -22.55 -21.61
CA LYS L 19 24.42 -23.28 -20.85
C LYS L 19 24.34 -24.72 -21.35
N VAL L 20 25.17 -25.01 -22.35
CA VAL L 20 25.17 -26.31 -23.01
C VAL L 20 26.61 -26.76 -23.27
N PRO L 21 27.22 -27.48 -22.33
CA PRO L 21 28.42 -28.24 -22.73
C PRO L 21 28.13 -29.58 -23.46
N ALA L 22 27.68 -29.43 -24.70
CA ALA L 22 27.61 -30.50 -25.69
C ALA L 22 28.95 -30.45 -26.43
N LEU L 23 29.81 -29.60 -25.89
CA LEU L 23 31.15 -29.28 -26.38
C LEU L 23 31.17 -28.87 -27.84
N LYS L 24 32.31 -29.11 -28.47
CA LYS L 24 32.55 -29.01 -29.92
C LYS L 24 31.76 -27.87 -30.59
N GLY L 25 31.43 -26.85 -29.81
CA GLY L 25 30.48 -25.82 -30.24
C GLY L 25 29.21 -26.44 -30.80
N ALA L 26 28.92 -27.68 -30.45
CA ALA L 26 28.12 -28.56 -31.31
C ALA L 26 26.62 -28.41 -31.12
N PRO L 27 25.87 -28.52 -32.23
CA PRO L 27 24.42 -28.48 -32.28
C PRO L 27 23.75 -29.74 -31.70
N PHE L 28 24.37 -30.90 -31.89
CA PHE L 28 23.84 -32.14 -31.34
C PHE L 28 24.98 -33.02 -30.89
N ARG L 29 24.67 -33.97 -30.01
CA ARG L 29 25.68 -34.96 -29.67
C ARG L 29 25.04 -36.33 -29.46
N ARG L 30 25.66 -37.36 -30.02
CA ARG L 30 25.18 -38.73 -29.88
C ARG L 30 25.64 -39.32 -28.55
N GLY L 31 24.77 -40.08 -27.91
CA GLY L 31 25.10 -40.73 -26.66
C GLY L 31 24.33 -42.03 -26.50
N VAL L 32 24.71 -42.82 -25.51
CA VAL L 32 24.02 -44.08 -25.25
C VAL L 32 23.45 -44.01 -23.85
N CYS L 33 22.19 -44.41 -23.70
CA CYS L 33 21.52 -44.30 -22.41
C CYS L 33 22.17 -45.18 -21.35
N THR L 34 21.99 -44.80 -20.09
CA THR L 34 22.50 -45.59 -18.98
C THR L 34 21.29 -46.04 -18.18
N VAL L 35 20.59 -45.06 -17.62
CA VAL L 35 19.32 -45.33 -16.96
C VAL L 35 18.23 -44.55 -17.66
N VAL L 36 17.01 -45.08 -17.61
CA VAL L 36 15.84 -44.33 -18.02
C VAL L 36 14.91 -44.26 -16.81
N ARG L 37 14.74 -43.07 -16.27
CA ARG L 37 14.00 -42.89 -15.04
C ARG L 37 12.83 -41.93 -15.16
N THR L 38 12.12 -41.82 -14.04
CA THR L 38 11.03 -40.90 -13.86
C THR L 38 11.50 -39.85 -12.85
N VAL L 39 10.98 -38.64 -12.95
CA VAL L 39 11.47 -37.54 -12.12
C VAL L 39 10.30 -36.67 -11.69
N THR L 40 10.28 -36.27 -10.42
CA THR L 40 9.27 -35.34 -9.92
C THR L 40 9.75 -33.89 -10.03
N PRO L 41 8.93 -33.03 -10.63
CA PRO L 41 9.22 -31.62 -10.94
C PRO L 41 9.18 -30.71 -9.72
N LYS L 42 9.75 -29.50 -9.85
CA LYS L 42 9.79 -28.56 -8.73
C LYS L 42 8.45 -27.86 -8.47
N LYS L 43 8.45 -27.01 -7.45
CA LYS L 43 7.29 -26.77 -6.60
C LYS L 43 5.92 -26.62 -7.25
N PRO L 44 5.77 -25.70 -8.22
CA PRO L 44 4.40 -25.44 -8.64
C PRO L 44 3.74 -26.61 -9.38
N ASN L 45 4.56 -27.53 -9.92
CA ASN L 45 4.01 -28.68 -10.63
C ASN L 45 4.08 -30.00 -9.89
N SER L 46 3.46 -31.01 -10.49
CA SER L 46 3.56 -32.41 -10.10
C SER L 46 3.38 -33.26 -11.33
N ALA L 47 4.20 -34.29 -11.48
CA ALA L 47 4.08 -35.24 -12.58
C ALA L 47 5.04 -36.42 -12.39
N LEU L 48 5.00 -37.33 -13.36
CA LEU L 48 6.07 -38.30 -13.50
C LEU L 48 6.73 -37.99 -14.83
N ARG L 49 7.92 -37.42 -14.77
CA ARG L 49 8.57 -36.88 -15.95
C ARG L 49 9.61 -37.86 -16.50
N LYS L 50 9.68 -38.00 -17.82
CA LYS L 50 10.54 -39.01 -18.41
C LYS L 50 11.94 -38.45 -18.70
N VAL L 51 12.95 -39.07 -18.11
CA VAL L 51 14.33 -38.57 -18.23
C VAL L 51 15.26 -39.75 -18.49
N ALA L 52 16.38 -39.51 -19.16
CA ALA L 52 17.37 -40.56 -19.40
C ALA L 52 18.79 -40.06 -19.11
N LYS L 53 19.55 -40.80 -18.31
CA LYS L 53 20.94 -40.43 -18.07
C LYS L 53 21.81 -41.02 -19.18
N VAL L 54 22.45 -40.13 -19.92
CA VAL L 54 23.10 -40.51 -21.18
C VAL L 54 24.62 -40.35 -21.14
N ARG L 55 25.32 -41.35 -21.63
CA ARG L 55 26.77 -41.33 -21.75
C ARG L 55 27.12 -40.82 -23.15
N LEU L 56 27.67 -39.61 -23.22
CA LEU L 56 27.92 -38.96 -24.50
C LEU L 56 29.19 -39.42 -25.20
N THR L 57 29.23 -39.26 -26.52
CA THR L 57 30.47 -39.36 -27.27
C THR L 57 31.30 -38.13 -26.94
N SER L 58 30.60 -37.10 -26.45
CA SER L 58 31.18 -35.85 -26.00
C SER L 58 32.21 -36.05 -24.87
N GLY L 59 32.09 -37.16 -24.15
CA GLY L 59 32.95 -37.44 -23.01
C GLY L 59 32.28 -37.08 -21.70
N TYR L 60 31.00 -36.70 -21.81
CA TYR L 60 30.18 -36.28 -20.67
C TYR L 60 29.09 -37.30 -20.41
N GLU L 61 28.60 -37.36 -19.17
CA GLU L 61 27.40 -38.14 -18.90
C GLU L 61 26.35 -37.23 -18.26
N VAL L 62 25.26 -36.98 -18.98
CA VAL L 62 24.27 -36.00 -18.54
C VAL L 62 22.86 -36.51 -18.71
N THR L 63 21.99 -36.08 -17.81
CA THR L 63 20.57 -36.42 -17.86
C THR L 63 19.91 -35.59 -18.95
N ALA L 64 18.90 -36.15 -19.58
CA ALA L 64 18.22 -35.45 -20.67
C ALA L 64 16.75 -35.84 -20.80
N TYR L 65 15.93 -34.89 -21.22
CA TYR L 65 14.49 -35.07 -21.26
C TYR L 65 14.05 -35.87 -22.48
N ILE L 66 12.99 -36.64 -22.32
CA ILE L 66 12.44 -37.47 -23.38
C ILE L 66 11.02 -37.04 -23.68
N PRO L 67 10.86 -36.10 -24.64
CA PRO L 67 9.58 -35.48 -24.98
C PRO L 67 8.55 -36.45 -25.54
N GLY L 68 7.35 -35.96 -25.81
CA GLY L 68 6.32 -36.77 -26.43
C GLY L 68 5.46 -37.56 -25.45
N GLU L 69 4.28 -37.96 -25.93
CA GLU L 69 3.30 -38.68 -25.12
C GLU L 69 3.86 -40.00 -24.57
N GLY L 70 4.55 -40.75 -25.41
CA GLY L 70 5.18 -41.98 -24.94
C GLY L 70 6.39 -42.37 -25.76
N HIS L 71 7.32 -43.11 -25.15
CA HIS L 71 8.58 -43.44 -25.79
C HIS L 71 8.96 -44.91 -25.67
N ASN L 72 10.03 -45.29 -26.35
CA ASN L 72 10.71 -46.54 -26.06
C ASN L 72 12.20 -46.28 -25.92
N LEU L 73 12.71 -46.31 -24.70
CA LEU L 73 14.14 -46.18 -24.50
C LEU L 73 14.61 -47.11 -23.41
N GLN L 74 15.48 -48.05 -23.79
CA GLN L 74 15.99 -49.04 -22.85
C GLN L 74 17.32 -48.60 -22.30
N GLU L 75 17.96 -49.50 -21.56
CA GLU L 75 19.26 -49.24 -20.99
C GLU L 75 20.25 -48.85 -22.07
N HIS L 76 20.39 -49.69 -23.10
CA HIS L 76 21.44 -49.53 -24.10
C HIS L 76 21.04 -48.71 -25.33
N SER L 77 19.86 -48.10 -25.32
CA SER L 77 19.38 -47.30 -26.46
C SER L 77 20.34 -46.19 -26.91
N VAL L 78 20.58 -46.12 -28.22
CA VAL L 78 21.39 -45.06 -28.80
C VAL L 78 20.50 -43.87 -29.09
N VAL L 79 20.96 -42.70 -28.71
CA VAL L 79 20.13 -41.52 -28.73
C VAL L 79 20.91 -40.32 -29.23
N LEU L 80 20.21 -39.36 -29.82
CA LEU L 80 20.83 -38.09 -30.19
C LEU L 80 20.25 -36.97 -29.32
N ILE L 81 21.11 -36.16 -28.71
CA ILE L 81 20.62 -35.11 -27.82
C ILE L 81 20.93 -33.73 -28.36
N ARG L 82 20.05 -32.79 -28.01
CA ARG L 82 20.11 -31.41 -28.48
C ARG L 82 19.99 -30.49 -27.29
N GLY L 83 20.25 -29.21 -27.52
CA GLY L 83 20.20 -28.24 -26.45
C GLY L 83 18.77 -27.98 -26.01
N GLY L 84 18.62 -27.02 -25.11
CA GLY L 84 17.32 -26.66 -24.57
C GLY L 84 17.03 -27.41 -23.30
N ARG L 85 16.38 -26.74 -22.36
CA ARG L 85 16.28 -27.27 -21.02
C ARG L 85 14.84 -27.53 -20.63
N VAL L 86 14.67 -28.08 -19.44
CA VAL L 86 13.35 -28.30 -18.87
C VAL L 86 13.28 -27.47 -17.60
N LYS L 87 12.45 -26.44 -17.61
CA LYS L 87 12.52 -25.43 -16.57
C LYS L 87 12.17 -25.98 -15.21
N 0TD L 88 11.37 -27.04 -15.19
CA 0TD L 88 10.66 -27.34 -13.96
C 0TD L 88 11.29 -28.68 -13.46
O 0TD L 88 10.73 -29.34 -12.56
CSB 0TD L 88 8.36 -25.76 -12.46
SB 0TD L 88 8.06 -27.44 -12.99
CB 0TD L 88 9.20 -27.42 -14.39
CG 0TD L 88 8.96 -28.75 -15.10
OD2 0TD L 88 8.09 -29.51 -14.61
OD1 0TD L 88 9.62 -28.98 -16.13
N LEU L 89 12.43 -29.03 -14.05
CA LEU L 89 13.23 -30.19 -13.62
C LEU L 89 14.66 -29.79 -13.39
N PRO L 90 15.02 -29.42 -12.16
CA PRO L 90 16.40 -28.95 -11.97
C PRO L 90 17.41 -30.02 -12.40
N GLY L 91 18.36 -29.62 -13.24
CA GLY L 91 19.40 -30.53 -13.69
C GLY L 91 19.29 -31.06 -15.11
N VAL L 92 18.16 -30.81 -15.78
CA VAL L 92 17.99 -31.30 -17.14
C VAL L 92 18.24 -30.18 -18.13
N ARG L 93 19.40 -30.22 -18.78
CA ARG L 93 19.78 -29.17 -19.73
C ARG L 93 19.63 -29.56 -21.20
N TYR L 94 19.27 -30.81 -21.49
CA TYR L 94 19.27 -31.29 -22.87
C TYR L 94 18.05 -32.13 -23.21
N HIS L 95 17.65 -32.10 -24.47
CA HIS L 95 16.52 -32.90 -24.96
C HIS L 95 16.97 -34.04 -25.85
N ILE L 96 16.25 -35.15 -25.78
CA ILE L 96 16.41 -36.23 -26.76
C ILE L 96 15.71 -35.79 -28.04
N VAL L 97 16.33 -36.05 -29.19
CA VAL L 97 15.73 -35.74 -30.47
C VAL L 97 14.95 -36.94 -30.93
N ARG L 98 13.63 -36.84 -30.97
CA ARG L 98 12.84 -38.02 -31.24
C ARG L 98 12.74 -38.27 -32.73
N GLY L 99 12.69 -39.54 -33.11
CA GLY L 99 12.69 -39.93 -34.50
C GLY L 99 14.09 -40.22 -35.02
N VAL L 100 15.08 -40.13 -34.14
CA VAL L 100 16.47 -40.36 -34.52
C VAL L 100 17.08 -41.51 -33.72
N TYR L 101 17.87 -42.33 -34.40
CA TYR L 101 18.53 -43.49 -33.78
C TYR L 101 17.54 -44.45 -33.14
N ASP L 102 17.83 -44.88 -31.92
CA ASP L 102 17.02 -45.91 -31.26
C ASP L 102 15.80 -45.32 -30.55
N ALA L 103 15.63 -44.01 -30.65
CA ALA L 103 14.45 -43.34 -30.11
C ALA L 103 13.41 -43.14 -31.20
N ALA L 104 12.27 -43.82 -31.05
CA ALA L 104 11.21 -43.74 -32.03
C ALA L 104 10.54 -42.37 -32.03
N GLY L 105 9.84 -42.07 -33.11
CA GLY L 105 9.01 -40.88 -33.16
C GLY L 105 7.75 -41.13 -32.36
N VAL L 106 6.99 -40.08 -32.10
CA VAL L 106 5.75 -40.23 -31.36
C VAL L 106 4.65 -40.72 -32.30
N LYS L 107 4.09 -41.87 -32.02
CA LYS L 107 3.03 -42.42 -32.84
C LYS L 107 1.75 -41.63 -32.62
N ASP L 108 0.91 -41.55 -33.65
CA ASP L 108 -0.40 -40.89 -33.58
C ASP L 108 -0.28 -39.42 -33.20
N ARG L 109 0.67 -38.72 -33.81
CA ARG L 109 0.86 -37.30 -33.56
C ARG L 109 0.52 -36.50 -34.81
N LYS L 110 -0.60 -35.81 -34.79
CA LYS L 110 -1.06 -35.13 -36.00
C LYS L 110 -0.81 -33.62 -36.08
N LYS L 111 -0.29 -33.01 -35.02
CA LYS L 111 -0.23 -31.53 -35.01
C LYS L 111 1.17 -30.97 -35.23
N SER L 112 2.04 -30.99 -34.24
CA SER L 112 3.39 -30.53 -34.55
C SER L 112 4.24 -31.77 -34.69
N ARG L 113 4.45 -32.19 -35.94
CA ARG L 113 5.05 -33.48 -36.19
C ARG L 113 6.57 -33.42 -36.16
N SER L 114 7.12 -32.40 -36.80
CA SER L 114 8.54 -32.35 -37.06
C SER L 114 9.30 -32.28 -35.75
N LYS L 115 8.66 -31.70 -34.74
CA LYS L 115 9.28 -31.54 -33.45
C LYS L 115 9.38 -32.88 -32.71
N TYR L 116 8.34 -33.69 -32.82
CA TYR L 116 8.34 -35.01 -32.19
C TYR L 116 8.72 -36.13 -33.18
N GLY L 117 9.12 -35.73 -34.39
CA GLY L 117 9.73 -36.63 -35.34
C GLY L 117 8.84 -37.67 -35.97
N THR L 118 7.61 -37.28 -36.29
CA THR L 118 6.64 -38.21 -36.88
C THR L 118 6.36 -37.88 -38.33
N LYS L 119 6.38 -38.91 -39.18
CA LYS L 119 6.21 -38.71 -40.61
C LYS L 119 4.76 -38.45 -40.97
N LYS L 120 4.56 -37.79 -42.12
CA LYS L 120 3.24 -37.39 -42.57
C LYS L 120 2.30 -38.58 -42.79
N PRO L 121 1.14 -38.57 -42.10
CA PRO L 121 0.05 -39.53 -42.29
C PRO L 121 -0.39 -39.64 -43.75
N LYS L 122 -0.73 -40.85 -44.18
CA LYS L 122 -0.86 -41.16 -45.60
C LYS L 122 -2.22 -40.83 -46.20
N GLU L 123 -2.40 -41.30 -47.43
CA GLU L 123 -3.64 -41.25 -48.22
C GLU L 123 -4.33 -39.88 -48.19
N ALA L 124 -5.65 -39.90 -48.11
CA ALA L 124 -6.43 -38.67 -48.13
C ALA L 124 -7.51 -38.70 -47.05
N ALA L 125 -7.39 -37.79 -46.08
N ALA M 1 -52.18 -52.16 63.69
CA ALA M 1 -51.29 -53.28 64.01
C ALA M 1 -50.84 -53.99 62.74
N ARG M 2 -50.98 -55.31 62.73
CA ARG M 2 -50.50 -56.13 61.62
C ARG M 2 -51.62 -56.32 60.61
N ILE M 3 -51.46 -55.72 59.43
CA ILE M 3 -52.52 -55.74 58.43
C ILE M 3 -52.02 -56.33 57.12
N ALA M 4 -52.79 -57.29 56.61
CA ALA M 4 -52.57 -57.84 55.27
C ALA M 4 -51.13 -58.29 55.06
N GLY M 5 -50.73 -59.32 55.78
CA GLY M 5 -49.35 -59.76 55.70
C GLY M 5 -48.51 -59.17 56.80
N VAL M 6 -47.20 -59.25 56.60
CA VAL M 6 -46.23 -59.12 57.68
C VAL M 6 -45.91 -57.67 58.05
N GLU M 7 -46.54 -56.71 57.40
CA GLU M 7 -46.15 -55.32 57.60
C GLU M 7 -47.01 -54.58 58.62
N ILE M 8 -46.34 -53.91 59.56
CA ILE M 8 -47.00 -53.08 60.56
C ILE M 8 -46.57 -51.62 60.45
N PRO M 9 -47.50 -50.74 60.03
CA PRO M 9 -47.26 -49.29 60.05
C PRO M 9 -47.47 -48.72 61.45
N ARG M 10 -46.88 -47.57 61.78
CA ARG M 10 -46.99 -47.09 63.16
C ARG M 10 -46.90 -45.56 63.34
N ASN M 11 -47.62 -45.04 64.34
CA ASN M 11 -47.40 -43.69 64.88
C ASN M 11 -47.57 -42.54 63.87
N LYS M 12 -48.60 -42.62 63.04
CA LYS M 12 -48.91 -41.60 62.06
C LYS M 12 -50.22 -41.98 61.40
N ARG M 13 -50.76 -41.07 60.59
CA ARG M 13 -52.13 -41.21 60.09
C ARG M 13 -52.36 -42.55 59.39
N VAL M 14 -53.54 -43.12 59.62
CA VAL M 14 -53.86 -44.49 59.21
C VAL M 14 -53.81 -44.68 57.69
N ASP M 15 -54.24 -43.67 56.94
CA ASP M 15 -54.15 -43.75 55.48
C ASP M 15 -52.70 -43.87 55.04
N VAL M 16 -51.91 -42.88 55.44
CA VAL M 16 -50.49 -42.82 55.15
C VAL M 16 -49.80 -44.09 55.66
N ALA M 17 -50.31 -44.61 56.76
CA ALA M 17 -49.81 -45.87 57.29
C ALA M 17 -50.07 -47.02 56.32
N LEU M 18 -51.32 -47.14 55.88
CA LEU M 18 -51.73 -48.15 54.92
C LEU M 18 -50.95 -48.05 53.62
N THR M 19 -50.39 -46.89 53.35
CA THR M 19 -49.53 -46.72 52.19
C THR M 19 -48.35 -47.69 52.26
N TYR M 20 -47.90 -47.97 53.48
CA TYR M 20 -46.77 -48.87 53.68
C TYR M 20 -47.15 -50.32 53.34
N ILE M 21 -48.44 -50.55 53.10
CA ILE M 21 -48.89 -51.84 52.56
C ILE M 21 -48.55 -51.88 51.07
N TYR M 22 -48.11 -53.03 50.58
CA TYR M 22 -47.61 -53.12 49.21
C TYR M 22 -48.67 -52.84 48.15
N GLY M 23 -49.78 -53.57 48.16
CA GLY M 23 -50.77 -53.38 47.13
C GLY M 23 -51.66 -52.17 47.35
N ILE M 24 -51.25 -51.29 48.26
CA ILE M 24 -52.10 -50.18 48.67
C ILE M 24 -51.40 -48.86 48.50
N GLY M 25 -51.98 -48.01 47.67
CA GLY M 25 -51.51 -46.65 47.50
C GLY M 25 -52.33 -45.69 48.33
N LYS M 26 -52.41 -44.44 47.88
CA LYS M 26 -53.16 -43.43 48.62
C LYS M 26 -54.65 -43.64 48.44
N ALA M 27 -55.06 -43.86 47.20
CA ALA M 27 -56.46 -44.00 46.85
C ALA M 27 -57.12 -45.19 47.55
N ARG M 28 -56.46 -46.34 47.50
CA ARG M 28 -57.01 -47.55 48.10
C ARG M 28 -57.12 -47.43 49.61
N ALA M 29 -56.21 -46.67 50.21
CA ALA M 29 -56.23 -46.45 51.65
C ALA M 29 -57.37 -45.52 52.01
N LYS M 30 -57.55 -44.48 51.20
CA LYS M 30 -58.68 -43.57 51.38
C LYS M 30 -59.99 -44.36 51.33
N GLU M 31 -60.14 -45.18 50.29
CA GLU M 31 -61.34 -45.98 50.12
C GLU M 31 -61.56 -46.95 51.29
N ALA M 32 -60.49 -47.62 51.69
CA ALA M 32 -60.58 -48.60 52.78
C ALA M 32 -61.01 -47.92 54.06
N LEU M 33 -60.40 -46.79 54.39
CA LEU M 33 -60.79 -46.03 55.58
C LEU M 33 -62.23 -45.52 55.48
N GLU M 34 -62.69 -45.28 54.26
CA GLU M 34 -64.06 -44.80 54.07
C GLU M 34 -65.08 -45.90 54.32
N LYS M 35 -64.87 -47.06 53.69
CA LYS M 35 -65.82 -48.17 53.81
C LYS M 35 -65.70 -48.89 55.14
N THR M 36 -64.58 -48.67 55.84
CA THR M 36 -64.37 -49.27 57.15
C THR M 36 -64.89 -48.31 58.23
N GLY M 37 -65.23 -47.10 57.81
CA GLY M 37 -65.76 -46.11 58.72
C GLY M 37 -64.78 -45.63 59.76
N ILE M 38 -63.52 -45.54 59.37
CA ILE M 38 -62.47 -45.07 60.27
C ILE M 38 -62.02 -43.67 59.87
N ASN M 39 -61.91 -42.78 60.84
CA ASN M 39 -61.32 -41.47 60.59
C ASN M 39 -59.86 -41.66 60.22
N PRO M 40 -59.47 -41.10 59.05
CA PRO M 40 -58.08 -41.20 58.59
C PRO M 40 -57.08 -40.50 59.52
N ALA M 41 -57.48 -39.38 60.10
CA ALA M 41 -56.58 -38.53 60.88
C ALA M 41 -55.99 -39.19 62.12
N THR M 42 -56.66 -40.22 62.64
CA THR M 42 -56.21 -40.86 63.87
C THR M 42 -54.88 -41.57 63.66
N ARG M 43 -54.00 -41.50 64.65
CA ARG M 43 -52.74 -42.22 64.58
C ARG M 43 -53.01 -43.71 64.76
N VAL M 44 -52.13 -44.55 64.22
CA VAL M 44 -52.32 -45.99 64.27
C VAL M 44 -52.29 -46.49 65.71
N LYS M 45 -51.46 -45.87 66.54
CA LYS M 45 -51.37 -46.27 67.94
C LYS M 45 -52.68 -45.98 68.68
N ASP M 46 -53.50 -45.11 68.08
CA ASP M 46 -54.79 -44.74 68.65
C ASP M 46 -55.96 -45.54 68.07
N LEU M 47 -55.65 -46.47 67.19
CA LEU M 47 -56.68 -47.31 66.56
C LEU M 47 -57.30 -48.27 67.55
N THR M 48 -58.63 -48.23 67.65
CA THR M 48 -59.38 -49.22 68.41
C THR M 48 -59.06 -50.60 67.85
N GLU M 49 -58.94 -51.60 68.74
CA GLU M 49 -58.71 -52.96 68.32
C GLU M 49 -59.78 -53.39 67.33
N ALA M 50 -61.02 -52.98 67.60
CA ALA M 50 -62.15 -53.24 66.72
C ALA M 50 -61.91 -52.67 65.33
N GLU M 51 -61.50 -51.40 65.28
CA GLU M 51 -61.22 -50.73 64.01
C GLU M 51 -60.13 -51.46 63.23
N VAL M 52 -59.14 -51.99 63.96
CA VAL M 52 -58.05 -52.71 63.33
C VAL M 52 -58.56 -54.01 62.74
N VAL M 53 -59.41 -54.69 63.50
CA VAL M 53 -60.00 -55.94 63.03
C VAL M 53 -60.82 -55.71 61.78
N ARG M 54 -61.60 -54.63 61.77
CA ARG M 54 -62.43 -54.26 60.63
C ARG M 54 -61.60 -53.91 59.40
N LEU M 55 -60.53 -53.13 59.62
CA LEU M 55 -59.60 -52.74 58.58
C LEU M 55 -58.94 -53.96 57.95
N ARG M 56 -58.53 -54.89 58.81
CA ARG M 56 -57.95 -56.15 58.36
C ARG M 56 -58.96 -56.92 57.53
N GLU M 57 -60.18 -57.02 58.05
CA GLU M 57 -61.28 -57.70 57.36
C GLU M 57 -61.43 -57.19 55.94
N TYR M 58 -61.61 -55.88 55.79
CA TYR M 58 -61.73 -55.29 54.46
C TYR M 58 -60.49 -55.54 53.62
N VAL M 59 -59.40 -54.91 54.02
CA VAL M 59 -58.19 -54.82 53.22
C VAL M 59 -57.60 -56.18 52.83
N GLU M 60 -57.54 -57.13 53.76
CA GLU M 60 -56.89 -58.42 53.49
C GLU M 60 -57.48 -59.13 52.29
N ASN M 61 -58.79 -59.42 52.31
CA ASN M 61 -59.40 -59.86 51.08
C ASN M 61 -60.45 -58.89 50.57
N THR M 62 -60.01 -58.01 49.68
CA THR M 62 -60.82 -57.41 48.64
C THR M 62 -59.88 -57.37 47.44
N TRP M 63 -58.78 -56.64 47.60
CA TRP M 63 -57.68 -56.61 46.64
C TRP M 63 -56.56 -57.58 47.01
N LYS M 64 -55.94 -58.15 45.98
CA LYS M 64 -54.75 -58.98 46.12
C LYS M 64 -53.54 -58.11 46.46
N LEU M 65 -52.87 -58.43 47.57
CA LEU M 65 -51.80 -57.57 48.09
C LEU M 65 -50.48 -58.30 48.33
N GLU M 66 -49.43 -57.50 48.50
CA GLU M 66 -48.12 -57.98 48.93
C GLU M 66 -47.55 -59.13 48.09
N GLY M 67 -47.27 -60.25 48.77
CA GLY M 67 -46.62 -61.39 48.14
C GLY M 67 -47.34 -61.90 46.91
N GLU M 68 -48.64 -62.14 47.04
CA GLU M 68 -49.44 -62.60 45.91
C GLU M 68 -49.40 -61.60 44.76
N LEU M 69 -49.30 -60.32 45.09
CA LEU M 69 -49.20 -59.28 44.08
C LEU M 69 -47.88 -59.40 43.31
N ARG M 70 -46.78 -59.47 44.05
CA ARG M 70 -45.46 -59.59 43.44
C ARG M 70 -45.36 -60.86 42.59
N ALA M 71 -45.91 -61.95 43.11
CA ALA M 71 -45.92 -63.22 42.39
C ALA M 71 -46.74 -63.11 41.12
N GLU M 72 -47.84 -62.36 41.19
CA GLU M 72 -48.70 -62.14 40.03
C GLU M 72 -47.97 -61.34 38.96
N VAL M 73 -47.28 -60.29 39.38
CA VAL M 73 -46.51 -59.47 38.45
C VAL M 73 -45.45 -60.32 37.77
N ALA M 74 -44.66 -61.00 38.60
CA ALA M 74 -43.59 -61.85 38.11
C ALA M 74 -44.12 -62.89 37.12
N ALA M 75 -45.29 -63.44 37.42
CA ALA M 75 -45.91 -64.43 36.54
C ALA M 75 -46.36 -63.78 35.24
N ASN M 76 -46.77 -62.51 35.32
CA ASN M 76 -47.17 -61.77 34.12
C ASN M 76 -45.98 -61.59 33.19
N ILE M 77 -44.85 -61.16 33.75
CA ILE M 77 -43.64 -60.96 32.96
C ILE M 77 -43.13 -62.28 32.40
N LYS M 78 -43.11 -63.31 33.25
CA LYS M 78 -42.75 -64.66 32.83
C LYS M 78 -43.58 -65.10 31.63
N ARG M 79 -44.89 -64.90 31.71
CA ARG M 79 -45.77 -65.23 30.59
C ARG M 79 -45.39 -64.42 29.36
N LEU M 80 -45.09 -63.15 29.56
CA LEU M 80 -44.71 -62.28 28.45
C LEU M 80 -43.47 -62.78 27.72
N MET M 81 -42.49 -63.26 28.47
CA MET M 81 -41.24 -63.73 27.91
C MET M 81 -41.38 -65.11 27.27
N ASP M 82 -42.13 -66.00 27.92
CA ASP M 82 -42.26 -67.37 27.46
C ASP M 82 -42.86 -67.45 26.06
N ILE M 83 -43.87 -66.63 25.80
CA ILE M 83 -44.55 -66.69 24.51
C ILE M 83 -43.69 -66.11 23.38
N GLY M 84 -42.59 -65.46 23.74
CA GLY M 84 -41.69 -64.88 22.76
C GLY M 84 -42.20 -63.58 22.15
N CYS M 85 -42.89 -62.80 22.97
CA CYS M 85 -43.39 -61.49 22.57
C CYS M 85 -42.26 -60.45 22.49
N TYR M 86 -42.50 -59.35 21.78
CA TYR M 86 -41.53 -58.27 21.72
C TYR M 86 -41.30 -57.66 23.10
N ARG M 87 -42.41 -57.39 23.78
CA ARG M 87 -42.40 -56.94 25.17
C ARG M 87 -41.48 -57.82 26.00
N GLY M 88 -41.62 -59.13 25.81
CA GLY M 88 -40.82 -60.11 26.52
C GLY M 88 -39.35 -60.01 26.18
N LEU M 89 -39.04 -59.65 24.94
CA LEU M 89 -37.66 -59.46 24.55
C LEU M 89 -37.10 -58.23 25.24
N ARG M 90 -37.90 -57.17 25.31
CA ARG M 90 -37.46 -55.93 25.94
C ARG M 90 -37.23 -56.16 27.44
N HIS M 91 -38.06 -57.00 28.05
CA HIS M 91 -37.86 -57.37 29.44
C HIS M 91 -36.58 -58.19 29.58
N ARG M 92 -36.38 -59.08 28.62
CA ARG M 92 -35.23 -59.97 28.59
C ARG M 92 -33.92 -59.20 28.56
N ARG M 93 -33.80 -58.29 27.62
CA ARG M 93 -32.58 -57.51 27.44
C ARG M 93 -32.44 -56.44 28.51
N GLY M 94 -33.54 -56.14 29.19
CA GLY M 94 -33.55 -55.09 30.19
C GLY M 94 -33.57 -53.69 29.58
N LEU M 95 -34.46 -53.51 28.61
CA LEU M 95 -34.61 -52.24 27.92
C LEU M 95 -36.04 -51.73 28.09
N PRO M 96 -36.26 -50.43 27.86
CA PRO M 96 -37.61 -49.88 28.02
C PRO M 96 -38.65 -50.65 27.22
N VAL M 97 -39.71 -51.09 27.88
CA VAL M 97 -40.75 -51.89 27.24
C VAL M 97 -41.86 -51.01 26.66
N ARG M 98 -41.88 -49.77 27.09
CA ARG M 98 -42.99 -48.86 26.82
C ARG M 98 -42.75 -47.98 25.59
N GLY M 99 -41.70 -48.29 24.83
CA GLY M 99 -41.45 -47.60 23.58
C GLY M 99 -40.86 -46.21 23.72
N GLN M 100 -39.76 -46.11 24.45
CA GLN M 100 -39.05 -44.85 24.59
C GLN M 100 -37.68 -44.96 23.94
N ARG M 101 -37.10 -43.83 23.59
CA ARG M 101 -35.77 -43.80 22.94
C ARG M 101 -34.67 -44.39 23.84
N THR M 102 -33.86 -45.27 23.26
CA THR M 102 -32.70 -45.81 23.97
C THR M 102 -31.36 -45.15 23.58
N ARG M 103 -31.37 -44.27 22.58
CA ARG M 103 -30.12 -43.67 22.11
C ARG M 103 -29.51 -42.82 23.21
N THR M 104 -30.38 -42.16 23.97
CA THR M 104 -29.99 -41.43 25.17
C THR M 104 -30.97 -41.79 26.27
N ASN M 105 -30.66 -41.39 27.49
CA ASN M 105 -31.48 -41.73 28.65
C ASN M 105 -31.74 -43.23 28.75
N ALA M 106 -32.95 -43.59 29.12
CA ALA M 106 -33.32 -44.98 29.42
C ALA M 106 -32.35 -45.57 30.45
N ARG M 107 -31.87 -44.71 31.33
CA ARG M 107 -30.89 -45.11 32.34
C ARG M 107 -31.52 -45.89 33.47
N THR M 108 -32.75 -45.52 33.84
CA THR M 108 -33.45 -46.17 34.94
C THR M 108 -33.54 -47.66 34.68
N ARG M 109 -33.87 -48.00 33.45
CA ARG M 109 -33.97 -49.39 33.03
C ARG M 109 -32.59 -50.06 32.89
N LYS M 110 -31.63 -49.32 32.32
CA LYS M 110 -30.28 -49.84 32.06
C LYS M 110 -29.35 -49.70 33.26
N GLY M 111 -29.84 -49.12 34.34
CA GLY M 111 -29.05 -48.92 35.53
C GLY M 111 -27.86 -48.00 35.32
N PRO M 112 -26.75 -48.30 36.00
CA PRO M 112 -25.53 -47.49 35.88
C PRO M 112 -25.00 -47.44 34.45
N ARG M 113 -24.14 -46.46 34.19
CA ARG M 113 -23.65 -46.18 32.85
C ARG M 113 -22.26 -46.78 32.61
N LYS M 114 -22.19 -47.73 31.68
CA LYS M 114 -20.95 -48.46 31.43
C LYS M 114 -20.22 -47.91 30.22
N THR M 115 -19.13 -47.19 30.45
CA THR M 115 -18.51 -46.41 29.40
C THR M 115 -17.38 -47.17 28.70
N VAL M 116 -17.28 -46.96 27.39
CA VAL M 116 -16.21 -47.56 26.59
C VAL M 116 -15.48 -46.46 25.80
N ALA M 117 -14.51 -46.87 24.98
CA ALA M 117 -13.72 -45.95 24.19
C ALA M 117 -14.50 -45.37 23.01
N GLY M 118 -14.03 -44.24 22.49
CA GLY M 118 -14.69 -43.58 21.37
C GLY M 118 -14.03 -43.84 20.03
N ALA N 1 -39.84 -30.94 -3.79
CA ALA N 1 -41.16 -31.09 -4.38
C ALA N 1 -41.09 -31.86 -5.69
N ARG N 2 -41.05 -33.18 -5.59
CA ARG N 2 -41.03 -34.06 -6.75
C ARG N 2 -42.38 -34.04 -7.49
N LYS N 3 -42.35 -34.16 -8.81
CA LYS N 3 -43.56 -33.99 -9.62
C LYS N 3 -44.60 -35.07 -9.42
N ALA N 4 -44.17 -36.26 -9.01
CA ALA N 4 -45.09 -37.36 -8.81
C ALA N 4 -45.85 -37.20 -7.49
N LEU N 5 -45.21 -36.58 -6.50
CA LEU N 5 -45.82 -36.39 -5.18
C LEU N 5 -46.91 -35.32 -5.21
N ILE N 6 -47.07 -34.68 -6.35
CA ILE N 6 -48.14 -33.71 -6.52
C ILE N 6 -49.37 -34.48 -7.01
N GLU N 7 -49.24 -35.81 -7.00
CA GLU N 7 -50.40 -36.70 -6.91
C GLU N 7 -51.06 -36.52 -5.54
N LYS N 8 -50.45 -35.68 -4.70
CA LYS N 8 -51.05 -35.25 -3.44
C LYS N 8 -52.51 -34.93 -3.64
N ALA N 9 -52.79 -34.11 -4.65
CA ALA N 9 -54.17 -33.80 -4.96
C ALA N 9 -54.77 -35.08 -5.49
N LYS N 10 -55.75 -35.60 -4.77
CA LYS N 10 -56.41 -36.84 -5.16
C LYS N 10 -57.87 -36.80 -4.74
N ARG N 11 -58.76 -37.17 -5.65
CA ARG N 11 -60.17 -37.28 -5.32
C ARG N 11 -60.38 -38.56 -4.53
N THR N 12 -59.52 -39.54 -4.77
CA THR N 12 -59.58 -40.82 -4.08
C THR N 12 -58.25 -41.16 -3.40
N PRO N 13 -58.01 -40.57 -2.22
CA PRO N 13 -56.83 -40.87 -1.40
C PRO N 13 -56.87 -42.28 -0.82
N LYS N 14 -58.04 -42.92 -0.91
CA LYS N 14 -58.33 -44.27 -0.40
C LYS N 14 -58.51 -44.26 1.13
N PHE N 15 -58.00 -43.21 1.77
CA PHE N 15 -58.19 -43.00 3.20
C PHE N 15 -58.15 -41.50 3.47
N LYS N 16 -58.99 -41.02 4.38
CA LYS N 16 -59.02 -39.59 4.68
C LYS N 16 -57.69 -39.11 5.27
N VAL N 17 -57.08 -39.94 6.12
CA VAL N 17 -55.88 -39.55 6.86
C VAL N 17 -54.64 -39.61 5.97
N ARG N 18 -54.73 -40.30 4.85
CA ARG N 18 -53.61 -40.35 3.91
C ARG N 18 -53.49 -39.04 3.17
N ALA N 19 -54.54 -38.25 3.21
CA ALA N 19 -54.57 -36.98 2.51
C ALA N 19 -53.82 -35.92 3.30
N TYR N 20 -52.76 -35.40 2.69
CA TYR N 20 -51.90 -34.42 3.33
C TYR N 20 -51.83 -33.16 2.49
N THR N 21 -51.33 -32.09 3.08
CA THR N 21 -51.34 -30.78 2.43
C THR N 21 -49.99 -30.44 1.83
N ARG N 22 -50.00 -29.74 0.70
CA ARG N 22 -48.77 -29.20 0.13
C ARG N 22 -48.90 -27.73 -0.20
N CYS N 23 -47.80 -27.12 -0.60
CA CYS N 23 -47.81 -25.73 -1.02
C CYS N 23 -48.38 -25.69 -2.42
N VAL N 24 -49.30 -24.78 -2.66
CA VAL N 24 -49.97 -24.74 -3.94
C VAL N 24 -49.07 -24.10 -4.99
N ARG N 25 -48.06 -23.35 -4.53
CA ARG N 25 -47.11 -22.66 -5.40
C ARG N 25 -45.88 -23.51 -5.72
N CYS N 26 -45.02 -23.69 -4.71
CA CYS N 26 -43.76 -24.38 -4.90
C CYS N 26 -43.84 -25.89 -4.67
N GLY N 27 -44.95 -26.36 -4.12
CA GLY N 27 -45.15 -27.78 -3.90
C GLY N 27 -44.51 -28.31 -2.62
N ARG N 28 -44.13 -27.40 -1.73
CA ARG N 28 -43.52 -27.76 -0.46
C ARG N 28 -44.45 -28.64 0.37
N ALA N 29 -43.89 -29.60 1.08
CA ALA N 29 -44.66 -30.44 2.00
C ALA N 29 -44.73 -29.80 3.38
N ARG N 30 -43.59 -29.65 4.04
CA ARG N 30 -43.52 -29.09 5.38
C ARG N 30 -43.78 -27.59 5.42
N SER N 31 -44.25 -27.09 6.57
CA SER N 31 -44.48 -25.67 6.81
C SER N 31 -45.47 -25.03 5.83
N VAL N 32 -46.66 -25.60 5.72
CA VAL N 32 -47.67 -25.05 4.82
C VAL N 32 -48.86 -24.47 5.58
N TYR N 33 -49.01 -23.15 5.53
CA TYR N 33 -50.07 -22.46 6.27
C TYR N 33 -51.45 -22.68 5.64
N ARG N 34 -52.39 -23.19 6.44
CA ARG N 34 -53.71 -23.57 5.95
C ARG N 34 -54.47 -22.41 5.32
N PHE N 35 -54.38 -21.26 5.98
CA PHE N 35 -55.06 -20.04 5.58
C PHE N 35 -54.74 -19.63 4.15
N PHE N 36 -53.45 -19.59 3.81
CA PHE N 36 -53.00 -19.21 2.47
C PHE N 36 -52.85 -20.39 1.52
N GLY N 37 -52.87 -21.61 2.05
CA GLY N 37 -52.56 -22.78 1.24
C GLY N 37 -51.12 -22.80 0.73
N LEU N 38 -50.34 -21.82 1.17
CA LEU N 38 -48.95 -21.68 0.76
C LEU N 38 -47.99 -22.24 1.81
N CYS N 39 -46.70 -22.23 1.47
CA CYS N 39 -45.66 -22.57 2.44
C CYS N 39 -45.07 -21.28 2.96
N ARG N 40 -44.15 -21.39 3.91
CA ARG N 40 -43.63 -20.22 4.62
C ARG N 40 -42.74 -19.36 3.73
N ILE N 41 -42.04 -20.00 2.80
CA ILE N 41 -41.10 -19.33 1.92
C ILE N 41 -41.91 -18.53 0.92
N CYS N 42 -42.73 -19.24 0.15
CA CYS N 42 -43.67 -18.62 -0.77
C CYS N 42 -44.48 -17.54 -0.08
N LEU N 43 -44.91 -17.83 1.16
CA LEU N 43 -45.65 -16.84 1.95
C LEU N 43 -44.86 -15.54 2.09
N ARG N 44 -43.60 -15.64 2.51
CA ARG N 44 -42.80 -14.42 2.72
C ARG N 44 -42.51 -13.70 1.39
N GLU N 45 -42.25 -14.48 0.35
CA GLU N 45 -42.03 -13.95 -1.01
C GLU N 45 -43.22 -13.12 -1.48
N LEU N 46 -44.37 -13.77 -1.60
CA LEU N 46 -45.59 -13.11 -2.05
C LEU N 46 -46.00 -11.97 -1.12
N ALA N 47 -45.72 -12.12 0.17
CA ALA N 47 -45.97 -11.05 1.13
C ALA N 47 -45.18 -9.82 0.73
N HIS N 48 -43.88 -10.02 0.51
CA HIS N 48 -43.00 -8.93 0.12
C HIS N 48 -43.40 -8.36 -1.25
N LYS N 49 -44.02 -9.16 -2.10
CA LYS N 49 -44.44 -8.68 -3.41
C LYS N 49 -45.68 -7.79 -3.30
N GLY N 50 -46.48 -8.01 -2.26
CA GLY N 50 -47.71 -7.27 -2.07
C GLY N 50 -48.92 -7.91 -2.76
N GLN N 51 -48.84 -9.20 -3.03
CA GLN N 51 -49.91 -9.91 -3.69
C GLN N 51 -50.83 -10.64 -2.71
N LEU N 52 -50.56 -10.49 -1.42
CA LEU N 52 -51.48 -10.98 -0.39
C LEU N 52 -52.19 -9.80 0.25
N PRO N 53 -53.47 -9.61 -0.08
CA PRO N 53 -54.25 -8.46 0.40
C PRO N 53 -54.33 -8.40 1.93
N GLY N 54 -54.09 -7.20 2.47
CA GLY N 54 -54.21 -6.96 3.89
C GLY N 54 -53.00 -7.36 4.72
N VAL N 55 -52.12 -8.16 4.12
CA VAL N 55 -50.96 -8.68 4.84
C VAL N 55 -49.87 -7.63 4.91
N ARG N 56 -49.48 -7.25 6.13
CA ARG N 56 -48.54 -6.18 6.33
C ARG N 56 -47.43 -6.66 7.26
N LYS N 57 -46.29 -5.97 7.27
CA LYS N 57 -45.25 -6.29 8.23
C LYS N 57 -45.72 -5.87 9.62
N ALA N 58 -45.43 -6.70 10.63
CA ALA N 58 -45.94 -6.48 11.97
C ALA N 58 -44.85 -6.01 12.92
N SER N 59 -45.17 -5.01 13.73
CA SER N 59 -44.27 -4.57 14.80
C SER N 59 -45.06 -4.00 15.98
N TRP N 60 -44.58 -4.26 17.19
CA TRP N 60 -45.23 -3.76 18.41
C TRP N 60 -44.33 -3.94 19.64
N PRO O 1 60.59 23.27 25.80
CA PRO O 1 60.07 23.67 24.49
C PRO O 1 61.09 24.44 23.65
N ILE O 2 60.61 25.33 22.79
CA ILE O 2 61.48 26.19 22.01
C ILE O 2 61.23 27.64 22.37
N THR O 3 62.21 28.27 23.02
CA THR O 3 62.10 29.66 23.45
C THR O 3 62.31 30.63 22.30
N LYS O 4 61.77 31.83 22.45
CA LYS O 4 61.84 32.86 21.42
C LYS O 4 63.29 33.16 21.04
N GLU O 5 64.19 33.18 22.01
CA GLU O 5 65.59 33.54 21.75
C GLU O 5 66.33 32.51 20.90
N GLU O 6 65.98 31.23 21.06
CA GLU O 6 66.55 30.18 20.23
C GLU O 6 66.06 30.37 18.80
N LYS O 7 64.76 30.64 18.69
CA LYS O 7 64.12 30.89 17.41
C LYS O 7 64.77 32.07 16.69
N GLN O 8 65.05 33.13 17.43
CA GLN O 8 65.70 34.31 16.86
C GLN O 8 67.13 34.00 16.47
N LYS O 9 67.80 33.18 17.27
CA LYS O 9 69.16 32.77 16.96
C LYS O 9 69.21 32.07 15.62
N VAL O 10 68.32 31.09 15.41
CA VAL O 10 68.34 30.32 14.18
C VAL O 10 67.85 31.15 13.00
N ILE O 11 66.85 32.00 13.23
CA ILE O 11 66.35 32.85 12.16
C ILE O 11 67.43 33.82 11.68
N GLN O 12 67.99 34.59 12.61
CA GLN O 12 69.05 35.53 12.28
C GLN O 12 70.28 34.82 11.73
N GLU O 13 70.41 33.54 12.06
CA GLU O 13 71.53 32.74 11.55
C GLU O 13 71.32 32.39 10.07
N PHE O 14 70.11 31.97 9.73
CA PHE O 14 69.86 31.49 8.37
C PHE O 14 69.22 32.50 7.42
N ALA O 15 68.93 33.69 7.92
CA ALA O 15 68.25 34.70 7.10
C ALA O 15 69.08 35.09 5.88
N ARG O 16 68.42 35.21 4.74
CA ARG O 16 69.08 35.57 3.48
C ARG O 16 69.56 37.03 3.51
N PHE O 17 68.93 37.82 4.36
CA PHE O 17 69.32 39.21 4.54
C PHE O 17 68.76 39.69 5.88
N PRO O 18 69.09 40.92 6.29
CA PRO O 18 68.44 41.38 7.52
C PRO O 18 66.94 41.60 7.36
N GLY O 19 66.15 41.02 8.25
CA GLY O 19 64.71 41.14 8.20
C GLY O 19 64.00 40.04 7.43
N ASP O 20 64.70 38.98 7.08
CA ASP O 20 64.05 37.89 6.35
C ASP O 20 63.57 36.81 7.32
N THR O 21 62.25 36.75 7.50
CA THR O 21 61.66 35.68 8.30
C THR O 21 61.08 34.52 7.49
N GLY O 22 60.91 34.70 6.20
CA GLY O 22 60.17 33.72 5.41
C GLY O 22 60.82 32.85 4.35
N SER O 23 62.15 32.92 4.24
CA SER O 23 62.82 32.27 3.12
C SER O 23 62.84 30.77 3.30
N THR O 24 63.02 30.05 2.19
CA THR O 24 63.11 28.60 2.21
C THR O 24 64.16 28.14 3.21
N GLU O 25 65.32 28.78 3.18
CA GLU O 25 66.42 28.42 4.07
C GLU O 25 66.01 28.55 5.53
N VAL O 26 65.33 29.64 5.85
CA VAL O 26 64.86 29.90 7.21
C VAL O 26 63.89 28.81 7.65
N GLN O 27 62.96 28.50 6.77
CA GLN O 27 61.94 27.48 7.06
C GLN O 27 62.57 26.12 7.29
N VAL O 28 63.45 25.70 6.38
CA VAL O 28 64.12 24.42 6.51
C VAL O 28 64.90 24.37 7.81
N ALA O 29 65.55 25.49 8.16
CA ALA O 29 66.31 25.56 9.41
C ALA O 29 65.42 25.35 10.63
N LEU O 30 64.38 26.17 10.75
CA LEU O 30 63.44 26.07 11.87
C LEU O 30 62.84 24.67 11.98
N LEU O 31 62.31 24.19 10.86
CA LEU O 31 61.78 22.85 10.77
C LEU O 31 62.77 21.83 11.29
N THR O 32 64.03 21.97 10.89
CA THR O 32 65.07 21.03 11.30
C THR O 32 65.24 21.07 12.82
N LEU O 33 65.22 22.27 13.38
CA LEU O 33 65.26 22.43 14.83
C LEU O 33 64.17 21.60 15.49
N ARG O 34 62.93 21.82 15.03
CA ARG O 34 61.78 21.09 15.58
C ARG O 34 61.90 19.59 15.42
N ILE O 35 62.35 19.15 14.25
CA ILE O 35 62.51 17.74 13.94
C ILE O 35 63.49 17.08 14.90
N ASN O 36 64.67 17.69 15.04
CA ASN O 36 65.68 17.17 15.95
C ASN O 36 65.13 17.08 17.37
N ARG O 37 64.51 18.17 17.82
CA ARG O 37 63.96 18.24 19.18
C ARG O 37 62.93 17.13 19.43
N LEU O 38 62.05 16.92 18.46
CA LEU O 38 61.00 15.92 18.55
C LEU O 38 61.55 14.50 18.51
N SER O 39 62.61 14.30 17.74
CA SER O 39 63.26 12.99 17.67
C SER O 39 63.90 12.66 18.99
N GLU O 40 64.49 13.68 19.61
CA GLU O 40 65.02 13.52 20.96
C GLU O 40 63.90 13.19 21.95
N HIS O 41 62.75 13.84 21.77
CA HIS O 41 61.58 13.56 22.59
C HIS O 41 61.08 12.13 22.39
N LEU O 42 61.31 11.58 21.19
CA LEU O 42 60.79 10.26 20.85
C LEU O 42 61.80 9.13 21.05
N LYS O 43 63.03 9.47 21.42
CA LYS O 43 63.95 8.43 21.89
C LYS O 43 63.38 7.83 23.18
N VAL O 44 63.14 8.68 24.18
CA VAL O 44 62.30 8.30 25.32
C VAL O 44 60.88 8.48 24.80
N HIS O 45 59.88 8.14 25.61
CA HIS O 45 58.49 8.33 25.19
C HIS O 45 58.22 7.80 23.78
N LYS O 46 58.77 6.64 23.45
CA LYS O 46 58.64 6.10 22.10
C LYS O 46 57.27 5.48 21.89
N LYS O 47 56.48 5.42 22.97
CA LYS O 47 55.12 4.91 22.87
C LYS O 47 54.14 6.02 22.51
N ASP O 48 54.65 7.23 22.33
CA ASP O 48 53.77 8.35 21.99
C ASP O 48 53.73 8.47 20.48
N HIS O 49 52.62 8.01 19.90
CA HIS O 49 52.48 7.97 18.45
C HIS O 49 51.97 9.28 17.86
N HIS O 50 51.00 9.88 18.53
CA HIS O 50 50.34 11.06 18.02
C HIS O 50 51.33 12.18 17.70
N SER O 51 52.44 12.21 18.43
CA SER O 51 53.48 13.19 18.16
C SER O 51 54.26 12.74 16.94
N HIS O 52 54.53 11.44 16.87
CA HIS O 52 55.30 10.88 15.78
C HIS O 52 54.65 11.25 14.45
N ARG O 53 53.32 11.28 14.42
CA ARG O 53 52.64 11.75 13.21
C ARG O 53 53.10 13.16 12.83
N GLY O 54 53.11 14.03 13.83
CA GLY O 54 53.63 15.39 13.64
C GLY O 54 55.02 15.36 13.06
N LEU O 55 55.86 14.43 13.53
CA LEU O 55 57.23 14.31 13.03
C LEU O 55 57.24 13.93 11.55
N LEU O 56 56.35 13.03 11.17
CA LEU O 56 56.19 12.66 9.76
C LEU O 56 55.83 13.86 8.89
N MET O 57 54.84 14.63 9.35
CA MET O 57 54.40 15.81 8.60
C MET O 57 55.53 16.83 8.47
N MET O 58 56.24 17.09 9.57
CA MET O 58 57.36 18.03 9.55
C MET O 58 58.43 17.58 8.57
N VAL O 59 58.79 16.31 8.64
CA VAL O 59 59.81 15.76 7.75
C VAL O 59 59.40 15.95 6.29
N GLY O 60 58.18 15.54 5.97
CA GLY O 60 57.65 15.71 4.62
C GLY O 60 57.71 17.14 4.13
N GLN O 61 57.35 18.07 5.01
CA GLN O 61 57.41 19.49 4.66
C GLN O 61 58.85 19.87 4.33
N ARG O 62 59.78 19.50 5.20
CA ARG O 62 61.19 19.82 4.99
C ARG O 62 61.69 19.26 3.65
N ARG O 63 61.27 18.05 3.32
CA ARG O 63 61.66 17.43 2.07
C ARG O 63 61.08 18.19 0.88
N ARG O 64 59.88 18.72 1.04
CA ARG O 64 59.27 19.49 -0.02
C ARG O 64 60.04 20.79 -0.26
N LEU O 65 60.29 21.54 0.81
CA LEU O 65 61.04 22.78 0.71
C LEU O 65 62.41 22.53 0.09
N LEU O 66 63.11 21.54 0.63
CA LEU O 66 64.44 21.18 0.13
C LEU O 66 64.41 20.83 -1.34
N ARG O 67 63.43 20.05 -1.75
CA ARG O 67 63.30 19.67 -3.16
C ARG O 67 63.10 20.91 -4.02
N TYR O 68 62.33 21.86 -3.50
CA TYR O 68 62.09 23.12 -4.20
C TYR O 68 63.39 23.89 -4.39
N LEU O 69 64.18 23.94 -3.33
CA LEU O 69 65.46 24.64 -3.36
C LEU O 69 66.41 24.00 -4.36
N GLN O 70 66.55 22.68 -4.25
CA GLN O 70 67.35 21.86 -5.17
C GLN O 70 66.95 22.13 -6.61
N ARG O 71 65.66 22.37 -6.83
CA ARG O 71 65.18 22.67 -8.16
C ARG O 71 65.60 24.06 -8.62
N GLU O 72 65.36 25.06 -7.78
CA GLU O 72 65.61 26.45 -8.17
C GLU O 72 67.08 26.87 -8.13
N ASP O 73 67.76 26.64 -7.01
CA ASP O 73 69.15 27.07 -6.89
C ASP O 73 69.99 26.03 -6.17
N PRO O 74 70.48 25.01 -6.89
CA PRO O 74 71.23 23.89 -6.31
C PRO O 74 72.41 24.33 -5.45
N GLU O 75 72.94 25.53 -5.69
CA GLU O 75 74.00 26.06 -4.84
C GLU O 75 73.49 26.32 -3.43
N ARG O 76 72.43 27.11 -3.32
CA ARG O 76 71.85 27.42 -2.01
C ARG O 76 71.41 26.15 -1.30
N TYR O 77 70.98 25.17 -2.08
CA TYR O 77 70.60 23.86 -1.58
C TYR O 77 71.79 23.17 -0.93
N ARG O 78 72.89 23.08 -1.66
CA ARG O 78 74.10 22.47 -1.11
C ARG O 78 74.53 23.19 0.18
N ALA O 79 74.67 24.51 0.10
CA ALA O 79 75.12 25.30 1.27
C ALA O 79 74.23 25.09 2.49
N LEU O 80 72.91 25.14 2.26
CA LEU O 80 71.93 24.90 3.31
C LEU O 80 72.15 23.54 3.95
N ILE O 81 72.30 22.52 3.12
CA ILE O 81 72.47 21.16 3.62
C ILE O 81 73.73 21.03 4.45
N GLU O 82 74.84 21.56 3.93
CA GLU O 82 76.11 21.52 4.63
C GLU O 82 76.03 22.19 5.99
N LYS O 83 75.43 23.38 6.03
CA LYS O 83 75.30 24.13 7.29
C LYS O 83 74.38 23.41 8.27
N LEU O 84 73.32 22.80 7.75
CA LEU O 84 72.40 22.02 8.59
C LEU O 84 72.92 20.62 8.91
N GLY O 85 73.66 20.02 7.99
CA GLY O 85 74.17 18.66 8.17
C GLY O 85 73.13 17.57 8.04
N ILE O 86 72.35 17.63 6.96
CA ILE O 86 71.30 16.63 6.68
C ILE O 86 71.80 15.59 5.68
N ARG O 87 70.87 14.75 5.22
CA ARG O 87 71.06 13.71 4.20
C ARG O 87 71.65 12.43 4.77
N GLY O 88 72.00 12.44 6.05
CA GLY O 88 72.51 11.26 6.71
C GLY O 88 73.91 11.40 7.28
N MET P 1 61.17 -13.08 -65.18
CA MET P 1 60.75 -12.35 -66.37
C MET P 1 59.30 -11.90 -66.26
N VAL P 2 59.12 -10.60 -66.28
CA VAL P 2 57.78 -10.03 -66.16
C VAL P 2 57.09 -10.11 -67.52
N LYS P 3 55.81 -10.45 -67.51
CA LYS P 3 55.03 -10.68 -68.72
C LYS P 3 53.77 -9.82 -68.83
N ILE P 4 53.26 -9.74 -70.06
CA ILE P 4 51.97 -9.14 -70.33
C ILE P 4 51.02 -10.25 -70.76
N ARG P 5 49.98 -10.48 -69.98
CA ARG P 5 49.10 -11.61 -70.24
C ARG P 5 47.70 -11.37 -69.76
N LEU P 6 46.84 -12.37 -69.96
CA LEU P 6 45.44 -12.26 -69.62
C LEU P 6 45.14 -12.86 -68.25
N ALA P 7 44.39 -12.13 -67.43
CA ALA P 7 43.90 -12.66 -66.16
C ALA P 7 42.40 -12.88 -66.26
N ARG P 8 41.92 -14.05 -65.82
CA ARG P 8 40.50 -14.38 -66.00
C ARG P 8 39.66 -13.89 -64.83
N PHE P 9 38.60 -13.15 -65.14
CA PHE P 9 37.89 -12.40 -64.12
C PHE P 9 36.38 -12.63 -64.07
N GLY P 10 35.66 -12.43 -65.17
CA GLY P 10 34.23 -12.64 -65.15
C GLY P 10 33.80 -14.04 -64.69
N SER P 11 32.50 -14.22 -64.44
CA SER P 11 31.97 -15.45 -63.86
C SER P 11 32.03 -16.67 -64.79
N LYS P 12 31.54 -17.81 -64.31
CA LYS P 12 31.55 -19.04 -65.10
C LYS P 12 30.73 -18.90 -66.38
N HIS P 13 31.31 -19.34 -67.49
CA HIS P 13 30.70 -19.25 -68.82
C HIS P 13 30.57 -17.81 -69.28
N ASN P 14 30.99 -16.88 -68.43
CA ASN P 14 31.08 -15.47 -68.80
C ASN P 14 32.49 -14.98 -68.51
N PRO P 15 33.45 -15.37 -69.35
CA PRO P 15 34.82 -14.91 -69.11
C PRO P 15 35.01 -13.44 -69.46
N HIS P 16 35.78 -12.75 -68.63
CA HIS P 16 36.32 -11.44 -68.97
C HIS P 16 37.78 -11.47 -68.55
N TYR P 17 38.63 -10.80 -69.32
CA TYR P 17 40.04 -10.79 -69.00
C TYR P 17 40.56 -9.39 -68.71
N ARG P 18 41.54 -9.33 -67.83
CA ARG P 18 42.32 -8.12 -67.63
C ARG P 18 43.67 -8.31 -68.29
N ILE P 19 43.94 -7.49 -69.30
CA ILE P 19 45.26 -7.49 -69.92
C ILE P 19 46.18 -6.80 -68.95
N VAL P 20 47.20 -7.52 -68.52
CA VAL P 20 47.81 -7.30 -67.22
C VAL P 20 49.31 -7.56 -67.23
N VAL P 21 50.04 -6.81 -66.40
CA VAL P 21 51.48 -7.00 -66.29
C VAL P 21 51.82 -7.72 -64.99
N THR P 22 52.48 -8.86 -65.07
CA THR P 22 52.85 -9.61 -63.86
C THR P 22 54.05 -10.51 -64.08
N ASP P 23 54.82 -10.77 -63.01
CA ASP P 23 55.92 -11.72 -63.07
C ASP P 23 55.38 -13.12 -63.31
N ALA P 24 55.95 -13.83 -64.28
CA ALA P 24 55.38 -15.10 -64.76
C ALA P 24 55.15 -16.11 -63.65
N ARG P 25 55.98 -16.05 -62.61
CA ARG P 25 55.88 -17.00 -61.49
C ARG P 25 54.65 -16.83 -60.62
N ARG P 26 53.96 -15.70 -60.74
CA ARG P 26 52.75 -15.53 -59.97
C ARG P 26 51.59 -16.25 -60.65
N LYS P 27 50.60 -16.66 -59.85
CA LYS P 27 49.41 -17.36 -60.36
C LYS P 27 48.66 -16.43 -61.29
N ARG P 28 47.85 -16.96 -62.19
CA ARG P 28 47.31 -16.10 -63.23
C ARG P 28 46.26 -15.13 -62.70
N ASP P 29 45.55 -15.52 -61.64
CA ASP P 29 44.56 -14.65 -61.04
C ASP P 29 45.06 -13.89 -59.82
N GLY P 30 46.36 -14.02 -59.51
CA GLY P 30 46.98 -13.32 -58.39
C GLY P 30 47.40 -11.89 -58.66
N LYS P 31 48.29 -11.36 -57.82
CA LYS P 31 48.55 -9.91 -57.81
C LYS P 31 49.44 -9.44 -58.95
N TYR P 32 48.86 -8.66 -59.85
CA TYR P 32 49.62 -8.09 -60.96
C TYR P 32 50.31 -6.76 -60.63
N ILE P 33 51.35 -6.47 -61.41
CA ILE P 33 52.09 -5.21 -61.34
C ILE P 33 51.24 -4.04 -61.81
N GLU P 34 50.35 -4.29 -62.76
CA GLU P 34 49.54 -3.24 -63.38
C GLU P 34 48.53 -3.81 -64.37
N LYS P 35 47.48 -3.04 -64.63
CA LYS P 35 46.44 -3.45 -65.58
C LYS P 35 46.45 -2.50 -66.76
N ILE P 36 46.90 -2.98 -67.91
CA ILE P 36 47.02 -2.13 -69.10
C ILE P 36 45.85 -2.29 -70.07
N GLY P 37 44.88 -3.14 -69.74
CA GLY P 37 43.70 -3.25 -70.56
C GLY P 37 42.66 -4.27 -70.15
N TYR P 38 41.66 -4.47 -71.00
CA TYR P 38 40.68 -5.52 -70.76
C TYR P 38 40.12 -6.09 -72.06
N TYR P 39 39.70 -7.36 -71.99
CA TYR P 39 39.29 -8.11 -73.16
C TYR P 39 38.06 -8.96 -72.88
N ASP P 40 37.02 -8.75 -73.68
CA ASP P 40 35.82 -9.59 -73.62
C ASP P 40 35.73 -10.39 -74.91
N PRO P 41 36.02 -11.69 -74.81
CA PRO P 41 36.15 -12.56 -75.99
C PRO P 41 34.84 -12.80 -76.70
N ARG P 42 33.73 -12.61 -76.00
CA ARG P 42 32.41 -12.90 -76.55
C ARG P 42 31.80 -11.65 -77.15
N LYS P 43 32.54 -10.54 -77.06
CA LYS P 43 32.13 -9.29 -77.69
C LYS P 43 30.68 -8.94 -77.37
N THR P 44 30.35 -8.90 -76.09
CA THR P 44 28.98 -8.60 -75.66
C THR P 44 28.64 -7.12 -75.83
N THR P 45 29.66 -6.27 -75.82
CA THR P 45 29.48 -4.82 -75.90
C THR P 45 30.27 -4.23 -77.05
N PRO P 46 29.87 -3.03 -77.52
CA PRO P 46 30.62 -2.31 -78.55
C PRO P 46 32.10 -2.16 -78.22
N ASP P 47 32.46 -2.00 -76.95
CA ASP P 47 33.88 -2.06 -76.61
C ASP P 47 34.15 -3.34 -75.83
N TRP P 48 34.69 -4.34 -76.54
CA TRP P 48 35.12 -5.58 -75.92
C TRP P 48 36.63 -5.66 -75.77
N LEU P 49 37.33 -4.67 -76.32
CA LEU P 49 38.78 -4.63 -76.21
C LEU P 49 39.29 -3.22 -75.97
N LYS P 50 39.96 -3.00 -74.85
CA LYS P 50 40.62 -1.71 -74.64
C LYS P 50 42.04 -1.92 -74.12
N VAL P 51 42.95 -1.07 -74.57
CA VAL P 51 44.36 -1.18 -74.19
C VAL P 51 44.96 0.21 -74.00
N ASP P 52 45.78 0.38 -72.96
CA ASP P 52 46.52 1.61 -72.78
C ASP P 52 47.82 1.45 -73.53
N VAL P 53 47.93 2.19 -74.62
CA VAL P 53 49.00 1.96 -75.59
C VAL P 53 50.35 2.42 -75.06
N GLU P 54 50.42 3.65 -74.57
CA GLU P 54 51.70 4.22 -74.13
C GLU P 54 52.29 3.39 -73.01
N ARG P 55 51.42 2.79 -72.20
CA ARG P 55 51.85 1.98 -71.08
C ARG P 55 52.35 0.62 -71.53
N ALA P 56 51.63 0.00 -72.45
CA ALA P 56 52.07 -1.26 -73.02
C ALA P 56 53.42 -1.07 -73.70
N ARG P 57 53.56 0.06 -74.39
CA ARG P 57 54.81 0.40 -75.04
C ARG P 57 55.90 0.54 -74.01
N TYR P 58 55.58 1.19 -72.89
CA TYR P 58 56.54 1.29 -71.81
C TYR P 58 57.02 -0.07 -71.35
N TRP P 59 56.08 -0.92 -70.95
CA TRP P 59 56.45 -2.20 -70.37
C TRP P 59 57.21 -3.06 -71.37
N LEU P 60 56.85 -2.94 -72.65
CA LEU P 60 57.58 -3.67 -73.67
C LEU P 60 59.01 -3.15 -73.76
N SER P 61 59.17 -1.84 -73.61
CA SER P 61 60.48 -1.20 -73.70
C SER P 61 61.42 -1.63 -72.59
N VAL P 62 60.86 -1.96 -71.43
CA VAL P 62 61.65 -2.40 -70.30
C VAL P 62 61.71 -3.93 -70.23
N GLY P 63 61.14 -4.59 -71.23
CA GLY P 63 61.37 -6.02 -71.38
C GLY P 63 60.28 -7.01 -71.02
N ALA P 64 59.08 -6.53 -70.75
CA ALA P 64 57.95 -7.42 -70.50
C ALA P 64 57.69 -8.28 -71.74
N GLN P 65 57.39 -9.55 -71.54
CA GLN P 65 57.18 -10.48 -72.65
C GLN P 65 55.75 -10.96 -72.73
N PRO P 66 55.02 -10.51 -73.76
CA PRO P 66 53.61 -10.85 -73.90
C PRO P 66 53.38 -12.28 -74.35
N THR P 67 52.28 -12.88 -73.91
CA THR P 67 51.84 -14.17 -74.43
C THR P 67 51.29 -13.98 -75.83
N ASP P 68 51.22 -15.07 -76.59
CA ASP P 68 50.77 -15.02 -77.97
C ASP P 68 49.37 -14.40 -78.08
N THR P 69 48.48 -14.75 -77.15
CA THR P 69 47.14 -14.18 -77.15
C THR P 69 47.16 -12.69 -76.83
N ALA P 70 47.83 -12.35 -75.74
CA ALA P 70 47.97 -10.96 -75.34
C ALA P 70 48.62 -10.18 -76.46
N ARG P 71 49.62 -10.78 -77.11
CA ARG P 71 50.27 -10.09 -78.23
C ARG P 71 49.24 -9.82 -79.32
N ARG P 72 48.40 -10.80 -79.63
CA ARG P 72 47.36 -10.59 -80.63
C ARG P 72 46.46 -9.41 -80.26
N LEU P 73 46.06 -9.38 -78.99
CA LEU P 73 45.17 -8.31 -78.52
C LEU P 73 45.85 -6.95 -78.61
N LEU P 74 47.10 -6.88 -78.20
CA LEU P 74 47.85 -5.64 -78.25
C LEU P 74 47.98 -5.15 -79.69
N ARG P 75 48.32 -6.06 -80.59
CA ARG P 75 48.45 -5.74 -82.01
C ARG P 75 47.13 -5.22 -82.55
N GLN P 76 46.03 -5.80 -82.07
CA GLN P 76 44.70 -5.38 -82.47
C GLN P 76 44.43 -3.92 -82.07
N ALA P 77 45.01 -3.52 -80.94
CA ALA P 77 44.87 -2.16 -80.45
C ALA P 77 45.92 -1.25 -81.05
N GLY P 78 46.76 -1.82 -81.92
CA GLY P 78 47.78 -1.07 -82.61
C GLY P 78 48.94 -0.66 -81.72
N VAL P 79 49.44 -1.61 -80.94
CA VAL P 79 50.56 -1.35 -80.05
C VAL P 79 51.84 -1.34 -80.87
N PHE P 80 51.90 -2.19 -81.88
CA PHE P 80 53.11 -2.35 -82.67
C PHE P 80 53.11 -1.58 -83.99
N ARG P 81 52.05 -0.83 -84.26
CA ARG P 81 51.92 -0.20 -85.57
C ARG P 81 52.81 1.03 -85.64
N GLN P 82 53.80 0.98 -86.52
CA GLN P 82 54.80 2.04 -86.65
C GLN P 82 54.54 2.99 -87.82
N GLU P 83 53.48 2.72 -88.57
CA GLU P 83 53.23 3.35 -89.87
C GLU P 83 53.28 4.88 -89.85
N ALA P 84 52.32 5.50 -89.17
N PRO Q 1 62.98 8.63 -44.82
CA PRO Q 1 64.24 9.06 -44.20
C PRO Q 1 64.53 8.31 -42.92
N LYS Q 2 65.80 8.22 -42.53
CA LYS Q 2 66.17 7.51 -41.32
C LYS Q 2 65.57 8.23 -40.10
N LYS Q 3 64.87 7.47 -39.26
CA LYS Q 3 64.21 8.01 -38.08
C LYS Q 3 65.19 8.73 -37.17
N VAL Q 4 64.78 9.88 -36.67
CA VAL Q 4 65.58 10.62 -35.70
C VAL Q 4 64.79 10.81 -34.41
N LEU Q 5 65.36 10.36 -33.30
CA LEU Q 5 64.72 10.46 -31.99
C LEU Q 5 65.52 11.36 -31.08
N THR Q 6 64.89 11.92 -30.06
CA THR Q 6 65.62 12.79 -29.15
C THR Q 6 65.43 12.32 -27.72
N GLY Q 7 66.53 12.15 -26.99
CA GLY Q 7 66.44 11.54 -25.68
C GLY Q 7 67.56 11.86 -24.70
N VAL Q 8 67.56 11.16 -23.57
CA VAL Q 8 68.49 11.46 -22.49
C VAL Q 8 69.36 10.27 -22.14
N VAL Q 9 70.66 10.48 -21.99
CA VAL Q 9 71.52 9.35 -21.71
C VAL Q 9 71.42 8.97 -20.24
N VAL Q 10 70.90 7.78 -19.98
CA VAL Q 10 70.80 7.27 -18.62
C VAL Q 10 71.91 6.28 -18.26
N SER Q 11 72.67 5.80 -19.24
CA SER Q 11 73.77 4.87 -18.95
C SER Q 11 75.04 5.07 -19.81
N ASP Q 12 76.16 5.36 -19.15
CA ASP Q 12 77.48 5.37 -19.78
C ASP Q 12 78.30 4.09 -19.49
N LYS Q 13 77.66 3.14 -18.81
CA LYS Q 13 78.33 1.97 -18.24
C LYS Q 13 78.82 0.94 -19.26
N MET Q 14 78.52 1.13 -20.53
CA MET Q 14 78.99 0.22 -21.56
C MET Q 14 80.12 0.84 -22.38
N GLN Q 15 81.03 0.00 -22.85
CA GLN Q 15 82.11 0.47 -23.71
C GLN Q 15 81.54 0.89 -25.07
N LYS Q 16 81.79 2.15 -25.45
CA LYS Q 16 81.35 2.71 -26.72
C LYS Q 16 79.84 2.59 -26.96
N THR Q 17 79.06 2.65 -25.89
CA THR Q 17 77.61 2.56 -26.02
C THR Q 17 76.90 3.35 -24.94
N VAL Q 18 75.82 4.04 -25.31
CA VAL Q 18 75.04 4.78 -24.31
C VAL Q 18 73.57 4.41 -24.41
N THR Q 19 72.87 4.47 -23.29
CA THR Q 19 71.45 4.21 -23.28
C THR Q 19 70.72 5.53 -23.35
N VAL Q 20 69.87 5.69 -24.36
CA VAL Q 20 69.11 6.91 -24.54
C VAL Q 20 67.63 6.65 -24.29
N LEU Q 21 67.08 7.33 -23.29
CA LEU Q 21 65.66 7.24 -22.99
C LEU Q 21 64.88 8.27 -23.79
N VAL Q 22 63.91 7.78 -24.57
CA VAL Q 22 63.14 8.61 -25.48
C VAL Q 22 61.64 8.57 -25.17
N GLU Q 23 61.06 9.72 -24.86
CA GLU Q 23 59.63 9.74 -24.59
C GLU Q 23 58.82 10.09 -25.84
N ARG Q 24 57.50 9.94 -25.74
CA ARG Q 24 56.59 10.33 -26.79
C ARG Q 24 55.20 10.58 -26.22
N GLN Q 25 54.52 11.58 -26.78
CA GLN Q 25 53.15 11.88 -26.36
C GLN Q 25 52.21 11.49 -27.47
N PHE Q 26 51.17 10.74 -27.13
CA PHE Q 26 50.14 10.44 -28.12
C PHE Q 26 48.79 10.33 -27.48
N PRO Q 27 47.73 10.70 -28.20
CA PRO Q 27 46.37 10.55 -27.71
C PRO Q 27 46.00 9.08 -27.59
N HIS Q 28 45.32 8.72 -26.50
CA HIS Q 28 44.89 7.35 -26.29
C HIS Q 28 43.81 7.01 -27.32
N PRO Q 29 43.98 5.87 -28.02
CA PRO Q 29 43.13 5.47 -29.15
C PRO Q 29 41.64 5.46 -28.83
N LEU Q 30 41.30 5.24 -27.57
CA LEU Q 30 39.90 5.19 -27.14
C LEU Q 30 39.56 6.37 -26.23
N TYR Q 31 40.28 6.46 -25.13
CA TYR Q 31 40.00 7.41 -24.06
C TYR Q 31 40.52 8.84 -24.30
N GLY Q 32 41.39 9.01 -25.29
CA GLY Q 32 41.70 10.33 -25.81
C GLY Q 32 42.68 11.19 -25.03
N LYS Q 33 42.90 10.85 -23.76
CA LYS Q 33 43.89 11.54 -22.94
C LYS Q 33 45.24 11.47 -23.62
N VAL Q 34 46.06 12.51 -23.50
CA VAL Q 34 47.40 12.44 -24.04
C VAL Q 34 48.29 11.68 -23.06
N ILE Q 35 48.82 10.56 -23.52
CA ILE Q 35 49.64 9.72 -22.67
C ILE Q 35 51.08 9.78 -23.10
N LYS Q 36 51.95 9.63 -22.11
CA LYS Q 36 53.38 9.76 -22.27
C LYS Q 36 54.02 8.39 -22.11
N ARG Q 37 54.55 7.84 -23.20
CA ARG Q 37 55.17 6.53 -23.13
C ARG Q 37 56.64 6.71 -23.48
N SER Q 38 57.52 5.82 -23.02
CA SER Q 38 58.94 5.98 -23.31
C SER Q 38 59.66 4.65 -23.59
N LYS Q 39 60.79 4.73 -24.29
CA LYS Q 39 61.59 3.54 -24.59
C LYS Q 39 63.10 3.81 -24.55
N LYS Q 40 63.88 2.81 -24.16
CA LYS Q 40 65.34 2.96 -24.12
C LYS Q 40 66.02 2.37 -25.35
N TYR Q 41 66.80 3.19 -26.02
CA TYR Q 41 67.55 2.75 -27.19
C TYR Q 41 69.04 2.70 -26.87
N LEU Q 42 69.71 1.63 -27.29
CA LEU Q 42 71.16 1.60 -27.16
C LEU Q 42 71.76 2.25 -28.39
N ALA Q 43 72.54 3.30 -28.19
CA ALA Q 43 73.13 4.04 -29.29
C ALA Q 43 74.66 4.01 -29.26
N HIS Q 44 75.23 4.11 -30.45
CA HIS Q 44 76.65 3.95 -30.65
C HIS Q 44 77.41 5.25 -30.39
N ASP Q 45 78.29 5.21 -29.39
CA ASP Q 45 79.13 6.35 -29.03
C ASP Q 45 80.59 5.93 -29.08
N PRO Q 46 81.15 5.86 -30.30
CA PRO Q 46 82.47 5.27 -30.51
C PRO Q 46 83.62 6.07 -29.89
N GLU Q 47 83.39 7.35 -29.63
CA GLU Q 47 84.42 8.19 -29.02
C GLU Q 47 84.27 8.34 -27.51
N GLU Q 48 83.27 7.66 -26.93
CA GLU Q 48 82.92 7.82 -25.52
C GLU Q 48 82.70 9.30 -25.23
N LYS Q 49 82.12 9.97 -26.22
CA LYS Q 49 81.99 11.42 -26.25
C LYS Q 49 80.85 11.92 -25.38
N TYR Q 50 79.74 11.19 -25.39
CA TYR Q 50 78.54 11.62 -24.68
C TYR Q 50 78.48 11.05 -23.27
N LYS Q 51 78.03 11.88 -22.33
CA LYS Q 51 78.06 11.57 -20.91
C LYS Q 51 76.65 11.39 -20.32
N LEU Q 52 76.61 11.12 -19.03
CA LEU Q 52 75.34 10.92 -18.33
C LEU Q 52 74.58 12.24 -18.20
N GLY Q 53 73.36 12.26 -18.73
CA GLY Q 53 72.52 13.45 -18.62
C GLY Q 53 72.40 14.29 -19.89
N ASP Q 54 73.30 14.06 -20.84
CA ASP Q 54 73.25 14.77 -22.11
C ASP Q 54 71.97 14.46 -22.87
N VAL Q 55 71.30 15.49 -23.36
CA VAL Q 55 70.17 15.28 -24.26
C VAL Q 55 70.69 15.28 -25.68
N VAL Q 56 70.52 14.14 -26.34
CA VAL Q 56 71.09 13.91 -27.66
C VAL Q 56 70.05 13.50 -28.68
N GLU Q 57 70.40 13.69 -29.94
CA GLU Q 57 69.62 13.15 -31.04
C GLU Q 57 70.23 11.82 -31.46
N ILE Q 58 69.35 10.93 -31.90
CA ILE Q 58 69.64 9.54 -32.14
C ILE Q 58 69.17 9.23 -33.55
N ILE Q 59 70.04 8.66 -34.37
CA ILE Q 59 69.64 8.38 -35.76
C ILE Q 59 69.67 6.88 -36.09
N GLU Q 60 68.64 6.46 -36.83
CA GLU Q 60 68.48 5.09 -37.28
C GLU Q 60 69.68 4.71 -38.14
N SER Q 61 70.30 3.57 -37.82
CA SER Q 61 71.58 3.25 -38.45
C SER Q 61 71.70 1.77 -38.82
N ARG Q 62 72.69 1.47 -39.64
CA ARG Q 62 73.08 0.10 -39.93
C ARG Q 62 73.48 -0.56 -38.63
N PRO Q 63 73.00 -1.79 -38.39
CA PRO Q 63 73.15 -2.40 -37.07
C PRO Q 63 74.60 -2.50 -36.62
N ILE Q 64 74.89 -1.99 -35.42
CA ILE Q 64 76.20 -2.16 -34.82
C ILE Q 64 76.28 -3.49 -34.09
N SER Q 65 75.19 -3.88 -33.44
CA SER Q 65 75.09 -5.17 -32.77
C SER Q 65 73.63 -5.58 -32.64
N LYS Q 66 73.41 -6.77 -32.06
CA LYS Q 66 72.09 -7.12 -31.55
C LYS Q 66 71.79 -6.06 -30.55
N ARG Q 67 70.60 -5.47 -30.61
CA ARG Q 67 70.20 -4.39 -29.72
C ARG Q 67 71.03 -3.09 -29.85
N LYS Q 68 71.74 -2.89 -30.96
CA LYS Q 68 72.16 -1.53 -31.30
C LYS Q 68 71.83 -1.23 -32.75
N ARG Q 69 70.77 -0.47 -32.99
CA ARG Q 69 70.50 0.01 -34.34
C ARG Q 69 70.69 1.51 -34.54
N PHE Q 70 71.09 2.23 -33.50
CA PHE Q 70 71.16 3.68 -33.59
C PHE Q 70 72.53 4.29 -33.26
N ARG Q 71 72.78 5.47 -33.81
CA ARG Q 71 74.00 6.19 -33.48
C ARG Q 71 73.65 7.56 -32.94
N VAL Q 72 74.60 8.22 -32.29
CA VAL Q 72 74.29 9.51 -31.70
C VAL Q 72 74.62 10.60 -32.70
N LEU Q 73 73.57 11.23 -33.22
CA LEU Q 73 73.71 12.23 -34.27
C LEU Q 73 74.41 13.48 -33.74
N ARG Q 74 73.83 14.08 -32.70
CA ARG Q 74 74.44 15.28 -32.12
C ARG Q 74 73.97 15.50 -30.69
N LEU Q 75 74.52 16.55 -30.08
CA LEU Q 75 74.21 16.88 -28.69
C LEU Q 75 73.26 18.06 -28.64
N VAL Q 76 72.03 17.80 -28.22
CA VAL Q 76 71.00 18.83 -28.16
C VAL Q 76 71.32 19.77 -27.01
N GLU Q 77 71.29 19.26 -25.78
CA GLU Q 77 71.70 20.12 -24.67
C GLU Q 77 72.55 19.34 -23.68
N SER Q 78 73.47 20.04 -23.00
CA SER Q 78 74.39 19.40 -22.09
C SER Q 78 73.66 18.93 -20.83
N GLY Q 79 74.38 18.33 -19.90
CA GLY Q 79 73.77 17.52 -18.86
C GLY Q 79 72.64 18.11 -18.03
N ARG Q 80 71.51 17.42 -18.04
CA ARG Q 80 70.43 17.70 -17.11
C ARG Q 80 70.06 16.42 -16.38
N MET Q 81 70.40 16.40 -15.09
CA MET Q 81 70.35 15.19 -14.28
C MET Q 81 68.97 14.92 -13.70
N ASP Q 82 68.06 15.86 -13.90
CA ASP Q 82 66.70 15.72 -13.41
C ASP Q 82 66.03 14.49 -14.03
N LEU Q 83 66.13 14.40 -15.35
CA LEU Q 83 65.52 13.30 -16.09
C LEU Q 83 66.16 11.98 -15.69
N VAL Q 84 67.48 11.98 -15.61
CA VAL Q 84 68.24 10.82 -15.21
C VAL Q 84 67.73 10.32 -13.86
N GLU Q 85 67.77 11.19 -12.86
CA GLU Q 85 67.37 10.85 -11.50
C GLU Q 85 65.92 10.40 -11.43
N LYS Q 86 65.08 10.99 -12.26
CA LYS Q 86 63.68 10.56 -12.36
C LYS Q 86 63.66 9.09 -12.72
N TYR Q 87 64.36 8.75 -13.80
CA TYR Q 87 64.44 7.36 -14.25
C TYR Q 87 65.07 6.44 -13.21
N LEU Q 88 66.08 6.92 -12.52
CA LEU Q 88 66.77 6.13 -11.51
C LEU Q 88 65.85 5.77 -10.35
N ILE Q 89 65.05 6.74 -9.90
CA ILE Q 89 64.11 6.49 -8.83
C ILE Q 89 63.02 5.56 -9.32
N ARG Q 90 62.55 5.79 -10.54
CA ARG Q 90 61.53 4.96 -11.16
C ARG Q 90 62.00 3.50 -11.15
N ARG Q 91 63.30 3.31 -11.32
CA ARG Q 91 63.91 1.97 -11.28
C ARG Q 91 64.03 1.44 -9.85
N GLN Q 92 64.53 2.26 -8.95
CA GLN Q 92 64.79 1.84 -7.58
C GLN Q 92 63.49 1.52 -6.83
N ASN Q 93 62.38 2.01 -7.36
CA ASN Q 93 61.07 1.71 -6.80
C ASN Q 93 60.76 0.22 -6.92
N TYR Q 94 61.19 -0.38 -8.02
CA TYR Q 94 60.94 -1.78 -8.33
C TYR Q 94 61.30 -2.73 -7.18
N GLU Q 95 62.35 -2.37 -6.45
CA GLU Q 95 62.80 -3.19 -5.33
C GLU Q 95 61.68 -3.38 -4.31
N SER Q 96 60.87 -2.34 -4.13
CA SER Q 96 59.88 -2.30 -3.05
C SER Q 96 58.64 -3.13 -3.35
N LEU Q 97 58.49 -3.63 -4.57
CA LEU Q 97 57.39 -4.53 -4.87
C LEU Q 97 57.88 -5.93 -5.25
N SER Q 98 57.82 -6.87 -4.31
CA SER Q 98 58.01 -8.28 -4.65
C SER Q 98 57.04 -9.21 -3.90
N LYS Q 99 57.26 -9.34 -2.60
CA LYS Q 99 56.61 -10.38 -1.80
C LYS Q 99 56.50 -10.03 -0.31
N PRO R 1 13.28 24.32 37.51
CA PRO R 1 13.63 25.45 36.65
C PRO R 1 14.69 26.36 37.27
N SER R 2 14.87 26.26 38.58
CA SER R 2 15.81 27.08 39.34
C SER R 2 15.52 28.58 39.18
N ARG R 3 14.34 29.00 39.63
CA ARG R 3 13.91 30.40 39.54
C ARG R 3 14.17 31.17 40.84
N LYS R 4 14.82 30.52 41.79
CA LYS R 4 15.08 31.13 43.09
C LYS R 4 16.16 32.20 42.97
N ALA R 5 17.39 31.78 42.70
CA ALA R 5 18.47 32.71 42.40
C ALA R 5 19.60 32.01 41.67
N LYS R 6 20.43 32.79 40.99
CA LYS R 6 21.66 32.28 40.37
C LYS R 6 22.86 32.73 41.21
N VAL R 7 23.89 31.89 41.29
CA VAL R 7 24.99 32.13 42.21
C VAL R 7 25.87 33.29 41.77
N LYS R 8 26.04 33.46 40.47
CA LYS R 8 26.88 34.55 39.94
C LYS R 8 26.29 35.92 40.28
N ALA R 9 24.98 36.06 40.14
CA ALA R 9 24.30 37.32 40.38
C ALA R 9 24.24 37.66 41.87
N THR R 10 24.48 36.67 42.72
CA THR R 10 24.45 36.87 44.17
C THR R 10 25.83 37.23 44.70
N LEU R 11 26.79 37.37 43.80
CA LEU R 11 28.16 37.66 44.19
C LEU R 11 28.70 38.88 43.44
N GLY R 12 29.82 39.41 43.93
CA GLY R 12 30.46 40.56 43.31
C GLY R 12 31.66 40.18 42.45
N GLU R 13 32.64 41.07 42.44
CA GLU R 13 33.92 40.84 41.77
C GLU R 13 34.72 39.74 42.48
N PHE R 14 35.11 38.71 41.75
CA PHE R 14 35.94 37.65 42.31
C PHE R 14 36.75 36.90 41.25
N ASP R 15 37.80 36.23 41.68
CA ASP R 15 38.67 35.48 40.77
C ASP R 15 38.27 34.02 40.73
N LEU R 16 37.84 33.57 39.56
CA LEU R 16 37.42 32.19 39.37
C LEU R 16 38.57 31.21 39.48
N ARG R 17 39.79 31.70 39.31
CA ARG R 17 40.97 30.84 39.23
C ARG R 17 41.58 30.56 40.60
N ASP R 18 41.06 31.23 41.63
CA ASP R 18 41.66 31.15 42.96
C ASP R 18 41.04 30.02 43.78
N TYR R 19 41.84 29.00 44.01
CA TYR R 19 41.38 27.77 44.65
C TYR R 19 41.45 27.86 46.16
N ARG R 20 42.14 28.87 46.65
CA ARG R 20 42.36 29.01 48.09
C ARG R 20 41.25 29.79 48.77
N ASN R 21 40.36 30.38 47.97
CA ASN R 21 39.27 31.16 48.55
C ASN R 21 38.04 30.28 48.72
N VAL R 22 37.76 29.90 49.95
CA VAL R 22 36.70 28.95 50.23
C VAL R 22 35.34 29.62 50.32
N GLU R 23 35.30 30.76 50.99
CA GLU R 23 34.03 31.40 51.35
C GLU R 23 33.21 31.79 50.14
N VAL R 24 33.87 31.85 48.98
CA VAL R 24 33.18 32.08 47.72
C VAL R 24 32.83 30.74 47.07
N LEU R 25 33.83 29.91 46.79
CA LEU R 25 33.63 28.61 46.14
C LEU R 25 32.52 27.76 46.77
N LYS R 26 32.45 27.80 48.10
CA LYS R 26 31.45 27.06 48.85
C LYS R 26 30.03 27.35 48.37
N ARG R 27 29.83 28.54 47.80
CA ARG R 27 28.54 28.94 47.26
C ARG R 27 28.19 28.17 45.99
N PHE R 28 29.20 27.59 45.36
CA PHE R 28 29.00 26.88 44.10
C PHE R 28 28.78 25.39 44.31
N LEU R 29 28.85 24.95 45.56
CA LEU R 29 28.57 23.57 45.90
C LEU R 29 27.17 23.46 46.48
N SER R 30 26.52 22.33 46.26
CA SER R 30 25.16 22.12 46.73
C SER R 30 25.13 21.75 48.21
N GLU R 31 23.96 21.33 48.68
CA GLU R 31 23.80 20.80 50.02
C GLU R 31 24.73 19.62 50.18
N THR R 32 24.78 18.77 49.15
CA THR R 32 25.78 17.73 49.05
C THR R 32 27.06 18.35 48.50
N GLY R 33 28.14 17.58 48.41
CA GLY R 33 29.42 18.15 48.00
C GLY R 33 29.45 18.63 46.55
N LYS R 34 28.48 18.18 45.78
CA LYS R 34 28.49 18.28 44.32
C LYS R 34 28.57 19.69 43.76
N ILE R 35 29.36 19.86 42.69
CA ILE R 35 29.46 21.13 41.98
C ILE R 35 28.14 21.44 41.31
N LEU R 36 27.61 22.63 41.55
CA LEU R 36 26.33 23.03 40.99
C LEU R 36 26.38 23.09 39.47
N PRO R 37 25.23 22.80 38.83
CA PRO R 37 25.08 22.84 37.36
C PRO R 37 25.02 24.27 36.85
N ARG R 38 25.21 24.46 35.55
CA ARG R 38 25.12 25.78 34.94
C ARG R 38 23.80 26.48 35.27
N ARG R 39 22.72 25.71 35.32
CA ARG R 39 21.41 26.25 35.67
C ARG R 39 21.47 26.99 37.00
N ARG R 40 22.12 26.38 37.98
CA ARG R 40 22.21 26.93 39.32
C ARG R 40 23.31 28.00 39.47
N THR R 41 24.46 27.77 38.86
CA THR R 41 25.62 28.66 39.01
C THR R 41 25.51 29.96 38.24
N GLY R 42 24.75 29.94 37.15
CA GLY R 42 24.57 31.12 36.32
C GLY R 42 25.81 31.53 35.54
N LEU R 43 26.77 30.62 35.46
CA LEU R 43 28.01 30.90 34.75
C LEU R 43 27.88 30.64 33.24
N SER R 44 29.00 30.79 32.54
CA SER R 44 29.06 30.48 31.12
C SER R 44 29.94 29.25 30.93
N ALA R 45 30.06 28.81 29.68
CA ALA R 45 30.80 27.59 29.39
C ALA R 45 32.21 27.66 29.96
N LYS R 46 32.93 28.69 29.54
CA LYS R 46 34.30 28.94 29.98
C LYS R 46 34.39 29.04 31.50
N GLU R 47 33.57 29.93 32.07
CA GLU R 47 33.57 30.18 33.50
C GLU R 47 33.36 28.89 34.29
N GLN R 48 32.30 28.16 33.93
CA GLN R 48 31.96 26.92 34.60
C GLN R 48 33.10 25.92 34.51
N ARG R 49 33.68 25.85 33.32
CA ARG R 49 34.77 24.93 33.04
C ARG R 49 35.97 25.21 33.96
N ILE R 50 36.21 26.49 34.23
CA ILE R 50 37.34 26.89 35.08
C ILE R 50 37.04 26.66 36.56
N LEU R 51 35.84 27.04 36.95
CA LEU R 51 35.33 26.83 38.31
C LEU R 51 35.46 25.37 38.70
N ALA R 52 35.19 24.48 37.75
CA ALA R 52 35.29 23.05 38.02
C ALA R 52 36.67 22.69 38.54
N LYS R 53 37.70 22.99 37.76
CA LYS R 53 39.06 22.63 38.11
C LYS R 53 39.52 23.32 39.39
N THR R 54 39.18 24.59 39.55
CA THR R 54 39.64 25.27 40.76
C THR R 54 38.96 24.66 41.99
N ILE R 55 37.71 24.26 41.84
CA ILE R 55 36.98 23.62 42.94
C ILE R 55 37.67 22.30 43.29
N LYS R 56 37.99 21.51 42.27
CA LYS R 56 38.64 20.23 42.51
C LYS R 56 39.97 20.43 43.23
N ARG R 57 40.71 21.45 42.83
CA ARG R 57 41.94 21.83 43.52
C ARG R 57 41.65 22.08 45.00
N ALA R 58 40.59 22.85 45.26
CA ALA R 58 40.21 23.18 46.62
C ALA R 58 39.84 21.93 47.40
N ARG R 59 39.31 20.93 46.70
CA ARG R 59 38.96 19.67 47.31
C ARG R 59 40.20 18.91 47.75
N ILE R 60 41.19 18.84 46.85
CA ILE R 60 42.40 18.08 47.16
C ILE R 60 43.16 18.72 48.32
N LEU R 61 43.21 20.05 48.34
CA LEU R 61 43.85 20.78 49.43
C LEU R 61 43.13 20.56 50.77
N GLY R 62 41.91 20.06 50.71
CA GLY R 62 41.14 19.80 51.91
C GLY R 62 40.31 20.99 52.37
N LEU R 63 40.22 21.99 51.51
CA LEU R 63 39.43 23.19 51.80
C LEU R 63 37.95 23.01 51.50
N LEU R 64 37.65 22.18 50.51
CA LEU R 64 36.27 21.92 50.12
C LEU R 64 35.97 20.42 50.19
N PRO R 65 34.69 20.08 50.46
CA PRO R 65 34.30 18.67 50.57
C PRO R 65 34.21 17.97 49.22
N PHE R 66 34.45 16.66 49.24
CA PHE R 66 34.15 15.83 48.08
C PHE R 66 32.67 15.49 48.06
N THR R 67 32.13 15.28 49.26
CA THR R 67 30.72 14.94 49.41
C THR R 67 30.24 15.28 50.81
N GLU R 68 28.93 15.44 50.96
CA GLU R 68 28.32 15.72 52.25
C GLU R 68 27.00 14.97 52.42
N LYS R 69 26.61 14.73 53.67
CA LYS R 69 25.36 14.03 53.94
C LYS R 69 24.15 14.98 53.87
N LEU R 70 23.09 14.55 53.19
CA LEU R 70 21.91 15.38 52.99
C LEU R 70 21.04 15.42 54.25
N VAL R 71 20.84 16.62 54.78
CA VAL R 71 20.03 16.82 55.97
C VAL R 71 18.53 16.74 55.66
N ARG R 72 17.73 16.52 56.69
CA ARG R 72 16.28 16.34 56.62
C ARG R 72 15.88 15.09 55.83
N LYS R 73 15.04 15.26 54.80
CA LYS R 73 14.45 14.16 54.04
C LYS R 73 13.52 13.32 54.92
N PRO S 1 -50.85 -51.99 30.08
CA PRO S 1 -51.92 -50.98 30.14
C PRO S 1 -52.42 -50.57 28.77
N ARG S 2 -52.46 -51.49 27.82
CA ARG S 2 -52.82 -51.15 26.44
C ARG S 2 -54.32 -50.93 26.30
N SER S 3 -54.74 -50.52 25.10
CA SER S 3 -56.15 -50.41 24.76
C SER S 3 -56.39 -50.41 23.26
N LEU S 4 -57.59 -50.82 22.83
CA LEU S 4 -58.04 -50.54 21.47
C LEU S 4 -59.39 -49.84 21.48
N LYS S 5 -60.45 -50.63 21.64
CA LYS S 5 -61.83 -50.19 21.83
C LYS S 5 -62.73 -51.42 21.68
N LYS S 6 -64.05 -51.24 21.83
CA LYS S 6 -65.01 -52.26 21.44
C LYS S 6 -65.08 -52.35 19.91
N GLY S 7 -65.47 -53.51 19.39
CA GLY S 7 -65.29 -53.80 17.99
C GLY S 7 -63.83 -54.01 17.62
N VAL S 8 -63.20 -54.99 18.27
CA VAL S 8 -61.78 -55.32 18.12
C VAL S 8 -61.36 -55.48 16.65
N PHE S 9 -60.21 -54.92 16.30
CA PHE S 9 -59.78 -54.91 14.90
C PHE S 9 -58.99 -56.15 14.49
N VAL S 10 -59.46 -56.80 13.42
CA VAL S 10 -58.71 -57.86 12.74
C VAL S 10 -58.86 -57.66 11.24
N ASP S 11 -57.73 -57.63 10.53
CA ASP S 11 -57.75 -57.49 9.07
C ASP S 11 -58.43 -58.70 8.44
N ASP S 12 -59.33 -58.44 7.48
CA ASP S 12 -60.15 -59.50 6.91
C ASP S 12 -59.45 -60.27 5.79
N HIS S 13 -58.18 -59.94 5.53
CA HIS S 13 -57.40 -60.72 4.59
C HIS S 13 -57.28 -62.15 5.07
N LEU S 14 -56.70 -62.32 6.25
CA LEU S 14 -56.48 -63.66 6.80
C LEU S 14 -57.62 -64.09 7.71
N LEU S 15 -58.51 -63.17 8.04
CA LEU S 15 -59.63 -63.49 8.91
C LEU S 15 -60.49 -64.56 8.25
N GLU S 16 -60.70 -64.41 6.95
CA GLU S 16 -61.46 -65.39 6.19
C GLU S 16 -60.59 -66.60 5.87
N LYS S 17 -59.30 -66.36 5.69
CA LYS S 17 -58.35 -67.41 5.34
C LYS S 17 -58.28 -68.50 6.42
N VAL S 18 -58.18 -68.06 7.68
CA VAL S 18 -57.99 -68.99 8.79
C VAL S 18 -59.22 -69.88 8.99
N LEU S 19 -60.41 -69.31 8.90
CA LEU S 19 -61.64 -70.08 9.07
C LEU S 19 -61.91 -70.93 7.83
N GLU S 20 -61.43 -70.45 6.68
CA GLU S 20 -61.52 -71.23 5.44
C GLU S 20 -60.67 -72.48 5.55
N LEU S 21 -59.52 -72.37 6.21
CA LEU S 21 -58.71 -73.54 6.50
C LEU S 21 -59.47 -74.43 7.49
N ASN S 22 -59.91 -73.82 8.59
CA ASN S 22 -60.62 -74.52 9.67
C ASN S 22 -61.79 -75.36 9.17
N ALA S 23 -62.47 -74.88 8.13
CA ALA S 23 -63.59 -75.59 7.55
C ALA S 23 -63.20 -76.99 7.11
N LYS S 24 -62.20 -77.08 6.25
CA LYS S 24 -61.74 -78.38 5.74
C LYS S 24 -60.51 -78.95 6.45
N GLY S 25 -59.93 -78.23 7.40
CA GLY S 25 -58.77 -78.77 8.09
C GLY S 25 -57.74 -77.79 8.64
N GLU S 26 -56.52 -78.30 8.78
CA GLU S 26 -55.37 -77.53 9.21
C GLU S 26 -54.62 -76.95 8.00
N LYS S 27 -54.21 -77.85 7.11
CA LYS S 27 -53.31 -77.57 5.99
C LYS S 27 -51.96 -77.03 6.48
N ARG S 28 -51.38 -76.07 5.77
CA ARG S 28 -50.03 -75.62 6.10
C ARG S 28 -49.82 -74.12 5.95
N LEU S 29 -49.28 -73.54 7.01
CA LEU S 29 -48.86 -72.15 7.09
C LEU S 29 -49.89 -71.10 6.66
N ILE S 30 -49.35 -70.02 6.11
CA ILE S 30 -50.05 -68.86 5.60
C ILE S 30 -48.93 -67.86 5.33
N LYS S 31 -49.20 -66.81 4.55
CA LYS S 31 -48.23 -65.71 4.44
C LYS S 31 -48.97 -64.38 4.56
N THR S 32 -48.61 -63.60 5.57
CA THR S 32 -49.37 -62.40 5.89
C THR S 32 -48.51 -61.15 5.99
N TRP S 33 -48.88 -60.12 5.25
CA TRP S 33 -48.23 -58.82 5.32
C TRP S 33 -48.90 -57.92 6.34
N SER S 34 -49.98 -58.40 6.94
CA SER S 34 -50.69 -57.58 7.92
C SER S 34 -50.34 -58.03 9.33
N ARG S 35 -49.52 -57.24 10.00
CA ARG S 35 -49.08 -57.52 11.36
C ARG S 35 -49.91 -56.72 12.36
N ARG S 36 -50.79 -55.87 11.84
CA ARG S 36 -51.59 -55.00 12.68
C ARG S 36 -52.81 -55.74 13.21
N SER S 37 -53.07 -56.90 12.63
CA SER S 37 -54.23 -57.69 13.00
C SER S 37 -54.06 -58.35 14.36
N THR S 38 -55.14 -58.35 15.15
CA THR S 38 -55.14 -58.95 16.48
C THR S 38 -55.30 -60.46 16.39
N ILE S 39 -54.66 -61.18 17.31
CA ILE S 39 -54.78 -62.63 17.36
C ILE S 39 -56.06 -63.04 18.08
N VAL S 40 -56.88 -63.84 17.40
CA VAL S 40 -58.15 -64.30 17.94
C VAL S 40 -58.12 -65.84 18.06
N PRO S 41 -58.93 -66.41 18.97
CA PRO S 41 -58.89 -67.85 19.30
C PRO S 41 -58.93 -68.81 18.11
N GLU S 42 -59.60 -68.45 17.02
CA GLU S 42 -59.75 -69.35 15.88
C GLU S 42 -58.43 -69.61 15.17
N MET S 43 -57.40 -68.84 15.53
CA MET S 43 -56.09 -68.99 14.92
C MET S 43 -55.18 -69.94 15.71
N VAL S 44 -55.61 -70.33 16.90
CA VAL S 44 -54.80 -71.20 17.77
C VAL S 44 -54.56 -72.54 17.11
N GLY S 45 -53.29 -72.93 17.01
CA GLY S 45 -52.93 -74.19 16.40
C GLY S 45 -52.45 -74.05 14.98
N HIS S 46 -52.63 -72.86 14.40
CA HIS S 46 -52.15 -72.58 13.05
C HIS S 46 -50.71 -72.11 13.08
N THR S 47 -50.17 -71.82 11.89
CA THR S 47 -48.85 -71.22 11.78
C THR S 47 -48.91 -70.09 10.76
N ILE S 48 -48.49 -68.91 11.16
CA ILE S 48 -48.60 -67.73 10.31
C ILE S 48 -47.24 -67.11 10.06
N ALA S 49 -46.94 -66.89 8.79
CA ALA S 49 -45.71 -66.19 8.42
C ALA S 49 -45.96 -64.69 8.44
N VAL S 50 -45.23 -63.98 9.30
CA VAL S 50 -45.41 -62.54 9.40
C VAL S 50 -44.24 -61.82 8.76
N TYR S 51 -44.56 -60.80 7.96
CA TYR S 51 -43.53 -60.01 7.30
C TYR S 51 -42.96 -58.99 8.27
N ASN S 52 -41.66 -59.09 8.53
CA ASN S 52 -40.98 -58.17 9.43
C ASN S 52 -40.42 -57.00 8.64
N GLY S 53 -40.77 -56.93 7.36
CA GLY S 53 -40.29 -55.89 6.47
C GLY S 53 -39.24 -56.44 5.52
N LYS S 54 -38.64 -57.55 5.91
CA LYS S 54 -37.62 -58.22 5.11
C LYS S 54 -38.09 -59.60 4.68
N GLN S 55 -38.33 -60.47 5.64
CA GLN S 55 -38.77 -61.83 5.35
C GLN S 55 -40.03 -62.22 6.13
N HIS S 56 -40.49 -63.45 5.88
CA HIS S 56 -41.66 -63.99 6.57
C HIS S 56 -41.22 -64.95 7.65
N VAL S 57 -41.64 -64.69 8.89
CA VAL S 57 -41.27 -65.55 10.00
C VAL S 57 -42.42 -66.48 10.40
N PRO S 58 -42.10 -67.78 10.53
CA PRO S 58 -43.04 -68.85 10.85
C PRO S 58 -43.46 -68.86 12.32
N VAL S 59 -44.46 -68.05 12.66
CA VAL S 59 -44.95 -67.98 14.03
C VAL S 59 -46.00 -69.06 14.30
N TYR S 60 -45.70 -69.96 15.22
CA TYR S 60 -46.70 -70.92 15.71
C TYR S 60 -47.45 -70.25 16.84
N ILE S 61 -48.75 -70.51 16.93
CA ILE S 61 -49.58 -69.74 17.84
C ILE S 61 -50.36 -70.62 18.82
N THR S 62 -50.25 -70.28 20.11
CA THR S 62 -50.89 -71.05 21.18
C THR S 62 -51.98 -70.25 21.89
N GLU S 63 -52.62 -70.89 22.87
CA GLU S 63 -53.77 -70.33 23.56
C GLU S 63 -53.43 -69.05 24.32
N ASN S 64 -52.20 -68.96 24.81
CA ASN S 64 -51.78 -67.85 25.64
C ASN S 64 -51.27 -66.66 24.83
N MET S 65 -51.31 -66.79 23.50
CA MET S 65 -50.84 -65.74 22.61
C MET S 65 -51.96 -64.84 22.12
N VAL S 66 -53.20 -65.15 22.54
CA VAL S 66 -54.38 -64.47 22.04
C VAL S 66 -54.47 -63.04 22.54
N GLY S 67 -54.86 -62.14 21.64
CA GLY S 67 -55.05 -60.74 21.99
C GLY S 67 -53.91 -59.84 21.57
N HIS S 68 -52.73 -60.43 21.41
CA HIS S 68 -51.59 -59.69 20.89
C HIS S 68 -51.67 -59.60 19.37
N LYS S 69 -51.05 -58.57 18.80
CA LYS S 69 -50.91 -58.48 17.35
C LYS S 69 -49.82 -59.44 16.85
N LEU S 70 -49.87 -59.78 15.57
CA LEU S 70 -48.89 -60.69 14.97
C LEU S 70 -47.47 -60.15 15.07
N GLY S 71 -47.32 -58.86 14.77
CA GLY S 71 -46.01 -58.23 14.71
C GLY S 71 -45.20 -58.23 15.98
N GLU S 72 -45.86 -58.50 17.12
CA GLU S 72 -45.18 -58.59 18.39
C GLU S 72 -44.27 -59.80 18.40
N PHE S 73 -44.65 -60.80 17.61
CA PHE S 73 -43.92 -62.05 17.55
C PHE S 73 -42.98 -62.09 16.35
N ALA S 74 -42.97 -61.00 15.59
CA ALA S 74 -42.10 -60.86 14.43
C ALA S 74 -41.26 -59.60 14.54
N PRO S 75 -40.14 -59.67 15.27
CA PRO S 75 -39.27 -58.52 15.51
C PRO S 75 -38.64 -57.97 14.22
N THR S 76 -38.76 -56.66 14.04
CA THR S 76 -38.32 -56.00 12.82
C THR S 76 -36.82 -55.74 12.78
N ARG S 77 -36.27 -55.35 13.93
CA ARG S 77 -34.89 -54.91 14.02
C ARG S 77 -33.94 -56.05 14.35
N THR S 78 -32.74 -55.99 13.78
CA THR S 78 -31.67 -56.92 14.10
C THR S 78 -30.64 -56.24 15.00
N TYR S 79 -30.36 -56.82 16.17
CA TYR S 79 -29.42 -56.19 17.09
C TYR S 79 -28.43 -57.15 17.72
N ARG S 80 -27.14 -56.81 17.57
CA ARG S 80 -26.02 -57.55 18.18
C ARG S 80 -26.16 -59.05 18.04
N GLY S 81 -26.16 -59.53 16.78
N ARG T 1 59.72 -47.09 -58.89
CA ARG T 1 58.39 -46.49 -58.89
C ARG T 1 58.46 -44.98 -59.10
N ASN T 2 59.68 -44.44 -59.17
CA ASN T 2 59.86 -43.00 -59.02
C ASN T 2 60.44 -42.27 -60.23
N LEU T 3 60.56 -40.96 -60.04
CA LEU T 3 60.98 -40.00 -61.05
C LEU T 3 62.46 -40.12 -61.40
N SER T 4 62.82 -39.69 -62.61
CA SER T 4 64.19 -39.78 -63.09
C SER T 4 65.00 -38.52 -62.73
N ALA T 5 64.38 -37.64 -61.94
CA ALA T 5 65.08 -36.48 -61.34
C ALA T 5 66.18 -36.92 -60.37
N LEU T 6 66.27 -38.23 -60.15
CA LEU T 6 67.45 -38.86 -59.56
C LEU T 6 68.70 -38.34 -60.25
N LYS T 7 68.60 -38.16 -61.56
CA LYS T 7 69.68 -37.60 -62.36
C LYS T 7 70.29 -36.38 -61.68
N ARG T 8 69.43 -35.43 -61.27
CA ARG T 8 69.90 -34.22 -60.59
C ARG T 8 70.78 -34.57 -59.42
N HIS T 9 70.26 -35.41 -58.53
CA HIS T 9 71.04 -35.87 -57.38
C HIS T 9 72.41 -36.38 -57.83
N ARG T 10 72.42 -37.26 -58.82
CA ARG T 10 73.68 -37.77 -59.37
C ARG T 10 74.61 -36.60 -59.67
N GLN T 11 74.17 -35.71 -60.56
CA GLN T 11 74.97 -34.57 -60.99
C GLN T 11 75.43 -33.83 -59.75
N SER T 12 74.49 -33.63 -58.85
CA SER T 12 74.72 -32.81 -57.66
C SER T 12 76.00 -33.28 -57.00
N LEU T 13 76.09 -34.59 -56.80
CA LEU T 13 77.23 -35.17 -56.08
C LEU T 13 78.53 -34.79 -56.77
N LYS T 14 78.60 -35.02 -58.08
CA LYS T 14 79.79 -34.67 -58.84
C LYS T 14 80.14 -33.20 -58.58
N ARG T 15 79.15 -32.34 -58.76
CA ARG T 15 79.36 -30.91 -58.61
C ARG T 15 79.92 -30.61 -57.23
N ARG T 16 79.33 -31.24 -56.22
CA ARG T 16 79.79 -31.07 -54.85
C ARG T 16 81.27 -31.39 -54.80
N LEU T 17 81.59 -32.59 -55.27
CA LEU T 17 82.95 -33.09 -55.26
C LEU T 17 83.90 -32.12 -55.96
N ARG T 18 83.39 -31.45 -56.99
CA ARG T 18 84.21 -30.49 -57.72
C ARG T 18 84.48 -29.26 -56.87
N ASN T 19 83.41 -28.64 -56.36
CA ASN T 19 83.55 -27.37 -55.63
C ASN T 19 84.44 -27.60 -54.44
N LYS T 20 84.09 -28.67 -53.71
CA LYS T 20 84.82 -29.09 -52.54
C LYS T 20 86.31 -29.14 -52.82
N ALA T 21 86.69 -29.65 -53.99
CA ALA T 21 88.10 -29.70 -54.33
C ALA T 21 88.68 -28.30 -54.37
N LYS T 22 88.10 -27.46 -55.23
CA LYS T 22 88.61 -26.10 -55.46
C LYS T 22 88.77 -25.33 -54.16
N LYS T 23 87.69 -25.27 -53.38
CA LYS T 23 87.73 -24.59 -52.09
C LYS T 23 88.89 -25.12 -51.28
N SER T 24 88.99 -26.43 -51.14
CA SER T 24 90.04 -27.06 -50.36
C SER T 24 91.42 -26.57 -50.78
N ALA T 25 91.63 -26.38 -52.07
CA ALA T 25 92.92 -25.90 -52.55
C ALA T 25 93.15 -24.49 -52.03
N ILE T 26 92.19 -23.62 -52.31
CA ILE T 26 92.28 -22.23 -51.94
C ILE T 26 92.74 -22.11 -50.51
N LYS T 27 91.91 -22.63 -49.60
CA LYS T 27 92.15 -22.54 -48.17
C LYS T 27 93.59 -22.92 -47.89
N THR T 28 94.01 -24.07 -48.39
CA THR T 28 95.36 -24.56 -48.20
C THR T 28 96.38 -23.49 -48.55
N LEU T 29 96.40 -23.11 -49.84
CA LEU T 29 97.35 -22.12 -50.33
C LEU T 29 97.26 -20.86 -49.49
N SER T 30 96.03 -20.46 -49.16
CA SER T 30 95.83 -19.21 -48.45
C SER T 30 96.62 -19.26 -47.15
N LYS T 31 96.39 -20.32 -46.37
CA LYS T 31 97.08 -20.47 -45.11
C LYS T 31 98.57 -20.39 -45.34
N LYS T 32 99.03 -21.13 -46.36
CA LYS T 32 100.44 -21.21 -46.70
C LYS T 32 101.02 -19.82 -46.83
N ALA T 33 100.34 -18.98 -47.63
CA ALA T 33 100.83 -17.64 -47.89
C ALA T 33 100.97 -16.91 -46.57
N ILE T 34 99.91 -16.95 -45.78
CA ILE T 34 99.86 -16.29 -44.49
C ILE T 34 101.06 -16.73 -43.66
N GLN T 35 101.29 -18.04 -43.64
CA GLN T 35 102.37 -18.58 -42.83
C GLN T 35 103.68 -17.92 -43.22
N LEU T 36 103.96 -17.89 -44.52
CA LEU T 36 105.23 -17.36 -45.00
C LEU T 36 105.35 -15.89 -44.67
N ALA T 37 104.21 -15.20 -44.72
CA ALA T 37 104.21 -13.78 -44.43
C ALA T 37 104.54 -13.57 -42.95
N GLN T 38 104.05 -14.47 -42.11
CA GLN T 38 104.22 -14.34 -40.67
C GLN T 38 105.66 -14.66 -40.32
N GLU T 39 106.32 -15.43 -41.19
CA GLU T 39 107.69 -15.86 -40.95
C GLU T 39 108.70 -14.91 -41.57
N GLY T 40 108.21 -13.91 -42.29
CA GLY T 40 109.07 -12.88 -42.83
C GLY T 40 109.59 -13.10 -44.25
N LYS T 41 109.36 -14.28 -44.80
CA LYS T 41 109.79 -14.55 -46.16
C LYS T 41 108.80 -13.90 -47.10
N ALA T 42 109.27 -12.93 -47.87
CA ALA T 42 108.40 -12.02 -48.59
C ALA T 42 108.12 -12.51 -49.99
N GLU T 43 109.19 -12.66 -50.78
CA GLU T 43 109.09 -13.09 -52.16
C GLU T 43 108.23 -14.35 -52.28
N GLU T 44 108.59 -15.38 -51.53
CA GLU T 44 107.85 -16.64 -51.56
C GLU T 44 106.38 -16.41 -51.19
N ALA T 45 106.15 -15.65 -50.13
CA ALA T 45 104.80 -15.39 -49.63
C ALA T 45 103.91 -14.76 -50.68
N LEU T 46 104.35 -13.66 -51.28
CA LEU T 46 103.57 -13.04 -52.33
C LEU T 46 103.41 -14.00 -53.49
N LYS T 47 104.51 -14.68 -53.85
CA LYS T 47 104.54 -15.61 -54.97
C LYS T 47 103.42 -16.64 -54.87
N ILE T 48 103.14 -17.09 -53.64
CA ILE T 48 102.03 -18.01 -53.40
C ILE T 48 100.70 -17.28 -53.28
N MET T 49 100.74 -16.05 -52.78
CA MET T 49 99.53 -15.23 -52.64
C MET T 49 98.85 -14.98 -53.99
N ARG T 50 99.66 -14.74 -55.03
CA ARG T 50 99.13 -14.54 -56.37
C ARG T 50 98.41 -15.79 -56.87
N LYS T 51 99.03 -16.96 -56.66
CA LYS T 51 98.42 -18.22 -57.08
C LYS T 51 97.11 -18.41 -56.34
N ALA T 52 97.09 -18.08 -55.05
CA ALA T 52 95.88 -18.21 -54.26
C ALA T 52 94.78 -17.30 -54.81
N GLU T 53 95.14 -16.06 -55.08
CA GLU T 53 94.24 -15.10 -55.72
C GLU T 53 93.63 -15.70 -56.99
N SER T 54 94.52 -16.17 -57.86
CA SER T 54 94.13 -16.78 -59.12
C SER T 54 93.12 -17.91 -58.92
N LEU T 55 93.41 -18.82 -58.00
CA LEU T 55 92.49 -19.91 -57.70
C LEU T 55 91.16 -19.39 -57.23
N ILE T 56 91.18 -18.28 -56.49
CA ILE T 56 89.94 -17.69 -56.01
C ILE T 56 89.10 -17.19 -57.17
N ASP T 57 89.70 -16.41 -58.07
CA ASP T 57 88.93 -15.82 -59.17
C ASP T 57 88.47 -16.91 -60.14
N LYS T 58 89.31 -17.92 -60.31
CA LYS T 58 88.96 -19.04 -61.18
C LYS T 58 87.80 -19.83 -60.57
N ALA T 59 87.81 -19.96 -59.26
CA ALA T 59 86.70 -20.59 -58.56
C ALA T 59 85.44 -19.77 -58.81
N ALA T 60 85.60 -18.44 -58.78
CA ALA T 60 84.49 -17.52 -58.99
C ALA T 60 83.94 -17.58 -60.41
N LYS T 61 84.75 -18.07 -61.34
CA LYS T 61 84.29 -18.24 -62.72
C LYS T 61 83.04 -19.09 -62.77
N GLY T 62 83.07 -20.23 -62.08
CA GLY T 62 81.93 -21.12 -62.03
C GLY T 62 80.96 -20.85 -60.91
N SER T 63 80.25 -21.90 -60.48
CA SER T 63 79.21 -21.77 -59.47
C SER T 63 79.75 -22.00 -58.05
N THR T 64 81.07 -22.14 -57.92
CA THR T 64 81.66 -22.53 -56.65
C THR T 64 81.57 -21.39 -55.64
N LEU T 65 82.35 -20.34 -55.87
CA LEU T 65 82.33 -19.17 -55.02
C LEU T 65 81.39 -18.13 -55.58
N HIS T 66 81.76 -17.72 -56.78
CA HIS T 66 81.14 -16.62 -57.49
C HIS T 66 81.08 -15.36 -56.62
N LYS T 67 80.05 -14.59 -56.90
CA LYS T 67 79.71 -13.39 -56.16
C LYS T 67 80.87 -12.48 -55.82
N ASN T 68 80.71 -11.88 -54.65
CA ASN T 68 81.65 -10.99 -54.02
C ASN T 68 82.42 -11.77 -52.98
N ALA T 69 82.06 -13.04 -52.81
CA ALA T 69 82.73 -13.90 -51.84
C ALA T 69 84.18 -14.08 -52.27
N ALA T 70 84.37 -14.14 -53.58
CA ALA T 70 85.70 -14.13 -54.15
C ALA T 70 86.44 -12.89 -53.67
N ALA T 71 85.81 -11.74 -53.91
CA ALA T 71 86.37 -10.45 -53.52
C ALA T 71 86.71 -10.43 -52.03
N ARG T 72 85.80 -10.94 -51.21
CA ARG T 72 86.03 -11.02 -49.77
C ARG T 72 87.28 -11.81 -49.45
N ARG T 73 87.37 -13.03 -49.97
CA ARG T 73 88.50 -13.90 -49.66
C ARG T 73 89.81 -13.26 -50.09
N LYS T 74 89.84 -12.72 -51.31
CA LYS T 74 91.01 -12.01 -51.82
C LYS T 74 91.40 -10.87 -50.90
N SER T 75 90.41 -10.08 -50.51
CA SER T 75 90.62 -8.94 -49.64
C SER T 75 91.30 -9.39 -48.35
N ARG T 76 90.61 -10.21 -47.57
CA ARG T 76 91.11 -10.65 -46.28
C ARG T 76 92.50 -11.26 -46.40
N LEU T 77 92.71 -12.00 -47.49
CA LEU T 77 94.00 -12.61 -47.76
C LEU T 77 95.11 -11.56 -47.91
N MET T 78 94.92 -10.61 -48.82
CA MET T 78 95.94 -9.59 -49.09
C MET T 78 96.16 -8.68 -47.89
N ARG T 79 95.09 -8.38 -47.19
CA ARG T 79 95.19 -7.63 -45.95
C ARG T 79 96.12 -8.33 -44.97
N LYS T 80 95.79 -9.58 -44.64
CA LYS T 80 96.61 -10.35 -43.71
C LYS T 80 98.06 -10.45 -44.17
N VAL T 81 98.26 -10.62 -45.47
CA VAL T 81 99.61 -10.82 -45.99
C VAL T 81 100.44 -9.56 -45.81
N ARG T 82 99.93 -8.42 -46.25
CA ARG T 82 100.68 -7.18 -46.14
C ARG T 82 100.90 -6.82 -44.65
N GLN T 83 99.86 -6.99 -43.83
CA GLN T 83 99.96 -6.69 -42.41
C GLN T 83 101.00 -7.56 -41.72
N LEU T 84 101.16 -8.78 -42.19
CA LEU T 84 102.14 -9.71 -41.63
C LEU T 84 103.53 -9.41 -42.13
N LEU T 85 103.62 -8.98 -43.38
CA LEU T 85 104.90 -8.63 -43.95
C LEU T 85 105.39 -7.29 -43.42
N GLU T 86 104.50 -6.55 -42.76
CA GLU T 86 104.89 -5.27 -42.20
C GLU T 86 105.41 -5.39 -40.77
N ALA T 87 105.47 -6.61 -40.26
CA ALA T 87 106.16 -6.89 -39.02
C ALA T 87 107.64 -7.18 -39.31
N ALA T 88 107.97 -7.26 -40.58
CA ALA T 88 109.34 -7.49 -41.04
C ALA T 88 109.73 -6.46 -42.09
N GLY T 89 109.02 -6.46 -43.22
CA GLY T 89 109.24 -5.49 -44.28
C GLY T 89 109.86 -5.97 -45.58
N ALA T 90 110.12 -5.02 -46.47
CA ALA T 90 110.74 -5.27 -47.78
C ALA T 90 109.96 -6.27 -48.64
N PRO T 91 108.82 -5.82 -49.22
CA PRO T 91 107.99 -6.66 -50.10
C PRO T 91 108.67 -6.96 -51.44
N LEU T 92 109.58 -7.94 -51.40
CA LEU T 92 110.52 -8.24 -52.47
C LEU T 92 109.92 -8.38 -53.87
N ILE T 93 109.19 -9.47 -54.09
CA ILE T 93 108.87 -9.90 -55.45
C ILE T 93 107.98 -8.94 -56.21
N GLY T 94 107.40 -7.97 -55.51
CA GLY T 94 106.47 -7.05 -56.14
C GLY T 94 105.30 -7.82 -56.71
N GLY T 95 104.66 -8.59 -55.84
CA GLY T 95 103.61 -9.52 -56.25
C GLY T 95 102.28 -8.82 -56.35
N GLY T 96 101.23 -9.56 -56.00
CA GLY T 96 99.87 -9.03 -56.01
C GLY T 96 99.67 -7.67 -55.36
N LEU T 97 100.39 -7.42 -54.27
CA LEU T 97 100.28 -6.15 -53.56
C LEU T 97 100.72 -4.97 -54.40
N SER T 98 99.86 -3.97 -54.49
CA SER T 98 100.18 -2.75 -55.22
C SER T 98 101.15 -1.90 -54.39
N ALA T 99 102.08 -1.25 -55.10
CA ALA T 99 103.23 -0.55 -54.51
C ALA T 99 102.93 0.20 -53.23
N GLY U 1 -44.72 -33.14 42.09
CA GLY U 1 -44.67 -31.83 41.47
C GLY U 1 -45.46 -31.75 40.18
N LYS U 2 -45.00 -30.90 39.26
CA LYS U 2 -45.67 -30.74 37.98
C LYS U 2 -45.56 -32.01 37.14
N GLY U 3 -44.68 -32.91 37.55
CA GLY U 3 -44.49 -34.15 36.83
C GLY U 3 -45.34 -35.28 37.36
N ASP U 4 -46.14 -34.99 38.39
CA ASP U 4 -47.00 -36.02 38.96
C ASP U 4 -48.38 -35.96 38.30
N ARG U 5 -48.68 -36.99 37.52
CA ARG U 5 -49.94 -37.09 36.80
C ARG U 5 -51.13 -37.06 37.76
N ARG U 6 -50.90 -37.51 38.99
CA ARG U 6 -51.96 -37.72 39.97
C ARG U 6 -52.21 -36.52 40.89
N THR U 7 -51.60 -35.38 40.56
CA THR U 7 -51.76 -34.17 41.36
C THR U 7 -52.53 -33.11 40.57
N ARG U 8 -53.12 -32.15 41.29
CA ARG U 8 -53.77 -31.02 40.63
C ARG U 8 -52.81 -30.31 39.70
N ARG U 9 -51.67 -29.89 40.25
CA ARG U 9 -50.65 -29.17 39.48
C ARG U 9 -50.13 -30.01 38.33
N GLY U 10 -50.12 -31.33 38.51
CA GLY U 10 -49.72 -32.22 37.46
C GLY U 10 -50.64 -32.15 36.27
N LYS U 11 -51.94 -32.18 36.55
CA LYS U 11 -52.95 -32.10 35.49
C LYS U 11 -52.87 -30.74 34.83
N ILE U 12 -52.68 -29.70 35.63
CA ILE U 12 -52.60 -28.35 35.10
C ILE U 12 -51.42 -28.22 34.13
N TRP U 13 -50.24 -28.66 34.58
CA TRP U 13 -49.05 -28.59 33.75
C TRP U 13 -49.22 -29.43 32.49
N ARG U 14 -49.83 -30.61 32.63
CA ARG U 14 -50.11 -31.46 31.48
C ARG U 14 -51.30 -30.91 30.69
N GLY U 15 -52.04 -29.99 31.30
CA GLY U 15 -53.15 -29.34 30.64
C GLY U 15 -54.40 -30.19 30.47
N THR U 16 -54.50 -31.26 31.25
CA THR U 16 -55.66 -32.14 31.17
C THR U 16 -56.61 -31.98 32.34
N TYR U 17 -57.69 -32.75 32.32
CA TYR U 17 -58.61 -32.84 33.44
C TYR U 17 -58.70 -34.30 33.90
N GLY U 18 -59.46 -34.55 34.95
CA GLY U 18 -59.59 -35.90 35.48
C GLY U 18 -60.04 -35.98 36.92
N LYS U 19 -59.74 -37.09 37.58
CA LYS U 19 -60.13 -37.32 38.95
C LYS U 19 -59.48 -36.31 39.89
N TYR U 20 -58.23 -35.97 39.61
CA TYR U 20 -57.49 -35.08 40.51
C TYR U 20 -57.59 -33.61 40.10
N ARG U 21 -58.15 -33.33 38.93
CA ARG U 21 -58.48 -31.97 38.55
C ARG U 21 -59.84 -31.91 37.86
N PRO U 22 -60.91 -31.83 38.66
CA PRO U 22 -62.28 -31.82 38.16
C PRO U 22 -62.60 -30.62 37.25
N ARG U 23 -63.69 -30.75 36.51
CA ARG U 23 -64.24 -29.68 35.68
C ARG U 23 -65.31 -28.88 36.43
N LYS U 24 -65.43 -29.14 37.73
CA LYS U 24 -66.48 -28.58 38.59
C LYS U 24 -67.85 -29.06 38.14
N LYS U 25 -68.81 -28.14 38.06
O5' 6MD V 1 0.36 -26.48 7.64
C5' 6MD V 1 1.38 -27.34 8.12
C4' 6MD V 1 1.85 -28.29 7.06
O4' 6MD V 1 1.04 -29.50 7.11
C3' 6MD V 1 1.72 -27.79 5.63
O3' 6MD V 1 2.84 -27.05 5.20
C2' 6MD V 1 1.50 -29.06 4.83
O2' 6MD V 1 2.76 -29.70 4.58
C1' 6MD V 1 0.70 -29.91 5.81
N9 6MD V 1 -0.74 -29.73 5.63
C8 6MD V 1 -1.65 -29.07 6.49
N7 6MD V 1 -2.91 -29.09 6.03
C5 6MD V 1 -2.86 -29.80 4.80
C6 6MD V 1 -3.85 -30.17 3.83
N6 6MD V 1 -5.21 -29.86 3.91
N1 6MD V 1 -3.44 -30.88 2.73
C2 6MD V 1 -2.10 -31.18 2.63
N3 6MD V 1 -1.08 -30.91 3.46
C4 6MD V 1 -1.50 -30.20 4.56
CZ 6MD V 1 -5.82 -29.13 5.01
N1 70U W 5 -10.81 -26.97 -3.13
C2 70U W 5 -9.51 -26.65 -3.26
S2 70U W 5 -8.76 -26.53 -4.91
N3 70U W 5 -8.76 -26.41 -2.22
C4 70U W 5 -9.22 -26.47 -1.02
O4 70U W 5 -8.36 -26.21 0.06
C5 70U W 5 -10.55 -26.78 -0.83
C6 70U W 5 -11.35 -27.04 -1.98
C5M 70U W 5 -11.18 -26.88 0.61
C8 70U W 5 -10.82 -25.71 1.52
O8 70U W 5 -10.05 -25.88 2.47
O9 70U W 5 -11.38 -24.39 1.26
C9 70U W 5 -12.04 -23.85 2.33
C1' 70U W 5 -11.64 -27.22 -4.33
O2' 70U W 5 -11.63 -28.62 -6.27
C2' 70U W 5 -11.54 -28.65 -4.85
O3' 70U W 5 -13.24 -30.42 -5.01
C3' 70U W 5 -12.77 -29.31 -4.26
C4' 70U W 5 -13.79 -28.17 -4.22
O4' 70U W 5 -12.99 -26.98 -3.99
C5' 70U W 5 -14.82 -28.28 -3.13
O5' 70U W 5 -14.26 -28.94 -2.00
P 70U W 5 -14.81 -28.68 -0.53
OP1 70U W 5 -14.79 -27.26 -0.26
OP2 70U W 5 -16.05 -29.40 -0.44
P 12A W 8 -3.46 -38.11 -1.43
OP1 12A W 8 -2.71 -38.85 -2.48
OP2 12A W 8 -4.45 -38.99 -0.80
O5' 12A W 8 -2.43 -37.57 -0.35
C5' 12A W 8 -1.06 -37.38 -0.67
C4' 12A W 8 -0.34 -36.61 0.40
O4' 12A W 8 -0.87 -35.27 0.48
C3' 12A W 8 -0.50 -37.15 1.83
O3' 12A W 8 0.38 -38.22 2.12
C2' 12A W 8 -0.25 -35.91 2.67
O2' 12A W 8 1.13 -35.61 2.73
C1' 12A W 8 -0.94 -34.84 1.82
N9 12A W 8 -2.35 -34.66 2.19
C8 12A W 8 -3.40 -34.95 1.43
N7 12A W 8 -4.51 -34.64 2.09
C5 12A W 8 -4.17 -34.14 3.28
C6 12A W 8 -4.86 -33.64 4.43
N6 12A W 8 -6.33 -33.59 4.48
N1 12A W 8 -4.17 -33.22 5.49
C2 12A W 8 -2.84 -33.24 5.48
N3 12A W 8 -2.14 -33.70 4.46
C4 12A W 8 -2.80 -34.15 3.35
S2 12A W 8 -1.98 -32.63 6.99
C2M 12A W 8 -2.94 -33.12 8.49
CC 12A W 8 -7.09 -32.88 5.53
OO 12A W 8 -8.32 -32.93 5.46
N 12A W 8 -6.38 -32.13 6.60
CA 12A W 8 -6.91 -31.36 7.72
C 12A W 8 -6.81 -32.21 8.96
O 12A W 8 -6.09 -31.83 9.92
OXT 12A W 8 -7.44 -33.32 9.01
CB 12A W 8 -8.37 -30.87 7.58
OG1 12A W 8 -8.40 -29.83 6.67
CG2 12A W 8 -8.90 -30.38 8.93
N1 PSU W 10 -5.61 -39.99 6.43
C2 PSU W 10 -6.86 -39.73 6.09
N3 PSU W 10 -7.70 -39.28 7.00
C4 PSU W 10 -7.34 -39.06 8.25
C5 PSU W 10 -6.02 -39.32 8.63
C6 PSU W 10 -5.16 -39.80 7.65
O2 PSU W 10 -7.23 -39.90 4.98
O4 PSU W 10 -8.12 -38.66 9.04
C1' PSU W 10 -5.52 -39.11 10.05
C2' PSU W 10 -6.10 -40.21 10.93
O2' PSU W 10 -6.29 -39.70 12.25
C3' PSU W 10 -4.97 -41.23 10.92
C4' PSU W 10 -3.73 -40.33 10.93
O3' PSU W 10 -5.01 -42.14 11.99
O4' PSU W 10 -4.12 -39.20 10.11
C5' PSU W 10 -2.44 -40.94 10.44
O5' PSU W 10 -2.36 -40.98 9.03
P PSU W 10 -0.98 -41.30 8.28
OP1 PSU W 10 -0.08 -42.03 9.24
OP2 PSU W 10 -1.28 -41.90 6.93
C11 PAR X . 13.27 -31.13 1.78
O11 PAR X . 12.19 -30.52 2.51
C21 PAR X . 13.28 -30.44 0.38
N21 PAR X . 13.09 -28.98 0.51
C31 PAR X . 12.19 -31.01 -0.56
O31 PAR X . 12.40 -30.53 -1.88
C41 PAR X . 12.23 -32.54 -0.58
O41 PAR X . 11.10 -33.06 -1.27
C51 PAR X . 12.24 -33.13 0.84
O51 PAR X . 13.27 -32.54 1.66
C61 PAR X . 12.34 -34.67 0.82
O61 PAR X . 11.55 -35.19 1.89
C12 PAR X . 11.46 -29.42 6.51
N12 PAR X . 11.26 -29.37 7.98
C22 PAR X . 10.69 -30.57 5.97
C32 PAR X . 10.77 -30.66 4.47
N32 PAR X . 9.94 -31.79 4.00
C42 PAR X . 12.21 -30.74 3.92
C52 PAR X . 13.24 -29.76 4.64
O52 PAR X . 14.64 -30.22 4.47
C62 PAR X . 12.95 -29.53 6.18
O62 PAR X . 13.58 -28.33 6.66
C13 PAR X . 15.54 -29.12 4.23
C23 PAR X . 17.03 -29.42 4.60
O23 PAR X . 17.25 -28.91 5.91
C33 PAR X . 17.88 -28.58 3.62
O33 PAR X . 18.52 -27.42 4.26
C43 PAR X . 16.81 -28.21 2.50
O43 PAR X . 15.60 -28.89 2.82
C53 PAR X . 17.28 -28.47 1.05
O53 PAR X . 16.30 -29.27 0.39
C14 PAR X . 18.63 -26.30 3.36
C24 PAR X . 20.03 -25.67 3.12
N24 PAR X . 20.58 -25.08 4.37
C34 PAR X . 19.93 -24.48 2.13
O34 PAR X . 19.31 -24.97 0.94
C44 PAR X . 18.95 -23.44 2.65
O44 PAR X . 19.48 -22.78 3.81
C54 PAR X . 17.62 -24.15 3.00
O54 PAR X . 17.78 -25.27 3.90
C64 PAR X . 16.61 -23.19 3.70
N64 PAR X . 15.78 -22.45 2.74
C11 PAR Y . 26.77 14.49 -11.09
O11 PAR Y . 27.21 13.20 -11.57
C21 PAR Y . 26.42 14.30 -9.58
N21 PAR Y . 27.39 13.40 -8.92
C31 PAR Y . 24.98 13.74 -9.38
O31 PAR Y . 24.66 13.80 -8.00
C41 PAR Y . 23.96 14.55 -10.18
O41 PAR Y . 22.67 13.94 -10.13
C51 PAR Y . 24.38 14.69 -11.66
O51 PAR Y . 25.74 15.17 -11.80
C61 PAR Y . 23.37 15.57 -12.44
O61 PAR Y . 23.76 15.61 -13.82
C12 PAR Y . 29.32 12.25 -15.27
N12 PAR Y . 29.70 12.58 -16.66
C22 PAR Y . 27.79 12.15 -15.19
C32 PAR Y . 27.23 12.12 -13.78
N32 PAR Y . 25.76 12.12 -13.83
C42 PAR Y . 27.79 13.25 -12.89
C52 PAR Y . 29.35 13.20 -12.84
O52 PAR Y . 29.91 14.28 -11.99
C62 PAR Y . 29.94 13.30 -14.28
O62 PAR Y . 31.36 13.09 -14.28
C13 PAR Y . 30.93 13.78 -11.09
C23 PAR Y . 30.44 13.47 -9.63
O23 PAR Y . 30.76 14.60 -8.82
C33 PAR Y . 31.30 12.28 -9.14
O33 PAR Y . 32.20 12.61 -8.03
C43 PAR Y . 32.06 11.84 -10.45
O43 PAR Y . 31.42 12.51 -11.55
C53 PAR Y . 32.19 10.30 -10.67
O53 PAR Y . 30.97 9.67 -10.32
C14 PAR Y . 31.75 12.02 -6.77
C24 PAR Y . 32.80 11.67 -5.67
N24 PAR Y . 34.18 11.70 -6.21
C34 PAR Y . 32.61 10.20 -5.15
O34 PAR Y . 33.27 10.12 -3.89
C44 PAR Y . 31.18 9.89 -4.81
O44 PAR Y . 31.02 8.50 -4.50
C54 PAR Y . 30.30 10.26 -6.02
O54 PAR Y . 31.05 10.81 -7.12
C64 PAR Y . 29.53 9.04 -6.58
N64 PAR Y . 28.20 8.90 -6.00
C11 PAR Z . 39.62 -30.03 -49.75
O11 PAR Z . 40.33 -28.94 -49.12
C21 PAR Z . 40.43 -30.38 -51.01
N21 PAR Z . 40.54 -29.24 -51.94
C31 PAR Z . 39.81 -31.59 -51.76
O31 PAR Z . 39.98 -32.76 -50.98
C41 PAR Z . 38.33 -31.35 -52.03
O41 PAR Z . 38.14 -30.38 -53.06
C51 PAR Z . 37.56 -30.90 -50.78
O51 PAR Z . 38.25 -29.83 -50.07
C61 PAR Z . 37.22 -32.08 -49.84
O61 PAR Z . 35.94 -31.85 -49.26
C12 PAR Z . 38.95 -26.44 -45.96
N12 PAR Z . 37.96 -27.43 -45.44
C22 PAR Z . 38.54 -26.04 -47.37
C32 PAR Z . 39.23 -26.85 -48.47
N32 PAR Z . 38.39 -26.83 -49.68
C42 PAR Z . 39.63 -28.31 -48.05
C52 PAR Z . 40.50 -28.34 -46.71
O52 PAR Z . 40.15 -29.49 -45.84
C62 PAR Z . 40.36 -27.02 -45.90
O62 PAR Z . 41.28 -26.00 -46.36
C13 PAR Z . 41.11 -30.57 -45.97
C23 PAR Z . 41.09 -31.64 -44.79
O23 PAR Z . 42.43 -31.79 -44.35
C33 PAR Z . 40.63 -32.98 -45.41
O33 PAR Z . 41.26 -34.14 -44.80
C43 PAR Z . 40.99 -32.75 -46.91
O43 PAR Z . 40.79 -31.36 -47.17
C53 PAR Z . 40.23 -33.66 -47.91
O53 PAR Z . 40.90 -34.91 -48.00
C14 PAR Z . 40.25 -35.04 -44.24
C24 PAR Z . 40.56 -35.77 -42.89
N24 PAR Z . 41.78 -36.63 -43.00
C34 PAR Z . 39.41 -36.75 -42.52
O34 PAR Z . 38.22 -35.98 -42.42
C44 PAR Z . 39.11 -37.73 -43.64
O44 PAR Z . 40.19 -38.66 -43.80
C54 PAR Z . 38.91 -36.91 -44.94
O54 PAR Z . 40.01 -36.04 -45.25
C64 PAR Z . 38.73 -37.84 -46.18
N64 PAR Z . 37.34 -38.17 -46.44
C11 PAR AA . 50.66 24.51 20.56
O11 PAR AA . 51.14 25.58 21.40
C21 PAR AA . 50.40 23.31 21.50
N21 PAR AA . 49.62 23.73 22.70
C31 PAR AA . 51.72 22.66 21.97
O31 PAR AA . 51.43 21.47 22.68
C41 PAR AA . 52.62 22.33 20.77
O41 PAR AA . 53.93 21.96 21.20
C51 PAR AA . 52.74 23.51 19.76
O51 PAR AA . 51.46 24.12 19.47
C61 PAR AA . 53.48 23.07 18.48
O61 PAR AA . 53.27 24.07 17.46
C12 PAR AA . 49.57 29.48 22.38
N12 PAR AA . 48.11 29.38 22.56
C22 PAR AA . 49.92 29.18 20.92
C32 PAR AA . 50.75 27.91 20.74
N32 PAR AA . 50.88 27.61 19.30
C42 PAR AA . 50.24 26.69 21.55
C52 PAR AA . 50.02 27.04 23.09
O52 PAR AA . 48.67 26.65 23.57
C62 PAR AA . 50.28 28.55 23.39
O62 PAR AA . 51.68 28.88 23.39
C13 PAR AA . 48.74 26.10 24.89
C23 PAR AA . 47.55 25.17 25.29
O23 PAR AA . 46.62 25.96 26.01
C33 PAR AA . 48.14 24.12 26.27
O33 PAR AA . 47.70 24.29 27.66
C43 PAR AA . 49.70 24.30 26.06
O43 PAR AA . 49.88 25.21 24.97
C53 PAR AA . 50.49 22.99 25.88
O53 PAR AA . 49.96 22.26 24.79
C14 PAR AA . 47.22 23.04 28.23
C24 PAR AA . 47.41 22.79 29.76
N24 PAR AA . 48.85 22.80 30.13
C34 PAR AA . 46.91 21.36 30.15
O34 PAR AA . 45.52 21.32 29.87
C44 PAR AA . 47.49 20.26 29.27
O44 PAR AA . 48.86 19.99 29.61
C54 PAR AA . 47.39 20.68 27.78
O54 PAR AA . 47.92 22.00 27.51
C64 PAR AA . 48.14 19.72 26.83
N64 PAR AA . 47.26 18.99 25.94
C11 PAR BA . 21.55 -6.15 -54.60
O11 PAR BA . 20.79 -5.17 -55.33
C21 PAR BA . 20.69 -6.54 -53.38
N21 PAR BA . 20.49 -5.39 -52.47
C31 PAR BA . 21.34 -7.72 -52.61
O31 PAR BA . 21.30 -8.90 -53.40
C41 PAR BA . 22.81 -7.38 -52.23
O41 PAR BA . 22.86 -6.46 -51.15
C51 PAR BA . 23.61 -6.81 -53.44
O51 PAR BA . 22.86 -5.80 -54.18
C61 PAR BA . 24.16 -7.92 -54.34
O61 PAR BA . 24.40 -7.37 -55.65
C12 PAR BA . 21.32 -1.63 -57.51
N12 PAR BA . 22.47 -0.71 -57.69
C22 PAR BA . 20.76 -1.46 -56.10
C32 PAR BA . 20.28 -2.78 -55.45
N32 PAR BA . 19.71 -2.47 -54.12
C42 PAR BA . 21.39 -3.87 -55.38
C52 PAR BA . 22.41 -3.76 -56.59
O52 PAR BA . 23.64 -3.04 -56.21
C62 PAR BA . 21.75 -3.08 -57.82
O62 PAR BA . 20.58 -3.79 -58.27
C13 PAR BA . 24.77 -3.47 -57.01
C23 PAR BA . 25.99 -2.50 -57.02
O23 PAR BA . 25.81 -1.60 -58.11
C33 PAR BA . 27.22 -3.39 -57.34
O33 PAR BA . 27.62 -3.33 -58.74
C43 PAR BA . 26.68 -4.82 -56.88
O43 PAR BA . 25.33 -4.66 -56.41
C53 PAR BA . 27.60 -5.56 -55.87
O53 PAR BA . 27.54 -6.95 -56.12
C14 PAR BA . 28.98 -3.84 -58.94
C24 PAR BA . 29.76 -3.43 -60.23
N24 PAR BA . 29.03 -3.86 -61.46
C34 PAR BA . 31.14 -4.16 -60.32
O34 PAR BA . 31.90 -3.75 -59.18
C44 PAR BA . 31.01 -5.67 -60.16
O44 PAR BA . 30.43 -6.25 -61.34
C54 PAR BA . 30.12 -5.96 -58.92
O54 PAR BA . 28.85 -5.27 -58.95
C64 PAR BA . 29.80 -7.46 -58.78
N64 PAR BA . 30.47 -8.08 -57.64
C11 PAR CA . 46.98 2.95 38.90
O11 PAR CA . 48.23 2.81 39.60
C21 PAR CA . 46.00 3.59 39.91
N21 PAR CA . 46.40 3.32 41.31
C31 PAR CA . 44.53 3.10 39.69
O31 PAR CA . 43.64 4.07 40.23
C41 PAR CA . 44.24 2.90 38.20
O41 PAR CA . 42.91 2.40 38.00
C51 PAR CA . 45.22 1.92 37.55
O51 PAR CA . 46.42 1.77 38.33
C61 PAR CA . 45.54 2.33 36.09
O61 PAR CA . 45.69 1.13 35.30
C12 PAR CA . 51.10 -0.27 40.49
N12 PAR CA . 51.42 -1.40 39.57
C22 PAR CA . 49.68 -0.43 41.00
C32 PAR CA . 48.85 0.85 40.95
N32 PAR CA . 47.50 0.56 41.49
C42 PAR CA . 48.80 1.49 39.53
C52 PAR CA . 50.20 1.49 38.81
O52 PAR CA . 50.22 0.61 37.62
C62 PAR CA . 51.35 1.08 39.79
O62 PAR CA . 51.58 2.08 40.81
C13 PAR CA . 50.70 1.32 36.46
C23 PAR CA . 49.88 2.60 36.06
O23 PAR CA . 49.04 2.25 34.98
C33 PAR CA . 50.93 3.64 35.54
O33 PAR CA . 50.75 3.99 34.13
C43 PAR CA . 52.30 2.93 35.87
O43 PAR CA . 52.02 1.84 36.74
C53 PAR CA . 53.40 3.86 36.43
O53 PAR CA . 54.26 3.11 37.28
C14 PAR CA . 50.16 5.32 33.99
C24 PAR CA . 50.69 6.25 32.85
N24 PAR CA . 52.13 6.55 33.01
C34 PAR CA . 49.98 7.65 32.91
O34 PAR CA . 48.58 7.42 32.72
C44 PAR CA . 50.05 8.29 34.29
O44 PAR CA . 51.36 8.80 34.55
C54 PAR CA . 49.66 7.23 35.36
O54 PAR CA . 50.40 5.99 35.24
C64 PAR CA . 49.92 7.75 36.81
N64 PAR CA . 50.00 6.67 37.79
MG MG DA . 78.96 -26.45 -91.28
MG MG EA . 49.05 -22.07 -74.06
MG MG FA . 58.81 31.28 -12.24
MG MG GA . 52.98 41.19 1.55
MG MG HA . 26.89 15.17 9.56
MG MG IA . 47.22 -23.17 -33.14
MG MG JA . 41.47 -29.99 -41.06
MG MG KA . 59.46 40.23 -3.59
MG MG LA . 26.75 -15.57 37.53
MG MG MA . 19.78 -10.96 24.96
MG MG NA . 14.48 -11.66 20.54
MG MG OA . 26.81 -6.42 23.96
MG MG PA . 20.17 -5.53 -67.70
MG MG QA . 53.31 -17.02 -25.33
MG MG RA . -18.71 -11.60 37.06
MG MG SA . 24.83 1.21 -12.94
MG MG TA . 31.90 7.35 -18.89
MG MG UA . 19.20 9.66 -12.15
MG MG VA . 26.01 -9.15 -17.84
MG MG WA . 43.13 -6.62 24.12
MG MG XA . -10.35 -19.64 -59.16
MG MG YA . 44.37 -3.82 17.01
MG MG ZA . 38.34 -15.43 44.74
MG MG AB . 48.06 -11.89 28.23
MG MG BB . 10.43 -7.89 -2.41
MG MG CB . 17.29 -0.53 -16.01
MG MG DB . 12.91 -19.42 -54.10
MG MG EB . 13.36 -37.41 -48.19
MG MG FB . 31.30 -14.54 -41.20
MG MG GB . 14.11 -5.25 -17.34
MG MG HB . 42.38 -18.03 -45.99
MG MG IB . 27.50 -1.76 -25.64
MG MG JB . 17.30 -22.88 -42.14
MG MG KB . 48.89 25.92 -16.89
MG MG LB . 54.51 21.03 -34.13
MG MG MB . 25.62 -0.76 0.56
MG MG NB . 47.78 13.43 1.48
MG MG OB . 42.03 -12.67 -35.30
MG MG PB . 55.17 14.77 -7.06
MG MG QB . 35.76 6.37 6.09
MG MG RB . 36.40 -13.47 8.35
MG MG SB . 41.77 11.12 -49.66
MG MG TB . 29.10 28.02 10.42
MG MG UB . 57.43 0.99 -22.60
MG MG VB . 57.63 -3.14 -39.65
MG MG WB . 32.55 6.03 18.02
MG MG XB . 54.20 18.72 -15.56
MG MG YB . 3.30 -27.18 -28.28
MG MG ZB . 25.63 -26.00 -59.38
MG MG AC . 11.83 22.56 -4.18
MG MG BC . 6.83 10.76 -1.97
MG MG CC . -10.33 13.43 -4.95
MG MG DC . 2.01 -11.74 -7.59
MG MG EC . 11.48 -16.35 19.07
MG MG FC . 20.33 -4.22 3.35
MG MG GC . -22.52 12.92 8.82
MG MG HC . -9.31 9.73 -3.36
MG MG IC . -32.47 3.87 10.50
MG MG JC . -0.21 15.13 -10.95
MG MG KC . 45.76 -20.75 1.18
MG MG LC . 48.68 3.79 1.28
MG MG MC . 41.91 -24.20 -55.33
MG MG NC . 52.83 -36.61 -51.84
MG MG OC . 67.29 -39.08 -74.15
MG MG PC . 37.89 -26.54 -61.50
MG MG QC . 47.28 -37.32 -67.22
MG MG RC . 1.41 -21.88 -26.21
MG MG SC . -2.59 -11.69 -29.50
MG MG TC . 26.51 -16.14 -10.29
MG MG UC . -13.06 -29.56 -21.32
MG MG VC . 53.97 -20.32 8.89
MG MG WC . 94.23 -15.53 -68.19
MG MG XC . 30.84 -13.79 -0.76
MG MG YC . 90.68 -0.53 -68.06
MG MG ZC . 45.43 -8.33 48.10
MG MG AD . 27.00 -23.50 59.76
MG MG BD . 30.18 -12.47 40.73
MG MG CD . 35.03 -8.58 62.90
MG MG DD . 87.79 -35.79 -44.08
MG MG ED . 47.79 -25.33 -80.48
MG MG FD . 10.27 -24.54 -77.51
MG MG GD . 31.43 -43.11 -38.37
MG MG HD . 49.38 -10.66 -88.84
MG MG ID . 34.26 -1.62 -59.03
MG MG JD . 86.96 -26.48 -34.20
MG MG KD . 30.26 -31.70 -79.59
MG MG LD . 52.60 -22.30 -53.01
MG MG MD . 33.65 -20.95 -82.07
MG MG ND . 75.99 -21.93 -53.69
MG MG OD . 81.74 -24.27 -69.84
MG MG PD . 23.16 1.12 -28.37
MG MG QD . 11.10 -2.24 2.80
MG MG RD . -14.92 7.77 15.94
MG MG SD . 43.70 -20.63 -8.53
MG MG TD . -21.95 -20.13 -1.45
MG MG UD . -18.02 -24.59 0.39
MG MG VD . 44.51 15.45 27.55
MG MG WD . -5.40 -26.66 -75.93
MG MG XD . -51.64 -35.81 8.28
MG MG YD . 7.16 -27.83 14.03
MG MG ZD . 24.30 -24.29 56.56
MG MG AE . 1.89 -18.68 24.97
MG MG BE . -37.94 -30.65 -9.09
MG MG CE . -43.49 -12.24 32.03
MG MG DE . 59.90 -14.67 -98.51
MG MG EE . -45.68 -36.29 44.96
MG MG FE . -35.71 -37.04 13.03
MG MG GE . 28.87 -12.07 20.19
MG MG HE . -51.52 -24.25 56.52
MG MG IE . 82.14 -8.62 -35.17
MG MG JE . -58.94 9.86 26.38
MG MG KE . -48.99 -25.19 25.63
MG MG LE . 78.76 -45.06 -86.59
MG MG ME . -34.36 -33.70 53.00
MG MG NE . 26.54 -21.36 27.57
MG MG OE . 60.28 -32.72 -41.15
MG MG PE . 16.12 19.97 6.30
MG MG QE . -28.00 -33.70 33.33
MG MG RE . -21.73 -28.10 2.45
MG MG SE . 26.48 -1.20 -41.60
MG MG TE . 89.14 -32.67 -76.92
MG MG UE . -52.32 -29.38 17.82
MG MG VE . 80.41 -34.75 -27.13
MG MG WE . 18.11 -2.13 14.82
MG MG XE . -27.25 2.69 16.31
MG MG YE . 55.84 19.05 -40.74
MG MG ZE . -31.52 -10.71 13.03
MG MG AF . -43.46 -40.98 48.58
MG MG BF . 15.32 -6.11 16.08
MG MG CF . 56.93 -3.10 -44.88
MG MG DF . 0.66 -27.90 -7.09
MG MG EF . -16.73 -22.16 39.66
MG MG FF . 61.29 -24.87 -45.74
MG MG GF . 23.00 17.88 -45.71
MG MG HF . 34.36 -4.65 -2.20
MG MG IF . 48.20 14.14 29.46
MG MG JF . 18.00 -14.07 20.32
MG MG KF . 12.26 -17.07 25.08
MG MG LF . 33.40 -30.06 -55.94
MG MG MF . 41.69 -39.72 -70.83
MG MG NF . -14.57 -33.82 -19.32
MG MG OF . -6.52 -25.01 -27.74
MG MG PF . 61.85 -14.97 -24.53
MG MG QF . 95.03 -29.77 -46.27
MG MG RF . 35.47 -16.28 -84.58
MG MG SF . 91.81 -39.70 -74.26
MG MG TF . 87.37 -46.46 -64.72
MG MG UF . 73.04 -45.05 -64.51
MG MG VF . -71.04 -1.23 21.51
MG MG WF . -72.39 -7.00 26.09
MG MG XF . 30.63 -25.10 58.98
MG MG YF . 61.27 -36.83 -41.74
MG MG ZF . -2.08 -1.20 15.43
MG MG AG . -5.49 10.94 7.50
MG MG BG . -9.24 3.87 8.34
MG MG CG . -19.11 -36.23 39.54
MG MG DG . -25.61 -17.99 -3.08
MG MG EG . 66.37 -34.32 -67.25
MG MG FG . 41.71 8.08 -0.87
MG MG GG . 18.62 -15.04 -33.75
MG MG HG . -42.41 -41.27 23.61
MG MG IG . 40.81 -34.84 -7.08
MG MG JG . -5.52 -26.21 -39.97
MG MG KG . 31.61 20.77 -1.74
MG MG LG . 32.29 -4.98 3.61
MG MG MG . 17.17 -1.23 -38.67
MG MG NG . -26.69 -22.31 17.23
MG MG OG . -16.12 11.76 16.98
MG MG PG . 22.56 -23.74 35.08
MG MG QG . 71.54 -32.58 -24.79
MG MG RG . 66.36 -43.89 -51.78
MG MG SG . -9.43 -5.93 22.97
MG MG TG . -68.95 -20.88 31.73
MG MG UG . -28.53 -37.24 10.74
MG MG VG . 30.06 13.57 11.52
MG MG WG . -30.78 -43.06 47.14
MG MG XG . 49.19 -4.75 9.28
MG MG YG . -33.19 -22.47 19.58
MG MG ZG . 13.77 -10.72 50.49
MG MG AH . 69.81 -22.78 -62.19
MG MG BH . 30.29 -6.92 6.43
MG MG CH . 74.25 -19.89 -50.59
MG MG DH . 7.74 -24.51 27.44
MG MG EH . -34.94 -36.18 -20.61
MG MG FH . 21.96 -12.38 -27.17
MG MG GH . -27.23 -33.71 -1.50
MG MG HH . 34.95 15.83 15.46
MG MG IH . 69.91 -44.53 -81.94
MG MG JH . 53.62 31.37 -25.57
MG MG KH . -71.59 -36.59 37.37
MG MG LH . 40.25 -0.65 -53.83
MG MG MH . 83.80 -7.87 -40.40
MG MG NH . 40.12 -6.22 -35.88
MG MG OH . 31.99 16.53 17.61
MG MG PH . 55.57 32.41 -32.92
MG MG QH . 41.80 29.63 3.58
MG MG RH . -1.70 4.13 9.24
MG MG SH . -12.87 19.22 7.82
MG MG TH . -71.89 -6.63 18.59
MG MG UH . 79.89 -4.63 -32.63
MG MG VH . 27.26 13.05 32.87
MG MG WH . -27.70 -3.78 28.03
MG MG XH . 90.47 -6.15 -26.17
MG MG YH . 84.08 -68.06 -100.62
MG MG ZH . 67.57 -39.74 -85.84
MG MG AI . 46.01 -26.01 -72.49
MG MG BI . 57.59 -5.01 -32.23
MG MG CI . 62.64 -2.32 -51.63
MG MG DI . 47.05 -18.48 29.92
MG MG EI . 49.86 -13.98 32.40
MG MG FI . 70.19 -38.35 -84.04
MG MG GI . 66.55 -37.05 -87.76
MG MG HI . 75.86 -38.97 -84.24
MG MG II . 35.74 -4.35 1.13
MG MG JI . 36.12 -23.68 -36.37
MG MG KI . 33.24 -22.85 -34.45
MG MG LI . 36.48 15.23 12.35
MG MG MI . 34.21 14.92 9.57
MG MG NI . 51.03 -25.11 -77.86
MG MG OI . -9.20 8.44 2.13
MG MG PI . 44.11 -16.50 -47.90
MG MG QI . 33.16 -2.13 -38.34
MG MG RI . 33.88 -4.33 -41.76
MG MG SI . 18.20 -11.11 29.37
MG MG TI . 40.09 21.42 5.21
MG MG UI . 45.40 18.16 2.73
MG MG VI . 48.50 18.61 4.11
MG MG WI . 17.98 -16.10 -37.02
MG MG XI . 88.53 -27.46 -76.19
MG MG YI . 88.55 -23.89 -75.49
MG MG ZI . 88.59 -19.66 -76.32
MG MG AJ . 64.10 -9.32 -22.79
MG MG BJ . 67.45 -9.97 -22.52
MG MG CJ . 65.72 -11.91 -20.49
MG MG DJ . 9.24 15.88 1.60
MG MG EJ . 37.36 -5.10 -2.48
MG MG FJ . -26.11 -25.89 -42.93
MG MG GJ . 77.01 -15.95 -65.65
MG MG HJ . 72.31 -8.12 -72.55
MG MG IJ . 73.28 -14.37 -29.21
MG MG JJ . 85.25 7.67 -47.24
MG MG KJ . 49.24 -37.20 -42.35
MG MG LJ . -37.28 -46.76 20.41
MG MG MJ . 36.27 0.27 57.11
MG MG NJ . 30.84 -21.16 -38.53
MG MG OJ . 1.26 -15.23 25.48
MG MG PJ . 2.89 -0.35 6.55
MG MG QJ . 43.98 7.09 -55.95
MG MG RJ . -52.15 -21.55 54.54
MG MG SJ . 30.38 -16.88 49.03
MG MG TJ . 26.38 -15.40 49.57
MG MG UJ . 17.04 -22.84 -25.40
MG MG VJ . 30.77 -6.91 54.98
MG MG WJ . 27.48 5.56 13.84
MG MG XJ . 78.40 -21.30 -49.55
MG MG YJ . 44.23 14.09 -36.54
MG MG ZJ . 27.10 -21.51 70.14
MG MG AK . 54.01 -6.07 -26.90
MG MG BK . 57.22 -5.25 -28.61
MG MG CK . 88.12 -52.92 -109.17
MG MG DK . 54.29 -12.83 -22.07
MG MG EK . 17.49 -1.98 -34.52
MG MG FK . 37.25 -35.28 -4.71
MG MG GK . -22.76 -33.30 19.43
MG MG HK . 4.38 -4.12 0.76
MG MG IK . 77.40 -7.86 -79.71
MG MG JK . 11.31 -30.86 37.46
MG MG KK . 31.86 15.25 3.21
MG MG LK . 73.36 -53.73 -95.07
MG MG MK . 63.81 -31.90 -47.53
MG MG NK . 4.66 -17.61 18.81
MG MG OK . 50.23 32.51 8.16
MG MG PK . 18.02 5.79 -46.43
MG MG QK . 17.01 3.34 23.93
MG MG RK . 52.64 -3.56 -25.19
MG MG SK . 8.06 -7.35 25.96
MG MG TK . 23.18 -15.70 13.94
MG MG UK . 33.28 12.32 12.76
MG MG VK . 31.39 -27.80 -57.85
MG MG WK . 16.69 -33.68 -46.08
MG MG XK . 38.63 2.26 51.41
MG MG YK . 38.98 -22.59 16.84
MG MG ZK . 36.88 -21.01 15.23
K K AL . 66.90 -3.11 -58.44
K K BL . 10.57 15.89 -2.94
K K CL . 43.12 -3.41 4.95
K K DL . 41.73 -9.79 -34.27
K K EL . 33.53 -1.15 4.60
K K FL . -12.64 14.79 15.80
K K GL . 33.94 39.84 22.84
K K HL . 2.55 -4.79 -13.10
K K IL . -4.31 -27.56 -28.38
K K JL . 17.65 -11.54 6.40
K K KL . 24.44 -10.33 -26.33
K K LL . -39.59 6.37 20.29
K K ML . 18.28 -21.86 57.07
K K NL . 68.64 -0.17 -52.09
K K OL . -41.35 -24.78 41.12
K K PL . 36.46 7.24 -29.95
K K QL . 7.37 -23.24 -77.58
K K RL . 57.30 -8.65 -46.42
K K SL . 49.69 -4.11 24.26
K K TL . 72.57 -6.08 -63.51
K K UL . 11.93 9.30 8.66
K K VL . 100.59 -43.32 -45.64
K K WL . -27.84 -24.65 42.62
K K XL . 42.91 -20.50 23.59
K K YL . -10.33 -24.67 -14.08
K K ZL . 45.34 -1.86 26.14
K K AM . 38.56 -6.67 -32.07
K K BM . 53.01 16.42 -40.91
K K CM . 82.14 -48.83 -63.95
K K DM . -19.30 -18.06 -2.02
K K EM . 17.73 16.97 -14.14
K K FM . -3.97 -40.63 -18.55
K K GM . 29.67 14.90 21.15
K K HM . 42.56 -35.93 -51.10
K K IM . 27.86 -22.25 15.00
K K JM . 66.06 1.27 -71.37
K K KM . 15.34 12.54 9.71
K K LM . 60.18 -20.02 -75.28
MG MG MM . -47.30 -49.04 48.92
MG MG NM . -20.42 -8.29 -20.26
ZN ZN OM . -13.10 -9.54 -54.56
MG MG PM . 14.85 5.85 -49.30
MG MG QM . 7.02 27.42 -29.09
K K RM . 3.27 17.48 -17.92
MG MG SM . 54.50 12.79 54.29
MG MG TM . -22.26 -17.00 54.56
MG MG UM . -15.55 6.87 32.04
K K VM . -0.05 -5.73 33.08
MG MG WM . 17.23 18.83 -40.50
MG MG XM . 23.54 16.30 -39.76
MG MG YM . 21.43 24.95 -42.92
MG MG ZM . 33.91 14.20 -24.98
MG MG AN . 38.45 -6.59 -11.65
MG MG BN . 17.47 -51.40 -28.44
K K CN . -31.10 -46.22 38.49
ZN ZN DN . -44.05 -22.77 -1.29
MG MG EN . -48.23 -30.73 5.55
MG MG FN . 56.25 -14.83 -56.84
MG MG GN . 56.83 0.14 -81.64
MG MG HN . 37.33 -2.72 -80.17
MG MG IN . 43.18 0.08 -69.12
MG MG JN . 79.91 5.25 -22.97
MG MG KN . 63.21 14.18 -22.89
MG MG LN . -24.36 -50.32 19.99
MG MG MN . -19.54 -54.81 20.21
MG MG NN . -63.97 -51.30 23.72
MG MG ON . 64.62 -35.96 -64.21
MG MG PN . 2.13 -20.47 1.17
MG MG QN . 2.84 -32.31 8.81
MG MG RN . -17.00 -33.35 -2.84
MG MG SN . -6.07 -38.50 0.60
#